data_7WTK
#
_entry.id   7WTK
#
_cell.length_a   1.00
_cell.length_b   1.00
_cell.length_c   1.00
_cell.angle_alpha   90.00
_cell.angle_beta   90.00
_cell.angle_gamma   90.00
#
_symmetry.space_group_name_H-M   'P 1'
#
loop_
_entity.id
_entity.type
_entity.pdbx_description
1 polymer 'Spike glycoprotein'
2 polymer 'Heavy chain of XGv286'
3 polymer 'Light chain of XGv286'
4 branched 2-acetamido-2-deoxy-beta-D-glucopyranose-(1-4)-2-acetamido-2-deoxy-beta-D-glucopyranose
5 branched beta-D-mannopyranose-(1-4)-2-acetamido-2-deoxy-beta-D-glucopyranose-(1-4)-2-acetamido-2-deoxy-beta-D-glucopyranose
6 non-polymer 2-acetamido-2-deoxy-beta-D-glucopyranose
#
loop_
_entity_poly.entity_id
_entity_poly.type
_entity_poly.pdbx_seq_one_letter_code
_entity_poly.pdbx_strand_id
1 'polypeptide(L)'
;QCVNLTTRTQLPPAYTNSFTRGVYYPDKVFRSSVLHSTQDLFLPFFSNVTWFHVISGTNGTKRFDNPVLPFNDGVYFASI
EKSNIIRGWIFGTTLDSKTQSLLIVNNATNVVIKVCEFQFCNDPFLDHKNNKSWMESEFRVYSSANNCTFEYVSQPFLMD
LEGKQGNFKNLREFVFKNIDGYFKIYSKHTPIIVREPEDLPQGFSALEPLVDLPIGINITRFQTLLALHRSYLTPGDSSS
GWTAGAAAYYVGYLQPRTFLLKYNENGTITDAVDCALDPLSETKCTLKSFTVEKGIYQTSNFRVQPTESIVRFPNITNLC
PFDEVFNATRFASVYAWNRKRISNCVADYSVLYNLAPFFTFKCYGVSPTKLNDLCFTNVYADSFVIRGDEVRQIAPGQTG
NIADYNYKLPDDFTGCVIAWNSNKLDSKVSGNYNYLYRLFRKSNLKPFERDISTEIYQAGNKPCNGVAGFNCYFPLRSYS
FRPTYGVGHQPYRVVVLSFELLHAPATVCGPKKSTNLVKNKCVNFNFNGLKGTGVLTESNKKFLPFQQFGRDIADTTDAV
RDPQTLEILDITPCSFGGVSVITPGTNTSNQVAVLYQGVNCTEVPVAIHADQLTPTWRVYSTGSNVFQTRAGCLIGAEYV
NNSYECDIPIGAGICASYQTQTNSPRAAASVASQSIIAYTMSLGAENSVAYSNNSIAIPTNFTISVTTEILPVSMTKTSV
DCTMYICGDSTECSNLLLQYGSFCTQLKRALTGIAVEQDKNTQEVFAQVKQIYKTPPIKYFGGFNFSQILPDPSKPSKRS
PIEDLLFNKVTLADAGFIKQYGDCLGDIAARDLICAQKFKGLTVLPPLLTDEMIAQYTSALLAGTITSGWTFGAGPALQI
PFPMQMAYRFNGIGVTQNVLYENQKLIANQFNSAIGKIQDSLSSTPSALGKLQDVVNHNAQALNTLVKQLSSKFGAISSV
LNDIFSRLDPPEAEVQIDRLITGRLQSLQTYVTQQLIRAAEIRASANLAATKMSECVLGQSKRVDFCGKGYHLMSFPQSA
PHGVVFLHVTYVPAQEKNFTTAPAICHDGKAHFPREGVFVSNGTHWFVTQRNFYEPQIITTDNTFVSGNCDVVIGIVNNT
VYDPLQPELDSFKEELDKYFKNHTSPRRA
;
C,B,A
2 'polypeptide(L)'
;VQLVQSGAEVKKPGASVKVSCKASGYTFSSYYIHWVRQAPGQGPEWMAIINPGDGGASYAQKFQGRVTLTRDTSTSTLYM
ELSSLRSEDTAVYYCARAEGSSWLGWFDPWGQGTLVTV
;
H,G,I
3 'polypeptide(L)'
;SVLTQPPSASGTPGQRVTISCSGSSSNIGSNYVYWYQQLPGTAPKLLIYRNNQRPSGVPDRFSGSRSGTSASLAISGLRS
EDEADYYCAAWDDGLSGSGWVFGGGTKLT
;
L,J,K
#
# COMPACT_ATOMS: atom_id res chain seq x y z
N GLN A 1 -66.12 -22.42 3.11
CA GLN A 1 -64.66 -22.38 3.03
C GLN A 1 -64.02 -23.31 4.05
N CYS A 2 -64.21 -24.61 3.88
CA CYS A 2 -63.65 -25.60 4.80
C CYS A 2 -63.35 -26.87 4.00
N VAL A 3 -63.25 -28.01 4.71
CA VAL A 3 -62.80 -29.32 4.22
C VAL A 3 -63.36 -29.67 2.83
N ASN A 4 -62.48 -30.18 1.96
CA ASN A 4 -62.71 -30.25 0.53
C ASN A 4 -63.87 -31.18 0.18
N LEU A 5 -64.52 -30.87 -0.94
CA LEU A 5 -65.61 -31.68 -1.49
C LEU A 5 -65.12 -32.60 -2.59
N THR A 6 -63.89 -33.10 -2.48
CA THR A 6 -63.19 -33.97 -3.45
C THR A 6 -63.15 -33.24 -4.79
N THR A 7 -63.73 -33.84 -5.85
CA THR A 7 -63.80 -33.37 -7.25
C THR A 7 -62.52 -32.68 -7.74
N ARG A 8 -61.36 -33.22 -7.38
CA ARG A 8 -60.07 -32.67 -7.77
C ARG A 8 -59.39 -33.68 -8.70
N THR A 9 -59.51 -33.45 -10.00
CA THR A 9 -58.83 -34.28 -10.98
C THR A 9 -57.48 -33.67 -11.34
N GLN A 10 -56.51 -34.54 -11.62
CA GLN A 10 -55.13 -34.12 -11.89
C GLN A 10 -54.97 -33.94 -13.39
N LEU A 11 -55.06 -32.69 -13.85
CA LEU A 11 -54.81 -32.38 -15.25
C LEU A 11 -53.32 -32.52 -15.54
N PRO A 12 -52.94 -32.92 -16.75
CA PRO A 12 -51.52 -33.01 -17.09
C PRO A 12 -50.89 -31.62 -17.19
N PRO A 13 -49.80 -31.38 -16.48
CA PRO A 13 -49.17 -30.05 -16.53
C PRO A 13 -48.47 -29.80 -17.86
N ALA A 14 -49.02 -28.88 -18.64
CA ALA A 14 -48.43 -28.57 -19.94
C ALA A 14 -47.12 -27.82 -19.78
N TYR A 15 -46.29 -27.88 -20.82
CA TYR A 15 -44.98 -27.26 -20.81
C TYR A 15 -44.79 -26.45 -22.08
N THR A 16 -44.62 -25.14 -21.93
CA THR A 16 -44.38 -24.22 -23.03
C THR A 16 -43.23 -23.32 -22.64
N ASN A 17 -42.42 -22.93 -23.63
CA ASN A 17 -41.27 -22.09 -23.37
C ASN A 17 -41.66 -20.60 -23.35
N SER A 18 -41.12 -19.87 -22.38
CA SER A 18 -41.22 -18.42 -22.34
C SER A 18 -40.12 -17.83 -23.20
N PHE A 19 -40.50 -17.19 -24.30
CA PHE A 19 -39.54 -16.74 -25.30
C PHE A 19 -38.60 -15.66 -24.78
N THR A 20 -39.12 -14.47 -24.47
CA THR A 20 -38.29 -13.35 -24.03
C THR A 20 -38.96 -12.56 -22.91
N ARG A 21 -39.79 -13.20 -22.11
CA ARG A 21 -40.53 -12.51 -21.06
C ARG A 21 -39.74 -12.49 -19.76
N GLY A 22 -40.04 -11.49 -18.93
CA GLY A 22 -39.44 -11.42 -17.60
C GLY A 22 -38.19 -10.58 -17.50
N VAL A 23 -38.25 -9.33 -17.95
CA VAL A 23 -37.16 -8.37 -17.78
C VAL A 23 -37.76 -7.08 -17.21
N TYR A 24 -37.07 -6.47 -16.27
CA TYR A 24 -37.57 -5.28 -15.58
C TYR A 24 -36.45 -4.28 -15.40
N TYR A 25 -36.83 -3.05 -15.05
CA TYR A 25 -35.86 -1.99 -14.80
C TYR A 25 -35.08 -2.29 -13.53
N PRO A 26 -33.76 -2.40 -13.58
CA PRO A 26 -33.01 -2.75 -12.36
C PRO A 26 -32.90 -1.62 -11.35
N ASP A 27 -33.06 -0.37 -11.78
CA ASP A 27 -32.90 0.76 -10.88
C ASP A 27 -33.70 1.94 -11.41
N LYS A 28 -33.93 2.92 -10.55
CA LYS A 28 -34.71 4.11 -10.89
C LYS A 28 -33.75 5.23 -11.29
N VAL A 29 -33.01 5.02 -12.39
CA VAL A 29 -32.08 6.01 -12.90
C VAL A 29 -32.29 6.13 -14.40
N PHE A 30 -32.53 7.35 -14.86
CA PHE A 30 -32.74 7.62 -16.28
C PHE A 30 -31.42 7.47 -17.04
N ARG A 31 -31.49 6.85 -18.21
CA ARG A 31 -30.35 6.72 -19.11
C ARG A 31 -30.86 6.84 -20.55
N SER A 32 -29.94 7.08 -21.47
CA SER A 32 -30.29 7.27 -22.87
C SER A 32 -29.19 6.73 -23.76
N SER A 33 -29.52 5.71 -24.57
CA SER A 33 -28.64 5.12 -25.59
C SER A 33 -27.35 4.59 -24.98
N VAL A 34 -27.51 3.62 -24.07
CA VAL A 34 -26.40 2.95 -23.43
C VAL A 34 -26.54 1.45 -23.68
N LEU A 35 -25.58 0.68 -23.15
CA LEU A 35 -25.63 -0.78 -23.18
C LEU A 35 -25.15 -1.26 -21.82
N HIS A 36 -26.09 -1.55 -20.92
CA HIS A 36 -25.79 -1.75 -19.52
C HIS A 36 -25.86 -3.23 -19.15
N SER A 37 -24.89 -3.69 -18.37
CA SER A 37 -24.84 -5.08 -17.93
C SER A 37 -25.34 -5.17 -16.49
N THR A 38 -26.26 -6.11 -16.24
CA THR A 38 -26.88 -6.23 -14.93
C THR A 38 -26.75 -7.66 -14.42
N GLN A 39 -26.25 -7.79 -13.20
CA GLN A 39 -26.14 -9.06 -12.48
C GLN A 39 -27.23 -9.10 -11.42
N ASP A 40 -28.29 -9.87 -11.69
CA ASP A 40 -29.44 -9.89 -10.78
C ASP A 40 -30.29 -11.12 -11.09
N LEU A 41 -31.42 -11.23 -10.38
CA LEU A 41 -32.34 -12.34 -10.57
C LEU A 41 -33.21 -12.09 -11.80
N PHE A 42 -33.23 -13.04 -12.72
CA PHE A 42 -33.99 -12.89 -13.95
C PHE A 42 -34.49 -14.26 -14.42
N LEU A 43 -35.49 -14.23 -15.30
CA LEU A 43 -35.89 -15.45 -16.00
C LEU A 43 -34.86 -15.80 -17.06
N PRO A 44 -34.38 -17.04 -17.10
CA PRO A 44 -33.58 -17.48 -18.25
C PRO A 44 -34.43 -17.49 -19.52
N PHE A 45 -33.80 -17.15 -20.64
CA PHE A 45 -34.52 -17.15 -21.91
C PHE A 45 -34.78 -18.58 -22.38
N PHE A 46 -35.95 -18.76 -23.02
CA PHE A 46 -36.39 -20.05 -23.56
C PHE A 46 -36.42 -21.13 -22.49
N SER A 47 -37.10 -20.84 -21.39
CA SER A 47 -37.23 -21.77 -20.28
C SER A 47 -38.69 -22.16 -20.11
N ASN A 48 -38.91 -23.37 -19.60
CA ASN A 48 -40.26 -23.91 -19.49
C ASN A 48 -41.04 -23.22 -18.37
N VAL A 49 -42.33 -22.97 -18.64
CA VAL A 49 -43.23 -22.32 -17.70
C VAL A 49 -44.32 -23.32 -17.36
N THR A 50 -44.85 -23.24 -16.14
CA THR A 50 -45.94 -24.12 -15.73
C THR A 50 -47.27 -23.43 -16.00
N TRP A 51 -48.10 -24.05 -16.83
CA TRP A 51 -49.34 -23.45 -17.30
C TRP A 51 -50.52 -24.13 -16.62
N PHE A 52 -51.37 -23.32 -15.99
CA PHE A 52 -52.64 -23.78 -15.42
C PHE A 52 -53.76 -23.11 -16.18
N HIS A 53 -54.84 -23.85 -16.43
CA HIS A 53 -55.98 -23.35 -17.16
C HIS A 53 -57.26 -23.76 -16.45
N VAL A 54 -58.27 -22.90 -16.53
CA VAL A 54 -59.62 -23.19 -16.05
C VAL A 54 -60.55 -23.12 -17.25
N ILE A 55 -61.26 -24.21 -17.51
CA ILE A 55 -62.17 -24.28 -18.65
C ILE A 55 -63.57 -24.65 -18.20
N LYS A 62 -66.58 -27.65 -14.38
CA LYS A 62 -66.13 -28.15 -13.08
C LYS A 62 -64.61 -28.21 -13.01
N ARG A 63 -63.95 -27.37 -13.81
CA ARG A 63 -62.49 -27.32 -13.84
C ARG A 63 -61.96 -26.66 -12.58
N PHE A 64 -60.90 -27.22 -12.02
CA PHE A 64 -60.34 -26.74 -10.75
C PHE A 64 -58.89 -27.16 -10.69
N ASP A 65 -57.98 -26.21 -10.84
CA ASP A 65 -56.55 -26.46 -10.72
C ASP A 65 -55.91 -25.30 -9.95
N ASN A 66 -55.85 -25.41 -8.62
CA ASN A 66 -55.20 -24.39 -7.82
C ASN A 66 -54.33 -24.98 -6.72
N PRO A 67 -53.19 -25.63 -7.04
CA PRO A 67 -52.37 -26.20 -5.97
C PRO A 67 -51.51 -25.15 -5.29
N VAL A 68 -50.79 -25.55 -4.25
CA VAL A 68 -49.75 -24.70 -3.66
C VAL A 68 -48.44 -25.02 -4.36
N LEU A 69 -47.61 -24.01 -4.58
CA LEU A 69 -46.41 -24.21 -5.35
C LEU A 69 -45.19 -23.71 -4.59
N PRO A 70 -44.04 -24.36 -4.72
CA PRO A 70 -42.84 -23.89 -4.02
C PRO A 70 -42.35 -22.56 -4.55
N PHE A 71 -41.69 -21.80 -3.68
CA PHE A 71 -41.16 -20.48 -4.01
C PHE A 71 -39.65 -20.53 -3.83
N ASN A 72 -38.92 -20.08 -4.85
CA ASN A 72 -37.47 -20.00 -4.73
C ASN A 72 -36.91 -18.91 -5.63
N ASP A 73 -36.22 -17.95 -5.02
CA ASP A 73 -35.52 -16.85 -5.71
C ASP A 73 -36.47 -16.05 -6.61
N GLY A 74 -37.62 -15.69 -6.05
CA GLY A 74 -38.59 -14.93 -6.80
C GLY A 74 -39.49 -15.81 -7.63
N VAL A 75 -40.46 -15.16 -8.29
CA VAL A 75 -41.40 -15.87 -9.15
C VAL A 75 -41.88 -14.89 -10.22
N TYR A 76 -42.22 -15.43 -11.39
CA TYR A 76 -42.84 -14.67 -12.47
C TYR A 76 -44.24 -15.22 -12.68
N PHE A 77 -45.24 -14.34 -12.59
CA PHE A 77 -46.64 -14.71 -12.66
C PHE A 77 -47.31 -13.98 -13.82
N ALA A 78 -47.75 -14.73 -14.81
CA ALA A 78 -48.40 -14.13 -15.97
C ALA A 78 -49.83 -14.67 -16.07
N SER A 79 -50.71 -13.87 -16.64
CA SER A 79 -52.11 -14.25 -16.75
C SER A 79 -52.71 -13.66 -18.01
N ILE A 80 -53.34 -14.51 -18.81
CA ILE A 80 -54.11 -14.06 -19.97
C ILE A 80 -55.59 -14.19 -19.64
N GLU A 81 -56.34 -13.11 -19.84
CA GLU A 81 -57.68 -13.03 -19.27
C GLU A 81 -58.52 -12.01 -20.01
N LYS A 82 -59.84 -12.16 -19.85
CA LYS A 82 -60.81 -11.13 -20.22
C LYS A 82 -61.85 -10.87 -19.15
N SER A 83 -62.15 -11.85 -18.29
CA SER A 83 -63.25 -11.76 -17.34
C SER A 83 -62.82 -11.38 -15.93
N ASN A 84 -61.51 -11.31 -15.66
CA ASN A 84 -60.94 -10.87 -14.38
C ASN A 84 -61.43 -11.76 -13.22
N ILE A 85 -60.96 -13.01 -13.25
CA ILE A 85 -61.38 -13.96 -12.23
C ILE A 85 -60.38 -14.07 -11.07
N ILE A 86 -59.16 -13.55 -11.23
CA ILE A 86 -58.19 -13.57 -10.14
C ILE A 86 -58.36 -12.32 -9.29
N ARG A 87 -58.51 -12.52 -7.98
CA ARG A 87 -58.69 -11.42 -7.04
C ARG A 87 -57.46 -11.12 -6.19
N GLY A 88 -56.45 -11.98 -6.20
CA GLY A 88 -55.24 -11.71 -5.44
C GLY A 88 -54.45 -12.97 -5.16
N TRP A 89 -53.58 -12.86 -4.17
CA TRP A 89 -52.65 -13.91 -3.78
C TRP A 89 -52.63 -14.06 -2.27
N ILE A 90 -52.26 -15.25 -1.81
CA ILE A 90 -51.97 -15.51 -0.39
C ILE A 90 -50.72 -16.37 -0.34
N PHE A 91 -49.76 -15.99 0.51
CA PHE A 91 -48.57 -16.82 0.67
C PHE A 91 -47.88 -16.57 1.99
N GLY A 92 -47.31 -17.66 2.52
CA GLY A 92 -46.60 -17.71 3.78
C GLY A 92 -45.77 -18.98 3.82
N THR A 93 -45.72 -19.65 4.97
CA THR A 93 -45.00 -20.91 5.04
C THR A 93 -45.82 -22.07 5.61
N THR A 94 -46.68 -21.80 6.59
CA THR A 94 -47.40 -22.86 7.30
C THR A 94 -48.90 -22.59 7.45
N LEU A 95 -49.29 -21.33 7.64
CA LEU A 95 -50.64 -20.95 8.07
C LEU A 95 -51.05 -21.72 9.33
N ASP A 96 -50.17 -21.71 10.32
CA ASP A 96 -50.36 -22.42 11.58
C ASP A 96 -50.88 -21.50 12.68
N SER A 97 -51.35 -20.30 12.31
CA SER A 97 -51.77 -19.23 13.22
C SER A 97 -50.66 -18.80 14.16
N LYS A 98 -49.40 -19.05 13.80
CA LYS A 98 -48.25 -18.61 14.58
C LYS A 98 -47.27 -17.87 13.68
N THR A 99 -47.14 -18.33 12.43
CA THR A 99 -46.30 -17.68 11.43
C THR A 99 -47.18 -16.79 10.57
N GLN A 100 -46.73 -15.55 10.34
CA GLN A 100 -47.53 -14.58 9.61
C GLN A 100 -47.60 -14.96 8.12
N SER A 101 -48.55 -14.36 7.42
CA SER A 101 -48.77 -14.63 6.00
C SER A 101 -49.27 -13.38 5.30
N LEU A 102 -48.82 -13.21 4.06
CA LEU A 102 -49.28 -12.13 3.19
C LEU A 102 -50.58 -12.54 2.50
N LEU A 103 -51.50 -11.61 2.39
CA LEU A 103 -52.76 -11.77 1.67
C LEU A 103 -53.01 -10.45 0.95
N ILE A 104 -52.85 -10.45 -0.37
CA ILE A 104 -53.06 -9.26 -1.18
C ILE A 104 -54.32 -9.48 -2.00
N VAL A 105 -55.28 -8.56 -1.89
CA VAL A 105 -56.55 -8.66 -2.59
C VAL A 105 -56.91 -7.31 -3.19
N ASN A 106 -57.20 -7.29 -4.49
CA ASN A 106 -57.75 -6.12 -5.17
C ASN A 106 -59.10 -6.46 -5.79
N ASN A 107 -60.18 -5.93 -5.20
CA ASN A 107 -61.53 -6.34 -5.59
C ASN A 107 -62.33 -5.25 -6.29
N ALA A 108 -62.56 -4.10 -5.65
CA ALA A 108 -63.35 -3.04 -6.28
C ALA A 108 -62.59 -1.73 -6.39
N THR A 109 -62.12 -1.18 -5.27
CA THR A 109 -61.43 0.12 -5.28
C THR A 109 -60.22 0.14 -4.35
N ASN A 110 -59.84 -0.99 -3.77
CA ASN A 110 -58.75 -1.04 -2.80
C ASN A 110 -57.82 -2.21 -3.11
N VAL A 111 -56.57 -2.06 -2.71
CA VAL A 111 -55.59 -3.15 -2.73
C VAL A 111 -55.20 -3.37 -1.28
N VAL A 112 -55.83 -4.34 -0.63
CA VAL A 112 -55.58 -4.63 0.77
C VAL A 112 -54.44 -5.63 0.88
N ILE A 113 -53.47 -5.30 1.74
CA ILE A 113 -52.32 -6.15 2.00
C ILE A 113 -52.30 -6.48 3.49
N LYS A 114 -52.86 -7.64 3.83
CA LYS A 114 -52.92 -8.05 5.23
C LYS A 114 -51.78 -9.04 5.49
N VAL A 115 -50.90 -8.70 6.42
CA VAL A 115 -49.82 -9.59 6.83
C VAL A 115 -50.18 -10.01 8.25
N CYS A 116 -50.75 -11.21 8.36
CA CYS A 116 -51.32 -11.66 9.63
C CYS A 116 -51.51 -13.17 9.58
N GLU A 117 -52.07 -13.70 10.65
CA GLU A 117 -52.50 -15.09 10.73
C GLU A 117 -54.01 -15.14 10.63
N PHE A 118 -54.52 -15.99 9.74
CA PHE A 118 -55.95 -16.06 9.46
C PHE A 118 -56.49 -17.41 9.91
N GLN A 119 -57.55 -17.38 10.72
CA GLN A 119 -58.18 -18.58 11.23
C GLN A 119 -58.96 -19.24 10.10
N PHE A 120 -58.61 -20.49 9.79
CA PHE A 120 -59.18 -21.19 8.65
C PHE A 120 -59.29 -22.68 8.95
N CYS A 121 -59.88 -23.40 8.00
CA CYS A 121 -59.74 -24.83 7.86
C CYS A 121 -58.45 -25.11 7.09
N ASN A 122 -58.32 -26.33 6.53
CA ASN A 122 -57.05 -26.77 5.94
C ASN A 122 -56.53 -25.82 4.86
N ASP A 123 -57.24 -25.70 3.74
CA ASP A 123 -56.79 -24.83 2.66
C ASP A 123 -57.95 -24.38 1.77
N PRO A 124 -58.59 -23.26 2.13
CA PRO A 124 -59.80 -22.80 1.43
C PRO A 124 -59.46 -21.91 0.23
N PHE A 125 -60.52 -21.42 -0.41
CA PHE A 125 -60.42 -20.55 -1.59
C PHE A 125 -61.71 -19.75 -1.66
N LEU A 126 -61.93 -19.10 -2.82
CA LEU A 126 -63.19 -18.36 -3.05
C LEU A 126 -63.79 -18.84 -4.38
N ASP A 127 -64.54 -19.95 -4.35
CA ASP A 127 -65.09 -20.55 -5.60
C ASP A 127 -66.04 -19.59 -6.30
N HIS A 128 -66.22 -19.75 -7.62
CA HIS A 128 -67.22 -18.93 -8.34
C HIS A 128 -68.62 -19.40 -7.93
N LYS A 129 -69.61 -18.52 -8.02
CA LYS A 129 -70.99 -18.87 -7.58
C LYS A 129 -71.93 -18.27 -8.62
N ASN A 130 -73.16 -18.79 -8.72
CA ASN A 130 -74.11 -18.31 -9.76
C ASN A 130 -73.42 -18.44 -11.11
N ASN A 131 -72.67 -19.54 -11.32
CA ASN A 131 -72.02 -19.81 -12.63
C ASN A 131 -71.20 -18.60 -13.08
N LYS A 132 -71.37 -18.19 -14.34
CA LYS A 132 -70.59 -17.06 -14.90
C LYS A 132 -70.87 -15.78 -14.12
N SER A 133 -72.15 -15.52 -13.81
CA SER A 133 -72.50 -14.25 -13.12
C SER A 133 -71.86 -14.23 -11.73
N TRP A 134 -71.25 -13.12 -11.33
CA TRP A 134 -70.51 -13.09 -10.04
C TRP A 134 -71.49 -12.98 -8.88
N MET A 135 -71.19 -13.63 -7.76
CA MET A 135 -72.05 -13.47 -6.56
C MET A 135 -71.17 -13.19 -5.34
N GLU A 136 -71.75 -12.53 -4.33
CA GLU A 136 -70.96 -12.16 -3.13
C GLU A 136 -71.26 -13.15 -2.00
N SER A 137 -70.34 -14.08 -1.68
CA SER A 137 -70.53 -15.03 -0.55
C SER A 137 -69.18 -15.58 -0.10
N GLU A 138 -69.05 -16.03 1.15
CA GLU A 138 -67.75 -16.52 1.70
C GLU A 138 -66.68 -15.44 1.52
N PHE A 139 -67.09 -14.20 1.28
CA PHE A 139 -66.10 -13.15 1.03
C PHE A 139 -65.31 -12.79 2.27
N ARG A 140 -65.87 -13.01 3.46
CA ARG A 140 -65.23 -12.63 4.71
C ARG A 140 -64.26 -13.73 5.13
N VAL A 141 -63.12 -13.77 4.43
CA VAL A 141 -62.08 -14.74 4.74
C VAL A 141 -61.40 -14.39 6.07
N TYR A 142 -61.33 -13.10 6.39
CA TYR A 142 -60.79 -12.69 7.68
C TYR A 142 -61.83 -12.90 8.77
N SER A 143 -61.40 -13.50 9.89
CA SER A 143 -62.30 -13.81 10.99
C SER A 143 -61.96 -13.01 12.24
N SER A 144 -60.72 -13.07 12.71
CA SER A 144 -60.29 -12.33 13.89
C SER A 144 -58.83 -11.97 13.75
N ALA A 145 -58.44 -10.85 14.37
CA ALA A 145 -57.06 -10.36 14.31
C ALA A 145 -56.32 -10.84 15.56
N ASN A 146 -55.37 -11.75 15.37
CA ASN A 146 -54.58 -12.24 16.50
C ASN A 146 -53.28 -11.45 16.65
N ASN A 147 -52.42 -11.49 15.63
CA ASN A 147 -51.20 -10.67 15.60
C ASN A 147 -51.02 -10.17 14.16
N CYS A 148 -51.63 -9.03 13.86
CA CYS A 148 -51.52 -8.39 12.54
C CYS A 148 -50.57 -7.21 12.69
N THR A 149 -49.56 -7.14 11.84
CA THR A 149 -48.51 -6.15 12.00
C THR A 149 -48.32 -5.25 10.79
N PHE A 150 -49.26 -5.22 9.85
CA PHE A 150 -49.13 -4.38 8.67
C PHE A 150 -50.50 -4.10 8.06
N GLU A 151 -50.69 -2.85 7.62
CA GLU A 151 -51.86 -2.42 6.89
C GLU A 151 -51.44 -1.66 5.65
N TYR A 152 -52.22 -1.80 4.58
CA TYR A 152 -51.93 -1.11 3.33
C TYR A 152 -53.19 -1.08 2.47
N VAL A 153 -53.61 0.12 2.10
CA VAL A 153 -54.75 0.31 1.21
C VAL A 153 -54.36 1.37 0.18
N SER A 154 -54.51 1.04 -1.10
CA SER A 154 -54.15 1.95 -2.18
C SER A 154 -55.18 1.83 -3.30
N GLN A 155 -54.94 2.56 -4.39
CA GLN A 155 -55.80 2.51 -5.55
C GLN A 155 -55.66 1.17 -6.26
N PRO A 156 -56.72 0.68 -6.90
CA PRO A 156 -56.64 -0.63 -7.57
C PRO A 156 -55.91 -0.51 -8.91
N PHE A 157 -55.77 -1.67 -9.55
CA PHE A 157 -55.07 -1.74 -10.83
C PHE A 157 -56.03 -1.36 -11.96
N LEU A 158 -55.52 -1.35 -13.19
CA LEU A 158 -56.30 -0.97 -14.36
C LEU A 158 -56.94 -2.22 -14.96
N MET A 159 -58.19 -2.48 -14.56
CA MET A 159 -58.97 -3.58 -15.08
C MET A 159 -59.86 -3.08 -16.21
N ASP A 160 -60.73 -3.97 -16.70
CA ASP A 160 -61.75 -3.63 -17.68
C ASP A 160 -63.11 -4.08 -17.16
N LEU A 161 -64.15 -3.34 -17.55
CA LEU A 161 -65.45 -3.50 -16.92
C LEU A 161 -66.15 -4.76 -17.43
N GLU A 162 -66.49 -5.64 -16.49
CA GLU A 162 -66.98 -7.02 -16.74
C GLU A 162 -66.00 -7.72 -17.68
N GLY A 163 -66.47 -8.37 -18.74
CA GLY A 163 -65.62 -9.18 -19.60
C GLY A 163 -66.38 -10.39 -20.12
N LYS A 164 -65.67 -11.37 -20.66
CA LYS A 164 -66.29 -12.57 -21.19
C LYS A 164 -65.29 -13.70 -21.20
N GLN A 165 -65.79 -14.91 -21.39
CA GLN A 165 -64.93 -16.10 -21.51
C GLN A 165 -64.55 -16.36 -22.96
N GLY A 166 -64.01 -15.32 -23.59
CA GLY A 166 -63.57 -15.41 -24.97
C GLY A 166 -62.98 -14.08 -25.39
N ASN A 167 -62.07 -14.17 -26.36
CA ASN A 167 -61.28 -13.03 -26.86
C ASN A 167 -60.52 -12.36 -25.71
N PHE A 168 -59.58 -13.11 -25.15
CA PHE A 168 -58.83 -12.67 -23.97
C PHE A 168 -57.87 -11.56 -24.40
N LYS A 169 -58.29 -10.32 -24.19
CA LYS A 169 -57.52 -9.16 -24.63
C LYS A 169 -56.58 -8.64 -23.56
N ASN A 170 -56.59 -9.21 -22.36
CA ASN A 170 -55.80 -8.69 -21.24
C ASN A 170 -54.65 -9.63 -20.93
N LEU A 171 -53.46 -9.06 -20.77
CA LEU A 171 -52.29 -9.79 -20.27
C LEU A 171 -51.72 -9.04 -19.09
N ARG A 172 -51.47 -9.74 -18.00
CA ARG A 172 -50.90 -9.14 -16.80
C ARG A 172 -49.70 -9.97 -16.38
N GLU A 173 -48.53 -9.34 -16.29
CA GLU A 173 -47.33 -10.06 -15.89
C GLU A 173 -46.63 -9.34 -14.76
N PHE A 174 -46.31 -10.10 -13.72
CA PHE A 174 -45.72 -9.58 -12.50
C PHE A 174 -44.49 -10.38 -12.14
N VAL A 175 -43.58 -9.73 -11.42
CA VAL A 175 -42.40 -10.36 -10.84
C VAL A 175 -42.40 -10.09 -9.35
N PHE A 176 -42.34 -11.15 -8.55
CA PHE A 176 -42.34 -11.04 -7.10
C PHE A 176 -41.00 -11.51 -6.55
N LYS A 177 -40.44 -10.74 -5.63
CA LYS A 177 -39.20 -11.18 -4.99
C LYS A 177 -39.09 -10.53 -3.61
N ASN A 178 -38.10 -10.97 -2.85
CA ASN A 178 -37.82 -10.39 -1.53
C ASN A 178 -36.37 -10.63 -1.17
N ILE A 179 -35.61 -9.55 -1.00
CA ILE A 179 -34.24 -9.62 -0.50
C ILE A 179 -34.04 -8.51 0.52
N ASP A 180 -33.22 -8.80 1.54
CA ASP A 180 -32.77 -7.85 2.56
C ASP A 180 -33.99 -7.23 3.27
N GLY A 181 -34.95 -8.09 3.57
CA GLY A 181 -36.14 -7.65 4.28
C GLY A 181 -37.15 -6.89 3.44
N TYR A 182 -36.83 -6.65 2.17
CA TYR A 182 -37.68 -5.86 1.29
C TYR A 182 -38.33 -6.76 0.25
N PHE A 183 -39.64 -6.67 0.16
CA PHE A 183 -40.46 -7.48 -0.74
C PHE A 183 -40.84 -6.61 -1.93
N LYS A 184 -40.20 -6.85 -3.07
CA LYS A 184 -40.43 -6.06 -4.27
C LYS A 184 -41.50 -6.70 -5.15
N ILE A 185 -42.39 -5.86 -5.69
CA ILE A 185 -43.39 -6.28 -6.67
C ILE A 185 -43.23 -5.42 -7.91
N TYR A 186 -43.05 -6.07 -9.07
CA TYR A 186 -42.97 -5.37 -10.34
C TYR A 186 -44.12 -5.83 -11.23
N SER A 187 -44.65 -4.91 -12.03
CA SER A 187 -45.85 -5.20 -12.80
C SER A 187 -45.75 -4.66 -14.22
N LYS A 188 -46.57 -5.25 -15.10
CA LYS A 188 -46.78 -4.76 -16.45
C LYS A 188 -48.13 -5.25 -16.93
N HIS A 189 -48.87 -4.36 -17.58
CA HIS A 189 -50.22 -4.64 -18.07
C HIS A 189 -50.27 -4.38 -19.57
N THR A 190 -50.92 -5.26 -20.31
CA THR A 190 -51.01 -5.14 -21.76
C THR A 190 -52.45 -5.35 -22.20
N PRO A 191 -53.08 -4.37 -22.84
CA PRO A 191 -54.42 -4.59 -23.41
C PRO A 191 -54.37 -5.10 -24.84
N ILE A 192 -55.57 -5.24 -25.42
CA ILE A 192 -55.89 -5.65 -26.80
C ILE A 192 -54.92 -6.65 -27.43
N ILE A 193 -54.80 -7.84 -26.82
CA ILE A 193 -54.13 -8.97 -27.45
C ILE A 193 -55.19 -9.76 -28.21
N VAL A 194 -55.07 -9.80 -29.53
CA VAL A 194 -56.11 -10.36 -30.39
C VAL A 194 -55.88 -11.84 -30.66
N ARG A 195 -54.91 -12.46 -29.98
CA ARG A 195 -54.63 -13.88 -30.17
C ARG A 195 -55.47 -14.69 -29.19
N GLU A 196 -56.62 -15.16 -29.68
CA GLU A 196 -57.51 -15.96 -28.85
C GLU A 196 -56.94 -17.32 -28.45
N PRO A 197 -56.42 -18.19 -29.38
CA PRO A 197 -56.08 -19.55 -28.88
C PRO A 197 -54.71 -19.63 -28.21
N GLU A 198 -54.64 -19.09 -27.00
CA GLU A 198 -53.45 -19.08 -26.12
C GLU A 198 -52.31 -18.40 -26.87
N ASP A 199 -51.16 -19.06 -27.09
CA ASP A 199 -50.06 -18.57 -27.91
C ASP A 199 -49.52 -17.24 -27.36
N LEU A 200 -48.87 -17.34 -26.20
CA LEU A 200 -48.16 -16.24 -25.56
C LEU A 200 -47.20 -15.59 -26.56
N PRO A 201 -47.46 -14.36 -26.98
CA PRO A 201 -46.67 -13.76 -28.07
C PRO A 201 -45.27 -13.39 -27.61
N GLN A 202 -44.35 -13.35 -28.56
CA GLN A 202 -42.98 -12.92 -28.28
C GLN A 202 -42.93 -11.40 -28.28
N GLY A 203 -41.89 -10.83 -27.70
CA GLY A 203 -41.73 -9.39 -27.66
C GLY A 203 -41.03 -8.93 -26.39
N PHE A 204 -40.85 -7.62 -26.31
CA PHE A 204 -40.14 -6.98 -25.20
C PHE A 204 -41.01 -5.91 -24.58
N SER A 205 -41.25 -6.03 -23.28
CA SER A 205 -41.98 -5.01 -22.52
C SER A 205 -41.50 -5.11 -21.07
N ALA A 206 -40.73 -4.12 -20.63
CA ALA A 206 -40.16 -4.15 -19.30
C ALA A 206 -41.24 -3.93 -18.25
N LEU A 207 -40.94 -4.36 -17.02
CA LEU A 207 -41.87 -4.29 -15.91
C LEU A 207 -41.50 -3.13 -15.01
N GLU A 208 -42.31 -2.07 -15.06
CA GLU A 208 -42.09 -0.90 -14.22
C GLU A 208 -42.35 -1.25 -12.75
N PRO A 209 -41.51 -0.77 -11.83
CA PRO A 209 -41.70 -1.11 -10.42
C PRO A 209 -42.89 -0.39 -9.81
N LEU A 210 -43.67 -1.13 -9.02
CA LEU A 210 -44.76 -0.56 -8.26
C LEU A 210 -44.35 -0.19 -6.83
N VAL A 211 -43.93 -1.18 -6.05
CA VAL A 211 -43.75 -0.97 -4.62
C VAL A 211 -42.86 -2.04 -4.00
N ASP A 212 -42.01 -1.61 -3.06
CA ASP A 212 -41.28 -2.50 -2.17
C ASP A 212 -41.84 -2.35 -0.77
N LEU A 213 -42.02 -3.47 -0.09
CA LEU A 213 -42.61 -3.47 1.23
C LEU A 213 -41.59 -3.89 2.27
N PRO A 214 -41.63 -3.32 3.48
CA PRO A 214 -40.75 -3.76 4.57
C PRO A 214 -41.35 -4.88 5.41
N ILE A 215 -41.67 -6.00 4.76
CA ILE A 215 -42.38 -7.08 5.43
C ILE A 215 -41.52 -8.35 5.43
N GLY A 216 -41.31 -8.92 4.25
CA GLY A 216 -40.32 -9.96 3.98
C GLY A 216 -40.27 -11.20 4.85
N ILE A 217 -41.40 -11.90 5.01
CA ILE A 217 -41.55 -13.03 5.92
C ILE A 217 -40.97 -14.33 5.34
N ASN A 218 -41.23 -15.44 6.04
CA ASN A 218 -41.01 -16.78 5.46
C ASN A 218 -41.86 -16.97 4.21
N ILE A 219 -41.20 -17.05 3.06
CA ILE A 219 -41.87 -17.28 1.79
C ILE A 219 -41.35 -18.60 1.23
N THR A 220 -42.18 -19.64 1.32
CA THR A 220 -41.82 -20.96 0.81
C THR A 220 -42.82 -21.51 -0.20
N ARG A 221 -44.11 -21.36 0.04
CA ARG A 221 -45.13 -21.80 -0.91
C ARG A 221 -46.08 -20.65 -1.18
N PHE A 222 -46.68 -20.65 -2.37
CA PHE A 222 -47.72 -19.68 -2.67
C PHE A 222 -48.87 -20.37 -3.38
N GLN A 223 -50.08 -19.90 -3.12
CA GLN A 223 -51.29 -20.43 -3.71
C GLN A 223 -52.08 -19.29 -4.34
N THR A 224 -52.49 -19.47 -5.59
CA THR A 224 -53.23 -18.45 -6.30
C THR A 224 -54.68 -18.40 -5.79
N LEU A 225 -55.16 -17.17 -5.54
CA LEU A 225 -56.55 -16.94 -5.20
C LEU A 225 -57.29 -16.48 -6.44
N LEU A 226 -58.52 -16.99 -6.62
CA LEU A 226 -59.32 -16.64 -7.77
C LEU A 226 -60.76 -16.44 -7.31
N ALA A 227 -61.63 -16.08 -8.26
CA ALA A 227 -63.05 -15.89 -7.97
C ALA A 227 -63.88 -16.78 -8.87
N SER A 238 -77.11 -25.59 -6.01
CA SER A 238 -76.41 -25.27 -4.77
C SER A 238 -74.90 -25.18 -4.99
N SER A 239 -74.14 -25.89 -4.16
CA SER A 239 -72.69 -25.90 -4.29
C SER A 239 -72.23 -26.69 -5.51
N SER A 240 -73.04 -27.62 -6.01
CA SER A 240 -72.71 -28.42 -7.16
C SER A 240 -73.58 -28.00 -8.34
N GLY A 241 -72.93 -27.66 -9.46
CA GLY A 241 -73.63 -27.25 -10.65
C GLY A 241 -73.44 -25.78 -10.96
N TRP A 242 -72.52 -25.49 -11.87
CA TRP A 242 -72.22 -24.12 -12.28
C TRP A 242 -71.51 -24.15 -13.62
N THR A 243 -71.48 -23.00 -14.28
CA THR A 243 -70.74 -22.87 -15.53
C THR A 243 -69.27 -22.57 -15.22
N ALA A 244 -68.38 -23.42 -15.70
CA ALA A 244 -66.95 -23.28 -15.43
C ALA A 244 -66.39 -22.10 -16.21
N GLY A 245 -65.63 -21.24 -15.54
CA GLY A 245 -65.04 -20.10 -16.21
C GLY A 245 -63.84 -20.50 -17.05
N ALA A 246 -63.45 -19.58 -17.94
CA ALA A 246 -62.31 -19.77 -18.82
C ALA A 246 -61.23 -18.75 -18.45
N ALA A 247 -60.05 -19.26 -18.10
CA ALA A 247 -58.91 -18.42 -17.73
C ALA A 247 -57.65 -19.25 -17.89
N ALA A 248 -56.52 -18.55 -17.94
CA ALA A 248 -55.23 -19.23 -18.07
C ALA A 248 -54.14 -18.38 -17.44
N TYR A 249 -53.29 -19.02 -16.66
CA TYR A 249 -52.15 -18.33 -16.05
C TYR A 249 -50.92 -19.22 -16.09
N TYR A 250 -49.78 -18.58 -15.94
CA TYR A 250 -48.47 -19.20 -16.12
C TYR A 250 -47.58 -18.78 -14.95
N VAL A 251 -46.73 -19.71 -14.51
CA VAL A 251 -45.85 -19.47 -13.37
C VAL A 251 -44.45 -19.98 -13.69
N GLY A 252 -43.44 -19.16 -13.42
CA GLY A 252 -42.07 -19.53 -13.69
C GLY A 252 -41.14 -19.09 -12.59
N TYR A 253 -39.97 -19.71 -12.55
CA TYR A 253 -38.98 -19.49 -11.51
C TYR A 253 -37.78 -18.74 -12.07
N LEU A 254 -37.22 -17.84 -11.27
CA LEU A 254 -36.11 -17.00 -11.65
C LEU A 254 -34.79 -17.58 -11.14
N GLN A 255 -33.70 -17.20 -11.82
CA GLN A 255 -32.36 -17.64 -11.46
C GLN A 255 -31.44 -16.42 -11.41
N PRO A 256 -30.38 -16.48 -10.60
CA PRO A 256 -29.39 -15.39 -10.61
C PRO A 256 -28.52 -15.40 -11.87
N ARG A 257 -28.75 -14.45 -12.76
CA ARG A 257 -28.07 -14.42 -14.05
C ARG A 257 -27.49 -13.04 -14.29
N THR A 258 -26.92 -12.86 -15.49
CA THR A 258 -26.48 -11.57 -15.98
C THR A 258 -27.07 -11.32 -17.37
N PHE A 259 -27.54 -10.09 -17.58
CA PHE A 259 -28.20 -9.68 -18.80
C PHE A 259 -27.52 -8.44 -19.35
N LEU A 260 -27.68 -8.21 -20.65
CA LEU A 260 -27.24 -6.97 -21.27
C LEU A 260 -28.45 -6.26 -21.85
N LEU A 261 -28.68 -5.03 -21.41
CA LEU A 261 -29.89 -4.27 -21.74
C LEU A 261 -29.51 -3.10 -22.62
N LYS A 262 -30.32 -2.87 -23.66
CA LYS A 262 -30.12 -1.75 -24.58
C LYS A 262 -31.26 -0.76 -24.41
N TYR A 263 -30.92 0.51 -24.25
CA TYR A 263 -31.89 1.57 -24.03
C TYR A 263 -32.01 2.42 -25.29
N ASN A 264 -33.22 2.84 -25.61
CA ASN A 264 -33.43 3.70 -26.77
C ASN A 264 -33.27 5.15 -26.35
N GLU A 265 -33.62 6.08 -27.24
CA GLU A 265 -33.47 7.50 -26.93
C GLU A 265 -34.53 8.00 -25.96
N ASN A 266 -35.59 7.23 -25.73
CA ASN A 266 -36.64 7.61 -24.79
C ASN A 266 -36.44 7.00 -23.41
N GLY A 267 -35.34 6.29 -23.17
CA GLY A 267 -35.10 5.69 -21.88
C GLY A 267 -35.89 4.43 -21.60
N THR A 268 -36.37 3.75 -22.63
CA THR A 268 -37.17 2.54 -22.48
C THR A 268 -36.37 1.33 -22.96
N ILE A 269 -36.44 0.24 -22.20
CA ILE A 269 -35.71 -0.97 -22.56
C ILE A 269 -36.43 -1.62 -23.74
N THR A 270 -35.85 -1.49 -24.94
CA THR A 270 -36.43 -2.09 -26.13
C THR A 270 -35.83 -3.43 -26.50
N ASP A 271 -34.65 -3.77 -25.99
CA ASP A 271 -34.02 -5.02 -26.35
C ASP A 271 -33.06 -5.44 -25.24
N ALA A 272 -32.90 -6.76 -25.12
CA ALA A 272 -31.97 -7.31 -24.14
C ALA A 272 -31.46 -8.64 -24.66
N VAL A 273 -30.30 -9.06 -24.17
CA VAL A 273 -29.69 -10.32 -24.57
C VAL A 273 -29.20 -11.04 -23.32
N ASP A 274 -29.41 -12.35 -23.29
CA ASP A 274 -28.87 -13.19 -22.24
C ASP A 274 -27.37 -13.38 -22.45
N CYS A 275 -26.73 -14.05 -21.48
CA CYS A 275 -25.29 -14.22 -21.48
C CYS A 275 -24.86 -15.67 -21.36
N ALA A 276 -25.74 -16.56 -20.90
CA ALA A 276 -25.39 -17.96 -20.71
C ALA A 276 -26.39 -18.87 -21.41
N LEU A 277 -26.89 -18.44 -22.58
CA LEU A 277 -27.83 -19.26 -23.34
C LEU A 277 -27.12 -20.10 -24.40
N ASP A 278 -26.47 -19.46 -25.35
CA ASP A 278 -25.66 -20.11 -26.37
C ASP A 278 -24.38 -19.29 -26.51
N PRO A 279 -23.33 -19.87 -27.08
CA PRO A 279 -22.06 -19.14 -27.19
C PRO A 279 -22.12 -17.82 -27.96
N LEU A 280 -23.09 -17.64 -28.86
CA LEU A 280 -23.26 -16.32 -29.47
C LEU A 280 -23.70 -15.30 -28.44
N SER A 281 -24.58 -15.70 -27.51
CA SER A 281 -24.98 -14.80 -26.45
C SER A 281 -23.80 -14.50 -25.52
N GLU A 282 -22.91 -15.48 -25.32
CA GLU A 282 -21.72 -15.23 -24.52
C GLU A 282 -20.76 -14.26 -25.21
N THR A 283 -20.64 -14.36 -26.53
CA THR A 283 -19.82 -13.40 -27.28
C THR A 283 -20.40 -12.00 -27.21
N LYS A 284 -21.72 -11.87 -27.41
CA LYS A 284 -22.36 -10.57 -27.30
C LYS A 284 -22.27 -10.01 -25.88
N CYS A 285 -22.29 -10.89 -24.89
CA CYS A 285 -22.15 -10.49 -23.49
C CYS A 285 -20.75 -10.00 -23.19
N THR A 286 -19.72 -10.64 -23.75
CA THR A 286 -18.36 -10.27 -23.40
C THR A 286 -17.84 -9.14 -24.27
N LEU A 287 -18.50 -8.84 -25.38
CA LEU A 287 -18.07 -7.73 -26.21
C LEU A 287 -18.91 -6.46 -26.04
N LYS A 288 -19.98 -6.54 -25.22
CA LYS A 288 -20.86 -5.40 -24.93
C LYS A 288 -21.45 -4.79 -26.21
N SER A 289 -21.87 -5.66 -27.13
CA SER A 289 -22.43 -5.23 -28.40
C SER A 289 -23.54 -6.16 -28.83
N PHE A 290 -24.01 -6.00 -30.06
CA PHE A 290 -25.05 -6.85 -30.62
C PHE A 290 -24.73 -7.42 -31.99
N THR A 291 -23.96 -6.71 -32.81
CA THR A 291 -23.59 -7.19 -34.14
C THR A 291 -22.10 -7.51 -34.17
N VAL A 292 -21.76 -8.73 -33.78
CA VAL A 292 -20.37 -9.18 -33.73
C VAL A 292 -19.94 -9.50 -35.15
N GLU A 293 -18.68 -9.20 -35.46
CA GLU A 293 -18.16 -9.41 -36.80
C GLU A 293 -17.61 -10.83 -36.95
N LYS A 294 -17.26 -11.16 -38.19
CA LYS A 294 -16.70 -12.48 -38.48
C LYS A 294 -15.28 -12.59 -37.91
N GLY A 295 -15.04 -13.65 -37.16
CA GLY A 295 -13.74 -13.85 -36.55
C GLY A 295 -13.85 -14.70 -35.30
N ILE A 296 -12.68 -15.09 -34.80
CA ILE A 296 -12.56 -15.89 -33.58
C ILE A 296 -12.51 -14.94 -32.39
N TYR A 297 -13.22 -15.29 -31.32
CA TYR A 297 -13.28 -14.46 -30.13
C TYR A 297 -12.86 -15.25 -28.90
N GLN A 298 -12.85 -14.58 -27.76
CA GLN A 298 -12.17 -15.09 -26.57
C GLN A 298 -13.01 -14.96 -25.30
N THR A 299 -14.23 -15.49 -25.31
CA THR A 299 -15.15 -15.39 -24.18
C THR A 299 -14.64 -16.10 -22.93
N SER A 300 -15.42 -16.03 -21.84
CA SER A 300 -14.99 -16.52 -20.54
C SER A 300 -14.79 -18.03 -20.55
N ASN A 301 -14.00 -18.47 -19.57
CA ASN A 301 -13.58 -19.87 -19.58
C ASN A 301 -14.58 -20.74 -18.85
N PHE A 302 -14.46 -22.07 -18.99
CA PHE A 302 -15.36 -23.00 -18.27
C PHE A 302 -14.52 -23.80 -17.25
N ARG A 303 -14.89 -23.72 -15.97
CA ARG A 303 -14.14 -24.46 -14.92
C ARG A 303 -15.09 -25.48 -14.26
N VAL A 304 -14.74 -26.76 -14.31
CA VAL A 304 -15.58 -27.81 -13.67
C VAL A 304 -15.67 -27.51 -12.16
N GLN A 305 -16.87 -27.18 -11.68
CA GLN A 305 -17.04 -26.81 -10.24
C GLN A 305 -17.01 -28.05 -9.31
N PRO A 306 -16.75 -27.96 -7.98
CA PRO A 306 -16.70 -29.18 -7.17
C PRO A 306 -18.09 -29.58 -6.68
N THR A 307 -18.25 -30.88 -6.44
CA THR A 307 -19.56 -31.40 -6.04
C THR A 307 -19.71 -31.51 -4.53
N GLU A 308 -18.63 -31.26 -3.78
CA GLU A 308 -18.64 -31.32 -2.32
C GLU A 308 -17.87 -30.15 -1.74
N SER A 309 -17.87 -30.04 -0.41
CA SER A 309 -17.12 -28.99 0.29
C SER A 309 -16.66 -29.54 1.65
N ILE A 310 -15.38 -29.89 1.75
CA ILE A 310 -14.79 -30.28 3.07
C ILE A 310 -13.38 -29.62 3.14
N VAL A 311 -12.63 -29.73 4.27
CA VAL A 311 -11.22 -29.20 4.43
C VAL A 311 -10.29 -30.42 4.65
N ARG A 312 -9.05 -30.39 4.15
CA ARG A 312 -8.20 -31.62 4.16
C ARG A 312 -7.20 -31.75 5.31
N PHE A 313 -7.24 -32.88 6.04
CA PHE A 313 -6.29 -33.17 7.15
C PHE A 313 -6.86 -34.33 7.97
N PRO A 314 -6.12 -34.91 8.95
CA PRO A 314 -6.66 -35.95 9.82
C PRO A 314 -7.49 -35.36 10.97
N ASN A 315 -7.92 -36.19 11.92
CA ASN A 315 -8.76 -35.71 13.05
C ASN A 315 -7.92 -35.68 14.34
N ILE A 316 -8.00 -36.72 15.17
CA ILE A 316 -7.93 -38.12 14.74
C ILE A 316 -8.73 -38.96 15.73
N THR A 317 -8.23 -39.00 16.96
CA THR A 317 -8.82 -39.63 18.14
C THR A 317 -7.93 -39.31 19.33
N ASN A 318 -8.55 -39.24 20.51
CA ASN A 318 -7.86 -39.09 21.78
C ASN A 318 -8.86 -39.39 22.90
N LEU A 319 -8.41 -39.21 24.13
CA LEU A 319 -9.19 -39.59 25.30
C LEU A 319 -8.79 -38.74 26.49
N CYS A 320 -9.55 -37.68 26.75
CA CYS A 320 -9.36 -36.86 27.93
C CYS A 320 -9.90 -37.56 29.17
N PRO A 321 -9.44 -37.17 30.35
CA PRO A 321 -10.12 -37.58 31.59
C PRO A 321 -11.56 -37.08 31.63
N PHE A 322 -12.43 -37.96 32.10
CA PHE A 322 -13.88 -37.75 32.17
C PHE A 322 -14.33 -38.23 33.56
N ASP A 323 -15.62 -38.60 33.65
CA ASP A 323 -16.34 -38.80 34.90
C ASP A 323 -15.83 -39.93 35.80
N GLU A 324 -14.67 -40.53 35.47
CA GLU A 324 -13.99 -41.38 36.44
C GLU A 324 -13.55 -40.57 37.67
N VAL A 325 -13.36 -39.26 37.51
CA VAL A 325 -13.22 -38.39 38.68
C VAL A 325 -14.56 -38.26 39.40
N PHE A 326 -15.66 -38.14 38.65
CA PHE A 326 -16.98 -38.17 39.24
C PHE A 326 -17.37 -39.55 39.76
N ASN A 327 -16.71 -40.61 39.28
CA ASN A 327 -16.97 -41.96 39.77
C ASN A 327 -16.12 -42.31 40.98
N ALA A 328 -15.35 -41.36 41.51
CA ALA A 328 -14.58 -41.61 42.73
C ALA A 328 -15.52 -41.76 43.92
N THR A 329 -15.22 -42.74 44.78
CA THR A 329 -16.08 -43.02 45.92
C THR A 329 -15.98 -41.93 46.98
N ARG A 330 -14.76 -41.41 47.21
CA ARG A 330 -14.51 -40.43 48.25
C ARG A 330 -14.12 -39.11 47.61
N PHE A 331 -15.03 -38.14 47.67
CA PHE A 331 -14.73 -36.78 47.26
C PHE A 331 -14.13 -36.00 48.42
N ALA A 332 -13.40 -34.94 48.09
CA ALA A 332 -12.74 -34.12 49.08
C ALA A 332 -13.75 -33.34 49.92
N SER A 333 -13.41 -33.12 51.19
CA SER A 333 -14.30 -32.45 52.11
C SER A 333 -14.24 -30.94 51.93
N VAL A 334 -15.03 -30.23 52.74
CA VAL A 334 -15.07 -28.77 52.69
C VAL A 334 -13.75 -28.19 53.20
N TYR A 335 -13.26 -28.71 54.32
CA TYR A 335 -12.06 -28.16 54.94
C TYR A 335 -10.79 -28.50 54.18
N ALA A 336 -10.85 -29.42 53.22
CA ALA A 336 -9.68 -29.82 52.45
C ALA A 336 -10.13 -30.27 51.07
N TRP A 337 -9.87 -29.45 50.07
CA TRP A 337 -10.11 -29.78 48.67
C TRP A 337 -8.80 -29.96 47.93
N ASN A 338 -8.89 -30.37 46.67
CA ASN A 338 -7.72 -30.77 45.89
C ASN A 338 -7.58 -29.92 44.63
N ARG A 339 -6.49 -30.15 43.91
CA ARG A 339 -6.15 -29.43 42.68
C ARG A 339 -5.93 -30.44 41.55
N LYS A 340 -6.55 -30.17 40.41
CA LYS A 340 -6.41 -31.05 39.25
C LYS A 340 -6.12 -30.21 38.02
N ARG A 341 -5.15 -30.65 37.22
CA ARG A 341 -4.76 -29.96 35.99
C ARG A 341 -4.85 -30.95 34.84
N ILE A 342 -5.83 -30.74 33.97
CA ILE A 342 -6.06 -31.62 32.83
C ILE A 342 -5.86 -30.84 31.54
N SER A 343 -5.04 -31.39 30.64
CA SER A 343 -4.72 -30.73 29.38
C SER A 343 -4.22 -31.79 28.39
N ASN A 344 -3.99 -31.35 27.16
CA ASN A 344 -3.29 -32.13 26.12
C ASN A 344 -4.02 -33.41 25.75
N CYS A 345 -5.28 -33.26 25.33
CA CYS A 345 -6.08 -34.36 24.79
C CYS A 345 -7.28 -33.77 24.07
N VAL A 346 -8.20 -34.65 23.66
CA VAL A 346 -9.44 -34.27 22.98
C VAL A 346 -10.60 -34.80 23.79
N ALA A 347 -11.55 -33.93 24.14
CA ALA A 347 -12.66 -34.26 25.01
C ALA A 347 -14.00 -34.10 24.30
N ASP A 348 -15.01 -34.79 24.80
CA ASP A 348 -16.39 -34.68 24.32
C ASP A 348 -17.31 -34.50 25.51
N TYR A 349 -17.97 -33.35 25.57
CA TYR A 349 -18.88 -33.03 26.68
C TYR A 349 -20.32 -33.39 26.31
N SER A 350 -20.52 -34.68 26.02
CA SER A 350 -21.82 -35.19 25.63
C SER A 350 -22.25 -36.45 26.36
N VAL A 351 -21.32 -37.20 26.95
CA VAL A 351 -21.68 -38.43 27.67
C VAL A 351 -22.27 -38.16 29.03
N LEU A 352 -22.24 -36.92 29.50
CA LEU A 352 -22.75 -36.56 30.81
C LEU A 352 -24.19 -36.07 30.79
N TYR A 353 -24.84 -36.10 29.61
CA TYR A 353 -26.22 -35.65 29.49
C TYR A 353 -27.19 -36.83 29.62
N ASN A 354 -27.17 -37.45 30.80
CA ASN A 354 -28.00 -38.62 31.06
C ASN A 354 -28.70 -38.62 32.42
N LEU A 355 -28.44 -37.64 33.29
CA LEU A 355 -29.06 -37.61 34.61
C LEU A 355 -29.84 -36.30 34.78
N ALA A 356 -31.03 -36.43 35.35
CA ALA A 356 -31.88 -35.31 35.79
C ALA A 356 -31.29 -34.42 36.89
N PRO A 357 -30.66 -34.94 38.01
CA PRO A 357 -30.34 -34.04 39.13
C PRO A 357 -29.27 -32.97 38.88
N PHE A 358 -28.76 -32.82 37.66
CA PHE A 358 -27.93 -31.67 37.32
C PHE A 358 -28.81 -30.42 37.39
N PHE A 359 -28.50 -29.57 38.37
CA PHE A 359 -29.29 -28.37 38.63
C PHE A 359 -28.48 -27.08 38.56
N THR A 360 -27.18 -27.16 38.30
CA THR A 360 -26.31 -25.99 38.25
C THR A 360 -26.00 -25.55 36.82
N PHE A 361 -26.99 -25.63 35.92
CA PHE A 361 -26.77 -25.28 34.53
C PHE A 361 -26.58 -23.79 34.30
N LYS A 362 -26.79 -22.95 35.31
CA LYS A 362 -26.43 -21.54 35.20
C LYS A 362 -24.93 -21.41 34.98
N CYS A 363 -24.54 -20.84 33.84
CA CYS A 363 -23.14 -20.86 33.42
C CYS A 363 -22.78 -19.45 32.99
N TYR A 364 -21.72 -18.90 33.59
CA TYR A 364 -21.48 -17.46 33.54
C TYR A 364 -20.50 -17.08 32.44
N GLY A 365 -19.33 -17.72 32.41
CA GLY A 365 -18.34 -17.37 31.41
C GLY A 365 -18.76 -17.73 30.00
N VAL A 366 -19.37 -18.90 29.82
CA VAL A 366 -19.87 -19.34 28.52
C VAL A 366 -21.28 -19.86 28.69
N SER A 367 -21.85 -20.39 27.61
CA SER A 367 -23.17 -20.98 27.65
C SER A 367 -23.09 -22.50 27.65
N PRO A 368 -24.02 -23.19 28.31
CA PRO A 368 -24.08 -24.66 28.19
C PRO A 368 -24.35 -25.13 26.77
N THR A 369 -25.03 -24.33 25.95
CA THR A 369 -25.16 -24.66 24.54
C THR A 369 -23.83 -24.49 23.81
N LYS A 370 -23.01 -23.57 24.32
CA LYS A 370 -21.69 -23.27 23.70
C LYS A 370 -20.61 -24.12 24.36
N LEU A 371 -20.99 -25.24 24.99
CA LEU A 371 -20.01 -26.05 25.71
C LEU A 371 -19.07 -26.76 24.75
N ASN A 372 -19.62 -27.61 23.87
CA ASN A 372 -18.81 -28.29 22.86
C ASN A 372 -18.85 -27.52 21.54
N ASP A 373 -18.44 -26.24 21.62
CA ASP A 373 -18.50 -25.34 20.48
C ASP A 373 -17.14 -24.74 20.17
N LEU A 374 -16.39 -24.37 21.20
CA LEU A 374 -15.10 -23.71 21.03
C LEU A 374 -14.05 -24.45 21.83
N CYS A 375 -12.81 -24.33 21.40
CA CYS A 375 -11.69 -25.07 21.98
C CYS A 375 -11.18 -24.38 23.23
N PHE A 376 -10.84 -25.18 24.24
CA PHE A 376 -10.41 -24.68 25.54
C PHE A 376 -8.96 -25.07 25.79
N THR A 377 -8.26 -24.21 26.52
CA THR A 377 -6.81 -24.38 26.69
C THR A 377 -6.48 -25.38 27.79
N ASN A 378 -6.87 -25.07 29.03
CA ASN A 378 -6.51 -25.88 30.19
C ASN A 378 -7.67 -25.86 31.19
N VAL A 379 -8.40 -26.96 31.24
CA VAL A 379 -9.56 -27.05 32.14
C VAL A 379 -9.08 -27.18 33.57
N TYR A 380 -9.75 -26.48 34.48
CA TYR A 380 -9.42 -26.46 35.90
C TYR A 380 -10.58 -27.07 36.66
N ALA A 381 -10.36 -28.23 37.27
CA ALA A 381 -11.40 -28.99 37.96
C ALA A 381 -11.05 -29.08 39.44
N ASP A 382 -12.00 -28.69 40.29
CA ASP A 382 -11.82 -28.85 41.73
C ASP A 382 -12.97 -29.70 42.28
N SER A 383 -12.61 -30.83 42.89
CA SER A 383 -13.59 -31.80 43.37
C SER A 383 -13.79 -31.63 44.87
N PHE A 384 -15.03 -31.39 45.27
CA PHE A 384 -15.43 -31.13 46.66
C PHE A 384 -16.95 -31.25 46.72
N VAL A 385 -17.52 -31.04 47.91
CA VAL A 385 -18.95 -31.21 48.13
C VAL A 385 -19.47 -30.00 48.90
N ILE A 386 -20.48 -29.34 48.35
CA ILE A 386 -21.14 -28.20 48.98
C ILE A 386 -22.64 -28.45 48.99
N ARG A 387 -23.28 -28.15 50.11
CA ARG A 387 -24.73 -28.24 50.19
C ARG A 387 -25.40 -27.23 49.27
N GLY A 388 -26.64 -27.54 48.88
CA GLY A 388 -27.41 -26.62 48.06
C GLY A 388 -27.99 -25.45 48.83
N ASP A 389 -27.86 -25.45 50.16
CA ASP A 389 -28.29 -24.30 50.95
C ASP A 389 -27.45 -23.08 50.59
N GLU A 390 -26.14 -23.27 50.41
CA GLU A 390 -25.23 -22.20 50.03
C GLU A 390 -24.66 -22.40 48.64
N VAL A 391 -25.39 -23.09 47.75
CA VAL A 391 -24.92 -23.24 46.38
C VAL A 391 -25.10 -21.94 45.61
N ARG A 392 -26.00 -21.06 46.06
CA ARG A 392 -26.12 -19.75 45.44
C ARG A 392 -25.02 -18.81 45.91
N GLN A 393 -24.36 -19.14 47.02
CA GLN A 393 -23.19 -18.39 47.46
C GLN A 393 -21.94 -18.75 46.67
N ILE A 394 -21.98 -19.86 45.92
CA ILE A 394 -20.85 -20.28 45.11
C ILE A 394 -20.65 -19.31 43.94
N ALA A 395 -21.74 -18.67 43.49
CA ALA A 395 -21.78 -17.76 42.35
C ALA A 395 -20.81 -16.59 42.53
N PRO A 396 -20.17 -16.12 41.46
CA PRO A 396 -19.17 -15.05 41.60
C PRO A 396 -19.79 -13.74 42.07
N GLY A 397 -19.00 -12.97 42.82
CA GLY A 397 -19.47 -11.75 43.44
C GLY A 397 -20.27 -11.96 44.71
N GLN A 398 -20.26 -13.16 45.27
CA GLN A 398 -21.03 -13.49 46.45
C GLN A 398 -20.14 -14.12 47.52
N THR A 399 -20.52 -13.91 48.78
CA THR A 399 -19.86 -14.51 49.93
C THR A 399 -20.93 -15.23 50.74
N GLY A 400 -20.48 -15.79 51.86
CA GLY A 400 -21.37 -16.56 52.75
C GLY A 400 -20.61 -16.85 54.03
N ASN A 401 -20.56 -18.12 54.47
CA ASN A 401 -19.77 -18.47 55.67
C ASN A 401 -18.85 -19.64 55.35
N ILE A 402 -19.42 -20.74 54.86
CA ILE A 402 -18.61 -21.93 54.48
C ILE A 402 -17.68 -21.47 53.36
N ALA A 403 -18.22 -20.72 52.40
CA ALA A 403 -17.38 -20.14 51.33
C ALA A 403 -16.43 -19.10 51.93
N ASP A 404 -16.93 -18.30 52.89
CA ASP A 404 -16.10 -17.20 53.43
C ASP A 404 -14.87 -17.77 54.12
N TYR A 405 -14.91 -19.06 54.46
CA TYR A 405 -13.78 -19.62 55.24
C TYR A 405 -12.92 -20.60 54.45
N ASN A 406 -13.46 -21.35 53.49
CA ASN A 406 -12.63 -22.38 52.88
C ASN A 406 -12.33 -22.13 51.41
N TYR A 407 -13.35 -21.97 50.58
CA TYR A 407 -13.16 -21.86 49.13
C TYR A 407 -13.62 -20.49 48.66
N LYS A 408 -12.93 -19.98 47.64
CA LYS A 408 -13.26 -18.71 47.02
C LYS A 408 -13.26 -18.87 45.51
N LEU A 409 -14.02 -18.00 44.83
CA LEU A 409 -14.15 -18.05 43.40
C LEU A 409 -13.90 -16.67 42.81
N PRO A 410 -13.28 -16.59 41.63
CA PRO A 410 -13.05 -15.29 41.00
C PRO A 410 -14.35 -14.66 40.52
N ASP A 411 -14.36 -13.32 40.46
CA ASP A 411 -15.51 -12.60 39.95
C ASP A 411 -15.74 -12.90 38.47
N ASP A 412 -14.66 -12.96 37.70
CA ASP A 412 -14.73 -13.39 36.30
C ASP A 412 -14.66 -14.91 36.24
N PHE A 413 -15.78 -15.54 36.58
CA PHE A 413 -15.84 -16.99 36.69
C PHE A 413 -15.81 -17.64 35.32
N THR A 414 -14.61 -17.88 34.80
CA THR A 414 -14.42 -18.50 33.49
C THR A 414 -14.63 -20.01 33.65
N GLY A 415 -15.88 -20.42 33.51
CA GLY A 415 -16.27 -21.82 33.69
C GLY A 415 -17.55 -21.92 34.51
N CYS A 416 -18.03 -23.15 34.67
CA CYS A 416 -19.25 -23.42 35.41
C CYS A 416 -19.31 -24.89 35.83
N VAL A 417 -20.20 -25.16 36.77
CA VAL A 417 -20.19 -26.39 37.57
C VAL A 417 -21.40 -27.25 37.21
N ILE A 418 -21.18 -28.57 37.20
CA ILE A 418 -22.25 -29.56 37.10
C ILE A 418 -22.22 -30.42 38.35
N ALA A 419 -23.39 -30.65 38.94
CA ALA A 419 -23.48 -31.35 40.22
C ALA A 419 -24.86 -32.02 40.35
N TRP A 420 -24.90 -33.15 41.05
CA TRP A 420 -26.16 -33.84 41.33
C TRP A 420 -26.28 -34.09 42.83
N ASN A 421 -27.35 -34.76 43.27
CA ASN A 421 -27.57 -34.91 44.74
C ASN A 421 -26.54 -35.79 45.45
N SER A 422 -25.64 -35.18 46.24
CA SER A 422 -24.65 -35.95 47.04
C SER A 422 -25.31 -36.76 48.16
N ASN A 423 -26.36 -36.22 48.77
CA ASN A 423 -26.93 -36.89 49.96
C ASN A 423 -27.33 -38.31 49.61
N LYS A 424 -27.93 -38.51 48.43
CA LYS A 424 -28.31 -39.87 48.00
C LYS A 424 -27.05 -40.73 47.89
N LEU A 425 -25.98 -40.15 47.35
CA LEU A 425 -24.72 -40.92 47.15
C LEU A 425 -24.14 -41.39 48.49
N ASP A 426 -24.11 -40.53 49.53
CA ASP A 426 -23.46 -40.93 50.80
C ASP A 426 -24.24 -40.37 51.99
N SER A 427 -24.71 -41.25 52.90
CA SER A 427 -25.51 -40.81 54.05
C SER A 427 -26.03 -42.07 54.74
N LYS A 428 -25.40 -42.44 55.85
CA LYS A 428 -25.82 -43.62 56.58
C LYS A 428 -27.12 -43.35 57.34
N VAL A 429 -27.74 -44.43 57.81
CA VAL A 429 -29.06 -44.32 58.42
C VAL A 429 -28.98 -43.69 59.80
N SER A 430 -27.82 -43.73 60.44
CA SER A 430 -27.67 -43.10 61.74
C SER A 430 -27.38 -41.62 61.68
N GLY A 431 -27.31 -41.03 60.50
CA GLY A 431 -26.94 -39.64 60.34
C GLY A 431 -25.49 -39.50 59.95
N ASN A 432 -25.22 -38.89 58.81
CA ASN A 432 -23.86 -38.82 58.28
C ASN A 432 -23.02 -37.82 59.05
N TYR A 433 -22.47 -38.24 60.19
CA TYR A 433 -21.54 -37.41 60.95
C TYR A 433 -20.10 -37.58 60.48
N ASN A 434 -19.86 -38.41 59.47
CA ASN A 434 -18.49 -38.65 59.03
C ASN A 434 -17.92 -37.46 58.26
N TYR A 435 -18.78 -36.65 57.65
CA TYR A 435 -18.34 -35.46 56.96
C TYR A 435 -17.88 -34.41 57.95
N LEU A 436 -16.66 -33.89 57.72
CA LEU A 436 -16.05 -32.91 58.60
C LEU A 436 -15.79 -31.63 57.83
N TYR A 437 -15.87 -30.50 58.54
CA TYR A 437 -15.61 -29.21 57.92
C TYR A 437 -14.83 -28.36 58.90
N ARG A 438 -14.52 -27.12 58.48
CA ARG A 438 -13.85 -26.14 59.32
C ARG A 438 -14.58 -24.82 59.11
N LEU A 439 -14.83 -24.11 60.21
CA LEU A 439 -15.66 -22.91 60.14
C LEU A 439 -15.07 -21.75 60.94
N PHE A 440 -14.04 -22.00 61.75
CA PHE A 440 -13.53 -21.01 62.71
C PHE A 440 -12.10 -20.61 62.44
N ARG A 441 -11.76 -20.25 61.20
CA ARG A 441 -10.43 -19.75 60.90
C ARG A 441 -10.29 -18.30 61.37
N LYS A 442 -9.09 -17.75 61.18
CA LYS A 442 -8.80 -16.38 61.61
C LYS A 442 -9.59 -15.36 60.80
N SER A 443 -9.54 -15.47 59.48
CA SER A 443 -10.21 -14.49 58.62
C SER A 443 -10.56 -15.19 57.31
N ASN A 444 -10.90 -14.39 56.30
CA ASN A 444 -11.23 -14.89 54.98
C ASN A 444 -9.96 -15.16 54.18
N LEU A 445 -10.13 -15.41 52.88
CA LEU A 445 -9.01 -15.73 52.00
C LEU A 445 -9.31 -15.18 50.61
N LYS A 446 -8.27 -15.00 49.83
CA LYS A 446 -8.31 -14.56 48.44
C LYS A 446 -8.67 -15.74 47.53
N PRO A 447 -9.15 -15.46 46.31
CA PRO A 447 -9.42 -16.56 45.37
C PRO A 447 -8.18 -17.36 45.01
N PHE A 448 -8.38 -18.69 44.91
CA PHE A 448 -7.38 -19.67 44.48
C PHE A 448 -6.19 -19.73 45.45
N GLU A 449 -6.52 -19.88 46.73
CA GLU A 449 -5.55 -20.30 47.75
C GLU A 449 -6.25 -21.28 48.68
N ARG A 450 -5.44 -21.92 49.54
CA ARG A 450 -5.96 -22.90 50.48
C ARG A 450 -5.04 -22.97 51.69
N ASP A 451 -5.60 -23.40 52.82
CA ASP A 451 -4.85 -23.61 54.04
C ASP A 451 -5.39 -24.85 54.74
N ILE A 452 -4.49 -25.74 55.13
CA ILE A 452 -4.86 -27.00 55.80
C ILE A 452 -4.20 -26.98 57.18
N SER A 453 -4.96 -26.61 58.20
CA SER A 453 -4.48 -26.59 59.57
C SER A 453 -5.70 -26.61 60.49
N THR A 454 -5.44 -26.58 61.80
CA THR A 454 -6.51 -26.58 62.79
C THR A 454 -6.91 -25.17 63.23
N GLU A 455 -5.95 -24.28 63.46
CA GLU A 455 -6.16 -22.86 63.78
C GLU A 455 -7.05 -22.69 65.02
N ILE A 456 -6.53 -23.14 66.15
CA ILE A 456 -7.16 -22.89 67.44
C ILE A 456 -7.10 -21.39 67.71
N TYR A 457 -8.27 -20.75 67.78
CA TYR A 457 -8.38 -19.30 67.78
C TYR A 457 -8.52 -18.79 69.21
N GLN A 458 -7.77 -17.74 69.54
CA GLN A 458 -7.90 -17.08 70.84
C GLN A 458 -8.90 -15.96 70.75
N ALA A 459 -10.02 -16.10 71.49
CA ALA A 459 -11.12 -15.14 71.40
C ALA A 459 -10.92 -13.95 72.32
N GLY A 460 -10.84 -14.20 73.63
CA GLY A 460 -10.71 -13.14 74.60
C GLY A 460 -9.28 -12.68 74.77
N ASN A 461 -9.10 -11.76 75.72
CA ASN A 461 -7.77 -11.23 76.05
C ASN A 461 -7.08 -12.06 77.12
N LYS A 462 -7.00 -13.37 76.87
CA LYS A 462 -6.39 -14.32 77.79
C LYS A 462 -5.43 -15.23 77.01
N PRO A 463 -4.34 -15.69 77.64
CA PRO A 463 -3.39 -16.55 76.93
C PRO A 463 -3.98 -17.92 76.66
N CYS A 464 -3.89 -18.35 75.40
CA CYS A 464 -4.43 -19.64 74.98
C CYS A 464 -3.63 -20.12 73.78
N ASN A 465 -2.84 -21.18 73.97
CA ASN A 465 -2.05 -21.76 72.88
C ASN A 465 -1.93 -23.26 73.16
N GLY A 466 -2.65 -24.06 72.39
CA GLY A 466 -2.63 -25.50 72.53
C GLY A 466 -3.53 -26.06 73.61
N VAL A 467 -4.30 -25.21 74.29
CA VAL A 467 -5.19 -25.65 75.35
C VAL A 467 -6.63 -25.57 74.85
N ALA A 468 -7.55 -26.10 75.66
CA ALA A 468 -8.96 -26.11 75.34
C ALA A 468 -9.76 -25.44 76.46
N GLY A 469 -10.92 -24.90 76.08
CA GLY A 469 -11.80 -24.21 77.00
C GLY A 469 -12.35 -22.95 76.38
N PHE A 470 -12.70 -22.00 77.23
CA PHE A 470 -13.18 -20.70 76.75
C PHE A 470 -12.05 -19.94 76.07
N ASN A 471 -12.39 -19.26 74.97
CA ASN A 471 -11.45 -18.59 74.05
C ASN A 471 -10.44 -19.57 73.44
N CYS A 472 -10.77 -20.86 73.43
CA CYS A 472 -9.92 -21.90 72.88
C CYS A 472 -10.78 -22.87 72.08
N TYR A 473 -11.66 -22.31 71.24
CA TYR A 473 -12.74 -23.06 70.62
C TYR A 473 -12.19 -24.05 69.59
N PHE A 474 -12.99 -25.07 69.29
CA PHE A 474 -12.60 -26.15 68.39
C PHE A 474 -13.21 -25.90 67.03
N PRO A 475 -12.40 -25.59 66.00
CA PRO A 475 -12.97 -25.27 64.69
C PRO A 475 -13.51 -26.49 63.94
N LEU A 476 -13.00 -27.67 64.26
CA LEU A 476 -13.40 -28.87 63.54
C LEU A 476 -14.76 -29.35 64.02
N ARG A 477 -15.72 -29.37 63.09
CA ARG A 477 -17.08 -29.80 63.40
C ARG A 477 -17.56 -30.73 62.29
N SER A 478 -18.83 -31.11 62.36
CA SER A 478 -19.39 -32.09 61.44
C SER A 478 -20.83 -31.77 61.08
N TYR A 479 -21.22 -32.22 59.89
CA TYR A 479 -22.61 -32.19 59.44
C TYR A 479 -23.34 -33.45 59.88
N SER A 480 -24.58 -33.59 59.42
CA SER A 480 -25.40 -34.76 59.74
C SER A 480 -26.45 -34.91 58.63
N PHE A 481 -26.33 -35.96 57.83
CA PHE A 481 -27.27 -36.24 56.75
C PHE A 481 -28.02 -37.52 57.08
N ARG A 482 -29.11 -37.39 57.83
CA ARG A 482 -29.99 -38.50 58.11
C ARG A 482 -30.85 -38.80 56.89
N PRO A 483 -31.46 -40.00 56.83
CA PRO A 483 -32.42 -40.27 55.74
C PRO A 483 -33.62 -39.32 55.72
N THR A 484 -34.03 -38.79 56.87
CA THR A 484 -35.12 -37.84 56.94
C THR A 484 -34.65 -36.39 56.97
N TYR A 485 -33.49 -36.09 56.36
CA TYR A 485 -32.95 -34.75 56.42
C TYR A 485 -33.63 -33.88 55.36
N GLY A 486 -33.74 -32.59 55.65
CA GLY A 486 -34.48 -31.70 54.78
C GLY A 486 -33.77 -31.46 53.46
N VAL A 487 -34.58 -31.40 52.39
CA VAL A 487 -34.05 -31.16 51.05
C VAL A 487 -33.67 -29.69 50.93
N GLY A 488 -32.81 -29.37 49.96
CA GLY A 488 -32.28 -28.03 49.86
C GLY A 488 -30.99 -27.88 50.63
N HIS A 489 -31.01 -28.32 51.89
CA HIS A 489 -29.80 -28.34 52.70
C HIS A 489 -28.96 -29.59 52.49
N GLN A 490 -29.44 -30.53 51.67
CA GLN A 490 -28.70 -31.75 51.41
C GLN A 490 -27.44 -31.45 50.59
N PRO A 491 -26.38 -32.23 50.74
CA PRO A 491 -25.16 -31.97 50.00
C PRO A 491 -25.29 -32.34 48.52
N TYR A 492 -24.37 -31.80 47.72
CA TYR A 492 -24.31 -32.04 46.29
C TYR A 492 -22.86 -32.26 45.88
N ARG A 493 -22.68 -32.99 44.77
CA ARG A 493 -21.35 -33.31 44.26
C ARG A 493 -20.83 -32.14 43.44
N VAL A 494 -20.51 -31.05 44.13
CA VAL A 494 -20.19 -29.77 43.49
C VAL A 494 -18.73 -29.84 43.06
N VAL A 495 -18.50 -30.32 41.85
CA VAL A 495 -17.17 -30.35 41.25
C VAL A 495 -17.12 -29.21 40.25
N VAL A 496 -16.40 -28.14 40.61
CA VAL A 496 -16.39 -26.94 39.79
C VAL A 496 -15.45 -27.12 38.60
N LEU A 497 -15.97 -26.90 37.40
CA LEU A 497 -15.18 -26.93 36.19
C LEU A 497 -14.90 -25.52 35.70
N SER A 498 -13.62 -25.18 35.57
CA SER A 498 -13.22 -23.88 35.09
C SER A 498 -12.19 -24.07 33.99
N PHE A 499 -11.96 -23.01 33.20
CA PHE A 499 -11.04 -23.10 32.08
C PHE A 499 -10.53 -21.71 31.74
N GLU A 500 -9.28 -21.64 31.31
CA GLU A 500 -8.71 -20.41 30.78
C GLU A 500 -8.79 -20.45 29.26
N LEU A 501 -8.84 -19.27 28.63
CA LEU A 501 -9.04 -19.19 27.19
C LEU A 501 -7.93 -18.37 26.55
N LEU A 502 -7.42 -18.87 25.42
CA LEU A 502 -6.42 -18.18 24.59
C LEU A 502 -5.14 -17.87 25.35
N HIS A 503 -4.72 -18.80 26.20
CA HIS A 503 -3.47 -18.63 26.93
C HIS A 503 -2.54 -19.84 26.80
N ALA A 504 -3.08 -21.05 26.79
CA ALA A 504 -2.30 -22.28 26.71
C ALA A 504 -2.62 -22.97 25.39
N PRO A 505 -1.92 -24.06 25.03
CA PRO A 505 -2.40 -24.90 23.92
C PRO A 505 -3.81 -25.39 24.14
N ALA A 506 -4.61 -25.35 23.08
CA ALA A 506 -6.06 -25.51 23.20
C ALA A 506 -6.59 -26.62 22.31
N THR A 507 -5.99 -27.80 22.38
CA THR A 507 -6.45 -28.94 21.59
C THR A 507 -7.65 -29.65 22.20
N VAL A 508 -8.21 -29.13 23.29
CA VAL A 508 -9.31 -29.81 23.98
C VAL A 508 -10.61 -29.32 23.34
N CYS A 509 -10.96 -29.95 22.23
CA CYS A 509 -12.24 -29.74 21.54
C CYS A 509 -12.48 -30.94 20.63
N GLY A 510 -13.75 -31.13 20.24
CA GLY A 510 -14.21 -32.39 19.74
C GLY A 510 -14.59 -32.45 18.27
N PRO A 511 -15.89 -32.29 17.97
CA PRO A 511 -16.46 -32.85 16.74
C PRO A 511 -16.00 -32.24 15.44
N LYS A 512 -16.14 -33.02 14.37
CA LYS A 512 -15.67 -32.67 13.03
C LYS A 512 -16.62 -33.31 12.01
N LYS A 513 -16.16 -33.39 10.76
CA LYS A 513 -16.95 -34.00 9.69
C LYS A 513 -16.11 -35.07 9.01
N SER A 514 -16.74 -35.86 8.14
CA SER A 514 -16.03 -36.90 7.40
C SER A 514 -16.79 -37.24 6.13
N THR A 515 -16.08 -37.81 5.16
CA THR A 515 -16.65 -38.23 3.89
C THR A 515 -15.82 -39.42 3.38
N ASN A 516 -16.50 -40.38 2.74
CA ASN A 516 -15.88 -41.62 2.31
C ASN A 516 -14.92 -41.44 1.13
N LEU A 517 -14.34 -42.55 0.67
CA LEU A 517 -13.33 -42.56 -0.39
C LEU A 517 -14.00 -42.67 -1.75
N VAL A 518 -13.87 -41.65 -2.58
CA VAL A 518 -14.35 -41.66 -3.96
C VAL A 518 -13.21 -41.23 -4.88
N LYS A 519 -12.52 -42.20 -5.46
CA LYS A 519 -11.31 -41.95 -6.24
C LYS A 519 -11.65 -41.42 -7.63
N ASN A 520 -10.88 -40.42 -8.07
CA ASN A 520 -10.91 -39.89 -9.44
C ASN A 520 -12.29 -39.35 -9.82
N LYS A 521 -12.93 -38.67 -8.87
CA LYS A 521 -14.19 -38.00 -9.12
C LYS A 521 -14.15 -36.66 -8.43
N CYS A 522 -14.86 -35.68 -9.00
CA CYS A 522 -14.79 -34.30 -8.51
C CYS A 522 -15.50 -34.15 -7.17
N VAL A 523 -14.95 -34.78 -6.14
CA VAL A 523 -15.44 -34.69 -4.78
C VAL A 523 -14.30 -34.21 -3.89
N ASN A 524 -14.66 -33.51 -2.82
CA ASN A 524 -13.67 -32.86 -1.96
C ASN A 524 -13.51 -33.56 -0.61
N PHE A 525 -13.86 -34.88 -0.51
CA PHE A 525 -13.87 -35.64 0.78
C PHE A 525 -12.57 -35.43 1.54
N ASN A 526 -12.51 -34.41 2.39
CA ASN A 526 -11.22 -34.08 3.05
C ASN A 526 -11.21 -34.28 4.57
N PHE A 527 -12.32 -34.71 5.20
CA PHE A 527 -12.30 -35.09 6.64
C PHE A 527 -11.63 -34.05 7.55
N ASN A 528 -12.14 -32.82 7.62
CA ASN A 528 -11.64 -31.83 8.63
C ASN A 528 -10.15 -31.43 8.58
N GLY A 529 -9.70 -30.69 7.55
CA GLY A 529 -8.31 -30.17 7.52
C GLY A 529 -8.15 -28.71 7.10
N LEU A 530 -7.42 -28.44 6.01
CA LEU A 530 -7.14 -27.02 5.58
C LEU A 530 -7.83 -26.70 4.24
N LYS A 531 -8.36 -25.48 4.06
CA LYS A 531 -9.14 -25.10 2.85
C LYS A 531 -8.57 -25.73 1.59
N GLY A 532 -9.41 -26.29 0.71
CA GLY A 532 -8.88 -26.84 -0.53
C GLY A 532 -9.91 -27.60 -1.35
N THR A 533 -9.88 -27.39 -2.67
CA THR A 533 -10.79 -28.07 -3.60
C THR A 533 -9.97 -28.92 -4.56
N GLY A 534 -10.68 -29.72 -5.38
CA GLY A 534 -10.04 -30.48 -6.43
C GLY A 534 -10.46 -31.92 -6.40
N VAL A 535 -9.57 -32.78 -6.92
CA VAL A 535 -9.83 -34.21 -7.08
C VAL A 535 -8.68 -34.98 -6.45
N LEU A 536 -9.00 -36.16 -5.92
CA LEU A 536 -8.03 -37.03 -5.27
C LEU A 536 -7.57 -38.09 -6.27
N THR A 537 -6.26 -38.15 -6.53
CA THR A 537 -5.69 -39.16 -7.40
C THR A 537 -4.51 -39.85 -6.74
N GLU A 538 -3.79 -40.67 -7.51
CA GLU A 538 -2.71 -41.50 -7.00
C GLU A 538 -1.40 -41.12 -7.67
N SER A 539 -0.33 -41.07 -6.88
CA SER A 539 1.01 -40.77 -7.38
C SER A 539 1.96 -41.88 -6.96
N ASN A 540 3.01 -42.08 -7.75
CA ASN A 540 3.95 -43.18 -7.56
C ASN A 540 5.19 -42.79 -6.77
N LYS A 541 5.26 -41.57 -6.25
CA LYS A 541 6.44 -41.12 -5.54
C LYS A 541 6.47 -41.67 -4.11
N LYS A 542 7.60 -41.46 -3.44
CA LYS A 542 7.78 -41.88 -2.06
C LYS A 542 8.01 -40.66 -1.18
N PHE A 543 7.32 -40.59 -0.05
CA PHE A 543 7.41 -39.47 0.87
C PHE A 543 8.42 -39.74 1.98
N LEU A 544 8.40 -38.86 2.97
CA LEU A 544 9.03 -39.05 4.26
C LEU A 544 7.91 -38.90 5.28
N PRO A 545 8.01 -39.48 6.48
CA PRO A 545 6.84 -39.52 7.37
C PRO A 545 6.44 -38.20 8.01
N PHE A 546 6.99 -37.06 7.59
CA PHE A 546 6.68 -35.79 8.25
C PHE A 546 6.21 -34.68 7.32
N GLN A 547 5.95 -34.97 6.04
CA GLN A 547 5.36 -33.96 5.17
C GLN A 547 3.85 -34.16 5.11
N GLN A 548 3.11 -33.06 5.17
CA GLN A 548 1.65 -33.09 5.08
C GLN A 548 1.14 -32.31 3.87
N PHE A 549 1.63 -31.09 3.66
CA PHE A 549 1.21 -30.27 2.54
C PHE A 549 1.99 -30.65 1.28
N GLY A 550 1.84 -29.84 0.24
CA GLY A 550 2.57 -30.05 -0.99
C GLY A 550 2.66 -28.77 -1.78
N ARG A 551 3.85 -28.54 -2.35
CA ARG A 551 4.09 -27.35 -3.17
C ARG A 551 4.77 -27.82 -4.46
N ASP A 552 5.09 -26.85 -5.32
CA ASP A 552 5.73 -27.14 -6.60
C ASP A 552 6.50 -25.88 -7.01
N ILE A 553 6.85 -25.81 -8.30
CA ILE A 553 7.54 -24.64 -8.83
C ILE A 553 6.65 -23.40 -8.71
N ALA A 554 5.37 -23.55 -9.04
CA ALA A 554 4.43 -22.44 -8.92
C ALA A 554 3.79 -22.35 -7.54
N ASP A 555 4.36 -23.03 -6.54
CA ASP A 555 3.82 -23.12 -5.18
C ASP A 555 2.39 -23.67 -5.19
N THR A 556 2.18 -24.70 -6.00
CA THR A 556 0.89 -25.34 -6.16
C THR A 556 0.96 -26.78 -5.69
N THR A 557 -0.15 -27.29 -5.16
CA THR A 557 -0.16 -28.61 -4.56
C THR A 557 -0.04 -29.70 -5.64
N ASP A 558 0.96 -30.56 -5.48
CA ASP A 558 1.22 -31.64 -6.42
C ASP A 558 1.44 -33.00 -5.77
N ALA A 559 1.68 -33.05 -4.46
CA ALA A 559 1.93 -34.32 -3.77
C ALA A 559 1.34 -34.24 -2.37
N VAL A 560 0.55 -35.25 -2.03
CA VAL A 560 -0.34 -35.19 -0.87
C VAL A 560 -0.20 -36.44 -0.01
N ARG A 561 0.04 -36.24 1.28
CA ARG A 561 0.04 -37.31 2.27
C ARG A 561 -1.39 -37.71 2.59
N ASP A 562 -1.66 -39.02 2.49
CA ASP A 562 -3.03 -39.55 2.74
C ASP A 562 -3.44 -39.20 4.16
N PRO A 563 -4.58 -38.52 4.36
CA PRO A 563 -4.97 -38.09 5.69
C PRO A 563 -4.96 -39.36 6.54
N GLN A 564 -5.34 -40.51 5.97
CA GLN A 564 -5.42 -41.71 6.83
C GLN A 564 -4.17 -42.59 6.68
N THR A 565 -4.21 -43.68 5.90
CA THR A 565 -3.14 -44.65 5.69
C THR A 565 -1.91 -43.95 5.14
N LEU A 566 -0.89 -44.74 4.81
CA LEU A 566 0.40 -44.22 4.39
C LEU A 566 0.57 -44.22 2.86
N GLU A 567 -0.53 -44.23 2.11
CA GLU A 567 -0.41 -44.13 0.66
C GLU A 567 -0.11 -42.69 0.26
N ILE A 568 0.36 -42.53 -0.98
CA ILE A 568 0.74 -41.23 -1.51
C ILE A 568 -0.37 -40.76 -2.44
N LEU A 569 -0.88 -39.56 -2.20
CA LEU A 569 -1.96 -39.01 -3.00
C LEU A 569 -1.49 -37.87 -3.88
N ASP A 570 -2.18 -37.69 -5.00
CA ASP A 570 -1.93 -36.56 -5.88
C ASP A 570 -3.23 -35.79 -6.06
N ILE A 571 -3.17 -34.48 -5.88
CA ILE A 571 -4.32 -33.61 -6.07
C ILE A 571 -3.95 -32.51 -7.06
N THR A 572 -4.75 -32.38 -8.11
CA THR A 572 -4.67 -31.27 -9.05
C THR A 572 -5.89 -30.38 -8.84
N PRO A 573 -5.79 -29.09 -9.17
CA PRO A 573 -6.96 -28.22 -9.06
C PRO A 573 -8.02 -28.55 -10.09
N CYS A 574 -9.04 -27.69 -10.07
CA CYS A 574 -10.20 -27.88 -10.95
C CYS A 574 -9.76 -27.86 -12.41
N SER A 575 -10.28 -28.78 -13.23
CA SER A 575 -10.03 -28.72 -14.67
C SER A 575 -10.85 -27.60 -15.31
N PHE A 576 -10.28 -27.01 -16.36
CA PHE A 576 -10.97 -25.89 -17.04
C PHE A 576 -10.59 -25.87 -18.51
N GLY A 577 -10.69 -24.71 -19.12
CA GLY A 577 -10.25 -24.53 -20.49
C GLY A 577 -10.48 -23.10 -20.93
N GLY A 578 -10.33 -22.90 -22.24
CA GLY A 578 -10.61 -21.62 -22.85
C GLY A 578 -11.66 -21.75 -23.94
N VAL A 579 -12.82 -21.15 -23.70
CA VAL A 579 -13.93 -21.18 -24.65
C VAL A 579 -13.63 -20.13 -25.72
N SER A 580 -13.45 -20.58 -26.96
CA SER A 580 -13.27 -19.71 -28.10
C SER A 580 -14.34 -20.06 -29.12
N VAL A 581 -15.02 -19.06 -29.65
CA VAL A 581 -16.12 -19.27 -30.56
C VAL A 581 -15.65 -18.95 -31.98
N ILE A 582 -16.25 -19.64 -32.95
CA ILE A 582 -15.97 -19.43 -34.36
C ILE A 582 -17.28 -19.02 -35.00
N THR A 583 -17.50 -17.72 -35.13
CA THR A 583 -18.76 -17.23 -35.62
C THR A 583 -18.59 -16.55 -36.97
N PRO A 584 -19.55 -16.67 -37.88
CA PRO A 584 -19.60 -15.82 -39.06
C PRO A 584 -20.29 -14.49 -38.70
N GLY A 585 -20.54 -13.69 -39.73
CA GLY A 585 -21.21 -12.42 -39.51
C GLY A 585 -22.62 -12.60 -38.97
N THR A 586 -23.02 -11.67 -38.11
CA THR A 586 -24.36 -11.71 -37.51
C THR A 586 -25.44 -11.53 -38.57
N ASN A 587 -25.20 -10.64 -39.54
CA ASN A 587 -26.16 -10.44 -40.62
C ASN A 587 -26.23 -11.67 -41.52
N THR A 588 -25.09 -12.33 -41.75
CA THR A 588 -25.05 -13.45 -42.68
C THR A 588 -25.67 -14.71 -42.08
N SER A 589 -25.37 -15.01 -40.82
CA SER A 589 -25.77 -16.28 -40.25
C SER A 589 -26.00 -16.12 -38.76
N ASN A 590 -26.31 -17.25 -38.10
CA ASN A 590 -26.61 -17.26 -36.68
C ASN A 590 -25.98 -18.46 -35.97
N GLN A 591 -25.31 -19.37 -36.68
CA GLN A 591 -24.81 -20.60 -36.08
C GLN A 591 -23.37 -20.45 -35.65
N VAL A 592 -23.05 -21.00 -34.46
CA VAL A 592 -21.76 -20.80 -33.81
C VAL A 592 -21.14 -22.16 -33.52
N ALA A 593 -19.90 -22.36 -33.95
CA ALA A 593 -19.10 -23.53 -33.60
C ALA A 593 -18.05 -23.12 -32.59
N VAL A 594 -17.95 -23.88 -31.50
CA VAL A 594 -17.13 -23.52 -30.35
C VAL A 594 -15.91 -24.44 -30.29
N LEU A 595 -14.77 -23.85 -29.95
CA LEU A 595 -13.50 -24.57 -29.83
C LEU A 595 -13.10 -24.65 -28.36
N TYR A 596 -12.45 -25.74 -27.99
CA TYR A 596 -11.97 -25.93 -26.62
C TYR A 596 -10.46 -25.87 -26.62
N GLN A 597 -9.89 -25.01 -25.78
CA GLN A 597 -8.48 -24.62 -25.89
C GLN A 597 -7.61 -25.65 -25.18
N GLY A 598 -6.90 -26.46 -25.96
CA GLY A 598 -5.88 -27.35 -25.42
C GLY A 598 -6.40 -28.48 -24.57
N VAL A 599 -7.68 -28.83 -24.72
CA VAL A 599 -8.30 -29.85 -23.91
C VAL A 599 -8.81 -30.96 -24.82
N ASN A 600 -8.38 -32.18 -24.53
CA ASN A 600 -8.94 -33.35 -25.18
C ASN A 600 -10.42 -33.48 -24.84
N CYS A 601 -11.23 -33.80 -25.84
CA CYS A 601 -12.68 -33.79 -25.68
C CYS A 601 -13.25 -35.13 -25.25
N THR A 602 -12.48 -35.92 -24.51
CA THR A 602 -13.01 -37.11 -23.87
C THR A 602 -13.55 -36.83 -22.48
N GLU A 603 -13.20 -35.69 -21.88
CA GLU A 603 -13.70 -35.34 -20.55
C GLU A 603 -14.90 -34.41 -20.59
N VAL A 604 -15.16 -33.76 -21.73
CA VAL A 604 -16.27 -32.82 -21.81
C VAL A 604 -17.66 -33.43 -21.61
N PRO A 605 -18.04 -34.57 -22.22
CA PRO A 605 -19.47 -34.92 -22.19
C PRO A 605 -19.96 -35.42 -20.84
N VAL A 606 -19.07 -35.60 -19.86
CA VAL A 606 -19.48 -35.92 -18.50
C VAL A 606 -19.46 -34.67 -17.62
N ALA A 607 -18.51 -33.77 -17.86
CA ALA A 607 -18.39 -32.54 -17.08
C ALA A 607 -19.48 -31.52 -17.41
N ILE A 608 -20.27 -31.74 -18.45
CA ILE A 608 -21.37 -30.85 -18.78
C ILE A 608 -22.50 -31.05 -17.78
N HIS A 609 -23.09 -29.94 -17.33
CA HIS A 609 -24.17 -29.94 -16.36
C HIS A 609 -25.03 -28.71 -16.57
N ALA A 610 -26.22 -28.74 -15.98
CA ALA A 610 -27.13 -27.60 -16.05
C ALA A 610 -27.30 -26.98 -14.68
N ASP A 611 -27.24 -25.65 -14.62
CA ASP A 611 -27.38 -24.86 -13.39
C ASP A 611 -26.34 -25.26 -12.34
N GLN A 612 -25.13 -25.58 -12.80
CA GLN A 612 -24.04 -25.93 -11.89
C GLN A 612 -22.81 -25.09 -12.20
N LEU A 613 -22.70 -24.52 -13.40
CA LEU A 613 -21.55 -23.61 -13.58
C LEU A 613 -21.98 -22.30 -14.26
N THR A 614 -21.03 -21.37 -14.48
CA THR A 614 -21.34 -20.12 -15.21
C THR A 614 -21.74 -20.41 -16.66
N PRO A 615 -21.10 -21.31 -17.42
CA PRO A 615 -21.60 -21.66 -18.75
C PRO A 615 -22.75 -22.69 -18.56
N THR A 616 -23.99 -22.41 -19.04
CA THR A 616 -25.16 -23.24 -18.85
C THR A 616 -25.64 -23.92 -20.14
N TRP A 617 -24.84 -23.89 -21.20
CA TRP A 617 -25.24 -24.49 -22.46
C TRP A 617 -24.68 -25.90 -22.60
N ARG A 618 -25.46 -26.78 -23.22
CA ARG A 618 -25.17 -28.21 -23.20
C ARG A 618 -25.29 -28.90 -24.56
N VAL A 619 -25.99 -28.31 -25.54
CA VAL A 619 -26.35 -29.03 -26.75
C VAL A 619 -25.13 -29.23 -27.65
N TYR A 620 -24.10 -28.38 -27.49
CA TYR A 620 -22.98 -28.44 -28.41
C TYR A 620 -22.05 -29.61 -28.12
N SER A 621 -21.86 -29.97 -26.85
CA SER A 621 -20.96 -31.07 -26.50
C SER A 621 -21.48 -32.40 -27.04
N THR A 622 -22.78 -32.64 -26.91
CA THR A 622 -23.44 -33.73 -27.61
C THR A 622 -24.07 -33.25 -28.91
N GLY A 623 -23.27 -32.58 -29.75
CA GLY A 623 -23.80 -31.92 -30.93
C GLY A 623 -23.37 -32.51 -32.26
N SER A 624 -22.70 -31.70 -33.06
CA SER A 624 -22.32 -32.10 -34.41
C SER A 624 -21.09 -32.99 -34.38
N ASN A 625 -20.52 -33.29 -35.54
CA ASN A 625 -19.40 -34.21 -35.63
C ASN A 625 -18.14 -33.58 -35.04
N VAL A 626 -17.61 -34.27 -34.03
CA VAL A 626 -16.46 -33.79 -33.26
C VAL A 626 -15.21 -33.97 -34.11
N PHE A 627 -14.18 -33.18 -33.81
CA PHE A 627 -12.91 -33.25 -34.51
C PHE A 627 -11.87 -32.58 -33.62
N GLN A 628 -10.77 -33.28 -33.33
CA GLN A 628 -9.76 -32.79 -32.41
C GLN A 628 -8.45 -32.55 -33.13
N THR A 629 -7.71 -31.55 -32.68
CA THR A 629 -6.41 -31.22 -33.26
C THR A 629 -5.45 -30.80 -32.16
N ARG A 630 -4.25 -30.33 -32.54
CA ARG A 630 -3.24 -29.92 -31.59
C ARG A 630 -3.67 -28.72 -30.75
N ALA A 631 -4.51 -27.84 -31.28
CA ALA A 631 -5.07 -26.74 -30.53
C ALA A 631 -6.18 -27.18 -29.59
N GLY A 632 -6.86 -28.27 -29.90
CA GLY A 632 -7.93 -28.79 -29.09
C GLY A 632 -8.97 -29.52 -29.92
N CYS A 633 -10.13 -29.75 -29.30
CA CYS A 633 -11.23 -30.44 -29.93
C CYS A 633 -12.36 -29.46 -30.22
N LEU A 634 -12.48 -29.07 -31.49
CA LEU A 634 -13.54 -28.15 -31.90
C LEU A 634 -14.77 -28.93 -32.30
N ILE A 635 -15.93 -28.46 -31.85
CA ILE A 635 -17.21 -29.14 -32.03
C ILE A 635 -18.17 -28.19 -32.73
N GLY A 636 -19.07 -28.76 -33.52
CA GLY A 636 -20.01 -27.97 -34.27
C GLY A 636 -19.70 -27.79 -35.74
N ALA A 637 -18.50 -28.15 -36.19
CA ALA A 637 -18.11 -28.02 -37.58
C ALA A 637 -17.51 -29.32 -38.07
N GLU A 638 -17.88 -29.74 -39.27
CA GLU A 638 -17.39 -30.98 -39.86
C GLU A 638 -16.08 -30.72 -40.60
N TYR A 639 -15.19 -31.71 -40.57
CA TYR A 639 -13.87 -31.59 -41.18
C TYR A 639 -13.95 -32.12 -42.61
N VAL A 640 -13.83 -31.23 -43.59
CA VAL A 640 -13.70 -31.64 -44.98
C VAL A 640 -12.23 -31.88 -45.26
N ASN A 641 -11.92 -32.53 -46.39
CA ASN A 641 -10.54 -32.91 -46.71
C ASN A 641 -10.14 -32.42 -48.10
N ASN A 642 -10.49 -31.17 -48.43
CA ASN A 642 -9.93 -30.50 -49.57
C ASN A 642 -9.45 -29.12 -49.14
N SER A 643 -8.26 -28.75 -49.61
CA SER A 643 -7.57 -27.57 -49.11
C SER A 643 -7.93 -26.36 -49.98
N TYR A 644 -8.36 -25.28 -49.32
CA TYR A 644 -8.64 -24.02 -49.97
C TYR A 644 -7.71 -22.96 -49.40
N GLU A 645 -7.96 -21.70 -49.79
CA GLU A 645 -7.33 -20.58 -49.10
C GLU A 645 -8.27 -20.07 -48.01
N CYS A 646 -7.78 -20.04 -46.78
CA CYS A 646 -8.65 -19.93 -45.62
C CYS A 646 -8.83 -18.48 -45.16
N ASP A 647 -10.03 -18.20 -44.64
CA ASP A 647 -10.39 -16.87 -44.17
C ASP A 647 -10.05 -16.67 -42.70
N ILE A 648 -10.67 -17.47 -41.83
CA ILE A 648 -10.49 -17.35 -40.38
C ILE A 648 -9.45 -18.38 -39.95
N PRO A 649 -8.38 -17.98 -39.28
CA PRO A 649 -7.43 -18.96 -38.76
C PRO A 649 -7.97 -19.67 -37.52
N ILE A 650 -7.46 -20.88 -37.29
CA ILE A 650 -7.86 -21.68 -36.14
C ILE A 650 -6.65 -21.91 -35.26
N GLY A 651 -5.62 -22.53 -35.82
CA GLY A 651 -4.43 -22.86 -35.05
C GLY A 651 -3.82 -24.18 -35.49
N ALA A 652 -2.48 -24.20 -35.59
CA ALA A 652 -1.70 -25.38 -35.98
C ALA A 652 -2.13 -25.93 -37.33
N GLY A 653 -2.40 -25.02 -38.28
CA GLY A 653 -2.68 -25.39 -39.65
C GLY A 653 -4.15 -25.49 -40.01
N ILE A 654 -5.05 -25.54 -39.04
CA ILE A 654 -6.48 -25.66 -39.31
C ILE A 654 -7.02 -24.28 -39.66
N CYS A 655 -8.05 -24.25 -40.50
CA CYS A 655 -8.75 -23.03 -40.85
C CYS A 655 -10.22 -23.36 -41.08
N ALA A 656 -11.08 -22.37 -40.89
CA ALA A 656 -12.51 -22.55 -41.07
C ALA A 656 -13.04 -21.58 -42.13
N SER A 657 -14.31 -21.73 -42.47
CA SER A 657 -14.99 -20.88 -43.44
C SER A 657 -16.49 -21.08 -43.29
N TYR A 658 -17.25 -20.48 -44.21
CA TYR A 658 -18.69 -20.67 -44.28
C TYR A 658 -19.01 -21.20 -45.67
N GLN A 659 -19.61 -22.39 -45.71
CA GLN A 659 -19.77 -23.12 -46.97
C GLN A 659 -21.23 -23.50 -47.16
N THR A 660 -21.66 -23.45 -48.42
CA THR A 660 -22.99 -23.93 -48.80
C THR A 660 -23.05 -25.45 -48.72
N SER A 673 -28.06 -26.77 -47.40
CA SER A 673 -28.09 -25.50 -46.67
C SER A 673 -26.67 -24.97 -46.45
N GLN A 674 -26.47 -24.30 -45.32
CA GLN A 674 -25.18 -23.72 -44.96
C GLN A 674 -24.72 -24.30 -43.63
N SER A 675 -23.43 -24.60 -43.54
CA SER A 675 -22.86 -25.12 -42.30
C SER A 675 -21.40 -24.70 -42.21
N ILE A 676 -20.90 -24.66 -40.98
CA ILE A 676 -19.51 -24.31 -40.73
C ILE A 676 -18.63 -25.50 -41.08
N ILE A 677 -17.58 -25.25 -41.87
CA ILE A 677 -16.61 -26.27 -42.24
C ILE A 677 -15.26 -25.88 -41.64
N ALA A 678 -14.40 -26.88 -41.46
CA ALA A 678 -13.04 -26.68 -41.01
C ALA A 678 -12.13 -27.61 -41.80
N TYR A 679 -10.96 -27.13 -42.20
CA TYR A 679 -10.10 -27.90 -43.08
C TYR A 679 -8.64 -27.52 -42.82
N THR A 680 -7.77 -28.02 -43.68
CA THR A 680 -6.35 -27.72 -43.64
C THR A 680 -6.05 -26.67 -44.72
N MET A 681 -5.45 -25.57 -44.31
CA MET A 681 -5.19 -24.47 -45.24
C MET A 681 -4.12 -24.86 -46.26
N SER A 682 -4.23 -24.25 -47.43
CA SER A 682 -3.32 -24.53 -48.54
C SER A 682 -2.38 -23.35 -48.71
N LEU A 683 -1.09 -23.65 -48.82
CA LEU A 683 -0.08 -22.60 -49.00
C LEU A 683 -0.11 -22.02 -50.41
N GLY A 684 -0.65 -22.75 -51.37
CA GLY A 684 -0.73 -22.25 -52.73
C GLY A 684 -0.78 -23.40 -53.71
N ALA A 685 -0.89 -23.04 -54.99
CA ALA A 685 -0.95 -24.02 -56.06
C ALA A 685 0.44 -24.56 -56.33
N GLU A 686 0.61 -25.87 -56.19
CA GLU A 686 1.90 -26.49 -56.39
C GLU A 686 2.27 -26.50 -57.87
N ASN A 687 3.50 -26.07 -58.17
CA ASN A 687 3.97 -25.94 -59.56
C ASN A 687 5.37 -26.55 -59.62
N SER A 688 5.59 -27.40 -60.63
CA SER A 688 6.90 -27.97 -60.83
C SER A 688 7.57 -27.37 -62.06
N VAL A 689 8.77 -26.82 -61.85
CA VAL A 689 9.53 -26.17 -62.91
C VAL A 689 10.60 -27.14 -63.38
N ALA A 690 10.61 -27.43 -64.68
CA ALA A 690 11.55 -28.37 -65.28
C ALA A 690 12.91 -27.70 -65.37
N TYR A 691 13.93 -28.40 -64.89
CA TYR A 691 15.29 -27.90 -64.99
C TYR A 691 16.11 -28.77 -65.93
N SER A 692 16.86 -28.11 -66.82
CA SER A 692 17.73 -28.82 -67.74
C SER A 692 18.93 -27.94 -68.05
N ASN A 693 20.10 -28.56 -68.11
CA ASN A 693 21.38 -27.91 -68.30
C ASN A 693 21.68 -27.50 -69.74
N ASN A 694 20.69 -27.48 -70.63
CA ASN A 694 20.87 -26.93 -71.97
C ASN A 694 19.65 -26.13 -72.44
N SER A 695 18.96 -25.46 -71.52
CA SER A 695 17.72 -24.80 -71.87
C SER A 695 17.57 -23.50 -71.11
N ILE A 696 16.97 -22.50 -71.77
CA ILE A 696 16.65 -21.22 -71.15
C ILE A 696 15.22 -20.86 -71.54
N ALA A 697 14.62 -19.95 -70.76
CA ALA A 697 13.28 -19.44 -71.03
C ALA A 697 13.36 -17.92 -71.15
N ILE A 698 13.08 -17.40 -72.33
CA ILE A 698 13.18 -15.97 -72.62
C ILE A 698 11.76 -15.46 -72.89
N PRO A 699 11.29 -14.46 -72.15
CA PRO A 699 9.96 -13.89 -72.44
C PRO A 699 9.96 -13.10 -73.74
N THR A 700 8.80 -13.07 -74.39
CA THR A 700 8.65 -12.38 -75.67
C THR A 700 7.67 -11.22 -75.59
N ASN A 701 7.11 -10.94 -74.42
CA ASN A 701 6.11 -9.89 -74.27
C ASN A 701 6.17 -9.38 -72.84
N PHE A 702 5.62 -8.19 -72.63
CA PHE A 702 5.68 -7.54 -71.33
C PHE A 702 4.33 -6.90 -71.01
N THR A 703 4.05 -6.79 -69.72
CA THR A 703 2.88 -6.09 -69.23
C THR A 703 3.30 -5.06 -68.20
N ILE A 704 2.58 -3.93 -68.18
CA ILE A 704 2.80 -2.86 -67.22
C ILE A 704 1.66 -2.88 -66.22
N SER A 705 1.98 -2.99 -64.94
CA SER A 705 0.98 -3.09 -63.89
C SER A 705 1.14 -1.95 -62.90
N VAL A 706 0.03 -1.62 -62.24
CA VAL A 706 -0.02 -0.54 -61.26
C VAL A 706 -0.53 -1.11 -59.94
N THR A 707 0.29 -1.02 -58.90
CA THR A 707 -0.06 -1.50 -57.57
C THR A 707 0.00 -0.33 -56.59
N THR A 708 -0.76 -0.45 -55.50
CA THR A 708 -0.84 0.59 -54.48
C THR A 708 -0.37 0.04 -53.14
N GLU A 709 0.11 0.95 -52.29
CA GLU A 709 0.47 0.63 -50.93
C GLU A 709 0.12 1.81 -50.03
N ILE A 710 -0.38 1.52 -48.84
CA ILE A 710 -1.00 2.52 -47.97
C ILE A 710 -0.22 2.56 -46.67
N LEU A 711 0.21 3.77 -46.26
CA LEU A 711 1.04 3.95 -45.08
C LEU A 711 0.44 5.05 -44.20
N PRO A 712 0.53 4.92 -42.87
CA PRO A 712 0.20 6.05 -42.01
C PRO A 712 1.39 6.98 -41.87
N VAL A 713 1.10 8.27 -41.66
CA VAL A 713 2.17 9.25 -41.53
C VAL A 713 2.06 9.95 -40.17
N SER A 714 0.85 10.08 -39.65
CA SER A 714 0.65 10.80 -38.40
C SER A 714 -0.69 10.40 -37.81
N MET A 715 -0.86 10.71 -36.52
CA MET A 715 -2.11 10.48 -35.81
C MET A 715 -2.63 11.80 -35.26
N THR A 716 -3.67 11.71 -34.43
CA THR A 716 -4.32 12.91 -33.93
C THR A 716 -3.66 13.39 -32.65
N LYS A 717 -3.44 14.70 -32.57
CA LYS A 717 -2.90 15.30 -31.36
C LYS A 717 -3.95 15.28 -30.25
N THR A 718 -3.48 15.27 -29.00
CA THR A 718 -4.37 15.25 -27.86
C THR A 718 -3.81 16.12 -26.76
N SER A 719 -4.67 16.86 -26.08
CA SER A 719 -4.30 17.63 -24.90
C SER A 719 -5.24 17.25 -23.75
N VAL A 720 -4.64 16.98 -22.59
CA VAL A 720 -5.38 16.55 -21.41
C VAL A 720 -5.16 17.55 -20.29
N ASP A 721 -6.26 17.92 -19.63
CA ASP A 721 -6.24 18.93 -18.55
C ASP A 721 -5.90 18.31 -17.18
N CYS A 722 -4.94 18.89 -16.47
CA CYS A 722 -4.47 18.32 -15.21
C CYS A 722 -5.64 18.07 -14.26
N THR A 723 -6.47 19.08 -14.09
CA THR A 723 -7.46 18.98 -13.02
C THR A 723 -8.91 18.80 -13.45
N MET A 724 -9.30 19.12 -14.67
CA MET A 724 -10.73 18.92 -14.94
C MET A 724 -10.99 17.43 -15.10
N TYR A 725 -9.94 16.63 -15.28
CA TYR A 725 -10.17 15.19 -15.32
C TYR A 725 -10.28 14.61 -13.92
N ILE A 726 -9.39 15.00 -13.01
CA ILE A 726 -9.30 14.36 -11.71
C ILE A 726 -10.25 15.00 -10.72
N CYS A 727 -10.13 16.31 -10.52
CA CYS A 727 -10.90 17.05 -9.54
C CYS A 727 -11.84 18.06 -10.19
N GLY A 728 -12.51 17.63 -11.25
CA GLY A 728 -13.33 18.55 -12.01
C GLY A 728 -14.56 18.99 -11.23
N ASP A 729 -14.98 20.24 -11.48
CA ASP A 729 -16.14 20.87 -10.83
C ASP A 729 -16.00 20.89 -9.31
N SER A 730 -14.77 21.05 -8.83
CA SER A 730 -14.50 21.14 -7.40
C SER A 730 -13.24 21.95 -7.17
N THR A 731 -13.14 22.55 -5.98
CA THR A 731 -11.98 23.37 -5.65
C THR A 731 -11.19 22.84 -4.46
N GLU A 732 -11.79 22.01 -3.61
CA GLU A 732 -11.07 21.46 -2.49
C GLU A 732 -10.12 20.34 -2.91
N CYS A 733 -10.42 19.65 -4.01
CA CYS A 733 -9.52 18.64 -4.53
C CYS A 733 -8.31 19.25 -5.21
N SER A 734 -8.41 20.50 -5.63
CA SER A 734 -7.28 21.15 -6.29
C SER A 734 -6.14 21.41 -5.31
N ASN A 735 -6.46 21.57 -4.03
CA ASN A 735 -5.41 21.75 -3.03
C ASN A 735 -4.74 20.42 -2.69
N LEU A 736 -5.52 19.34 -2.67
CA LEU A 736 -4.94 18.03 -2.32
C LEU A 736 -4.04 17.51 -3.42
N LEU A 737 -4.37 17.80 -4.68
CA LEU A 737 -3.57 17.33 -5.80
C LEU A 737 -2.26 18.09 -5.93
N LEU A 738 -2.18 19.29 -5.36
CA LEU A 738 -0.98 20.10 -5.51
C LEU A 738 0.21 19.50 -4.76
N GLN A 739 -0.06 18.79 -3.67
CA GLN A 739 1.02 18.23 -2.86
C GLN A 739 1.49 16.88 -3.35
N TYR A 740 0.93 16.34 -4.42
CA TYR A 740 1.42 15.07 -4.96
C TYR A 740 2.73 15.26 -5.71
N GLY A 741 3.00 16.47 -6.20
CA GLY A 741 4.25 16.74 -6.87
C GLY A 741 4.10 17.13 -8.32
N SER A 742 5.00 16.63 -9.17
CA SER A 742 5.04 16.98 -10.58
C SER A 742 4.50 15.88 -11.48
N PHE A 743 3.37 15.25 -11.19
CA PHE A 743 2.93 14.25 -12.18
C PHE A 743 2.30 15.03 -13.32
N CYS A 744 1.60 16.07 -12.94
CA CYS A 744 0.82 16.83 -13.93
C CYS A 744 1.73 17.53 -14.98
N THR A 745 2.83 18.13 -14.54
CA THR A 745 3.75 18.74 -15.52
C THR A 745 4.38 17.67 -16.39
N GLN A 746 4.75 16.51 -15.87
CA GLN A 746 5.31 15.50 -16.80
C GLN A 746 4.24 15.10 -17.82
N LEU A 747 2.99 14.93 -17.43
CA LEU A 747 2.02 14.57 -18.51
C LEU A 747 2.03 15.67 -19.55
N LYS A 748 1.94 16.93 -19.13
CA LYS A 748 1.82 17.95 -20.21
C LYS A 748 3.08 17.90 -21.05
N ARG A 749 4.25 17.80 -20.47
CA ARG A 749 5.44 17.86 -21.34
C ARG A 749 5.44 16.66 -22.28
N ALA A 750 5.13 15.46 -21.84
CA ALA A 750 5.20 14.34 -22.81
C ALA A 750 4.19 14.56 -23.93
N LEU A 751 2.98 14.95 -23.58
CA LEU A 751 1.98 15.06 -24.66
C LEU A 751 2.39 16.19 -25.60
N THR A 752 2.94 17.30 -25.11
CA THR A 752 3.39 18.37 -26.06
C THR A 752 4.52 17.85 -26.95
N GLY A 753 5.45 17.09 -26.44
CA GLY A 753 6.46 16.51 -27.34
C GLY A 753 5.87 15.59 -28.39
N ILE A 754 4.88 14.78 -28.04
CA ILE A 754 4.22 13.93 -29.07
C ILE A 754 3.53 14.83 -30.07
N ALA A 755 2.88 15.90 -29.65
CA ALA A 755 2.11 16.72 -30.58
C ALA A 755 2.97 17.58 -31.48
N VAL A 756 4.20 17.91 -31.12
CA VAL A 756 5.13 18.58 -32.01
C VAL A 756 5.59 17.64 -33.12
N GLU A 757 5.86 16.38 -32.77
CA GLU A 757 6.38 15.43 -33.75
C GLU A 757 5.36 15.08 -34.82
N GLN A 758 4.07 15.30 -34.56
CA GLN A 758 3.07 15.06 -35.60
C GLN A 758 3.22 16.06 -36.73
N ASP A 759 3.70 17.26 -36.45
CA ASP A 759 3.95 18.25 -37.48
C ASP A 759 5.37 18.16 -38.03
N LYS A 760 6.23 17.33 -37.44
CA LYS A 760 7.54 17.07 -38.04
C LYS A 760 7.47 15.91 -39.03
N ASN A 761 6.60 14.94 -38.77
CA ASN A 761 6.43 13.83 -39.71
C ASN A 761 5.83 14.31 -41.02
N THR A 762 4.84 15.20 -40.96
CA THR A 762 4.21 15.69 -42.17
C THR A 762 5.14 16.58 -42.97
N GLN A 763 5.98 17.38 -42.29
CA GLN A 763 6.93 18.23 -42.99
C GLN A 763 8.09 17.42 -43.56
N GLU A 764 8.39 16.28 -42.95
CA GLU A 764 9.48 15.44 -43.44
C GLU A 764 9.09 14.70 -44.71
N VAL A 765 7.83 14.29 -44.82
CA VAL A 765 7.41 13.47 -45.96
C VAL A 765 7.08 14.35 -47.16
N PHE A 766 6.18 15.31 -46.97
CA PHE A 766 5.60 16.05 -48.09
C PHE A 766 6.42 17.27 -48.51
N ALA A 767 7.17 17.88 -47.60
CA ALA A 767 7.73 19.22 -47.82
C ALA A 767 9.21 19.20 -48.18
N GLN A 768 9.64 18.24 -48.98
CA GLN A 768 11.04 18.10 -49.35
C GLN A 768 11.41 18.88 -50.62
N VAL A 769 10.47 19.59 -51.22
CA VAL A 769 10.74 20.43 -52.39
C VAL A 769 10.63 21.89 -51.97
N LYS A 770 11.56 22.72 -52.47
CA LYS A 770 11.57 24.13 -52.13
C LYS A 770 10.58 24.94 -52.96
N GLN A 771 10.75 24.96 -54.28
CA GLN A 771 9.87 25.71 -55.16
C GLN A 771 8.70 24.84 -55.60
N ILE A 772 7.51 25.40 -55.53
CA ILE A 772 6.30 24.73 -55.97
C ILE A 772 6.25 24.85 -57.49
N TYR A 773 6.19 23.70 -58.15
CA TYR A 773 6.09 23.67 -59.60
C TYR A 773 4.61 23.63 -60.02
N LYS A 774 4.39 23.78 -61.32
CA LYS A 774 3.03 23.66 -61.85
C LYS A 774 3.09 23.15 -63.28
N THR A 775 2.09 22.35 -63.65
CA THR A 775 2.03 21.79 -64.99
C THR A 775 1.68 22.87 -66.00
N PRO A 776 2.11 22.71 -67.25
CA PRO A 776 1.72 23.66 -68.30
C PRO A 776 0.24 23.57 -68.61
N PRO A 777 -0.34 24.62 -69.23
CA PRO A 777 -1.77 24.56 -69.60
C PRO A 777 -2.12 23.41 -70.52
N ILE A 778 -1.23 23.04 -71.44
CA ILE A 778 -1.46 21.87 -72.27
C ILE A 778 -1.23 20.61 -71.45
N LYS A 779 -1.90 19.52 -71.82
CA LYS A 779 -1.86 18.29 -71.06
C LYS A 779 -1.67 17.08 -71.97
N TYR A 780 -0.87 17.20 -73.02
CA TYR A 780 -0.60 16.09 -73.94
C TYR A 780 0.83 15.61 -73.68
N PHE A 781 0.97 14.62 -72.82
CA PHE A 781 2.28 14.10 -72.42
C PHE A 781 2.61 12.84 -73.24
N GLY A 782 2.70 13.04 -74.56
CA GLY A 782 3.16 12.00 -75.44
C GLY A 782 2.19 10.86 -75.68
N GLY A 783 0.97 10.95 -75.17
CA GLY A 783 -0.02 9.91 -75.35
C GLY A 783 -0.51 9.24 -74.08
N PHE A 784 -0.20 9.79 -72.90
CA PHE A 784 -0.66 9.24 -71.64
C PHE A 784 -1.73 10.15 -71.05
N ASN A 785 -2.64 9.55 -70.29
CA ASN A 785 -3.76 10.28 -69.69
C ASN A 785 -3.48 10.45 -68.20
N PHE A 786 -3.08 11.67 -67.84
CA PHE A 786 -2.76 12.01 -66.46
C PHE A 786 -3.86 12.78 -65.77
N SER A 787 -5.06 12.83 -66.35
CA SER A 787 -6.14 13.61 -65.76
C SER A 787 -6.70 12.97 -64.50
N GLN A 788 -6.42 11.69 -64.27
CA GLN A 788 -6.91 11.03 -63.07
C GLN A 788 -6.11 11.39 -61.83
N ILE A 789 -4.87 11.85 -61.98
CA ILE A 789 -4.04 12.17 -60.84
C ILE A 789 -3.73 13.66 -60.71
N LEU A 790 -3.72 14.43 -61.79
CA LEU A 790 -3.56 15.87 -61.68
C LEU A 790 -4.86 16.52 -61.18
N PRO A 791 -4.77 17.62 -60.45
CA PRO A 791 -5.98 18.23 -59.88
C PRO A 791 -6.91 18.80 -60.96
N ASP A 792 -8.20 18.83 -60.64
CA ASP A 792 -9.22 19.39 -61.52
C ASP A 792 -9.57 20.78 -61.03
N PRO A 793 -9.33 21.84 -61.82
CA PRO A 793 -9.70 23.19 -61.38
C PRO A 793 -11.20 23.43 -61.27
N SER A 794 -12.03 22.57 -61.87
CA SER A 794 -13.48 22.78 -61.82
C SER A 794 -14.05 22.53 -60.43
N LYS A 795 -13.37 21.72 -59.62
CA LYS A 795 -13.82 21.47 -58.26
C LYS A 795 -13.59 22.71 -57.39
N PRO A 796 -14.47 22.97 -56.42
CA PRO A 796 -14.22 24.08 -55.48
C PRO A 796 -12.96 23.89 -54.64
N SER A 797 -12.64 22.65 -54.27
CA SER A 797 -11.39 22.32 -53.61
C SER A 797 -10.45 21.70 -54.63
N LYS A 798 -9.26 22.27 -54.76
CA LYS A 798 -8.35 21.87 -55.82
C LYS A 798 -7.73 20.51 -55.51
N ARG A 799 -8.50 19.45 -55.76
CA ARG A 799 -8.08 18.09 -55.44
C ARG A 799 -8.34 17.20 -56.65
N SER A 800 -7.62 16.10 -56.74
CA SER A 800 -7.65 15.26 -57.93
C SER A 800 -8.87 14.34 -57.90
N PRO A 801 -9.01 13.56 -58.98
CA PRO A 801 -10.14 12.65 -59.11
C PRO A 801 -9.99 11.45 -58.18
N ILE A 802 -8.80 10.85 -58.13
CA ILE A 802 -8.57 9.70 -57.27
C ILE A 802 -8.60 10.11 -55.80
N GLU A 803 -8.07 11.32 -55.51
CA GLU A 803 -8.04 11.79 -54.12
C GLU A 803 -9.44 12.02 -53.57
N ASP A 804 -10.43 12.23 -54.43
CA ASP A 804 -11.80 12.38 -53.96
C ASP A 804 -12.36 11.05 -53.46
N LEU A 805 -11.94 9.94 -54.05
CA LEU A 805 -12.35 8.63 -53.55
C LEU A 805 -11.75 8.34 -52.18
N LEU A 806 -10.49 8.74 -51.98
CA LEU A 806 -9.80 8.41 -50.73
C LEU A 806 -10.41 9.14 -49.55
N PHE A 807 -10.96 10.33 -49.78
CA PHE A 807 -11.55 11.09 -48.68
C PHE A 807 -12.86 10.48 -48.22
N ASN A 808 -13.66 9.96 -49.15
CA ASN A 808 -14.98 9.45 -48.78
C ASN A 808 -14.90 8.06 -48.16
N LYS A 809 -13.84 7.32 -48.43
CA LYS A 809 -13.73 5.96 -47.88
C LYS A 809 -13.37 6.00 -46.40
N VAL A 810 -12.64 7.02 -45.96
CA VAL A 810 -12.20 7.14 -44.58
C VAL A 810 -13.07 8.16 -43.86
N THR A 811 -13.67 7.75 -42.76
CA THR A 811 -14.54 8.61 -41.96
C THR A 811 -13.82 9.01 -40.68
N LEU A 812 -13.78 10.30 -40.40
CA LEU A 812 -13.12 10.81 -39.20
C LEU A 812 -13.93 10.52 -37.95
N LEU A 833 -21.33 14.58 -31.52
CA LEU A 833 -21.34 13.88 -30.25
C LEU A 833 -19.94 13.38 -29.93
N ILE A 834 -18.96 13.84 -30.71
CA ILE A 834 -17.56 13.55 -30.45
C ILE A 834 -16.94 14.50 -29.43
N CYS A 835 -17.59 15.62 -29.13
CA CYS A 835 -17.05 16.58 -28.17
C CYS A 835 -18.01 16.91 -27.03
N ALA A 836 -19.30 16.58 -27.15
CA ALA A 836 -20.21 16.79 -26.03
C ALA A 836 -19.90 15.87 -24.86
N GLN A 837 -19.36 14.69 -25.13
CA GLN A 837 -18.92 13.77 -24.09
C GLN A 837 -17.52 14.07 -23.61
N LYS A 838 -16.86 15.09 -24.18
CA LYS A 838 -15.50 15.47 -23.82
C LYS A 838 -15.48 16.78 -23.05
N PHE A 839 -16.41 16.95 -22.12
CA PHE A 839 -16.36 18.04 -21.15
C PHE A 839 -15.28 17.84 -20.10
N LYS A 840 -14.62 16.68 -20.08
CA LYS A 840 -13.61 16.35 -19.09
C LYS A 840 -12.20 16.78 -19.51
N GLY A 841 -12.08 17.83 -20.32
CA GLY A 841 -10.79 18.37 -20.68
C GLY A 841 -10.00 17.57 -21.68
N LEU A 842 -10.66 16.72 -22.47
CA LEU A 842 -9.98 15.91 -23.48
C LEU A 842 -10.20 16.58 -24.83
N THR A 843 -9.14 17.17 -25.37
CA THR A 843 -9.23 18.05 -26.52
C THR A 843 -8.27 17.60 -27.62
N VAL A 844 -8.74 17.67 -28.86
CA VAL A 844 -7.94 17.33 -30.04
C VAL A 844 -7.55 18.62 -30.73
N LEU A 845 -6.25 18.90 -30.78
CA LEU A 845 -5.74 20.09 -31.44
C LEU A 845 -5.72 19.91 -32.96
N PRO A 846 -5.87 20.99 -33.71
CA PRO A 846 -5.83 20.88 -35.18
C PRO A 846 -4.40 20.79 -35.68
N PRO A 847 -4.19 20.17 -36.84
CA PRO A 847 -2.84 20.12 -37.41
C PRO A 847 -2.42 21.47 -37.97
N LEU A 848 -1.11 21.69 -38.05
CA LEU A 848 -0.59 22.95 -38.56
C LEU A 848 -0.85 23.08 -40.05
N LEU A 849 -0.52 22.05 -40.83
CA LEU A 849 -0.74 22.05 -42.27
C LEU A 849 -2.11 21.48 -42.56
N THR A 850 -3.02 22.31 -43.07
CA THR A 850 -4.36 21.84 -43.33
C THR A 850 -4.39 21.00 -44.61
N ASP A 851 -5.57 20.47 -44.92
CA ASP A 851 -5.72 19.58 -46.06
C ASP A 851 -5.62 20.28 -47.40
N GLU A 852 -5.55 21.61 -47.43
CA GLU A 852 -5.36 22.33 -48.69
C GLU A 852 -3.90 22.42 -49.09
N MET A 853 -3.02 22.86 -48.18
CA MET A 853 -1.61 22.97 -48.56
C MET A 853 -0.93 21.61 -48.60
N ILE A 854 -1.47 20.60 -47.92
CA ILE A 854 -0.99 19.25 -48.13
C ILE A 854 -1.30 18.80 -49.54
N ALA A 855 -2.49 19.12 -50.03
CA ALA A 855 -2.87 18.82 -51.41
C ALA A 855 -2.15 19.70 -52.43
N GLN A 856 -1.45 20.75 -52.00
CA GLN A 856 -0.62 21.52 -52.91
C GLN A 856 0.83 21.04 -52.92
N TYR A 857 1.31 20.46 -51.83
CA TYR A 857 2.62 19.82 -51.86
C TYR A 857 2.61 18.61 -52.77
N THR A 858 1.59 17.77 -52.67
CA THR A 858 1.53 16.57 -53.49
C THR A 858 1.03 16.84 -54.89
N SER A 859 0.68 18.08 -55.21
CA SER A 859 0.45 18.49 -56.59
C SER A 859 1.65 19.21 -57.19
N ALA A 860 2.74 19.34 -56.43
CA ALA A 860 4.00 19.84 -56.95
C ALA A 860 5.02 18.73 -57.19
N LEU A 861 4.93 17.63 -56.45
CA LEU A 861 5.75 16.46 -56.76
C LEU A 861 5.33 15.86 -58.10
N LEU A 862 4.03 15.85 -58.39
CA LEU A 862 3.56 15.34 -59.67
C LEU A 862 3.81 16.31 -60.82
N ALA A 863 4.02 17.58 -60.54
CA ALA A 863 4.30 18.54 -61.61
C ALA A 863 5.79 18.66 -61.91
N GLY A 864 6.64 18.01 -61.14
CA GLY A 864 8.06 18.02 -61.41
C GLY A 864 8.55 16.67 -61.88
N THR A 865 7.92 15.60 -61.41
CA THR A 865 8.27 14.26 -61.87
C THR A 865 7.71 13.96 -63.25
N ILE A 866 6.84 14.83 -63.77
CA ILE A 866 6.32 14.68 -65.12
C ILE A 866 7.12 15.50 -66.12
N THR A 867 7.39 16.76 -65.79
CA THR A 867 8.15 17.65 -66.67
C THR A 867 9.65 17.48 -66.51
N SER A 868 10.15 17.57 -65.27
CA SER A 868 11.59 17.59 -65.08
C SER A 868 12.19 16.20 -64.91
N GLY A 869 11.42 15.24 -64.42
CA GLY A 869 11.93 13.89 -64.22
C GLY A 869 12.39 13.64 -62.80
N TRP A 870 13.63 13.18 -62.64
CA TRP A 870 14.20 12.97 -61.32
C TRP A 870 15.25 14.01 -60.97
N THR A 871 15.46 15.03 -61.80
CA THR A 871 16.58 15.94 -61.62
C THR A 871 16.29 17.04 -60.61
N PHE A 872 15.04 17.21 -60.17
CA PHE A 872 14.75 18.27 -59.22
C PHE A 872 15.00 17.85 -57.78
N GLY A 873 15.37 16.60 -57.54
CA GLY A 873 15.80 16.15 -56.24
C GLY A 873 17.28 16.29 -55.98
N ALA A 874 18.02 16.87 -56.92
CA ALA A 874 19.47 17.04 -56.79
C ALA A 874 19.89 18.41 -57.30
N GLY A 875 19.14 19.44 -56.96
CA GLY A 875 19.51 20.80 -57.34
C GLY A 875 18.59 21.43 -58.36
N PRO A 876 19.15 21.84 -59.50
CA PRO A 876 18.36 22.52 -60.52
C PRO A 876 17.44 21.54 -61.23
N ALA A 877 16.24 22.02 -61.59
CA ALA A 877 15.25 21.21 -62.28
C ALA A 877 15.37 21.41 -63.78
N LEU A 878 15.57 20.32 -64.51
CA LEU A 878 15.87 20.35 -65.94
C LEU A 878 14.72 19.73 -66.72
N GLN A 879 14.20 20.49 -67.69
CA GLN A 879 13.06 20.04 -68.47
C GLN A 879 13.42 18.90 -69.40
N ILE A 880 12.46 17.99 -69.61
CA ILE A 880 12.64 16.80 -70.43
C ILE A 880 11.27 16.35 -70.92
N PRO A 881 11.12 15.94 -72.19
CA PRO A 881 9.83 15.40 -72.63
C PRO A 881 9.52 14.09 -71.95
N PHE A 882 8.23 13.83 -71.72
CA PHE A 882 7.85 12.61 -71.01
C PHE A 882 8.02 11.37 -71.88
N PRO A 883 7.87 11.51 -73.19
CA PRO A 883 8.09 10.38 -74.08
C PRO A 883 9.56 9.99 -74.16
N MET A 884 10.46 10.86 -73.70
CA MET A 884 11.89 10.56 -73.65
C MET A 884 12.35 10.16 -72.25
N GLN A 885 11.69 10.66 -71.20
CA GLN A 885 12.03 10.22 -69.85
C GLN A 885 11.73 8.74 -69.66
N MET A 886 10.63 8.25 -70.24
CA MET A 886 10.31 6.84 -70.18
C MET A 886 11.36 5.96 -70.85
N ALA A 887 12.08 6.47 -71.84
CA ALA A 887 13.16 5.71 -72.44
C ALA A 887 14.37 5.61 -71.53
N TYR A 888 14.44 6.43 -70.48
CA TYR A 888 15.51 6.33 -69.49
C TYR A 888 15.13 5.46 -68.31
N ARG A 889 13.83 5.26 -68.07
CA ARG A 889 13.42 4.32 -67.03
C ARG A 889 13.58 2.88 -67.50
N PHE A 890 13.37 2.61 -68.80
CA PHE A 890 13.61 1.28 -69.32
C PHE A 890 15.10 0.96 -69.36
N ASN A 891 15.94 1.97 -69.60
CA ASN A 891 17.37 1.74 -69.70
C ASN A 891 18.00 1.40 -68.36
N GLY A 892 17.36 1.79 -67.25
CA GLY A 892 17.83 1.43 -65.93
C GLY A 892 17.37 0.08 -65.44
N ILE A 893 16.59 -0.65 -66.24
CA ILE A 893 16.12 -1.97 -65.89
C ILE A 893 16.97 -3.05 -66.53
N GLY A 894 17.31 -2.89 -67.79
CA GLY A 894 18.13 -3.87 -68.48
C GLY A 894 17.75 -4.02 -69.95
N VAL A 895 16.55 -3.58 -70.29
CA VAL A 895 16.08 -3.59 -71.67
C VAL A 895 16.48 -2.27 -72.33
N THR A 896 16.69 -2.30 -73.63
CA THR A 896 17.25 -1.14 -74.32
C THR A 896 16.17 -0.08 -74.55
N GLN A 897 16.55 0.98 -75.27
CA GLN A 897 15.62 2.07 -75.52
C GLN A 897 14.59 1.71 -76.58
N ASN A 898 14.95 0.83 -77.51
CA ASN A 898 14.10 0.60 -78.68
C ASN A 898 12.84 -0.19 -78.35
N VAL A 899 12.71 -0.73 -77.14
CA VAL A 899 11.48 -1.45 -76.80
C VAL A 899 10.32 -0.47 -76.59
N LEU A 900 10.63 0.79 -76.27
CA LEU A 900 9.58 1.78 -76.01
C LEU A 900 9.21 2.57 -77.26
N TYR A 901 10.22 3.07 -77.98
CA TYR A 901 9.97 3.91 -79.14
C TYR A 901 9.35 3.13 -80.28
N GLU A 902 9.73 1.86 -80.45
CA GLU A 902 9.13 1.06 -81.50
C GLU A 902 7.74 0.54 -81.12
N ASN A 903 7.36 0.68 -79.86
CA ASN A 903 6.06 0.20 -79.37
C ASN A 903 5.38 1.26 -78.54
N GLN A 904 5.41 2.50 -79.00
CA GLN A 904 4.85 3.61 -78.20
C GLN A 904 3.33 3.56 -78.18
N LYS A 905 2.71 2.85 -79.11
CA LYS A 905 1.25 2.86 -79.20
C LYS A 905 0.62 2.01 -78.10
N LEU A 906 0.97 0.71 -78.06
CA LEU A 906 0.30 -0.18 -77.12
C LEU A 906 0.77 0.02 -75.68
N ILE A 907 1.95 0.60 -75.49
CA ILE A 907 2.43 0.89 -74.14
C ILE A 907 1.58 2.01 -73.53
N ALA A 908 1.20 2.99 -74.34
CA ALA A 908 0.37 4.09 -73.86
C ALA A 908 -1.01 3.61 -73.45
N ASN A 909 -1.57 2.67 -74.20
CA ASN A 909 -2.92 2.18 -73.90
C ASN A 909 -2.93 1.30 -72.65
N GLN A 910 -1.82 0.60 -72.37
CA GLN A 910 -1.74 -0.20 -71.15
C GLN A 910 -1.65 0.68 -69.92
N PHE A 911 -1.00 1.84 -70.04
CA PHE A 911 -0.87 2.74 -68.89
C PHE A 911 -2.19 3.40 -68.56
N ASN A 912 -2.95 3.83 -69.58
CA ASN A 912 -4.23 4.49 -69.32
C ASN A 912 -5.26 3.51 -68.77
N SER A 913 -5.27 2.28 -69.28
CA SER A 913 -6.24 1.29 -68.82
C SER A 913 -5.92 0.79 -67.42
N ALA A 914 -4.64 0.75 -67.05
CA ALA A 914 -4.28 0.32 -65.70
C ALA A 914 -4.70 1.35 -64.67
N ILE A 915 -4.62 2.63 -65.02
CA ILE A 915 -5.07 3.68 -64.09
C ILE A 915 -6.58 3.65 -63.93
N GLY A 916 -7.30 3.37 -65.02
CA GLY A 916 -8.76 3.30 -64.94
C GLY A 916 -9.23 2.10 -64.14
N LYS A 917 -8.43 1.03 -64.09
CA LYS A 917 -8.78 -0.12 -63.28
C LYS A 917 -8.55 0.16 -61.80
N ILE A 918 -7.68 1.11 -61.47
CA ILE A 918 -7.48 1.50 -60.08
C ILE A 918 -8.72 2.17 -59.52
N GLN A 919 -9.41 2.95 -60.37
CA GLN A 919 -10.58 3.70 -59.93
C GLN A 919 -11.70 2.78 -59.46
N ASP A 920 -11.94 1.68 -60.18
CA ASP A 920 -12.96 0.74 -59.76
C ASP A 920 -12.51 -0.12 -58.59
N SER A 921 -11.20 -0.34 -58.45
CA SER A 921 -10.68 -1.19 -57.39
C SER A 921 -10.85 -0.54 -56.02
N LEU A 922 -10.69 0.78 -55.95
CA LEU A 922 -10.83 1.48 -54.67
C LEU A 922 -12.28 1.52 -54.22
N SER A 923 -13.21 1.65 -55.17
CA SER A 923 -14.63 1.74 -54.83
C SER A 923 -15.31 0.38 -54.76
N SER A 924 -14.57 -0.72 -54.94
CA SER A 924 -15.18 -2.04 -54.88
C SER A 924 -15.55 -2.42 -53.45
N THR A 925 -14.68 -2.11 -52.50
CA THR A 925 -14.90 -2.49 -51.10
C THR A 925 -14.24 -1.45 -50.21
N PRO A 926 -14.65 -1.45 -48.93
CA PRO A 926 -14.12 -0.52 -47.94
C PRO A 926 -13.04 -1.16 -47.08
N SER A 927 -12.63 -2.38 -47.38
CA SER A 927 -11.57 -3.04 -46.61
C SER A 927 -10.19 -2.76 -47.15
N ALA A 928 -10.07 -1.97 -48.23
CA ALA A 928 -8.76 -1.67 -48.80
C ALA A 928 -8.01 -0.65 -47.96
N LEU A 929 -8.73 0.27 -47.31
CA LEU A 929 -8.12 1.33 -46.52
C LEU A 929 -8.08 1.03 -45.03
N GLY A 930 -7.86 -0.24 -44.66
CA GLY A 930 -7.90 -0.61 -43.26
C GLY A 930 -6.69 -0.13 -42.47
N LYS A 931 -5.59 0.16 -43.16
CA LYS A 931 -4.39 0.60 -42.46
C LYS A 931 -4.53 2.03 -41.93
N LEU A 932 -5.28 2.88 -42.61
CA LEU A 932 -5.54 4.24 -42.16
C LEU A 932 -6.72 4.34 -41.22
N GLN A 933 -7.71 3.45 -41.37
CA GLN A 933 -8.85 3.44 -40.47
C GLN A 933 -8.46 3.00 -39.07
N ASP A 934 -7.48 2.10 -38.95
CA ASP A 934 -7.05 1.66 -37.62
C ASP A 934 -6.25 2.74 -36.90
N VAL A 935 -5.79 3.76 -37.62
CA VAL A 935 -5.12 4.88 -36.97
C VAL A 935 -6.13 5.71 -36.17
N VAL A 936 -7.30 5.96 -36.76
CA VAL A 936 -8.29 6.79 -36.07
C VAL A 936 -9.19 5.93 -35.19
N ASN A 937 -9.28 4.64 -35.47
CA ASN A 937 -10.11 3.78 -34.62
C ASN A 937 -9.41 3.47 -33.31
N HIS A 938 -8.10 3.29 -33.34
CA HIS A 938 -7.35 3.03 -32.11
C HIS A 938 -7.35 4.25 -31.20
N ASN A 939 -7.30 5.45 -31.79
CA ASN A 939 -7.29 6.66 -30.99
C ASN A 939 -8.67 6.98 -30.43
N ALA A 940 -9.72 6.77 -31.23
CA ALA A 940 -11.06 7.15 -30.79
C ALA A 940 -11.56 6.24 -29.67
N GLN A 941 -11.25 4.95 -29.74
CA GLN A 941 -11.66 4.04 -28.68
C GLN A 941 -10.72 4.09 -27.48
N ALA A 942 -9.56 4.74 -27.59
CA ALA A 942 -8.71 4.94 -26.43
C ALA A 942 -9.29 6.02 -25.52
N LEU A 943 -9.94 7.03 -26.11
CA LEU A 943 -10.54 8.07 -25.30
C LEU A 943 -11.84 7.61 -24.64
N ASN A 944 -12.59 6.73 -25.31
CA ASN A 944 -13.85 6.26 -24.74
C ASN A 944 -13.62 5.36 -23.53
N THR A 945 -12.51 4.64 -23.52
CA THR A 945 -12.16 3.89 -22.32
C THR A 945 -11.75 4.81 -21.19
N LEU A 946 -11.16 5.96 -21.52
CA LEU A 946 -10.69 6.88 -20.50
C LEU A 946 -11.83 7.64 -19.84
N VAL A 947 -12.92 7.89 -20.58
CA VAL A 947 -14.02 8.65 -20.00
C VAL A 947 -14.93 7.76 -19.18
N LYS A 948 -14.79 6.45 -19.28
CA LYS A 948 -15.53 5.53 -18.43
C LYS A 948 -14.69 4.96 -17.30
N GLN A 949 -13.48 5.47 -17.09
CA GLN A 949 -12.74 5.16 -15.87
C GLN A 949 -13.30 5.92 -14.68
N LEU A 950 -14.08 6.98 -14.92
CA LEU A 950 -14.65 7.75 -13.82
C LEU A 950 -15.73 6.97 -13.09
N SER A 951 -16.35 5.99 -13.76
CA SER A 951 -17.37 5.18 -13.11
C SER A 951 -16.78 4.21 -12.10
N SER A 952 -15.50 3.88 -12.23
CA SER A 952 -14.86 3.00 -11.26
C SER A 952 -14.71 3.70 -9.92
N LYS A 953 -15.00 2.96 -8.85
CA LYS A 953 -15.00 3.55 -7.52
C LYS A 953 -13.66 3.45 -6.80
N PHE A 954 -12.81 2.48 -7.19
CA PHE A 954 -11.47 2.28 -6.63
C PHE A 954 -11.52 2.04 -5.12
N GLY A 955 -12.61 1.47 -4.61
CA GLY A 955 -12.75 1.23 -3.20
C GLY A 955 -13.40 2.35 -2.41
N ALA A 956 -13.63 3.50 -3.02
CA ALA A 956 -14.34 4.58 -2.34
C ALA A 956 -15.83 4.27 -2.30
N ILE A 957 -16.54 5.01 -1.45
CA ILE A 957 -17.96 4.74 -1.27
C ILE A 957 -18.79 5.38 -2.39
N SER A 958 -18.17 6.25 -3.19
CA SER A 958 -18.87 6.84 -4.32
C SER A 958 -17.86 7.25 -5.38
N SER A 959 -18.35 7.44 -6.60
CA SER A 959 -17.52 7.81 -7.74
C SER A 959 -17.62 9.28 -8.09
N VAL A 960 -18.28 10.09 -7.27
CA VAL A 960 -18.41 11.53 -7.51
C VAL A 960 -17.86 12.26 -6.29
N LEU A 961 -17.04 13.29 -6.54
CA LEU A 961 -16.30 13.93 -5.46
C LEU A 961 -17.16 14.90 -4.66
N ASN A 962 -18.35 15.24 -5.15
CA ASN A 962 -19.21 16.14 -4.41
C ASN A 962 -20.12 15.39 -3.44
N ASP A 963 -19.99 14.06 -3.39
CA ASP A 963 -20.76 13.28 -2.43
C ASP A 963 -19.90 12.88 -1.23
N ILE A 964 -18.58 12.77 -1.42
CA ILE A 964 -17.71 12.41 -0.31
C ILE A 964 -17.62 13.55 0.70
N PHE A 965 -17.46 14.78 0.21
CA PHE A 965 -17.36 15.94 1.09
C PHE A 965 -18.69 16.36 1.71
N SER A 966 -19.81 15.98 1.11
CA SER A 966 -21.11 16.41 1.60
C SER A 966 -21.76 15.43 2.56
N ARG A 967 -21.11 14.31 2.86
CA ARG A 967 -21.72 13.28 3.70
C ARG A 967 -20.85 12.90 4.89
N LEU A 968 -19.58 13.27 4.89
CA LEU A 968 -18.72 12.88 5.99
C LEU A 968 -17.65 13.93 6.20
N ASP A 969 -17.03 13.89 7.37
CA ASP A 969 -16.16 14.96 7.85
C ASP A 969 -14.83 15.00 7.07
N PRO A 970 -14.06 16.06 7.34
CA PRO A 970 -12.84 16.30 6.58
C PRO A 970 -11.72 15.35 7.00
N PRO A 971 -11.73 14.88 8.24
CA PRO A 971 -10.64 14.04 8.72
C PRO A 971 -10.77 12.62 8.17
N GLU A 972 -11.92 12.26 7.64
CA GLU A 972 -12.13 10.93 7.08
C GLU A 972 -12.06 10.92 5.55
N ALA A 973 -12.39 12.04 4.90
CA ALA A 973 -12.33 12.10 3.45
C ALA A 973 -10.89 12.19 2.94
N GLU A 974 -9.93 12.42 3.83
CA GLU A 974 -8.54 12.54 3.40
C GLU A 974 -7.97 11.18 3.01
N VAL A 975 -8.60 10.10 3.47
CA VAL A 975 -8.13 8.77 3.07
C VAL A 975 -9.09 8.16 2.06
N GLN A 976 -10.34 8.61 2.02
CA GLN A 976 -11.29 8.12 1.04
C GLN A 976 -10.98 8.65 -0.35
N ILE A 977 -10.70 9.96 -0.44
CA ILE A 977 -10.41 10.59 -1.72
C ILE A 977 -8.99 10.29 -2.19
N ASP A 978 -8.05 10.08 -1.26
CA ASP A 978 -6.69 9.69 -1.63
C ASP A 978 -6.68 8.37 -2.39
N ARG A 979 -7.63 7.48 -2.11
CA ARG A 979 -7.75 6.26 -2.87
C ARG A 979 -8.27 6.54 -4.28
N LEU A 980 -9.14 7.55 -4.42
CA LEU A 980 -9.65 7.91 -5.75
C LEU A 980 -8.61 8.65 -6.57
N ILE A 981 -7.85 9.55 -5.95
CA ILE A 981 -6.87 10.35 -6.68
C ILE A 981 -5.74 9.48 -7.21
N THR A 982 -5.23 8.59 -6.35
CA THR A 982 -4.12 7.73 -6.78
C THR A 982 -4.56 6.66 -7.77
N GLY A 983 -5.87 6.46 -7.92
CA GLY A 983 -6.34 5.55 -8.95
C GLY A 983 -6.58 6.26 -10.27
N ARG A 984 -7.16 7.46 -10.21
CA ARG A 984 -7.39 8.23 -11.42
C ARG A 984 -6.08 8.78 -11.99
N LEU A 985 -5.07 8.98 -11.14
CA LEU A 985 -3.76 9.37 -11.63
C LEU A 985 -3.04 8.19 -12.26
N GLN A 986 -3.34 6.97 -11.81
CA GLN A 986 -2.78 5.77 -12.43
C GLN A 986 -3.43 5.51 -13.78
N SER A 987 -4.74 5.79 -13.90
CA SER A 987 -5.43 5.57 -15.16
C SER A 987 -5.01 6.57 -16.23
N LEU A 988 -4.44 7.70 -15.82
CA LEU A 988 -3.94 8.67 -16.78
C LEU A 988 -2.50 8.38 -17.17
N GLN A 989 -1.73 7.75 -16.27
CA GLN A 989 -0.37 7.38 -16.60
C GLN A 989 -0.32 6.18 -17.54
N THR A 990 -1.31 5.30 -17.47
CA THR A 990 -1.38 4.19 -18.42
C THR A 990 -1.75 4.68 -19.81
N TYR A 991 -2.53 5.76 -19.89
CA TYR A 991 -2.94 6.28 -21.19
C TYR A 991 -1.78 6.92 -21.94
N VAL A 992 -0.95 7.71 -21.25
CA VAL A 992 0.16 8.38 -21.91
C VAL A 992 1.24 7.36 -22.29
N THR A 993 1.49 6.37 -21.44
CA THR A 993 2.55 5.41 -21.73
C THR A 993 2.17 4.44 -22.85
N GLN A 994 0.91 4.43 -23.27
CA GLN A 994 0.54 3.70 -24.48
C GLN A 994 0.65 4.57 -25.72
N GLN A 995 0.55 5.90 -25.56
CA GLN A 995 0.73 6.78 -26.70
C GLN A 995 2.18 6.87 -27.13
N LEU A 996 3.12 6.70 -26.19
CA LEU A 996 4.53 6.67 -26.56
C LEU A 996 4.87 5.43 -27.39
N ILE A 997 4.16 4.33 -27.16
CA ILE A 997 4.35 3.14 -27.98
C ILE A 997 3.79 3.37 -29.37
N ARG A 998 2.61 3.97 -29.47
CA ARG A 998 2.00 4.21 -30.77
C ARG A 998 2.76 5.28 -31.55
N ALA A 999 3.34 6.26 -30.86
CA ALA A 999 4.11 7.28 -31.55
C ALA A 999 5.44 6.73 -32.06
N ALA A 1000 5.97 5.70 -31.41
CA ALA A 1000 7.21 5.07 -31.86
C ALA A 1000 6.99 4.13 -33.03
N GLU A 1001 5.74 3.79 -33.35
CA GLU A 1001 5.46 2.97 -34.51
C GLU A 1001 5.11 3.81 -35.71
N ILE A 1002 4.43 4.94 -35.49
CA ILE A 1002 4.14 5.88 -36.58
C ILE A 1002 5.43 6.50 -37.11
N ARG A 1003 6.34 6.88 -36.20
CA ARG A 1003 7.63 7.42 -36.62
C ARG A 1003 8.48 6.37 -37.30
N ALA A 1004 8.29 5.10 -36.94
CA ALA A 1004 8.96 4.03 -37.66
C ALA A 1004 8.31 3.77 -39.01
N SER A 1005 7.10 4.30 -39.23
CA SER A 1005 6.44 4.23 -40.53
C SER A 1005 6.47 5.54 -41.28
N ALA A 1006 6.62 6.67 -40.58
CA ALA A 1006 6.83 7.94 -41.27
C ALA A 1006 8.21 7.99 -41.90
N ASN A 1007 9.21 7.40 -41.25
CA ASN A 1007 10.54 7.29 -41.81
C ASN A 1007 10.61 6.28 -42.96
N LEU A 1008 9.69 5.32 -43.02
CA LEU A 1008 9.60 4.44 -44.17
C LEU A 1008 8.95 5.13 -45.36
N ALA A 1009 7.97 5.99 -45.12
CA ALA A 1009 7.37 6.76 -46.21
C ALA A 1009 8.31 7.84 -46.70
N ALA A 1010 9.04 8.48 -45.78
CA ALA A 1010 10.02 9.49 -46.17
C ALA A 1010 11.17 8.89 -46.95
N THR A 1011 11.50 7.62 -46.71
CA THR A 1011 12.47 6.92 -47.53
C THR A 1011 11.96 6.66 -48.94
N LYS A 1012 10.71 6.19 -49.07
CA LYS A 1012 10.16 5.93 -50.39
C LYS A 1012 9.93 7.20 -51.17
N MET A 1013 9.45 8.26 -50.53
CA MET A 1013 9.19 9.51 -51.22
C MET A 1013 10.47 10.26 -51.56
N SER A 1014 11.60 9.88 -50.97
CA SER A 1014 12.89 10.43 -51.37
C SER A 1014 13.64 9.55 -52.34
N GLU A 1015 13.25 8.29 -52.50
CA GLU A 1015 13.97 7.35 -53.34
C GLU A 1015 13.16 6.78 -54.49
N CYS A 1016 11.93 6.35 -54.24
CA CYS A 1016 11.10 5.71 -55.26
C CYS A 1016 10.49 6.67 -56.25
N VAL A 1017 10.15 7.89 -55.84
CA VAL A 1017 9.54 8.86 -56.75
C VAL A 1017 10.55 9.88 -57.28
N LEU A 1018 11.57 10.24 -56.48
CA LEU A 1018 12.61 11.15 -56.92
C LEU A 1018 13.72 10.45 -57.69
N GLY A 1019 13.56 9.17 -57.98
CA GLY A 1019 14.54 8.41 -58.73
C GLY A 1019 14.05 7.01 -58.98
N GLN A 1020 14.82 6.20 -59.67
CA GLN A 1020 14.43 4.82 -59.92
C GLN A 1020 15.21 3.88 -59.01
N SER A 1021 14.50 3.00 -58.32
CA SER A 1021 15.07 2.15 -57.30
C SER A 1021 15.45 0.79 -57.88
N LYS A 1022 16.63 0.29 -57.48
CA LYS A 1022 17.11 -1.02 -57.87
C LYS A 1022 17.00 -2.05 -56.75
N ARG A 1023 16.22 -1.78 -55.71
CA ARG A 1023 16.00 -2.76 -54.66
C ARG A 1023 14.84 -3.66 -55.05
N VAL A 1024 15.06 -4.97 -55.02
CA VAL A 1024 14.01 -5.90 -55.41
C VAL A 1024 12.93 -5.96 -54.35
N ASP A 1025 11.67 -5.93 -54.79
CA ASP A 1025 10.49 -5.97 -53.93
C ASP A 1025 10.49 -4.85 -52.89
N PHE A 1026 10.92 -3.66 -53.29
CA PHE A 1026 10.83 -2.47 -52.44
C PHE A 1026 9.81 -1.48 -52.96
N CYS A 1027 9.95 -1.06 -54.22
CA CYS A 1027 8.99 -0.14 -54.82
C CYS A 1027 7.76 -0.89 -55.33
N GLY A 1028 7.95 -1.79 -56.30
CA GLY A 1028 6.84 -2.54 -56.85
C GLY A 1028 7.20 -3.98 -57.05
N LYS A 1029 6.17 -4.81 -57.21
CA LYS A 1029 6.35 -6.24 -57.44
C LYS A 1029 6.78 -6.43 -58.89
N GLY A 1030 8.10 -6.42 -59.10
CA GLY A 1030 8.69 -6.56 -60.41
C GLY A 1030 9.74 -5.49 -60.61
N TYR A 1031 10.05 -5.22 -61.88
CA TYR A 1031 10.96 -4.15 -62.22
C TYR A 1031 10.23 -2.82 -62.13
N HIS A 1032 10.87 -1.82 -61.52
CA HIS A 1032 10.21 -0.57 -61.18
C HIS A 1032 10.50 0.50 -62.21
N LEU A 1033 9.50 1.37 -62.45
CA LEU A 1033 9.63 2.47 -63.40
C LEU A 1033 9.54 3.84 -62.74
N MET A 1034 8.46 4.13 -62.01
CA MET A 1034 8.29 5.40 -61.29
C MET A 1034 7.21 5.21 -60.23
N SER A 1035 6.82 6.30 -59.57
CA SER A 1035 5.75 6.26 -58.60
C SER A 1035 5.02 7.59 -58.60
N PHE A 1036 3.78 7.56 -58.10
CA PHE A 1036 2.93 8.76 -58.03
C PHE A 1036 2.30 8.84 -56.65
N PRO A 1037 2.68 9.80 -55.82
CA PRO A 1037 2.07 9.90 -54.49
C PRO A 1037 0.67 10.49 -54.56
N GLN A 1038 -0.15 10.12 -53.58
CA GLN A 1038 -1.46 10.73 -53.38
C GLN A 1038 -1.62 11.02 -51.90
N SER A 1039 -2.43 12.03 -51.60
CA SER A 1039 -2.64 12.49 -50.23
C SER A 1039 -3.91 11.87 -49.67
N ALA A 1040 -3.82 11.31 -48.47
CA ALA A 1040 -4.91 10.62 -47.80
C ALA A 1040 -5.03 11.18 -46.39
N PRO A 1041 -6.20 11.03 -45.75
CA PRO A 1041 -6.31 11.48 -44.36
C PRO A 1041 -5.42 10.68 -43.43
N HIS A 1042 -4.48 11.39 -42.77
CA HIS A 1042 -3.50 10.82 -41.85
C HIS A 1042 -2.64 9.74 -42.51
N GLY A 1043 -2.28 9.95 -43.77
CA GLY A 1043 -1.44 8.97 -44.43
C GLY A 1043 -1.13 9.38 -45.86
N VAL A 1044 -0.36 8.53 -46.52
CA VAL A 1044 0.01 8.73 -47.91
C VAL A 1044 -0.25 7.43 -48.65
N VAL A 1045 -0.57 7.54 -49.94
CA VAL A 1045 -0.89 6.40 -50.79
C VAL A 1045 -0.07 6.53 -52.07
N PHE A 1046 0.70 5.49 -52.38
CA PHE A 1046 1.53 5.49 -53.58
C PHE A 1046 0.88 4.68 -54.67
N LEU A 1047 1.31 4.95 -55.91
CA LEU A 1047 0.86 4.21 -57.10
C LEU A 1047 2.12 3.75 -57.83
N HIS A 1048 2.68 2.62 -57.41
CA HIS A 1048 3.90 2.12 -58.01
C HIS A 1048 3.58 1.43 -59.32
N VAL A 1049 4.06 1.97 -60.43
CA VAL A 1049 4.02 1.29 -61.72
C VAL A 1049 5.16 0.29 -61.75
N THR A 1050 4.96 -0.82 -62.47
CA THR A 1050 5.89 -1.94 -62.47
C THR A 1050 6.18 -2.38 -63.90
N TYR A 1051 6.82 -3.54 -64.03
CA TYR A 1051 7.13 -4.13 -65.32
C TYR A 1051 7.19 -5.63 -65.11
N VAL A 1052 6.17 -6.36 -65.56
CA VAL A 1052 6.06 -7.79 -65.33
C VAL A 1052 6.14 -8.50 -66.68
N PRO A 1053 7.08 -9.42 -66.87
CA PRO A 1053 7.18 -10.12 -68.16
C PRO A 1053 6.00 -11.06 -68.40
N ALA A 1054 5.61 -11.16 -69.67
CA ALA A 1054 4.49 -11.99 -70.10
C ALA A 1054 5.00 -13.37 -70.50
N GLN A 1055 4.19 -14.11 -71.27
CA GLN A 1055 4.45 -15.49 -71.66
C GLN A 1055 5.80 -15.64 -72.35
N GLU A 1056 6.37 -16.84 -72.24
CA GLU A 1056 7.75 -17.13 -72.58
C GLU A 1056 7.83 -18.25 -73.62
N LYS A 1057 9.06 -18.69 -73.89
CA LYS A 1057 9.30 -19.75 -74.87
C LYS A 1057 10.63 -20.43 -74.52
N ASN A 1058 10.65 -21.76 -74.59
CA ASN A 1058 11.85 -22.52 -74.29
C ASN A 1058 12.86 -22.40 -75.42
N PHE A 1059 14.14 -22.62 -75.06
CA PHE A 1059 15.23 -22.51 -76.02
C PHE A 1059 16.34 -23.47 -75.64
N THR A 1060 17.46 -23.38 -76.36
CA THR A 1060 18.64 -24.21 -76.14
C THR A 1060 19.87 -23.31 -76.04
N THR A 1061 20.67 -23.51 -75.00
CA THR A 1061 21.70 -22.54 -74.60
C THR A 1061 23.03 -23.23 -74.35
N ALA A 1062 24.11 -22.62 -74.88
CA ALA A 1062 25.47 -23.04 -74.60
C ALA A 1062 26.30 -21.82 -74.21
N PRO A 1063 27.26 -21.97 -73.29
CA PRO A 1063 27.92 -20.78 -72.73
C PRO A 1063 28.88 -20.07 -73.66
N ALA A 1064 29.38 -20.72 -74.72
CA ALA A 1064 30.40 -20.10 -75.55
C ALA A 1064 30.40 -20.73 -76.93
N ILE A 1065 31.06 -20.05 -77.86
CA ILE A 1065 31.33 -20.57 -79.20
C ILE A 1065 32.82 -20.42 -79.49
N CYS A 1066 33.46 -21.52 -79.88
CA CYS A 1066 34.84 -21.51 -80.35
C CYS A 1066 34.82 -21.55 -81.87
N HIS A 1067 35.38 -20.52 -82.51
CA HIS A 1067 35.39 -20.45 -83.96
C HIS A 1067 36.80 -20.55 -84.53
N ASP A 1068 37.68 -19.61 -84.21
CA ASP A 1068 39.07 -19.67 -84.67
C ASP A 1068 39.98 -20.20 -83.57
N GLY A 1069 39.63 -21.39 -83.07
CA GLY A 1069 40.40 -21.99 -81.99
C GLY A 1069 40.38 -21.23 -80.70
N LYS A 1070 39.39 -20.37 -80.48
CA LYS A 1070 39.33 -19.50 -79.32
C LYS A 1070 37.88 -19.24 -78.94
N ALA A 1071 37.62 -19.15 -77.65
CA ALA A 1071 36.26 -18.98 -77.17
C ALA A 1071 35.73 -17.58 -77.50
N HIS A 1072 34.42 -17.43 -77.39
CA HIS A 1072 33.77 -16.13 -77.62
C HIS A 1072 32.61 -16.00 -76.64
N PHE A 1073 32.72 -15.04 -75.75
CA PHE A 1073 31.67 -14.86 -74.75
C PHE A 1073 30.82 -13.66 -75.13
N PRO A 1074 29.53 -13.61 -74.77
CA PRO A 1074 28.71 -12.44 -75.10
C PRO A 1074 29.10 -11.24 -74.26
N ARG A 1075 28.90 -10.05 -74.83
CA ARG A 1075 29.14 -8.83 -74.07
C ARG A 1075 28.03 -8.60 -73.06
N GLU A 1076 26.80 -8.40 -73.54
CA GLU A 1076 25.61 -8.32 -72.69
C GLU A 1076 24.51 -9.12 -73.38
N GLY A 1077 24.40 -10.39 -73.02
CA GLY A 1077 23.42 -11.26 -73.62
C GLY A 1077 23.74 -12.71 -73.31
N VAL A 1078 22.87 -13.58 -73.81
CA VAL A 1078 23.01 -15.01 -73.63
C VAL A 1078 22.83 -15.68 -74.99
N PHE A 1079 23.62 -16.71 -75.25
CA PHE A 1079 23.60 -17.36 -76.56
C PHE A 1079 22.41 -18.30 -76.66
N VAL A 1080 21.48 -17.99 -77.57
CA VAL A 1080 20.20 -18.67 -77.66
C VAL A 1080 20.03 -19.20 -79.07
N SER A 1081 19.68 -20.50 -79.17
CA SER A 1081 19.39 -21.12 -80.46
C SER A 1081 17.97 -21.67 -80.44
N ASN A 1082 17.29 -21.54 -81.58
CA ASN A 1082 15.94 -22.06 -81.73
C ASN A 1082 15.91 -23.46 -82.33
N GLY A 1083 17.07 -24.05 -82.61
CA GLY A 1083 17.11 -25.41 -83.11
C GLY A 1083 18.10 -25.63 -84.24
N THR A 1084 18.33 -24.61 -85.06
CA THR A 1084 19.25 -24.72 -86.19
C THR A 1084 20.32 -23.63 -86.17
N HIS A 1085 19.95 -22.40 -85.85
CA HIS A 1085 20.86 -21.26 -85.91
C HIS A 1085 21.06 -20.68 -84.52
N TRP A 1086 22.26 -20.19 -84.27
CA TRP A 1086 22.63 -19.62 -82.98
C TRP A 1086 22.51 -18.11 -83.03
N PHE A 1087 21.88 -17.54 -82.00
CA PHE A 1087 21.66 -16.10 -81.91
C PHE A 1087 22.01 -15.61 -80.52
N VAL A 1088 22.23 -14.30 -80.41
CA VAL A 1088 22.44 -13.64 -79.13
C VAL A 1088 21.31 -12.64 -78.92
N THR A 1089 20.71 -12.66 -77.73
CA THR A 1089 19.57 -11.79 -77.44
C THR A 1089 19.85 -10.96 -76.20
N GLN A 1090 18.82 -10.27 -75.70
CA GLN A 1090 18.87 -9.67 -74.38
C GLN A 1090 18.40 -10.68 -73.35
N ARG A 1091 18.19 -10.21 -72.12
CA ARG A 1091 17.80 -11.13 -71.07
C ARG A 1091 16.30 -11.06 -70.77
N ASN A 1092 15.73 -9.86 -70.77
CA ASN A 1092 14.36 -9.65 -70.34
C ASN A 1092 13.38 -9.44 -71.49
N PHE A 1093 13.84 -9.56 -72.73
CA PHE A 1093 12.97 -9.36 -73.88
C PHE A 1093 13.58 -10.10 -75.06
N TYR A 1094 12.76 -10.85 -75.79
CA TYR A 1094 13.28 -11.64 -76.90
C TYR A 1094 13.58 -10.73 -78.09
N GLU A 1095 14.84 -10.74 -78.52
CA GLU A 1095 15.27 -10.00 -79.70
C GLU A 1095 16.50 -10.69 -80.29
N PRO A 1096 16.31 -11.58 -81.27
CA PRO A 1096 17.46 -12.30 -81.84
C PRO A 1096 18.34 -11.39 -82.67
N GLN A 1097 19.64 -11.66 -82.62
CA GLN A 1097 20.64 -10.92 -83.38
C GLN A 1097 21.63 -11.91 -83.97
N ILE A 1098 22.22 -11.52 -85.10
CA ILE A 1098 23.26 -12.34 -85.71
C ILE A 1098 24.56 -12.15 -84.94
N ILE A 1099 25.43 -13.15 -85.02
CA ILE A 1099 26.67 -13.13 -84.24
C ILE A 1099 27.71 -12.30 -84.97
N THR A 1100 28.25 -11.29 -84.29
CA THR A 1100 29.24 -10.39 -84.86
C THR A 1100 30.26 -10.12 -83.76
N THR A 1101 31.48 -9.74 -84.17
CA THR A 1101 32.55 -9.47 -83.22
C THR A 1101 32.26 -8.28 -82.31
N ASP A 1102 31.30 -7.42 -82.67
CA ASP A 1102 30.87 -6.36 -81.76
C ASP A 1102 30.17 -6.90 -80.53
N ASN A 1103 29.39 -7.98 -80.68
CA ASN A 1103 28.64 -8.56 -79.58
C ASN A 1103 29.47 -9.46 -78.68
N THR A 1104 30.65 -9.89 -79.12
CA THR A 1104 31.43 -10.89 -78.43
C THR A 1104 32.82 -10.36 -78.08
N PHE A 1105 33.39 -10.87 -77.00
CA PHE A 1105 34.79 -10.61 -76.66
C PHE A 1105 35.50 -11.94 -76.45
N VAL A 1106 36.71 -12.02 -76.96
CA VAL A 1106 37.47 -13.26 -76.99
C VAL A 1106 38.32 -13.40 -75.74
N SER A 1107 38.44 -14.62 -75.23
CA SER A 1107 39.24 -14.87 -74.03
C SER A 1107 39.84 -16.27 -74.12
N GLY A 1108 41.08 -16.35 -74.60
CA GLY A 1108 41.87 -17.56 -74.50
C GLY A 1108 41.41 -18.69 -75.41
N ASN A 1109 41.96 -19.87 -75.12
CA ASN A 1109 41.67 -21.08 -75.88
C ASN A 1109 40.29 -21.62 -75.53
N CYS A 1110 39.82 -22.57 -76.34
CA CYS A 1110 38.47 -23.09 -76.20
C CYS A 1110 38.46 -24.56 -75.80
N ASP A 1111 39.28 -24.94 -74.83
CA ASP A 1111 39.28 -26.30 -74.31
C ASP A 1111 39.00 -26.38 -72.82
N VAL A 1112 39.30 -25.33 -72.05
CA VAL A 1112 39.08 -25.37 -70.60
C VAL A 1112 37.59 -25.32 -70.28
N VAL A 1113 36.84 -24.53 -71.03
CA VAL A 1113 35.42 -24.33 -70.74
C VAL A 1113 34.62 -25.57 -71.12
N ILE A 1114 33.67 -25.94 -70.25
CA ILE A 1114 32.83 -27.11 -70.45
C ILE A 1114 31.50 -26.65 -71.02
N GLY A 1115 30.99 -27.41 -72.00
CA GLY A 1115 29.71 -27.10 -72.61
C GLY A 1115 29.78 -26.21 -73.83
N ILE A 1116 30.98 -25.94 -74.35
CA ILE A 1116 31.11 -25.09 -75.52
C ILE A 1116 30.56 -25.81 -76.75
N VAL A 1117 30.07 -25.03 -77.71
CA VAL A 1117 29.53 -25.58 -78.95
C VAL A 1117 30.24 -24.92 -80.12
N ASN A 1118 30.38 -25.66 -81.22
CA ASN A 1118 31.05 -25.14 -82.40
C ASN A 1118 30.06 -24.46 -83.33
N ASN A 1119 30.41 -23.26 -83.77
CA ASN A 1119 29.60 -22.48 -84.70
C ASN A 1119 30.54 -21.49 -85.39
N THR A 1120 29.98 -20.49 -86.05
CA THR A 1120 30.76 -19.47 -86.72
C THR A 1120 30.41 -18.09 -86.17
N VAL A 1121 31.42 -17.22 -86.11
CA VAL A 1121 31.25 -15.84 -85.68
C VAL A 1121 31.79 -14.95 -86.78
N TYR A 1122 30.97 -14.00 -87.24
CA TYR A 1122 31.32 -13.16 -88.38
C TYR A 1122 31.94 -11.86 -87.90
N ASP A 1123 32.59 -11.18 -88.85
CA ASP A 1123 33.21 -9.89 -88.62
C ASP A 1123 32.66 -8.88 -89.61
N PRO A 1124 32.52 -7.60 -89.23
CA PRO A 1124 31.96 -6.61 -90.14
C PRO A 1124 32.95 -5.96 -91.09
N LEU A 1125 34.24 -5.99 -90.78
CA LEU A 1125 35.23 -5.33 -91.63
C LEU A 1125 35.46 -6.09 -92.93
N GLN A 1126 35.37 -7.43 -92.88
CA GLN A 1126 35.60 -8.24 -94.06
C GLN A 1126 34.62 -8.00 -95.21
N PRO A 1127 33.30 -7.87 -95.00
CA PRO A 1127 32.43 -7.50 -96.14
C PRO A 1127 32.68 -6.12 -96.71
N GLU A 1128 33.32 -5.21 -95.96
CA GLU A 1128 33.61 -3.88 -96.50
C GLU A 1128 34.62 -3.95 -97.63
N LEU A 1129 35.62 -4.81 -97.50
CA LEU A 1129 36.59 -5.03 -98.56
C LEU A 1129 36.13 -6.09 -99.57
N ASP A 1130 34.95 -6.68 -99.36
CA ASP A 1130 34.44 -7.68 -100.28
C ASP A 1130 33.96 -7.05 -101.58
N SER A 1131 33.51 -5.80 -101.53
CA SER A 1131 33.03 -5.10 -102.72
C SER A 1131 34.16 -4.70 -103.66
N PHE A 1132 35.41 -4.77 -103.22
CA PHE A 1132 36.55 -4.41 -104.07
C PHE A 1132 37.28 -5.62 -104.64
N LYS A 1133 37.09 -6.80 -104.05
CA LYS A 1133 37.63 -8.02 -104.64
C LYS A 1133 36.87 -8.39 -105.91
N GLU A 1134 35.56 -8.15 -105.92
CA GLU A 1134 34.77 -8.40 -107.13
C GLU A 1134 35.04 -7.35 -108.19
N GLU A 1135 35.38 -6.13 -107.76
CA GLU A 1135 35.68 -5.05 -108.71
C GLU A 1135 36.99 -5.32 -109.46
N LEU A 1136 38.02 -5.77 -108.75
CA LEU A 1136 39.32 -6.01 -109.35
C LEU A 1136 39.40 -7.33 -110.11
N ASP A 1137 38.37 -8.16 -110.02
CA ASP A 1137 38.41 -9.47 -110.69
C ASP A 1137 38.25 -9.36 -112.20
N LYS A 1138 37.50 -8.36 -112.67
CA LYS A 1138 37.25 -8.24 -114.10
C LYS A 1138 38.47 -7.73 -114.85
N TYR A 1139 39.27 -6.86 -114.23
CA TYR A 1139 40.42 -6.28 -114.90
C TYR A 1139 41.56 -7.26 -115.06
N PHE A 1140 41.56 -8.38 -114.33
CA PHE A 1140 42.61 -9.36 -114.47
C PHE A 1140 42.48 -10.16 -115.75
N LYS A 1141 41.25 -10.36 -116.22
CA LYS A 1141 41.03 -11.11 -117.46
C LYS A 1141 41.26 -10.25 -118.70
N ASN A 1142 41.37 -8.94 -118.54
CA ASN A 1142 41.59 -8.03 -119.66
C ASN A 1142 43.07 -7.77 -119.94
N HIS A 1143 43.96 -8.43 -119.20
CA HIS A 1143 45.39 -8.20 -119.38
C HIS A 1143 46.12 -9.51 -119.69
N THR A 1144 45.65 -10.61 -119.11
CA THR A 1144 46.29 -11.91 -119.35
C THR A 1144 45.91 -12.48 -120.71
N SER A 1145 44.66 -12.27 -121.14
CA SER A 1145 44.22 -12.80 -122.43
C SER A 1145 44.95 -12.19 -123.64
N PRO A 1146 45.16 -10.86 -123.75
CA PRO A 1146 45.90 -10.50 -124.97
C PRO A 1146 47.42 -10.59 -124.77
N VAL B 1 -35.56 -67.47 60.83
CA VAL B 1 -35.80 -66.42 59.84
C VAL B 1 -37.16 -65.78 60.07
N GLN B 2 -37.57 -65.68 61.33
CA GLN B 2 -38.90 -65.19 61.65
C GLN B 2 -38.82 -64.18 62.78
N LEU B 3 -39.84 -63.33 62.86
CA LEU B 3 -39.93 -62.25 63.82
C LEU B 3 -41.19 -62.40 64.66
N VAL B 4 -41.07 -62.11 65.96
CA VAL B 4 -42.18 -62.17 66.89
C VAL B 4 -42.22 -60.88 67.70
N GLN B 5 -43.39 -60.59 68.26
CA GLN B 5 -43.63 -59.39 69.04
C GLN B 5 -43.84 -59.76 70.51
N SER B 6 -44.18 -58.74 71.30
CA SER B 6 -44.50 -58.89 72.71
C SER B 6 -45.96 -58.50 72.93
N GLY B 7 -46.38 -58.51 74.21
CA GLY B 7 -47.73 -58.19 74.59
C GLY B 7 -47.82 -56.80 75.19
N ALA B 8 -49.02 -56.21 75.14
CA ALA B 8 -49.26 -54.89 75.68
C ALA B 8 -50.72 -54.77 76.09
N GLU B 9 -51.00 -53.80 76.94
CA GLU B 9 -52.34 -53.57 77.45
C GLU B 9 -52.60 -52.07 77.51
N VAL B 10 -53.68 -51.69 78.18
CA VAL B 10 -54.04 -50.27 78.30
C VAL B 10 -53.13 -49.60 79.31
N LYS B 11 -52.58 -48.44 78.93
CA LYS B 11 -51.71 -47.66 79.79
C LYS B 11 -52.39 -46.35 80.16
N LYS B 12 -51.95 -45.78 81.29
CA LYS B 12 -52.52 -44.54 81.76
C LYS B 12 -52.09 -43.36 80.86
N PRO B 13 -52.95 -42.35 80.72
CA PRO B 13 -52.56 -41.17 79.95
C PRO B 13 -51.45 -40.39 80.65
N GLY B 14 -50.65 -39.70 79.85
CA GLY B 14 -49.50 -38.98 80.37
C GLY B 14 -48.41 -39.88 80.91
N ALA B 15 -48.12 -40.98 80.21
CA ALA B 15 -47.11 -41.93 80.62
C ALA B 15 -46.27 -42.30 79.39
N SER B 16 -45.43 -43.33 79.55
CA SER B 16 -44.57 -43.80 78.48
C SER B 16 -44.77 -45.30 78.28
N VAL B 17 -44.67 -45.73 77.03
CA VAL B 17 -44.80 -47.14 76.68
C VAL B 17 -43.50 -47.64 76.10
N LYS B 18 -43.29 -48.96 76.21
CA LYS B 18 -42.07 -49.61 75.75
C LYS B 18 -42.46 -50.84 74.94
N VAL B 19 -41.91 -50.96 73.73
CA VAL B 19 -42.20 -52.07 72.82
C VAL B 19 -40.90 -52.80 72.55
N SER B 20 -40.94 -54.13 72.60
CA SER B 20 -39.79 -54.96 72.26
C SER B 20 -40.24 -56.08 71.33
N CYS B 21 -39.47 -56.32 70.27
CA CYS B 21 -39.76 -57.40 69.33
C CYS B 21 -38.48 -58.20 69.09
N LYS B 22 -38.64 -59.52 68.95
CA LYS B 22 -37.52 -60.42 68.79
C LYS B 22 -37.46 -60.91 67.35
N ALA B 23 -36.26 -61.22 66.87
CA ALA B 23 -36.04 -61.75 65.55
C ALA B 23 -35.05 -62.90 65.60
N SER B 24 -35.17 -63.82 64.64
CA SER B 24 -34.25 -64.95 64.55
C SER B 24 -34.01 -65.28 63.08
N GLY B 25 -32.86 -65.88 62.80
CA GLY B 25 -32.48 -66.18 61.43
C GLY B 25 -31.13 -65.60 61.03
N TYR B 26 -31.16 -64.60 60.15
CA TYR B 26 -29.95 -64.02 59.58
C TYR B 26 -29.14 -63.22 60.59
N THR B 27 -28.02 -62.64 60.13
CA THR B 27 -27.18 -61.84 61.01
C THR B 27 -27.90 -60.56 61.40
N PHE B 28 -27.86 -60.24 62.70
CA PHE B 28 -28.57 -59.08 63.23
C PHE B 28 -27.95 -57.76 62.74
N SER B 29 -26.63 -57.72 62.63
CA SER B 29 -25.91 -56.50 62.26
C SER B 29 -25.81 -56.30 60.76
N SER B 30 -26.31 -57.24 59.96
CA SER B 30 -26.25 -57.13 58.50
C SER B 30 -27.62 -56.88 57.87
N TYR B 31 -28.49 -56.14 58.55
CA TYR B 31 -29.84 -55.87 58.06
C TYR B 31 -30.34 -54.59 58.70
N TYR B 32 -31.41 -54.02 58.15
CA TYR B 32 -31.96 -52.79 58.69
C TYR B 32 -33.44 -52.97 59.01
N ILE B 33 -33.92 -52.19 59.98
CA ILE B 33 -35.28 -52.32 60.49
C ILE B 33 -35.96 -50.95 60.47
N HIS B 34 -37.13 -50.90 59.85
CA HIS B 34 -38.00 -49.73 59.90
C HIS B 34 -38.97 -49.89 61.07
N TRP B 35 -39.34 -48.77 61.70
CA TRP B 35 -40.35 -48.76 62.75
C TRP B 35 -41.57 -48.02 62.26
N VAL B 36 -42.71 -48.71 62.20
CA VAL B 36 -43.92 -48.13 61.64
C VAL B 36 -45.08 -48.31 62.62
N ARG B 37 -46.05 -47.41 62.51
CA ARG B 37 -47.29 -47.49 63.28
C ARG B 37 -48.47 -47.29 62.35
N GLN B 38 -49.44 -48.19 62.45
CA GLN B 38 -50.65 -48.14 61.63
C GLN B 38 -51.84 -47.80 62.51
N ALA B 39 -52.54 -46.73 62.17
CA ALA B 39 -53.76 -46.32 62.85
C ALA B 39 -54.98 -46.90 62.13
N PRO B 40 -56.04 -47.25 62.86
CA PRO B 40 -57.25 -47.75 62.20
C PRO B 40 -57.94 -46.65 61.40
N GLY B 41 -58.33 -47.00 60.18
CA GLY B 41 -58.99 -46.05 59.29
C GLY B 41 -58.07 -45.07 58.59
N GLN B 42 -56.75 -45.25 58.72
CA GLN B 42 -55.79 -44.34 58.10
C GLN B 42 -54.56 -45.15 57.68
N GLY B 43 -53.77 -44.57 56.79
CA GLY B 43 -52.57 -45.21 56.30
C GLY B 43 -51.46 -45.25 57.32
N PRO B 44 -50.49 -46.12 57.12
CA PRO B 44 -49.35 -46.22 58.04
C PRO B 44 -48.34 -45.10 57.85
N GLU B 45 -47.61 -44.81 58.92
CA GLU B 45 -46.56 -43.81 58.90
C GLU B 45 -45.28 -44.42 59.47
N TRP B 46 -44.15 -44.10 58.83
CA TRP B 46 -42.85 -44.55 59.28
C TRP B 46 -42.14 -43.42 60.00
N MET B 47 -41.57 -43.74 61.17
CA MET B 47 -40.89 -42.74 61.97
C MET B 47 -39.40 -43.03 62.12
N ALA B 48 -39.02 -44.21 62.62
CA ALA B 48 -37.66 -44.43 63.08
C ALA B 48 -36.96 -45.50 62.27
N ILE B 49 -35.64 -45.34 62.15
CA ILE B 49 -34.77 -46.32 61.51
C ILE B 49 -33.91 -46.97 62.60
N ILE B 50 -33.52 -48.22 62.36
CA ILE B 50 -32.64 -48.96 63.24
C ILE B 50 -31.30 -49.12 62.54
N ASN B 51 -30.21 -48.91 63.27
CA ASN B 51 -28.88 -49.29 62.79
C ASN B 51 -28.26 -50.24 63.81
N PRO B 52 -28.31 -51.55 63.58
CA PRO B 52 -27.69 -52.50 64.51
C PRO B 52 -26.18 -52.40 64.48
N GLY B 53 -25.54 -52.94 65.53
CA GLY B 53 -24.12 -52.76 65.70
C GLY B 53 -23.84 -51.56 66.58
N ASP B 54 -23.58 -50.40 65.96
CA ASP B 54 -23.44 -49.16 66.70
C ASP B 54 -24.77 -48.65 67.26
N GLY B 55 -25.90 -49.20 66.82
CA GLY B 55 -27.19 -48.78 67.30
C GLY B 55 -27.59 -47.37 66.90
N GLY B 56 -27.34 -46.99 65.65
CA GLY B 56 -27.65 -45.64 65.21
C GLY B 56 -29.14 -45.44 65.00
N ALA B 57 -29.59 -44.20 65.09
CA ALA B 57 -31.01 -43.87 65.04
C ALA B 57 -31.24 -42.63 64.19
N SER B 58 -32.40 -42.58 63.56
CA SER B 58 -32.90 -41.37 62.90
C SER B 58 -34.42 -41.44 62.86
N TYR B 59 -35.06 -40.31 63.17
CA TYR B 59 -36.50 -40.23 63.33
C TYR B 59 -37.07 -39.23 62.33
N ALA B 60 -38.39 -39.04 62.40
CA ALA B 60 -39.10 -38.12 61.54
C ALA B 60 -39.04 -36.72 62.13
N GLN B 61 -39.84 -35.79 61.57
CA GLN B 61 -39.83 -34.42 62.05
C GLN B 61 -40.87 -34.21 63.15
N LYS B 62 -42.06 -34.75 62.97
CA LYS B 62 -43.13 -34.58 63.96
C LYS B 62 -42.96 -35.47 65.19
N PHE B 63 -42.13 -36.51 65.10
CA PHE B 63 -41.93 -37.44 66.21
C PHE B 63 -40.47 -37.50 66.66
N GLN B 64 -39.81 -36.37 66.85
CA GLN B 64 -38.42 -36.39 67.30
C GLN B 64 -38.27 -35.61 68.60
N GLY B 65 -37.49 -36.18 69.52
CA GLY B 65 -37.28 -35.59 70.82
C GLY B 65 -38.14 -36.19 71.90
N ARG B 66 -39.24 -36.84 71.50
CA ARG B 66 -40.11 -37.54 72.43
C ARG B 66 -39.93 -39.05 72.37
N VAL B 67 -38.99 -39.53 71.58
CA VAL B 67 -38.87 -40.94 71.21
C VAL B 67 -37.49 -41.46 71.60
N THR B 68 -37.45 -42.57 72.33
CA THR B 68 -36.21 -43.14 72.84
C THR B 68 -35.99 -44.51 72.20
N LEU B 69 -34.73 -44.81 71.84
CA LEU B 69 -34.40 -46.04 71.14
C LEU B 69 -33.22 -46.71 71.81
N THR B 70 -33.30 -48.02 72.00
CA THR B 70 -32.20 -48.82 72.51
C THR B 70 -32.07 -50.08 71.68
N ARG B 71 -30.85 -50.36 71.21
CA ARG B 71 -30.58 -51.49 70.35
C ARG B 71 -29.35 -52.24 70.85
N ASP B 72 -29.44 -53.57 70.82
CA ASP B 72 -28.32 -54.43 71.17
C ASP B 72 -28.42 -55.71 70.35
N THR B 73 -27.27 -56.36 70.14
CA THR B 73 -27.18 -57.55 69.31
C THR B 73 -27.14 -58.83 70.12
N SER B 74 -26.61 -58.79 71.34
CA SER B 74 -26.56 -59.98 72.18
C SER B 74 -27.95 -60.39 72.63
N THR B 75 -28.75 -59.43 73.11
CA THR B 75 -30.11 -59.72 73.49
C THR B 75 -31.02 -59.86 72.27
N SER B 76 -30.65 -59.19 71.18
CA SER B 76 -31.40 -59.17 69.91
C SER B 76 -32.83 -58.67 70.12
N THR B 77 -32.94 -57.60 70.90
CA THR B 77 -34.21 -56.94 71.15
C THR B 77 -34.08 -55.48 70.79
N LEU B 78 -35.21 -54.84 70.49
CA LEU B 78 -35.27 -53.43 70.17
C LEU B 78 -36.18 -52.73 71.16
N TYR B 79 -35.59 -52.07 72.15
CA TYR B 79 -36.34 -51.35 73.17
C TYR B 79 -36.79 -50.02 72.58
N MET B 80 -38.09 -49.90 72.33
CA MET B 80 -38.65 -48.81 71.53
C MET B 80 -39.57 -48.05 72.48
N GLU B 81 -39.12 -46.90 72.99
CA GLU B 81 -39.85 -46.18 74.03
C GLU B 81 -40.53 -44.95 73.42
N LEU B 82 -41.84 -44.86 73.64
CA LEU B 82 -42.62 -43.68 73.26
C LEU B 82 -43.07 -42.95 74.50
N SER B 83 -42.96 -41.63 74.48
CA SER B 83 -43.28 -40.79 75.64
C SER B 83 -44.45 -39.88 75.34
N SER B 84 -45.10 -39.42 76.41
CA SER B 84 -46.25 -38.51 76.38
C SER B 84 -47.40 -39.10 75.55
N LEU B 85 -47.91 -40.22 76.05
CA LEU B 85 -48.97 -40.93 75.36
C LEU B 85 -50.31 -40.20 75.51
N ARG B 86 -51.00 -40.02 74.39
CA ARG B 86 -52.32 -39.41 74.36
C ARG B 86 -53.29 -40.35 73.67
N SER B 87 -54.55 -39.92 73.59
CA SER B 87 -55.59 -40.76 72.98
C SER B 87 -55.43 -40.86 71.47
N GLU B 88 -54.70 -39.95 70.85
CA GLU B 88 -54.50 -39.99 69.39
C GLU B 88 -53.43 -40.99 68.99
N ASP B 89 -52.64 -41.50 69.93
CA ASP B 89 -51.54 -42.41 69.64
C ASP B 89 -51.94 -43.88 69.73
N THR B 90 -53.21 -44.20 69.48
CA THR B 90 -53.67 -45.58 69.50
C THR B 90 -53.42 -46.20 68.13
N ALA B 91 -52.32 -46.95 68.01
CA ALA B 91 -51.94 -47.53 66.73
C ALA B 91 -51.15 -48.81 66.99
N VAL B 92 -51.10 -49.65 65.95
CA VAL B 92 -50.36 -50.92 66.01
C VAL B 92 -48.94 -50.68 65.54
N TYR B 93 -47.98 -51.05 66.37
CA TYR B 93 -46.56 -50.87 66.10
C TYR B 93 -45.99 -52.13 65.45
N TYR B 94 -45.12 -51.92 64.46
CA TYR B 94 -44.43 -52.99 63.76
C TYR B 94 -42.97 -52.61 63.57
N CYS B 95 -42.08 -53.59 63.76
CA CYS B 95 -40.67 -53.47 63.44
C CYS B 95 -40.42 -54.25 62.15
N ALA B 96 -40.02 -53.55 61.10
CA ALA B 96 -39.93 -54.13 59.76
C ALA B 96 -38.58 -54.81 59.58
N ARG B 97 -38.25 -55.14 58.33
CA ARG B 97 -36.98 -55.74 57.99
C ARG B 97 -36.62 -55.36 56.56
N ALA B 98 -35.66 -54.45 56.42
CA ALA B 98 -35.30 -53.86 55.14
C ALA B 98 -34.42 -54.82 54.33
N GLU B 99 -33.94 -54.33 53.19
CA GLU B 99 -33.10 -55.14 52.31
C GLU B 99 -31.73 -55.39 52.92
N GLY B 100 -31.24 -54.45 53.73
CA GLY B 100 -29.96 -54.62 54.38
C GLY B 100 -28.90 -53.69 53.83
N SER B 101 -28.14 -53.07 54.74
CA SER B 101 -27.03 -52.16 54.46
C SER B 101 -27.44 -50.92 53.68
N SER B 102 -28.74 -50.61 53.63
CA SER B 102 -29.26 -49.43 52.95
C SER B 102 -30.67 -49.18 53.43
N TRP B 103 -31.04 -47.90 53.62
CA TRP B 103 -32.44 -47.55 53.98
C TRP B 103 -33.31 -47.76 52.74
N LEU B 104 -32.77 -47.49 51.54
CA LEU B 104 -33.48 -47.73 50.29
C LEU B 104 -33.50 -49.22 50.04
N GLY B 105 -34.63 -49.86 50.32
CA GLY B 105 -34.70 -51.30 50.22
C GLY B 105 -36.14 -51.78 50.17
N TRP B 106 -36.27 -53.10 50.12
CA TRP B 106 -37.54 -53.78 49.98
C TRP B 106 -37.94 -54.41 51.31
N PHE B 107 -39.25 -54.66 51.46
CA PHE B 107 -39.82 -55.04 52.74
C PHE B 107 -39.97 -56.55 52.84
N ASP B 108 -39.32 -57.14 53.84
CA ASP B 108 -39.55 -58.53 54.20
C ASP B 108 -40.87 -58.64 54.96
N PRO B 109 -41.45 -59.84 55.08
CA PRO B 109 -42.65 -60.01 55.91
C PRO B 109 -42.41 -59.64 57.36
N TRP B 110 -43.43 -59.04 57.97
CA TRP B 110 -43.32 -58.47 59.31
C TRP B 110 -43.74 -59.51 60.35
N GLY B 111 -43.92 -59.05 61.59
CA GLY B 111 -44.38 -59.90 62.67
C GLY B 111 -45.89 -59.87 62.83
N GLN B 112 -46.33 -59.71 64.07
CA GLN B 112 -47.74 -59.68 64.40
C GLN B 112 -48.21 -58.35 64.95
N GLY B 113 -47.29 -57.43 65.25
CA GLY B 113 -47.65 -56.11 65.72
C GLY B 113 -47.88 -56.08 67.23
N THR B 114 -47.82 -54.86 67.77
CA THR B 114 -48.10 -54.62 69.19
C THR B 114 -49.11 -53.50 69.29
N LEU B 115 -50.21 -53.75 70.02
CA LEU B 115 -51.31 -52.79 70.12
C LEU B 115 -51.29 -52.14 71.50
N VAL B 116 -51.32 -50.80 71.52
CA VAL B 116 -51.40 -50.03 72.75
C VAL B 116 -52.57 -49.06 72.63
N THR B 117 -53.21 -48.77 73.76
CA THR B 117 -54.34 -47.85 73.81
C THR B 117 -54.19 -46.95 75.03
N VAL B 118 -54.77 -45.76 74.93
CA VAL B 118 -54.74 -44.79 76.01
C VAL B 118 -56.16 -44.40 76.42
N SER C 1 -45.62 -35.61 48.36
CA SER C 1 -47.07 -35.62 48.24
C SER C 1 -47.71 -36.30 49.44
N VAL C 2 -48.95 -36.77 49.26
CA VAL C 2 -49.70 -37.41 50.33
C VAL C 2 -50.23 -38.74 49.81
N LEU C 3 -49.94 -39.03 48.54
CA LEU C 3 -50.34 -40.27 47.85
C LEU C 3 -51.87 -40.41 47.84
N THR C 4 -52.50 -39.50 47.11
CA THR C 4 -53.95 -39.52 46.94
C THR C 4 -54.40 -40.81 46.26
N GLN C 5 -55.40 -41.46 46.85
CA GLN C 5 -55.93 -42.73 46.38
C GLN C 5 -57.45 -42.69 46.47
N PRO C 6 -58.14 -43.27 45.48
CA PRO C 6 -59.61 -43.34 45.54
C PRO C 6 -60.09 -44.14 46.73
N PRO C 7 -61.20 -43.73 47.36
CA PRO C 7 -61.65 -44.42 48.58
C PRO C 7 -62.13 -45.84 48.36
N SER C 8 -62.61 -46.18 47.16
CA SER C 8 -63.11 -47.51 46.91
C SER C 8 -62.92 -47.84 45.43
N ALA C 9 -62.93 -49.14 45.13
CA ALA C 9 -62.82 -49.62 43.75
C ALA C 9 -63.61 -50.92 43.66
N SER C 10 -64.87 -50.83 43.25
CA SER C 10 -65.74 -51.99 43.12
C SER C 10 -65.48 -52.70 41.80
N GLY C 11 -65.97 -53.93 41.71
CA GLY C 11 -65.78 -54.72 40.51
C GLY C 11 -66.60 -55.98 40.54
N THR C 12 -66.52 -56.73 39.45
CA THR C 12 -67.24 -57.97 39.26
C THR C 12 -66.26 -59.08 38.88
N PRO C 13 -66.60 -60.34 39.18
CA PRO C 13 -65.75 -61.45 38.72
C PRO C 13 -65.67 -61.51 37.20
N GLY C 14 -64.49 -61.86 36.70
CA GLY C 14 -64.24 -61.85 35.26
C GLY C 14 -63.96 -60.50 34.68
N GLN C 15 -63.79 -59.47 35.50
CA GLN C 15 -63.57 -58.11 35.03
C GLN C 15 -62.24 -57.59 35.56
N ARG C 16 -61.56 -56.79 34.74
CA ARG C 16 -60.30 -56.17 35.12
C ARG C 16 -60.53 -54.69 35.41
N VAL C 17 -60.07 -54.24 36.58
CA VAL C 17 -60.19 -52.85 37.00
C VAL C 17 -58.80 -52.30 37.26
N THR C 18 -58.56 -51.07 36.82
CA THR C 18 -57.28 -50.40 36.99
C THR C 18 -57.43 -49.36 38.09
N ILE C 19 -56.59 -49.45 39.11
CA ILE C 19 -56.59 -48.53 40.23
C ILE C 19 -55.19 -47.93 40.35
N SER C 20 -55.12 -46.63 40.65
CA SER C 20 -53.87 -45.90 40.58
C SER C 20 -53.68 -45.02 41.80
N CYS C 21 -52.42 -44.82 42.17
CA CYS C 21 -52.03 -43.82 43.16
C CYS C 21 -51.40 -42.64 42.42
N SER C 22 -51.92 -41.44 42.67
CA SER C 22 -51.47 -40.23 42.02
C SER C 22 -50.69 -39.38 43.00
N GLY C 23 -49.50 -38.93 42.59
CA GLY C 23 -48.67 -38.09 43.44
C GLY C 23 -48.32 -36.78 42.78
N SER C 24 -47.07 -36.34 42.94
CA SER C 24 -46.60 -35.09 42.36
C SER C 24 -45.12 -35.23 42.05
N SER C 25 -44.46 -34.11 41.82
CA SER C 25 -43.04 -34.11 41.51
C SER C 25 -42.21 -34.47 42.75
N SER C 26 -41.03 -35.04 42.50
CA SER C 26 -40.03 -35.48 43.46
C SER C 26 -40.51 -36.58 44.40
N ASN C 27 -41.68 -37.17 44.15
CA ASN C 27 -42.17 -38.30 44.94
C ASN C 27 -42.54 -39.49 44.07
N ILE C 28 -43.17 -39.27 42.93
CA ILE C 28 -43.57 -40.35 42.04
C ILE C 28 -42.82 -40.21 40.71
N GLY C 29 -42.54 -38.97 40.33
CA GLY C 29 -41.88 -38.73 39.05
C GLY C 29 -40.44 -39.20 39.02
N SER C 30 -39.70 -38.97 40.12
CA SER C 30 -38.31 -39.38 40.21
C SER C 30 -38.14 -40.65 41.03
N ASN C 31 -38.81 -40.67 42.19
CA ASN C 31 -38.68 -41.83 43.11
C ASN C 31 -39.52 -43.01 42.60
N TYR C 32 -39.18 -44.21 43.06
CA TYR C 32 -39.89 -45.42 42.66
C TYR C 32 -41.29 -45.46 43.28
N VAL C 33 -42.08 -46.42 42.83
CA VAL C 33 -43.45 -46.62 43.30
C VAL C 33 -43.59 -48.02 43.88
N TYR C 34 -44.35 -48.12 44.96
CA TYR C 34 -44.60 -49.38 45.66
C TYR C 34 -46.10 -49.64 45.74
N TRP C 35 -46.45 -50.94 45.74
CA TRP C 35 -47.82 -51.36 46.00
C TRP C 35 -47.78 -52.53 46.97
N TYR C 36 -48.49 -52.39 48.08
CA TYR C 36 -48.53 -53.39 49.14
C TYR C 36 -49.98 -53.78 49.42
N GLN C 37 -50.20 -55.03 49.78
CA GLN C 37 -51.53 -55.56 50.02
C GLN C 37 -51.69 -55.94 51.48
N GLN C 38 -52.72 -55.40 52.12
CA GLN C 38 -53.07 -55.74 53.49
C GLN C 38 -54.36 -56.55 53.48
N LEU C 39 -54.35 -57.69 54.18
CA LEU C 39 -55.49 -58.57 54.39
C LEU C 39 -56.10 -58.28 55.76
N PRO C 40 -57.44 -58.41 55.90
CA PRO C 40 -58.06 -58.14 57.19
C PRO C 40 -57.73 -59.20 58.23
N GLY C 41 -57.25 -58.75 59.38
CA GLY C 41 -57.01 -59.64 60.50
C GLY C 41 -55.63 -60.27 60.55
N THR C 42 -54.81 -60.08 59.52
CA THR C 42 -53.48 -60.68 59.48
C THR C 42 -52.45 -59.56 59.40
N ALA C 43 -51.18 -59.94 59.28
CA ALA C 43 -50.04 -59.05 59.18
C ALA C 43 -50.05 -58.33 57.84
N PRO C 44 -49.46 -57.13 57.78
CA PRO C 44 -49.27 -56.48 56.48
C PRO C 44 -48.36 -57.29 55.57
N LYS C 45 -48.71 -57.32 54.29
CA LYS C 45 -48.00 -58.12 53.31
C LYS C 45 -47.61 -57.27 52.11
N LEU C 46 -46.81 -57.85 51.23
CA LEU C 46 -46.32 -57.16 50.04
C LEU C 46 -47.07 -57.64 48.81
N LEU C 47 -47.31 -56.72 47.89
CA LEU C 47 -47.93 -57.06 46.61
C LEU C 47 -46.95 -57.06 45.45
N ILE C 48 -46.22 -55.96 45.21
CA ILE C 48 -45.35 -55.91 44.05
C ILE C 48 -44.02 -55.25 44.40
N TYR C 49 -42.99 -55.65 43.66
CA TYR C 49 -41.69 -54.99 43.62
C TYR C 49 -41.75 -53.86 42.59
N ARG C 50 -40.59 -53.38 42.14
CA ARG C 50 -40.51 -52.47 41.01
C ARG C 50 -41.28 -53.03 39.81
N ASN C 51 -42.03 -52.15 39.15
CA ASN C 51 -43.11 -52.56 38.25
C ASN C 51 -42.62 -53.12 36.91
N ASN C 52 -41.85 -54.21 36.96
CA ASN C 52 -41.42 -54.88 35.74
C ASN C 52 -41.90 -56.33 35.70
N GLN C 53 -41.70 -57.07 36.79
CA GLN C 53 -42.04 -58.49 36.87
C GLN C 53 -42.69 -58.81 38.21
N ARG C 54 -43.02 -60.09 38.38
CA ARG C 54 -43.59 -60.56 39.64
C ARG C 54 -42.57 -60.46 40.77
N PRO C 55 -43.01 -60.14 42.00
CA PRO C 55 -42.06 -60.02 43.12
C PRO C 55 -41.30 -61.31 43.44
N SER C 56 -42.01 -62.37 43.82
CA SER C 56 -41.38 -63.67 44.02
C SER C 56 -42.09 -64.78 43.26
N GLY C 57 -43.42 -64.79 43.27
CA GLY C 57 -44.19 -65.72 42.46
C GLY C 57 -45.67 -65.43 42.53
N VAL C 58 -46.29 -65.30 41.36
CA VAL C 58 -47.71 -65.00 41.21
C VAL C 58 -48.04 -65.22 39.74
N PRO C 59 -49.27 -65.59 39.38
CA PRO C 59 -49.66 -65.54 37.97
C PRO C 59 -49.64 -64.12 37.43
N ASP C 60 -49.59 -64.01 36.10
CA ASP C 60 -49.41 -62.72 35.44
C ASP C 60 -50.69 -61.90 35.37
N ARG C 61 -51.71 -62.29 36.15
CA ARG C 61 -52.92 -61.49 36.24
C ARG C 61 -52.66 -60.16 36.95
N PHE C 62 -51.70 -60.14 37.87
CA PHE C 62 -51.33 -58.92 38.58
C PHE C 62 -50.18 -58.24 37.84
N SER C 63 -50.46 -57.06 37.29
CA SER C 63 -49.44 -56.29 36.60
C SER C 63 -49.80 -54.80 36.69
N GLY C 64 -48.78 -53.96 36.54
CA GLY C 64 -48.98 -52.53 36.62
C GLY C 64 -47.77 -51.80 36.07
N SER C 65 -47.91 -50.48 36.00
CA SER C 65 -46.86 -49.63 35.46
C SER C 65 -47.03 -48.23 36.06
N ARG C 66 -46.32 -47.26 35.50
CA ARG C 66 -46.41 -45.88 35.97
C ARG C 66 -46.37 -44.94 34.78
N SER C 67 -46.93 -43.75 34.96
CA SER C 67 -46.96 -42.71 33.93
C SER C 67 -47.08 -41.35 34.59
N GLY C 68 -46.19 -40.44 34.19
CA GLY C 68 -46.17 -39.08 34.71
C GLY C 68 -45.92 -39.02 36.21
N THR C 69 -46.95 -38.63 36.96
CA THR C 69 -46.89 -38.60 38.42
C THR C 69 -47.86 -39.60 39.04
N SER C 70 -48.21 -40.67 38.32
CA SER C 70 -49.15 -41.67 38.82
C SER C 70 -48.60 -43.06 38.58
N ALA C 71 -49.05 -44.00 39.41
CA ALA C 71 -48.72 -45.41 39.26
C ALA C 71 -50.00 -46.22 39.26
N SER C 72 -50.21 -46.98 38.18
CA SER C 72 -51.45 -47.72 37.97
C SER C 72 -51.19 -49.21 38.06
N LEU C 73 -52.22 -49.95 38.48
CA LEU C 73 -52.16 -51.38 38.65
C LEU C 73 -53.49 -51.97 38.20
N ALA C 74 -53.44 -53.02 37.37
CA ALA C 74 -54.65 -53.66 36.85
C ALA C 74 -54.85 -54.98 37.56
N ILE C 75 -56.06 -55.20 38.07
CA ILE C 75 -56.42 -56.41 38.79
C ILE C 75 -57.59 -57.06 38.06
N SER C 76 -57.43 -58.33 37.69
CA SER C 76 -58.45 -59.09 37.01
C SER C 76 -58.76 -60.36 37.79
N GLY C 77 -59.92 -60.95 37.48
CA GLY C 77 -60.34 -62.17 38.15
C GLY C 77 -60.67 -61.98 39.61
N LEU C 78 -61.74 -61.23 39.90
CA LEU C 78 -62.11 -60.95 41.27
C LEU C 78 -62.71 -62.18 41.93
N ARG C 79 -62.21 -62.51 43.11
CA ARG C 79 -62.67 -63.65 43.89
C ARG C 79 -63.17 -63.19 45.25
N SER C 80 -63.75 -64.13 46.00
CA SER C 80 -64.22 -63.81 47.34
C SER C 80 -63.06 -63.60 48.31
N GLU C 81 -61.96 -64.32 48.13
CA GLU C 81 -60.78 -64.14 48.97
C GLU C 81 -60.04 -62.85 48.64
N ASP C 82 -60.29 -62.26 47.48
CA ASP C 82 -59.61 -61.06 47.04
C ASP C 82 -60.02 -59.81 47.82
N GLU C 83 -61.04 -59.89 48.66
CA GLU C 83 -61.50 -58.74 49.45
C GLU C 83 -60.43 -58.38 50.48
N ALA C 84 -59.79 -57.22 50.27
CA ALA C 84 -58.68 -56.75 51.10
C ALA C 84 -58.55 -55.25 50.86
N ASP C 85 -57.47 -54.65 51.37
CA ASP C 85 -57.16 -53.27 51.02
C ASP C 85 -55.69 -53.16 50.65
N TYR C 86 -55.32 -51.97 50.14
CA TYR C 86 -54.01 -51.79 49.53
C TYR C 86 -53.42 -50.46 49.95
N TYR C 87 -52.09 -50.38 49.90
CA TYR C 87 -51.36 -49.18 50.28
C TYR C 87 -50.28 -48.89 49.24
N CYS C 88 -49.93 -47.62 49.12
CA CYS C 88 -48.88 -47.15 48.23
C CYS C 88 -47.73 -46.56 49.04
N ALA C 89 -46.51 -46.99 48.75
CA ALA C 89 -45.33 -46.51 49.44
C ALA C 89 -44.34 -45.95 48.43
N ALA C 90 -43.84 -44.75 48.71
CA ALA C 90 -42.87 -44.09 47.85
C ALA C 90 -42.02 -43.14 48.68
N TRP C 91 -40.83 -42.84 48.13
CA TRP C 91 -39.89 -41.91 48.82
C TRP C 91 -40.41 -40.49 48.64
N ASP C 92 -40.57 -39.76 49.74
CA ASP C 92 -41.15 -38.42 49.71
C ASP C 92 -40.15 -37.36 49.28
N ASP C 93 -39.12 -37.15 50.12
CA ASP C 93 -38.11 -36.11 49.87
C ASP C 93 -38.81 -34.75 49.81
N GLY C 94 -39.72 -34.50 50.75
CA GLY C 94 -40.40 -33.22 50.83
C GLY C 94 -39.53 -32.14 51.45
N LEU C 95 -40.07 -30.93 51.46
CA LEU C 95 -39.35 -29.79 52.02
C LEU C 95 -39.31 -29.90 53.54
N SER C 96 -38.09 -30.00 54.08
CA SER C 96 -37.84 -30.15 55.53
C SER C 96 -38.55 -31.39 56.08
N GLY C 97 -38.15 -32.54 55.56
CA GLY C 97 -38.73 -33.80 55.98
C GLY C 97 -38.80 -34.82 54.86
N SER C 98 -38.40 -36.06 55.15
CA SER C 98 -38.35 -37.11 54.15
C SER C 98 -38.90 -38.41 54.71
N GLY C 99 -40.03 -38.34 55.40
CA GLY C 99 -40.65 -39.53 55.94
C GLY C 99 -41.34 -40.36 54.88
N TRP C 100 -41.48 -41.66 55.13
CA TRP C 100 -42.14 -42.58 54.20
C TRP C 100 -43.63 -42.32 54.24
N VAL C 101 -44.11 -41.51 53.30
CA VAL C 101 -45.52 -41.17 53.22
C VAL C 101 -46.27 -42.31 52.51
N PHE C 102 -47.43 -42.67 53.06
CA PHE C 102 -48.26 -43.72 52.49
C PHE C 102 -49.52 -43.11 51.88
N GLY C 103 -50.41 -43.97 51.40
CA GLY C 103 -51.68 -43.55 50.83
C GLY C 103 -52.79 -43.52 51.86
N GLY C 104 -54.02 -43.54 51.36
CA GLY C 104 -55.18 -43.52 52.22
C GLY C 104 -55.79 -44.89 52.41
N GLY C 105 -56.93 -45.14 51.76
CA GLY C 105 -57.59 -46.42 51.85
C GLY C 105 -58.42 -46.75 50.63
N THR C 106 -58.55 -48.05 50.34
CA THR C 106 -59.35 -48.52 49.22
C THR C 106 -60.19 -49.70 49.66
N LYS C 107 -61.28 -49.94 48.94
CA LYS C 107 -62.20 -51.03 49.23
C LYS C 107 -62.37 -51.89 47.99
N LEU C 108 -62.22 -53.20 48.16
CA LEU C 108 -62.41 -54.18 47.09
C LEU C 108 -63.39 -55.25 47.54
N THR C 109 -64.38 -55.54 46.70
CA THR C 109 -65.37 -56.56 46.99
C THR C 109 -65.24 -57.73 46.03
N GLN D 1 -2.83 62.64 30.81
CA GLN D 1 -4.27 62.52 30.96
C GLN D 1 -4.98 62.73 29.63
N CYS D 2 -6.29 62.46 29.62
CA CYS D 2 -7.11 62.63 28.42
C CYS D 2 -7.33 64.11 28.15
N VAL D 3 -7.20 64.48 26.87
CA VAL D 3 -7.42 65.85 26.42
C VAL D 3 -8.39 65.82 25.24
N ASN D 4 -9.34 66.74 25.23
CA ASN D 4 -10.32 66.83 24.13
C ASN D 4 -9.70 67.66 23.01
N LEU D 5 -8.77 67.03 22.29
CA LEU D 5 -8.17 67.67 21.13
C LEU D 5 -9.18 67.84 20.01
N THR D 6 -10.05 66.84 19.83
CA THR D 6 -11.13 66.80 18.84
C THR D 6 -10.65 67.11 17.43
N THR D 7 -11.21 68.16 16.83
CA THR D 7 -11.00 68.63 15.44
C THR D 7 -10.80 67.48 14.44
N ARG D 8 -11.71 66.50 14.52
CA ARG D 8 -11.62 65.33 13.66
C ARG D 8 -12.06 65.69 12.25
N THR D 9 -11.14 65.60 11.31
CA THR D 9 -11.40 65.92 9.92
C THR D 9 -10.68 64.93 9.02
N GLN D 10 -11.11 64.87 7.76
CA GLN D 10 -10.50 63.99 6.77
C GLN D 10 -10.06 64.79 5.56
N LEU D 11 -9.00 64.33 4.92
CA LEU D 11 -8.44 64.92 3.73
C LEU D 11 -8.33 63.86 2.64
N PRO D 12 -8.47 64.25 1.37
CA PRO D 12 -8.30 63.28 0.28
C PRO D 12 -6.84 62.92 0.11
N PRO D 13 -6.48 61.64 0.32
CA PRO D 13 -5.06 61.26 0.22
C PRO D 13 -4.65 60.98 -1.22
N ALA D 14 -3.45 61.45 -1.56
CA ALA D 14 -2.92 61.23 -2.89
C ALA D 14 -2.49 59.79 -3.07
N TYR D 15 -2.63 59.29 -4.30
CA TYR D 15 -2.31 57.91 -4.65
C TYR D 15 -1.16 57.92 -5.65
N THR D 16 -0.16 57.06 -5.40
CA THR D 16 1.04 57.01 -6.23
C THR D 16 1.39 55.55 -6.49
N ASN D 17 1.86 55.24 -7.69
CA ASN D 17 2.19 53.86 -8.02
C ASN D 17 3.51 53.44 -7.40
N SER D 18 3.48 52.35 -6.63
CA SER D 18 4.67 51.70 -6.12
C SER D 18 5.08 50.60 -7.10
N PHE D 19 6.31 50.70 -7.61
CA PHE D 19 6.69 49.87 -8.75
C PHE D 19 7.18 48.49 -8.34
N THR D 20 8.32 48.41 -7.66
CA THR D 20 8.99 47.14 -7.38
C THR D 20 9.51 47.11 -5.95
N ARG D 21 8.75 47.65 -4.99
CA ARG D 21 9.19 47.71 -3.61
C ARG D 21 8.59 46.55 -2.81
N GLY D 22 9.16 46.34 -1.63
CA GLY D 22 8.60 45.36 -0.71
C GLY D 22 9.02 43.92 -0.96
N VAL D 23 10.23 43.70 -1.45
CA VAL D 23 10.76 42.37 -1.66
C VAL D 23 11.76 42.08 -0.54
N TYR D 24 11.52 41.00 0.21
CA TYR D 24 12.29 40.68 1.40
C TYR D 24 12.69 39.22 1.36
N TYR D 25 13.63 38.86 2.24
CA TYR D 25 14.11 37.49 2.32
C TYR D 25 13.06 36.61 2.98
N PRO D 26 12.57 35.56 2.32
CA PRO D 26 11.47 34.76 2.89
C PRO D 26 11.86 33.96 4.11
N ASP D 27 12.95 33.20 4.02
CA ASP D 27 13.30 32.23 5.04
C ASP D 27 14.78 32.30 5.35
N LYS D 28 15.15 31.78 6.53
CA LYS D 28 16.55 31.70 6.93
C LYS D 28 17.17 30.36 6.52
N VAL D 29 16.96 30.00 5.26
CA VAL D 29 17.57 28.83 4.63
C VAL D 29 17.97 29.25 3.22
N PHE D 30 19.24 29.11 2.88
CA PHE D 30 19.78 29.87 1.77
C PHE D 30 20.51 29.00 0.77
N ARG D 31 20.90 29.64 -0.33
CA ARG D 31 21.43 28.99 -1.52
C ARG D 31 22.08 30.06 -2.38
N SER D 32 22.90 29.61 -3.34
CA SER D 32 23.74 30.53 -4.10
C SER D 32 23.53 30.36 -5.59
N SER D 33 23.33 31.50 -6.27
CA SER D 33 23.37 31.61 -7.74
C SER D 33 22.34 30.72 -8.42
N VAL D 34 21.10 30.79 -7.94
CA VAL D 34 20.01 29.96 -8.43
C VAL D 34 18.74 30.81 -8.52
N LEU D 35 17.66 30.18 -8.95
CA LEU D 35 16.36 30.82 -9.09
C LEU D 35 15.34 29.98 -8.35
N HIS D 36 14.54 30.61 -7.49
CA HIS D 36 13.53 29.83 -6.76
C HIS D 36 12.24 30.60 -6.58
N SER D 37 11.15 29.86 -6.49
CA SER D 37 9.80 30.40 -6.40
C SER D 37 9.24 30.18 -5.01
N THR D 38 8.60 31.22 -4.47
CA THR D 38 8.01 31.18 -3.14
C THR D 38 6.57 31.67 -3.19
N GLN D 39 5.70 30.98 -2.46
CA GLN D 39 4.28 31.34 -2.33
C GLN D 39 4.12 32.05 -0.98
N ASP D 40 4.33 33.37 -0.97
CA ASP D 40 4.35 34.12 0.28
C ASP D 40 3.58 35.42 0.10
N LEU D 41 3.51 36.19 1.18
CA LEU D 41 2.84 37.48 1.18
C LEU D 41 3.81 38.53 0.67
N PHE D 42 3.46 39.17 -0.44
CA PHE D 42 4.32 40.17 -1.08
C PHE D 42 3.50 41.41 -1.39
N LEU D 43 4.22 42.49 -1.68
CA LEU D 43 3.59 43.67 -2.28
C LEU D 43 3.54 43.47 -3.78
N PRO D 44 2.35 43.43 -4.40
CA PRO D 44 2.27 43.19 -5.84
C PRO D 44 2.92 44.31 -6.65
N PHE D 45 3.52 43.93 -7.77
CA PHE D 45 4.27 44.85 -8.59
C PHE D 45 3.35 45.88 -9.26
N PHE D 46 3.87 47.10 -9.39
CA PHE D 46 3.20 48.21 -10.07
C PHE D 46 1.83 48.51 -9.45
N SER D 47 1.74 48.38 -8.13
CA SER D 47 0.49 48.63 -7.43
C SER D 47 0.37 50.12 -7.13
N ASN D 48 -0.66 50.50 -6.38
CA ASN D 48 -0.82 51.88 -5.95
C ASN D 48 -0.81 51.94 -4.42
N VAL D 49 -0.36 53.06 -3.88
CA VAL D 49 -0.16 53.23 -2.45
C VAL D 49 -0.47 54.68 -2.09
N THR D 50 -1.12 54.88 -0.94
CA THR D 50 -1.43 56.21 -0.46
C THR D 50 -0.16 56.95 -0.02
N TRP D 51 -0.27 58.27 0.00
CA TRP D 51 0.86 59.15 0.32
C TRP D 51 0.37 60.22 1.28
N PHE D 52 0.75 60.11 2.54
CA PHE D 52 0.39 61.09 3.56
C PHE D 52 1.51 62.10 3.72
N HIS D 53 1.15 63.38 3.72
CA HIS D 53 2.10 64.48 3.70
C HIS D 53 1.90 65.37 4.93
N VAL D 54 3.00 65.77 5.55
CA VAL D 54 3.00 66.67 6.70
C VAL D 54 3.69 67.96 6.26
N ILE D 55 2.99 69.08 6.43
CA ILE D 55 3.52 70.37 6.04
C ILE D 55 4.13 71.08 7.26
N LYS D 62 0.86 73.89 9.03
CA LYS D 62 -0.46 73.82 9.65
C LYS D 62 -1.24 72.59 9.20
N ARG D 63 -0.50 71.53 8.89
CA ARG D 63 -1.07 70.26 8.46
C ARG D 63 -0.81 69.22 9.54
N PHE D 64 -1.88 68.63 10.07
CA PHE D 64 -1.77 67.57 11.07
C PHE D 64 -2.38 66.30 10.49
N ASP D 65 -1.75 65.16 10.76
CA ASP D 65 -2.22 63.87 10.23
C ASP D 65 -1.68 62.74 11.11
N ASN D 66 -2.57 62.18 11.92
CA ASN D 66 -2.37 60.86 12.54
C ASN D 66 -3.61 60.02 12.24
N PRO D 67 -3.75 59.53 11.01
CA PRO D 67 -5.01 58.91 10.60
C PRO D 67 -5.22 57.55 11.24
N VAL D 68 -6.43 57.04 11.08
CA VAL D 68 -6.76 55.67 11.41
C VAL D 68 -6.40 54.80 10.21
N LEU D 69 -5.50 53.84 10.41
CA LEU D 69 -5.07 52.95 9.35
C LEU D 69 -5.43 51.51 9.67
N PRO D 70 -6.11 50.80 8.77
CA PRO D 70 -6.44 49.39 9.01
C PRO D 70 -5.22 48.51 8.79
N PHE D 71 -5.07 47.49 9.63
CA PHE D 71 -4.00 46.51 9.51
C PHE D 71 -4.58 45.18 9.05
N ASN D 72 -3.97 44.60 8.02
CA ASN D 72 -4.33 43.25 7.59
C ASN D 72 -3.14 42.61 6.89
N ASP D 73 -2.80 41.40 7.36
CA ASP D 73 -1.75 40.50 6.87
C ASP D 73 -0.47 41.17 6.40
N GLY D 74 0.07 42.08 7.23
CA GLY D 74 1.34 42.70 6.92
C GLY D 74 1.23 44.01 6.18
N VAL D 75 1.99 45.01 6.61
CA VAL D 75 1.94 46.35 6.04
C VAL D 75 3.35 46.84 5.75
N TYR D 76 3.53 47.47 4.59
CA TYR D 76 4.80 48.01 4.16
C TYR D 76 4.81 49.54 4.29
N PHE D 77 5.88 50.05 4.91
CA PHE D 77 6.08 51.49 5.07
C PHE D 77 7.33 51.93 4.33
N ALA D 78 7.33 53.19 3.89
CA ALA D 78 8.52 53.80 3.30
C ALA D 78 8.50 55.28 3.67
N SER D 79 9.18 55.61 4.76
CA SER D 79 9.23 56.99 5.26
C SER D 79 10.50 57.64 4.75
N ILE D 80 10.36 58.66 3.91
CA ILE D 80 11.49 59.42 3.39
C ILE D 80 11.52 60.78 4.07
N GLU D 81 12.60 61.06 4.79
CA GLU D 81 12.66 62.19 5.70
C GLU D 81 14.10 62.42 6.11
N LYS D 82 14.43 63.68 6.41
CA LYS D 82 15.70 64.03 7.01
C LYS D 82 15.51 64.45 8.47
N SER D 83 14.36 65.07 8.77
CA SER D 83 14.13 65.64 10.09
C SER D 83 13.93 64.60 11.19
N ASN D 84 13.53 63.37 10.82
CA ASN D 84 13.33 62.25 11.75
C ASN D 84 12.29 62.62 12.82
N ILE D 85 11.11 63.04 12.36
CA ILE D 85 10.00 63.25 13.28
C ILE D 85 9.45 61.91 13.75
N ILE D 86 9.33 60.94 12.85
CA ILE D 86 8.74 59.65 13.16
C ILE D 86 9.65 58.88 14.10
N ARG D 87 9.07 58.38 15.19
CA ARG D 87 9.82 57.64 16.21
C ARG D 87 9.36 56.20 16.37
N GLY D 88 8.08 55.93 16.14
CA GLY D 88 7.59 54.57 16.31
C GLY D 88 6.20 54.41 15.75
N TRP D 89 5.56 53.31 16.13
CA TRP D 89 4.23 52.98 15.67
C TRP D 89 3.45 52.32 16.81
N ILE D 90 2.17 52.65 16.92
CA ILE D 90 1.29 52.09 17.93
C ILE D 90 0.31 51.16 17.24
N PHE D 91 0.39 49.87 17.55
CA PHE D 91 -0.51 48.86 16.98
C PHE D 91 -1.59 48.55 18.00
N GLY D 92 -2.56 49.46 18.13
CA GLY D 92 -3.62 49.29 19.10
C GLY D 92 -5.00 49.54 18.53
N THR D 93 -5.96 48.67 18.87
CA THR D 93 -7.31 48.79 18.36
C THR D 93 -8.28 49.45 19.32
N THR D 94 -8.04 49.37 20.63
CA THR D 94 -8.93 49.97 21.63
C THR D 94 -8.22 51.03 22.46
N LEU D 95 -7.05 50.70 23.00
CA LEU D 95 -6.21 51.61 23.79
C LEU D 95 -6.93 52.15 25.04
N ASP D 96 -7.80 51.33 25.63
CA ASP D 96 -8.48 51.68 26.88
C ASP D 96 -8.10 50.75 28.02
N SER D 97 -6.90 50.15 27.94
CA SER D 97 -6.33 49.29 28.99
C SER D 97 -7.21 48.08 29.29
N LYS D 98 -7.67 47.40 28.24
CA LYS D 98 -8.33 46.11 28.41
C LYS D 98 -7.80 45.11 27.40
N THR D 99 -7.22 45.61 26.30
CA THR D 99 -6.64 44.77 25.27
C THR D 99 -5.23 45.23 24.96
N GLN D 100 -4.37 44.30 24.59
CA GLN D 100 -2.95 44.60 24.48
C GLN D 100 -2.65 45.39 23.21
N SER D 101 -1.77 46.39 23.34
CA SER D 101 -1.39 47.26 22.24
C SER D 101 0.12 47.33 22.16
N LEU D 102 0.65 47.33 20.94
CA LEU D 102 2.09 47.39 20.73
C LEU D 102 2.59 48.82 20.90
N LEU D 103 3.91 48.98 20.92
CA LEU D 103 4.56 50.27 21.07
C LEU D 103 5.99 50.17 20.59
N ILE D 104 6.47 51.23 19.96
CA ILE D 104 7.88 51.37 19.58
C ILE D 104 8.33 52.73 20.11
N VAL D 105 8.85 52.76 21.33
CA VAL D 105 9.37 53.99 21.93
C VAL D 105 10.70 53.70 22.61
N ASN D 106 11.77 54.27 22.07
CA ASN D 106 13.10 54.27 22.70
C ASN D 106 13.62 55.69 22.61
N ASN D 107 13.77 56.37 23.75
CA ASN D 107 13.88 57.82 23.73
C ASN D 107 15.30 58.31 23.40
N ALA D 108 16.27 58.09 24.30
CA ALA D 108 17.63 58.56 24.06
C ALA D 108 18.65 57.43 24.08
N THR D 109 18.73 56.68 25.16
CA THR D 109 19.68 55.58 25.31
C THR D 109 19.01 54.29 25.73
N ASN D 110 17.99 54.34 26.58
CA ASN D 110 17.27 53.14 26.94
C ASN D 110 16.41 52.69 25.77
N VAL D 111 16.54 51.42 25.41
CA VAL D 111 15.83 50.87 24.26
C VAL D 111 14.72 49.94 24.75
N VAL D 112 14.16 50.22 25.92
CA VAL D 112 13.11 49.39 26.48
C VAL D 112 11.83 49.60 25.68
N ILE D 113 11.18 48.49 25.33
CA ILE D 113 9.88 48.49 24.66
C ILE D 113 8.96 47.70 25.55
N LYS D 114 7.89 48.34 26.02
CA LYS D 114 6.96 47.75 26.97
C LYS D 114 5.59 47.64 26.30
N VAL D 115 5.24 46.42 25.90
CA VAL D 115 3.93 46.11 25.35
C VAL D 115 3.01 45.84 26.54
N CYS D 116 2.22 46.83 26.92
CA CYS D 116 1.52 46.82 28.19
C CYS D 116 0.29 47.71 28.11
N GLU D 117 -0.53 47.66 29.16
CA GLU D 117 -1.72 48.52 29.28
C GLU D 117 -1.44 49.57 30.35
N PHE D 118 -1.13 50.78 29.90
CA PHE D 118 -0.95 51.90 30.81
C PHE D 118 -2.26 52.68 30.97
N GLN D 119 -2.15 53.85 31.60
CA GLN D 119 -3.28 54.77 31.71
C GLN D 119 -3.30 55.67 30.47
N PHE D 120 -3.67 55.05 29.35
CA PHE D 120 -3.67 55.71 28.05
C PHE D 120 -5.10 55.93 27.59
N CYS D 121 -5.38 57.14 27.10
CA CYS D 121 -6.71 57.50 26.63
C CYS D 121 -6.87 57.07 25.17
N ASN D 122 -7.91 57.59 24.51
CA ASN D 122 -8.14 57.28 23.11
C ASN D 122 -7.03 57.83 22.22
N ASP D 123 -6.56 59.05 22.51
CA ASP D 123 -5.46 59.68 21.78
C ASP D 123 -4.41 60.15 22.77
N PRO D 124 -3.57 59.23 23.33
CA PRO D 124 -2.53 59.56 24.31
C PRO D 124 -1.31 60.05 23.53
N PHE D 125 -1.15 61.36 23.39
CA PHE D 125 -0.07 61.88 22.51
C PHE D 125 1.32 61.53 23.04
N LEU D 126 2.28 61.34 22.12
CA LEU D 126 3.68 61.11 22.55
C LEU D 126 4.59 61.85 21.58
N ASP D 127 4.60 63.19 21.64
CA ASP D 127 5.38 63.92 20.60
C ASP D 127 5.64 65.39 20.92
N HIS D 128 6.75 65.93 20.40
CA HIS D 128 7.05 67.39 20.51
C HIS D 128 7.03 67.97 21.92
N LYS D 129 6.86 69.30 22.03
CA LYS D 129 6.91 70.07 23.32
C LYS D 129 7.27 71.52 22.95
N ASN D 130 6.92 72.53 23.77
CA ASN D 130 7.12 73.94 23.29
C ASN D 130 6.95 73.92 21.76
N ASN D 131 5.86 73.31 21.27
CA ASN D 131 5.54 73.28 19.81
C ASN D 131 6.57 72.53 18.96
N LYS D 132 7.29 73.23 18.08
CA LYS D 132 8.18 72.56 17.07
C LYS D 132 9.27 71.65 17.67
N SER D 133 9.87 71.98 18.82
CA SER D 133 11.02 71.18 19.33
C SER D 133 10.69 69.70 19.54
N TRP D 134 11.71 68.84 19.58
CA TRP D 134 11.53 67.38 19.75
C TRP D 134 11.73 67.02 21.22
N MET D 135 10.72 66.43 21.86
CA MET D 135 10.84 66.19 23.33
C MET D 135 9.94 65.03 23.79
N GLU D 136 10.01 64.65 25.06
CA GLU D 136 9.30 63.45 25.59
C GLU D 136 7.77 63.65 25.66
N SER D 137 7.05 62.53 25.77
CA SER D 137 5.56 62.57 25.80
C SER D 137 5.09 62.85 27.21
N GLU D 138 5.05 64.12 27.59
CA GLU D 138 4.69 64.46 29.00
C GLU D 138 5.40 63.47 29.93
N PHE D 139 6.50 62.84 29.49
CA PHE D 139 7.30 61.94 30.37
C PHE D 139 6.40 60.98 31.16
N ARG D 140 6.11 61.30 32.42
CA ARG D 140 5.23 60.51 33.28
C ARG D 140 3.88 60.35 32.58
N VAL D 141 3.62 59.14 32.08
CA VAL D 141 2.38 58.87 31.37
C VAL D 141 1.48 57.89 32.09
N TYR D 142 1.97 57.15 33.09
CA TYR D 142 1.17 56.23 33.86
C TYR D 142 1.51 56.37 35.34
N SER D 143 0.49 56.34 36.20
CA SER D 143 0.73 56.46 37.63
C SER D 143 1.34 55.18 38.21
N SER D 144 0.79 54.03 37.84
CA SER D 144 1.27 52.74 38.32
C SER D 144 0.89 51.66 37.31
N ALA D 145 1.67 50.58 37.32
CA ALA D 145 1.47 49.47 36.40
C ALA D 145 0.45 48.51 37.01
N ASN D 146 -0.59 48.19 36.24
CA ASN D 146 -1.64 47.29 36.68
C ASN D 146 -1.63 45.97 35.93
N ASN D 147 -1.48 46.01 34.60
CA ASN D 147 -1.43 44.79 33.80
C ASN D 147 -0.44 45.04 32.66
N CYS D 148 0.80 44.58 32.85
CA CYS D 148 1.83 44.67 31.83
C CYS D 148 2.17 43.26 31.34
N THR D 149 2.45 43.14 30.05
CA THR D 149 2.65 41.83 29.44
C THR D 149 4.08 41.61 28.96
N PHE D 150 4.60 42.46 28.09
CA PHE D 150 5.86 42.16 27.41
C PHE D 150 6.84 43.31 27.56
N GLU D 151 8.13 42.97 27.65
CA GLU D 151 9.18 43.97 27.79
C GLU D 151 10.43 43.45 27.10
N TYR D 152 11.06 44.29 26.29
CA TYR D 152 12.21 43.87 25.52
C TYR D 152 13.09 45.07 25.17
N VAL D 153 14.40 44.93 25.41
CA VAL D 153 15.39 45.95 25.10
C VAL D 153 16.29 45.41 24.00
N SER D 154 16.62 46.28 23.05
CA SER D 154 17.41 45.86 21.89
C SER D 154 18.50 46.90 21.64
N GLN D 155 19.13 46.81 20.48
CA GLN D 155 20.08 47.84 20.06
C GLN D 155 19.31 49.11 19.69
N PRO D 156 19.83 50.29 20.03
CA PRO D 156 19.15 51.53 19.64
C PRO D 156 19.13 51.71 18.12
N PHE D 157 17.98 52.14 17.63
CA PHE D 157 17.80 52.33 16.19
C PHE D 157 18.58 53.55 15.71
N LEU D 158 18.93 53.54 14.42
CA LEU D 158 19.68 54.64 13.84
C LEU D 158 18.84 55.90 13.74
N MET D 159 19.04 56.82 14.67
CA MET D 159 18.28 58.07 14.74
C MET D 159 19.24 59.25 14.76
N ASP D 160 18.78 60.38 14.26
CA ASP D 160 19.55 61.61 14.21
C ASP D 160 18.92 62.64 15.14
N LEU D 161 19.76 63.28 15.95
CA LEU D 161 19.26 64.29 16.88
C LEU D 161 18.81 65.54 16.14
N GLU D 162 17.77 66.17 16.67
CA GLU D 162 17.09 67.36 16.10
C GLU D 162 16.60 67.01 14.69
N GLY D 163 16.70 67.94 13.76
CA GLY D 163 16.27 67.67 12.40
C GLY D 163 16.70 68.76 11.45
N LYS D 164 16.59 68.46 10.16
CA LYS D 164 16.93 69.39 9.10
C LYS D 164 15.91 69.25 7.99
N GLN D 165 15.50 70.37 7.41
CA GLN D 165 14.47 70.39 6.37
C GLN D 165 15.12 70.59 5.01
N GLY D 166 14.75 69.75 4.05
CA GLY D 166 15.35 69.76 2.73
C GLY D 166 16.47 68.75 2.60
N ASN D 167 16.62 68.22 1.39
CA ASN D 167 17.58 67.16 1.05
C ASN D 167 17.38 65.95 1.95
N PHE D 168 16.23 65.29 1.77
CA PHE D 168 15.76 64.23 2.65
C PHE D 168 16.62 62.99 2.51
N LYS D 169 17.64 62.88 3.37
CA LYS D 169 18.60 61.78 3.25
C LYS D 169 18.00 60.45 3.68
N ASN D 170 17.27 60.44 4.81
CA ASN D 170 16.83 59.19 5.39
C ASN D 170 15.69 58.58 4.59
N LEU D 171 15.76 57.26 4.40
CA LEU D 171 14.71 56.50 3.72
C LEU D 171 14.57 55.18 4.47
N ARG D 172 13.53 55.06 5.27
CA ARG D 172 13.29 53.87 6.09
C ARG D 172 12.20 53.04 5.45
N GLU D 173 12.57 51.87 4.96
CA GLU D 173 11.61 50.90 4.43
C GLU D 173 11.36 49.84 5.49
N PHE D 174 10.11 49.54 5.74
CA PHE D 174 9.71 48.61 6.78
C PHE D 174 8.68 47.64 6.24
N VAL D 175 8.72 46.40 6.71
CA VAL D 175 7.69 45.41 6.45
C VAL D 175 7.31 44.79 7.79
N PHE D 176 6.02 44.88 8.13
CA PHE D 176 5.50 44.36 9.39
C PHE D 176 4.62 43.17 9.11
N LYS D 177 4.92 42.03 9.74
CA LYS D 177 4.10 40.84 9.60
C LYS D 177 3.81 40.24 10.97
N ASN D 178 2.68 39.54 11.07
CA ASN D 178 2.28 38.86 12.32
C ASN D 178 1.72 37.49 11.95
N ILE D 179 2.59 36.48 12.02
CA ILE D 179 2.24 35.12 11.62
C ILE D 179 2.36 34.21 12.83
N ASP D 180 1.28 33.49 13.14
CA ASP D 180 1.14 32.53 14.25
C ASP D 180 1.75 33.03 15.56
N GLY D 181 1.44 34.27 15.89
CA GLY D 181 1.92 34.90 17.11
C GLY D 181 3.26 35.62 16.98
N TYR D 182 4.11 35.14 16.08
CA TYR D 182 5.37 35.79 15.83
C TYR D 182 5.15 37.13 15.13
N PHE D 183 5.85 38.16 15.60
CA PHE D 183 5.83 39.48 14.99
C PHE D 183 7.18 39.69 14.33
N LYS D 184 7.19 39.80 13.01
CA LYS D 184 8.41 39.88 12.22
C LYS D 184 8.55 41.29 11.66
N ILE D 185 9.73 41.88 11.84
CA ILE D 185 10.05 43.19 11.29
C ILE D 185 11.17 43.03 10.28
N TYR D 186 10.99 43.58 9.09
CA TYR D 186 12.01 43.57 8.05
C TYR D 186 12.33 45.00 7.66
N SER D 187 13.61 45.30 7.45
CA SER D 187 13.98 46.67 7.12
C SER D 187 15.25 46.71 6.29
N LYS D 188 15.30 47.70 5.40
CA LYS D 188 16.49 48.02 4.61
C LYS D 188 16.69 49.52 4.75
N HIS D 189 17.54 49.93 5.68
CA HIS D 189 17.75 51.33 5.99
C HIS D 189 18.80 51.90 5.05
N THR D 190 18.38 52.71 4.09
CA THR D 190 19.28 53.28 3.07
C THR D 190 19.31 54.80 3.20
N PRO D 191 20.33 55.33 3.88
CA PRO D 191 20.49 56.79 4.04
C PRO D 191 21.24 57.45 2.89
N ILE D 192 20.91 57.08 1.66
CA ILE D 192 21.57 57.68 0.51
C ILE D 192 20.54 58.00 -0.57
N ILE D 193 20.12 59.27 -0.62
CA ILE D 193 19.36 59.83 -1.73
C ILE D 193 19.52 61.35 -1.72
N VAL D 194 19.88 61.92 -2.87
CA VAL D 194 19.84 63.37 -3.06
C VAL D 194 19.04 63.72 -4.31
N ARG D 195 17.73 63.84 -4.14
CA ARG D 195 16.80 64.16 -5.22
C ARG D 195 15.64 64.94 -4.64
N GLU D 196 14.72 65.36 -5.51
CA GLU D 196 13.44 65.86 -5.06
C GLU D 196 12.63 64.70 -4.48
N PRO D 197 11.79 64.95 -3.45
CA PRO D 197 11.02 63.84 -2.84
C PRO D 197 10.05 63.17 -3.79
N GLU D 198 9.10 63.94 -4.34
CA GLU D 198 8.00 63.54 -5.23
C GLU D 198 7.47 62.12 -4.98
N ASP D 199 7.52 61.26 -5.99
CA ASP D 199 6.99 59.91 -5.93
C ASP D 199 8.06 58.96 -5.38
N LEU D 200 7.77 57.66 -5.45
CA LEU D 200 8.75 56.65 -5.05
C LEU D 200 9.94 56.64 -6.01
N PRO D 201 11.15 56.47 -5.49
CA PRO D 201 12.31 56.32 -6.37
C PRO D 201 12.29 54.97 -7.09
N GLN D 202 12.87 54.97 -8.28
CA GLN D 202 12.95 53.77 -9.10
C GLN D 202 14.19 52.98 -8.70
N GLY D 203 13.99 51.71 -8.39
CA GLY D 203 15.10 50.87 -8.00
C GLY D 203 14.60 49.62 -7.31
N PHE D 204 15.55 48.72 -7.05
CA PHE D 204 15.24 47.45 -6.40
C PHE D 204 16.23 47.21 -5.27
N SER D 205 15.72 46.78 -4.12
CA SER D 205 16.56 46.48 -2.97
C SER D 205 15.83 45.50 -2.07
N ALA D 206 16.52 44.44 -1.67
CA ALA D 206 15.94 43.44 -0.77
C ALA D 206 15.87 43.99 0.65
N LEU D 207 15.13 43.29 1.49
CA LEU D 207 14.94 43.68 2.89
C LEU D 207 15.32 42.51 3.79
N GLU D 208 16.40 42.69 4.55
CA GLU D 208 16.82 41.66 5.49
C GLU D 208 15.96 41.73 6.76
N PRO D 209 15.77 40.60 7.44
CA PRO D 209 15.07 40.65 8.73
C PRO D 209 15.94 41.27 9.81
N LEU D 210 15.28 41.91 10.78
CA LEU D 210 15.98 42.43 11.95
C LEU D 210 15.55 41.72 13.22
N VAL D 211 14.26 41.76 13.57
CA VAL D 211 13.79 41.24 14.84
C VAL D 211 12.51 40.43 14.64
N ASP D 212 12.36 39.43 15.52
CA ASP D 212 11.15 38.65 15.68
C ASP D 212 10.78 38.63 17.16
N LEU D 213 9.53 38.95 17.46
CA LEU D 213 9.07 39.09 18.83
C LEU D 213 7.90 38.15 19.06
N PRO D 214 7.94 37.28 20.07
CA PRO D 214 6.86 36.32 20.33
C PRO D 214 5.78 36.85 21.28
N ILE D 215 4.93 37.75 20.79
CA ILE D 215 3.85 38.25 21.63
C ILE D 215 2.74 37.22 21.74
N GLY D 216 2.13 36.86 20.61
CA GLY D 216 1.04 35.91 20.59
C GLY D 216 -0.34 36.49 20.39
N ILE D 217 -0.44 37.80 20.15
CA ILE D 217 -1.75 38.43 19.95
C ILE D 217 -1.88 38.84 18.48
N ASN D 218 -3.10 39.23 18.11
CA ASN D 218 -3.41 39.70 16.77
C ASN D 218 -3.84 41.15 16.82
N ILE D 219 -3.45 41.92 15.81
CA ILE D 219 -3.78 43.33 15.72
C ILE D 219 -4.30 43.63 14.32
N THR D 220 -5.36 44.44 14.23
CA THR D 220 -5.96 44.82 12.95
C THR D 220 -6.15 46.32 12.83
N ARG D 221 -5.59 47.09 13.76
CA ARG D 221 -5.78 48.54 13.80
C ARG D 221 -4.55 49.18 14.40
N PHE D 222 -4.02 50.22 13.74
CA PHE D 222 -2.82 50.86 14.24
C PHE D 222 -2.86 52.35 13.91
N GLN D 223 -1.81 53.05 14.34
CA GLN D 223 -1.67 54.50 14.17
C GLN D 223 -0.21 54.78 13.82
N THR D 224 0.19 56.04 13.94
CA THR D 224 1.59 56.42 13.82
C THR D 224 1.95 57.41 14.91
N LEU D 225 3.24 57.52 15.26
CA LEU D 225 3.65 58.38 16.41
C LEU D 225 4.51 59.53 15.90
N LEU D 226 3.90 60.46 15.18
CA LEU D 226 4.66 61.65 14.74
C LEU D 226 5.17 62.26 16.03
N ALA D 227 6.42 62.69 16.10
CA ALA D 227 6.91 63.36 17.33
C ALA D 227 6.91 64.87 17.14
N SER D 238 0.90 76.05 20.36
CA SER D 238 -0.19 75.57 21.19
C SER D 238 -1.52 75.70 20.48
N SER D 239 -2.43 76.50 21.04
CA SER D 239 -3.74 76.70 20.42
C SER D 239 -3.62 77.53 19.14
N SER D 240 -2.84 78.62 19.20
CA SER D 240 -2.65 79.50 18.05
C SER D 240 -1.17 79.54 17.69
N GLY D 241 -0.86 79.23 16.44
CA GLY D 241 0.52 79.25 15.98
C GLY D 241 1.17 77.89 16.02
N TRP D 242 1.35 77.27 14.85
CA TRP D 242 1.97 75.95 14.76
C TRP D 242 3.11 76.03 13.75
N THR D 243 4.28 75.55 14.15
CA THR D 243 5.45 75.48 13.28
C THR D 243 5.96 74.05 13.26
N ALA D 244 6.05 73.46 12.07
CA ALA D 244 6.48 72.09 11.93
C ALA D 244 7.18 71.92 10.58
N GLY D 245 7.98 70.87 10.49
CA GLY D 245 8.70 70.56 9.27
C GLY D 245 7.84 69.80 8.28
N ALA D 246 8.48 69.39 7.19
CA ALA D 246 7.83 68.66 6.11
C ALA D 246 8.23 67.20 6.17
N ALA D 247 7.25 66.32 5.98
CA ALA D 247 7.49 64.88 6.03
C ALA D 247 6.50 64.18 5.09
N ALA D 248 6.78 62.92 4.80
CA ALA D 248 5.91 62.13 3.94
C ALA D 248 6.09 60.65 4.27
N TYR D 249 4.99 59.90 4.19
CA TYR D 249 5.10 58.47 4.38
C TYR D 249 4.01 57.75 3.58
N TYR D 250 4.21 56.44 3.41
CA TYR D 250 3.40 55.61 2.54
C TYR D 250 2.92 54.39 3.32
N VAL D 251 1.72 53.91 2.99
CA VAL D 251 1.14 52.74 3.65
C VAL D 251 0.65 51.78 2.57
N GLY D 252 1.47 50.77 2.24
CA GLY D 252 1.09 49.75 1.29
C GLY D 252 0.33 48.61 1.95
N TYR D 253 0.02 47.60 1.15
CA TYR D 253 -0.70 46.43 1.65
C TYR D 253 -0.26 45.19 0.87
N LEU D 254 -0.03 44.10 1.60
CA LEU D 254 0.49 42.87 1.04
C LEU D 254 -0.63 41.88 0.73
N GLN D 255 -0.34 40.96 -0.18
CA GLN D 255 -1.28 39.95 -0.63
C GLN D 255 -0.51 38.66 -0.91
N PRO D 256 -1.19 37.51 -0.83
CA PRO D 256 -0.51 36.24 -1.16
C PRO D 256 -0.24 36.13 -2.65
N ARG D 257 1.03 35.92 -3.00
CA ARG D 257 1.45 35.83 -4.38
C ARG D 257 2.59 34.82 -4.49
N THR D 258 2.80 34.35 -5.73
CA THR D 258 3.98 33.56 -6.06
C THR D 258 5.01 34.47 -6.70
N PHE D 259 6.24 34.41 -6.19
CA PHE D 259 7.33 35.25 -6.64
C PHE D 259 8.53 34.39 -7.00
N LEU D 260 9.11 34.66 -8.16
CA LEU D 260 10.38 34.07 -8.57
C LEU D 260 11.49 35.04 -8.19
N LEU D 261 12.50 34.52 -7.49
CA LEU D 261 13.60 35.31 -6.96
C LEU D 261 14.91 34.77 -7.51
N LYS D 262 15.80 35.69 -7.89
CA LYS D 262 17.12 35.34 -8.41
C LYS D 262 18.17 35.65 -7.35
N TYR D 263 19.03 34.68 -7.07
CA TYR D 263 20.08 34.84 -6.08
C TYR D 263 21.42 35.01 -6.78
N ASN D 264 22.32 35.76 -6.15
CA ASN D 264 23.67 35.94 -6.66
C ASN D 264 24.61 34.95 -5.99
N GLU D 265 25.92 35.15 -6.19
CA GLU D 265 26.91 34.23 -5.64
C GLU D 265 26.98 34.33 -4.12
N ASN D 266 26.95 35.55 -3.59
CA ASN D 266 27.05 35.71 -2.13
C ASN D 266 25.79 35.27 -1.42
N GLY D 267 24.63 35.37 -2.08
CA GLY D 267 23.39 34.95 -1.46
C GLY D 267 22.45 36.11 -1.16
N THR D 268 22.44 37.13 -2.01
CA THR D 268 21.58 38.29 -1.86
C THR D 268 20.59 38.34 -3.02
N ILE D 269 19.35 38.71 -2.71
CA ILE D 269 18.33 38.81 -3.75
C ILE D 269 18.61 40.02 -4.63
N THR D 270 18.82 39.77 -5.92
CA THR D 270 19.12 40.83 -6.86
C THR D 270 18.00 41.16 -7.83
N ASP D 271 17.05 40.25 -8.06
CA ASP D 271 15.95 40.51 -8.97
C ASP D 271 14.80 39.58 -8.63
N ALA D 272 13.59 40.02 -8.99
CA ALA D 272 12.38 39.26 -8.70
C ALA D 272 11.32 39.54 -9.76
N VAL D 273 10.36 38.62 -9.85
CA VAL D 273 9.25 38.74 -10.80
C VAL D 273 8.07 37.96 -10.22
N ASP D 274 6.87 38.24 -10.72
CA ASP D 274 5.67 37.54 -10.28
C ASP D 274 4.94 36.94 -11.46
N CYS D 275 4.25 35.82 -11.22
CA CYS D 275 3.52 35.13 -12.28
C CYS D 275 2.32 35.93 -12.76
N ALA D 276 1.56 36.53 -11.84
CA ALA D 276 0.18 36.94 -12.10
C ALA D 276 0.06 38.42 -12.47
N LEU D 277 1.01 38.97 -13.23
CA LEU D 277 0.93 40.35 -13.65
C LEU D 277 0.82 40.51 -15.16
N ASP D 278 1.70 39.87 -15.92
CA ASP D 278 1.85 40.02 -17.35
C ASP D 278 1.95 38.61 -17.93
N PRO D 279 1.32 38.32 -19.07
CA PRO D 279 1.61 37.04 -19.75
C PRO D 279 3.07 36.84 -20.10
N LEU D 280 3.81 37.92 -20.39
CA LEU D 280 5.26 37.81 -20.50
C LEU D 280 5.86 37.43 -19.16
N SER D 281 5.38 38.05 -18.07
CA SER D 281 5.87 37.71 -16.75
C SER D 281 5.46 36.29 -16.35
N GLU D 282 4.27 35.85 -16.76
CA GLU D 282 3.86 34.48 -16.49
C GLU D 282 4.72 33.46 -17.25
N THR D 283 5.06 33.78 -18.49
CA THR D 283 5.95 32.90 -19.26
C THR D 283 7.36 32.87 -18.65
N LYS D 284 7.83 34.02 -18.14
CA LYS D 284 9.09 34.05 -17.42
C LYS D 284 9.02 33.21 -16.15
N CYS D 285 7.88 33.27 -15.46
CA CYS D 285 7.65 32.63 -14.18
C CYS D 285 7.36 31.15 -14.29
N THR D 286 7.06 30.65 -15.49
CA THR D 286 6.82 29.23 -15.70
C THR D 286 7.97 28.49 -16.38
N LEU D 287 8.97 29.19 -16.89
CA LEU D 287 10.13 28.57 -17.51
C LEU D 287 11.36 28.58 -16.62
N LYS D 288 11.27 29.19 -15.43
CA LYS D 288 12.37 29.37 -14.50
C LYS D 288 13.56 30.07 -15.16
N SER D 289 13.28 31.22 -15.76
CA SER D 289 14.31 32.05 -16.38
C SER D 289 13.78 33.48 -16.49
N PHE D 290 14.70 34.42 -16.58
CA PHE D 290 14.37 35.81 -16.87
C PHE D 290 14.47 36.16 -18.34
N THR D 291 14.91 35.23 -19.19
CA THR D 291 14.90 35.41 -20.62
C THR D 291 14.18 34.23 -21.25
N VAL D 292 13.27 34.52 -22.19
CA VAL D 292 12.51 33.48 -22.88
C VAL D 292 12.78 33.60 -24.38
N GLU D 293 13.04 32.48 -25.03
CA GLU D 293 13.35 32.46 -26.45
C GLU D 293 12.05 32.59 -27.26
N LYS D 294 12.18 33.13 -28.48
CA LYS D 294 11.05 33.38 -29.36
C LYS D 294 10.34 32.07 -29.70
N GLY D 295 9.12 31.91 -29.20
CA GLY D 295 8.34 30.72 -29.45
C GLY D 295 7.02 30.79 -28.72
N ILE D 296 6.17 29.81 -29.03
CA ILE D 296 4.88 29.66 -28.36
C ILE D 296 5.08 28.83 -27.09
N TYR D 297 4.42 29.20 -26.02
CA TYR D 297 4.53 28.51 -24.74
C TYR D 297 3.15 28.29 -24.13
N GLN D 298 2.97 27.10 -23.57
CA GLN D 298 1.72 26.80 -22.87
C GLN D 298 1.67 27.54 -21.54
N THR D 299 0.47 27.91 -21.14
CA THR D 299 0.23 28.70 -19.94
C THR D 299 -0.92 28.01 -19.20
N SER D 300 -1.15 28.39 -17.94
CA SER D 300 -2.18 27.80 -17.11
C SER D 300 -3.57 27.96 -17.73
N ASN D 301 -4.59 27.16 -17.47
CA ASN D 301 -5.84 27.29 -18.28
C ASN D 301 -6.74 28.47 -17.93
N PHE D 302 -7.86 28.65 -18.65
CA PHE D 302 -8.77 29.80 -18.43
C PHE D 302 -10.17 29.30 -18.12
N ARG D 303 -10.81 29.82 -17.09
CA ARG D 303 -12.13 29.27 -16.73
C ARG D 303 -13.09 30.39 -16.41
N VAL D 304 -14.32 30.35 -16.92
CA VAL D 304 -15.31 31.36 -16.49
C VAL D 304 -15.64 31.00 -15.05
N GLN D 305 -15.76 31.97 -14.16
CA GLN D 305 -15.96 31.68 -12.73
C GLN D 305 -17.43 31.86 -12.36
N PRO D 306 -17.99 31.21 -11.31
CA PRO D 306 -19.44 31.33 -11.08
C PRO D 306 -19.81 32.69 -10.52
N THR D 307 -21.03 33.12 -10.83
CA THR D 307 -21.51 34.45 -10.47
C THR D 307 -22.40 34.45 -9.23
N GLU D 308 -23.49 33.68 -9.25
CA GLU D 308 -24.42 33.68 -8.13
C GLU D 308 -24.54 32.30 -7.51
N SER D 309 -25.42 32.16 -6.52
CA SER D 309 -25.67 30.88 -5.88
C SER D 309 -27.16 30.68 -5.69
N ILE D 310 -27.65 29.48 -6.02
CA ILE D 310 -29.11 29.18 -5.92
C ILE D 310 -29.27 27.81 -5.25
N VAL D 311 -30.18 27.71 -4.28
CA VAL D 311 -30.42 26.42 -3.58
C VAL D 311 -31.92 26.14 -3.58
N ARG D 312 -32.35 25.07 -4.25
CA ARG D 312 -33.79 24.70 -4.31
C ARG D 312 -33.99 23.31 -3.71
N PHE D 313 -34.86 23.18 -2.71
CA PHE D 313 -35.08 21.89 -2.03
C PHE D 313 -36.59 21.58 -2.00
N PRO D 314 -37.02 20.41 -1.49
CA PRO D 314 -38.45 20.07 -1.39
C PRO D 314 -39.32 21.32 -1.17
N ASN D 315 -40.42 21.43 -1.91
CA ASN D 315 -41.27 22.64 -1.82
C ASN D 315 -41.67 23.05 -0.42
N ILE D 316 -42.22 22.16 0.40
CA ILE D 316 -42.77 22.61 1.72
C ILE D 316 -43.16 21.38 2.51
N THR D 317 -42.96 21.43 3.83
CA THR D 317 -43.25 20.30 4.69
C THR D 317 -43.32 20.76 6.14
N ASN D 318 -43.96 19.94 6.97
CA ASN D 318 -44.12 20.22 8.39
C ASN D 318 -42.96 19.62 9.18
N LEU D 319 -43.10 19.52 10.50
CA LEU D 319 -42.03 19.04 11.37
C LEU D 319 -42.24 17.56 11.67
N CYS D 320 -41.13 16.82 11.77
CA CYS D 320 -41.18 15.38 11.85
C CYS D 320 -41.53 14.90 13.26
N PRO D 321 -42.22 13.74 13.39
CA PRO D 321 -42.55 13.17 14.70
C PRO D 321 -41.39 12.42 15.35
N PHE D 322 -40.28 13.11 15.58
CA PHE D 322 -39.15 12.50 16.25
C PHE D 322 -39.40 12.34 17.74
N ASP D 323 -40.27 13.17 18.30
CA ASP D 323 -40.57 13.06 19.73
C ASP D 323 -41.45 11.87 20.05
N GLU D 324 -42.25 11.42 19.07
CA GLU D 324 -43.09 10.24 19.30
C GLU D 324 -42.24 8.98 19.34
N VAL D 325 -41.15 8.93 18.59
CA VAL D 325 -40.30 7.74 18.55
C VAL D 325 -39.32 7.73 19.72
N PHE D 326 -38.59 8.84 19.90
CA PHE D 326 -37.52 8.86 20.90
C PHE D 326 -38.07 8.94 22.31
N ASN D 327 -39.11 9.74 22.52
CA ASN D 327 -39.63 10.04 23.85
C ASN D 327 -40.91 9.28 24.15
N ALA D 328 -41.02 8.04 23.68
CA ALA D 328 -42.21 7.24 23.94
C ALA D 328 -42.14 6.66 25.35
N THR D 329 -43.26 6.05 25.76
CA THR D 329 -43.37 5.49 27.10
C THR D 329 -42.91 4.03 27.15
N ARG D 330 -43.38 3.20 26.24
CA ARG D 330 -43.06 1.78 26.19
C ARG D 330 -42.37 1.46 24.88
N PHE D 331 -41.26 0.73 24.95
CA PHE D 331 -40.54 0.27 23.78
C PHE D 331 -40.74 -1.22 23.57
N ALA D 332 -40.67 -1.65 22.32
CA ALA D 332 -40.87 -3.05 21.99
C ALA D 332 -39.69 -3.89 22.44
N SER D 333 -39.94 -5.19 22.60
CA SER D 333 -38.90 -6.11 23.02
C SER D 333 -37.89 -6.34 21.89
N VAL D 334 -36.80 -7.01 22.22
CA VAL D 334 -35.70 -7.17 21.27
C VAL D 334 -36.07 -8.13 20.15
N TYR D 335 -36.81 -9.20 20.47
CA TYR D 335 -37.13 -10.20 19.45
C TYR D 335 -38.21 -9.72 18.48
N ALA D 336 -39.09 -8.83 18.92
CA ALA D 336 -40.15 -8.28 18.07
C ALA D 336 -40.00 -6.76 18.08
N TRP D 337 -39.18 -6.24 17.18
CA TRP D 337 -38.86 -4.82 17.12
C TRP D 337 -39.77 -4.14 16.11
N ASN D 338 -40.41 -3.05 16.53
CA ASN D 338 -41.30 -2.32 15.64
C ASN D 338 -40.51 -1.51 14.62
N ARG D 339 -41.16 -1.20 13.50
CA ARG D 339 -40.55 -0.45 12.42
C ARG D 339 -41.52 0.65 11.99
N LYS D 340 -41.10 1.90 12.15
CA LYS D 340 -41.92 3.06 11.81
C LYS D 340 -41.23 3.89 10.75
N ARG D 341 -41.97 4.24 9.70
CA ARG D 341 -41.45 5.07 8.62
C ARG D 341 -41.81 6.53 8.88
N ILE D 342 -40.88 7.43 8.56
CA ILE D 342 -41.08 8.85 8.71
C ILE D 342 -40.97 9.47 7.33
N SER D 343 -42.00 10.21 6.92
CA SER D 343 -42.04 10.77 5.57
C SER D 343 -42.78 12.10 5.57
N ASN D 344 -42.43 12.94 4.59
CA ASN D 344 -43.10 14.19 4.27
C ASN D 344 -43.08 15.17 5.44
N CYS D 345 -41.89 15.41 5.98
CA CYS D 345 -41.72 16.37 7.07
C CYS D 345 -40.27 16.81 7.14
N VAL D 346 -40.04 17.92 7.84
CA VAL D 346 -38.69 18.43 8.12
C VAL D 346 -38.15 17.70 9.35
N ALA D 347 -36.98 17.09 9.20
CA ALA D 347 -36.32 16.37 10.28
C ALA D 347 -35.18 17.24 10.80
N ASP D 348 -35.50 18.08 11.78
CA ASP D 348 -34.50 18.94 12.42
C ASP D 348 -33.77 18.12 13.47
N TYR D 349 -32.47 17.94 13.28
CA TYR D 349 -31.68 17.12 14.19
C TYR D 349 -31.09 17.91 15.34
N SER D 350 -31.37 19.20 15.43
CA SER D 350 -30.87 20.00 16.55
C SER D 350 -31.53 19.62 17.86
N VAL D 351 -32.81 19.21 17.81
CA VAL D 351 -33.52 18.81 19.01
C VAL D 351 -33.10 17.44 19.52
N LEU D 352 -32.34 16.69 18.71
CA LEU D 352 -31.83 15.40 19.18
C LEU D 352 -30.78 15.59 20.27
N TYR D 353 -29.96 16.64 20.15
CA TYR D 353 -28.92 16.92 21.14
C TYR D 353 -29.56 17.58 22.37
N ASN D 354 -30.13 16.73 23.23
CA ASN D 354 -30.72 17.18 24.48
C ASN D 354 -30.17 16.42 25.68
N LEU D 355 -29.85 15.13 25.51
CA LEU D 355 -29.26 14.37 26.60
C LEU D 355 -27.74 14.45 26.55
N ALA D 356 -27.13 14.49 27.73
CA ALA D 356 -25.68 14.49 27.86
C ALA D 356 -25.06 13.11 27.63
N PRO D 357 -25.57 11.95 28.26
CA PRO D 357 -24.90 10.66 28.04
C PRO D 357 -25.35 9.92 26.78
N PHE D 358 -25.30 10.61 25.64
CA PHE D 358 -25.49 9.97 24.34
C PHE D 358 -24.19 9.27 23.93
N PHE D 359 -23.90 8.18 24.62
CA PHE D 359 -22.56 7.60 24.59
C PHE D 359 -22.25 6.88 23.29
N THR D 360 -23.26 6.53 22.50
CA THR D 360 -23.06 6.00 21.15
C THR D 360 -23.85 6.86 20.18
N PHE D 361 -23.15 7.62 19.36
CA PHE D 361 -23.77 8.39 18.28
C PHE D 361 -22.93 8.35 17.01
N LYS D 362 -21.85 7.56 16.99
CA LYS D 362 -21.01 7.46 15.81
C LYS D 362 -21.76 6.81 14.66
N CYS D 363 -21.46 7.24 13.44
CA CYS D 363 -22.18 6.77 12.28
C CYS D 363 -21.24 6.25 11.21
N TYR D 364 -21.77 5.34 10.40
CA TYR D 364 -20.96 4.60 9.42
C TYR D 364 -20.88 5.33 8.08
N GLY D 365 -22.02 5.55 7.43
CA GLY D 365 -22.01 6.19 6.14
C GLY D 365 -22.11 7.70 6.15
N VAL D 366 -22.53 8.29 7.27
CA VAL D 366 -22.71 9.73 7.39
C VAL D 366 -21.97 10.21 8.63
N SER D 367 -22.03 11.52 8.86
CA SER D 367 -21.44 12.15 10.03
C SER D 367 -22.47 13.06 10.69
N PRO D 368 -22.39 13.22 12.02
CA PRO D 368 -23.38 14.06 12.71
C PRO D 368 -23.35 15.53 12.31
N THR D 369 -22.20 16.03 11.85
CA THR D 369 -22.12 17.43 11.44
C THR D 369 -22.86 17.66 10.11
N LYS D 370 -22.79 16.71 9.20
CA LYS D 370 -23.39 16.85 7.88
C LYS D 370 -24.82 16.32 7.81
N LEU D 371 -25.42 15.93 8.94
CA LEU D 371 -26.77 15.37 8.92
C LEU D 371 -27.83 16.40 8.63
N ASN D 372 -27.57 17.68 8.92
CA ASN D 372 -28.57 18.72 8.72
C ASN D 372 -28.52 19.32 7.32
N ASP D 373 -27.64 18.84 6.44
CA ASP D 373 -27.49 19.39 5.11
C ASP D 373 -27.69 18.31 4.05
N LEU D 374 -28.21 17.16 4.43
CA LEU D 374 -28.46 16.07 3.50
C LEU D 374 -29.94 16.01 3.16
N CYS D 375 -30.31 15.05 2.33
CA CYS D 375 -31.66 14.95 1.78
C CYS D 375 -31.96 13.47 1.54
N PHE D 376 -32.64 12.84 2.49
CA PHE D 376 -32.81 11.39 2.48
C PHE D 376 -34.03 10.99 1.67
N THR D 377 -33.91 9.85 0.96
CA THR D 377 -35.03 9.34 0.17
C THR D 377 -36.16 8.86 1.07
N ASN D 378 -35.85 8.02 2.05
CA ASN D 378 -36.80 7.53 3.04
C ASN D 378 -36.04 6.98 4.24
N VAL D 379 -36.66 7.00 5.40
CA VAL D 379 -36.01 6.59 6.64
C VAL D 379 -36.91 5.62 7.39
N TYR D 380 -36.31 4.87 8.30
CA TYR D 380 -37.03 3.99 9.20
C TYR D 380 -36.37 4.06 10.57
N ALA D 381 -37.17 3.83 11.60
CA ALA D 381 -36.70 3.93 12.99
C ALA D 381 -37.05 2.63 13.71
N ASP D 382 -36.06 1.77 13.88
CA ASP D 382 -36.21 0.53 14.62
C ASP D 382 -35.71 0.74 16.04
N SER D 383 -36.45 0.21 17.01
CA SER D 383 -36.07 0.39 18.41
C SER D 383 -36.31 -0.89 19.20
N PHE D 384 -35.46 -1.10 20.20
CA PHE D 384 -35.55 -2.24 21.10
C PHE D 384 -34.75 -1.90 22.35
N VAL D 385 -34.93 -2.71 23.39
CA VAL D 385 -34.25 -2.53 24.67
C VAL D 385 -33.38 -3.75 24.93
N ILE D 386 -32.07 -3.52 25.08
CA ILE D 386 -31.11 -4.57 25.36
C ILE D 386 -30.30 -4.18 26.58
N ARG D 387 -29.53 -5.13 27.09
CA ARG D 387 -28.65 -4.87 28.22
C ARG D 387 -27.46 -4.02 27.78
N GLY D 388 -26.75 -3.48 28.77
CA GLY D 388 -25.65 -2.58 28.48
C GLY D 388 -24.45 -3.25 27.86
N ASP D 389 -24.30 -4.55 28.08
CA ASP D 389 -23.14 -5.26 27.54
C ASP D 389 -23.28 -5.53 26.04
N GLU D 390 -24.50 -5.49 25.52
CA GLU D 390 -24.76 -5.86 24.14
C GLU D 390 -24.82 -4.68 23.19
N VAL D 391 -24.47 -3.47 23.65
CA VAL D 391 -24.50 -2.30 22.78
C VAL D 391 -23.45 -2.41 21.70
N ARG D 392 -22.26 -2.90 22.05
CA ARG D 392 -21.19 -3.06 21.07
C ARG D 392 -21.43 -4.22 20.11
N GLN D 393 -22.48 -5.00 20.37
CA GLN D 393 -22.78 -6.17 19.51
C GLN D 393 -23.55 -5.74 18.25
N ILE D 394 -23.87 -4.45 18.09
CA ILE D 394 -24.59 -3.94 16.93
C ILE D 394 -23.58 -3.17 16.08
N ALA D 395 -23.11 -3.82 15.02
CA ALA D 395 -22.18 -3.29 14.03
C ALA D 395 -22.26 -4.22 12.83
N PRO D 396 -21.93 -3.78 11.62
CA PRO D 396 -21.99 -4.68 10.46
C PRO D 396 -20.96 -5.80 10.56
N GLY D 397 -21.45 -7.03 10.66
CA GLY D 397 -20.60 -8.20 10.74
C GLY D 397 -20.12 -8.54 12.14
N GLN D 398 -20.48 -7.75 13.14
CA GLN D 398 -20.03 -7.99 14.52
C GLN D 398 -20.90 -9.09 15.12
N THR D 399 -20.36 -10.29 15.17
CA THR D 399 -21.07 -11.39 15.81
C THR D 399 -21.01 -11.24 17.33
N GLY D 400 -21.92 -12.01 17.95
CA GLY D 400 -22.16 -12.03 19.39
C GLY D 400 -23.44 -12.85 19.49
N ASN D 401 -24.32 -12.64 20.49
CA ASN D 401 -25.53 -13.53 20.56
C ASN D 401 -26.84 -12.76 20.41
N ILE D 402 -26.90 -11.48 20.82
CA ILE D 402 -28.16 -10.73 20.56
C ILE D 402 -28.26 -10.68 19.04
N ALA D 403 -27.13 -10.53 18.36
CA ALA D 403 -27.14 -10.59 16.90
C ALA D 403 -26.97 -12.05 16.49
N ASP D 404 -27.91 -12.90 16.88
CA ASP D 404 -27.77 -14.29 16.41
C ASP D 404 -29.17 -14.82 16.13
N TYR D 405 -30.12 -14.40 16.95
CA TYR D 405 -31.49 -14.84 16.71
C TYR D 405 -32.49 -13.70 16.61
N ASN D 406 -32.08 -12.45 16.85
CA ASN D 406 -33.01 -11.34 16.97
C ASN D 406 -32.81 -10.26 15.92
N TYR D 407 -31.60 -9.72 15.81
CA TYR D 407 -31.25 -8.62 14.92
C TYR D 407 -29.74 -8.48 14.92
N LYS D 408 -29.09 -8.37 13.77
CA LYS D 408 -27.66 -8.07 13.77
C LYS D 408 -27.35 -6.70 13.17
N LEU D 409 -27.51 -6.53 11.84
CA LEU D 409 -27.80 -5.41 10.94
C LEU D 409 -27.69 -5.94 9.52
N PRO D 410 -28.13 -5.18 8.51
CA PRO D 410 -27.67 -5.44 7.15
C PRO D 410 -26.15 -5.34 7.05
N ASP D 411 -25.58 -6.13 6.14
CA ASP D 411 -24.13 -6.17 6.00
C ASP D 411 -23.57 -4.85 5.50
N ASP D 412 -24.19 -4.28 4.46
CA ASP D 412 -23.78 -2.97 3.94
C ASP D 412 -24.65 -1.87 4.54
N PHE D 413 -24.46 -1.66 5.85
CA PHE D 413 -25.36 -0.81 6.61
C PHE D 413 -25.09 0.67 6.34
N THR D 414 -26.15 1.42 6.07
CA THR D 414 -26.12 2.87 5.96
C THR D 414 -27.10 3.45 6.96
N GLY D 415 -26.68 4.51 7.64
CA GLY D 415 -27.39 5.00 8.80
C GLY D 415 -26.65 4.63 10.06
N CYS D 416 -27.23 4.98 11.20
CA CYS D 416 -26.50 4.76 12.44
C CYS D 416 -27.43 4.62 13.63
N VAL D 417 -26.82 4.40 14.79
CA VAL D 417 -27.45 3.93 16.00
C VAL D 417 -27.24 4.94 17.11
N ILE D 418 -28.30 5.17 17.89
CA ILE D 418 -28.25 6.06 19.06
C ILE D 418 -28.72 5.25 20.27
N ALA D 419 -27.91 5.23 21.31
CA ALA D 419 -28.26 4.52 22.54
C ALA D 419 -27.88 5.34 23.76
N TRP D 420 -28.64 5.19 24.83
CA TRP D 420 -28.39 5.91 26.06
C TRP D 420 -28.93 5.11 27.23
N ASN D 421 -28.45 5.44 28.43
CA ASN D 421 -28.83 4.69 29.63
C ASN D 421 -30.30 4.92 29.96
N SER D 422 -30.98 3.85 30.34
CA SER D 422 -32.40 3.90 30.65
C SER D 422 -32.68 3.15 31.94
N ASN D 423 -31.84 3.35 32.95
CA ASN D 423 -32.05 2.68 34.23
C ASN D 423 -33.26 3.25 34.98
N LYS D 424 -33.55 4.54 34.78
CA LYS D 424 -34.63 5.17 35.53
C LYS D 424 -35.99 4.72 35.03
N LEU D 425 -36.12 4.44 33.73
CA LEU D 425 -37.42 4.15 33.14
C LEU D 425 -37.72 2.64 33.11
N ASP D 426 -36.90 1.87 32.42
CA ASP D 426 -37.17 0.45 32.20
C ASP D 426 -36.55 -0.44 33.26
N SER D 427 -36.80 -0.12 34.53
CA SER D 427 -36.33 -0.94 35.64
C SER D 427 -37.20 -0.68 36.85
N LYS D 428 -37.37 -1.73 37.66
CA LYS D 428 -38.15 -1.62 38.88
C LYS D 428 -37.47 -2.43 39.97
N VAL D 429 -37.77 -2.07 41.22
CA VAL D 429 -37.24 -2.81 42.35
C VAL D 429 -37.85 -4.21 42.43
N SER D 430 -39.05 -4.41 41.90
CA SER D 430 -39.63 -5.73 41.81
C SER D 430 -39.20 -6.53 40.58
N GLY D 431 -38.56 -5.88 39.63
CA GLY D 431 -38.11 -6.54 38.41
C GLY D 431 -39.13 -6.46 37.29
N ASN D 432 -38.62 -6.38 36.07
CA ASN D 432 -39.44 -6.31 34.86
C ASN D 432 -39.26 -7.59 34.07
N TYR D 433 -40.23 -8.49 34.17
CA TYR D 433 -40.27 -9.69 33.31
C TYR D 433 -41.12 -9.46 32.07
N ASN D 434 -40.82 -8.37 31.35
CA ASN D 434 -41.55 -8.02 30.13
C ASN D 434 -40.68 -7.95 28.89
N TYR D 435 -39.39 -7.64 29.03
CA TYR D 435 -38.46 -7.65 27.91
C TYR D 435 -37.79 -9.01 27.88
N LEU D 436 -37.99 -9.75 26.79
CA LEU D 436 -37.52 -11.12 26.70
C LEU D 436 -36.91 -11.36 25.32
N TYR D 437 -36.05 -12.37 25.25
CA TYR D 437 -35.25 -12.61 24.06
C TYR D 437 -35.27 -14.08 23.67
N ARG D 438 -34.44 -14.46 22.71
CA ARG D 438 -34.46 -15.79 22.12
C ARG D 438 -33.12 -16.48 22.32
N LEU D 439 -33.16 -17.73 22.75
CA LEU D 439 -31.96 -18.54 22.99
C LEU D 439 -31.82 -19.71 22.04
N PHE D 440 -32.88 -20.12 21.37
CA PHE D 440 -32.87 -21.36 20.59
C PHE D 440 -33.56 -21.17 19.24
N ARG D 441 -32.85 -21.54 18.18
CA ARG D 441 -33.38 -21.52 16.83
C ARG D 441 -32.54 -22.47 15.99
N LYS D 442 -33.15 -22.98 14.91
CA LYS D 442 -32.53 -24.03 14.11
C LYS D 442 -31.30 -23.53 13.35
N SER D 443 -31.35 -22.31 12.82
CA SER D 443 -30.39 -21.91 11.81
C SER D 443 -29.67 -20.64 12.27
N ASN D 444 -28.88 -20.06 11.36
CA ASN D 444 -28.04 -18.91 11.66
C ASN D 444 -28.80 -17.63 11.28
N LEU D 445 -28.25 -16.47 11.64
CA LEU D 445 -28.90 -15.19 11.46
C LEU D 445 -28.52 -14.59 10.12
N LYS D 446 -29.44 -13.78 9.58
CA LYS D 446 -29.23 -12.99 8.37
C LYS D 446 -30.23 -11.83 8.32
N PRO D 447 -29.86 -10.67 7.69
CA PRO D 447 -30.15 -9.33 8.28
C PRO D 447 -31.47 -9.06 9.01
N PHE D 448 -32.61 -9.17 8.35
CA PHE D 448 -33.88 -8.78 8.96
C PHE D 448 -34.56 -9.99 9.57
N GLU D 449 -35.04 -9.84 10.80
CA GLU D 449 -35.42 -10.98 11.62
C GLU D 449 -36.54 -10.62 12.59
N ARG D 450 -37.83 -10.88 12.22
CA ARG D 450 -38.89 -10.50 13.22
C ARG D 450 -40.22 -11.21 13.01
N ASP D 451 -40.53 -12.18 13.86
CA ASP D 451 -41.89 -12.70 14.00
C ASP D 451 -42.08 -13.27 15.41
N ILE D 452 -43.19 -13.98 15.59
CA ILE D 452 -43.55 -14.55 16.88
C ILE D 452 -43.57 -16.07 16.70
N SER D 453 -42.81 -16.77 17.54
CA SER D 453 -42.78 -18.23 17.50
C SER D 453 -42.63 -18.76 18.92
N THR D 454 -43.64 -19.50 19.39
CA THR D 454 -43.65 -20.04 20.74
C THR D 454 -43.55 -21.56 20.75
N GLU D 455 -43.07 -22.15 19.65
CA GLU D 455 -42.95 -23.60 19.57
C GLU D 455 -41.80 -24.09 20.45
N ILE D 456 -41.78 -25.40 20.70
CA ILE D 456 -40.80 -26.00 21.60
C ILE D 456 -39.60 -26.47 20.78
N TYR D 457 -38.41 -26.04 21.18
CA TYR D 457 -37.19 -26.42 20.48
C TYR D 457 -36.88 -27.89 20.68
N GLN D 458 -36.36 -28.52 19.62
CA GLN D 458 -35.94 -29.92 19.67
C GLN D 458 -34.42 -29.94 19.53
N ALA D 459 -33.75 -29.86 20.69
CA ALA D 459 -32.28 -29.80 20.70
C ALA D 459 -31.67 -31.14 20.30
N GLY D 460 -32.16 -32.23 20.87
CA GLY D 460 -31.65 -33.55 20.59
C GLY D 460 -32.45 -34.26 19.50
N ASN D 461 -32.05 -35.50 19.25
CA ASN D 461 -32.72 -36.35 18.27
C ASN D 461 -33.81 -37.20 18.91
N LYS D 462 -34.69 -36.56 19.68
CA LYS D 462 -35.77 -37.25 20.36
C LYS D 462 -37.06 -36.48 20.08
N PRO D 463 -38.07 -37.11 19.48
CA PRO D 463 -39.33 -36.40 19.17
C PRO D 463 -40.17 -36.20 20.42
N CYS D 464 -40.48 -34.94 20.71
CA CYS D 464 -41.35 -34.58 21.82
C CYS D 464 -42.23 -33.42 21.42
N ASN D 465 -43.41 -33.35 22.03
CA ASN D 465 -44.36 -32.27 21.78
C ASN D 465 -45.11 -31.94 23.06
N GLY D 466 -45.36 -30.66 23.28
CA GLY D 466 -46.12 -30.22 24.46
C GLY D 466 -45.37 -30.23 25.78
N VAL D 467 -44.76 -31.36 26.13
CA VAL D 467 -44.03 -31.47 27.39
C VAL D 467 -42.70 -30.73 27.27
N ALA D 468 -42.37 -29.94 28.29
CA ALA D 468 -41.12 -29.20 28.35
C ALA D 468 -40.19 -29.85 29.36
N GLY D 469 -38.88 -29.80 29.06
CA GLY D 469 -37.89 -30.41 29.92
C GLY D 469 -36.64 -30.83 29.19
N PHE D 470 -36.26 -32.09 29.34
CA PHE D 470 -35.05 -32.61 28.69
C PHE D 470 -35.27 -32.70 27.19
N ASN D 471 -34.37 -32.06 26.43
CA ASN D 471 -34.39 -31.97 24.96
C ASN D 471 -35.65 -31.34 24.42
N CYS D 472 -36.41 -30.61 25.25
CA CYS D 472 -37.62 -29.89 24.83
C CYS D 472 -37.53 -28.54 25.53
N TYR D 473 -36.98 -27.55 24.84
CA TYR D 473 -36.64 -26.27 25.42
C TYR D 473 -37.60 -25.19 24.93
N PHE D 474 -37.81 -24.18 25.78
CA PHE D 474 -38.55 -22.99 25.40
C PHE D 474 -37.58 -21.91 24.98
N PRO D 475 -37.64 -21.42 23.74
CA PRO D 475 -36.64 -20.43 23.29
C PRO D 475 -36.76 -19.07 23.95
N LEU D 476 -37.91 -18.75 24.55
CA LEU D 476 -38.16 -17.43 25.10
C LEU D 476 -37.76 -17.39 26.56
N ARG D 477 -36.75 -16.59 26.88
CA ARG D 477 -36.31 -16.36 28.25
C ARG D 477 -36.29 -14.86 28.50
N SER D 478 -36.53 -14.47 29.75
CA SER D 478 -36.73 -13.07 30.08
C SER D 478 -35.51 -12.47 30.77
N TYR D 479 -35.30 -11.18 30.52
CA TYR D 479 -34.34 -10.40 31.28
C TYR D 479 -34.84 -10.17 32.70
N SER D 480 -33.91 -9.77 33.57
CA SER D 480 -34.25 -9.36 34.93
C SER D 480 -33.50 -8.06 35.20
N PHE D 481 -34.23 -7.01 35.53
CA PHE D 481 -33.65 -5.70 35.77
C PHE D 481 -33.97 -5.23 37.18
N ARG D 482 -32.93 -4.93 37.95
CA ARG D 482 -33.05 -4.36 39.27
C ARG D 482 -32.20 -3.10 39.34
N PRO D 483 -32.62 -2.10 40.13
CA PRO D 483 -31.85 -0.85 40.20
C PRO D 483 -30.46 -1.01 40.81
N THR D 484 -30.20 -2.08 41.55
CA THR D 484 -28.91 -2.28 42.18
C THR D 484 -27.92 -3.03 41.31
N TYR D 485 -28.30 -3.38 40.07
CA TYR D 485 -27.38 -4.06 39.17
C TYR D 485 -26.29 -3.12 38.71
N GLY D 486 -25.16 -3.69 38.29
CA GLY D 486 -24.05 -2.89 37.83
C GLY D 486 -24.21 -2.42 36.40
N VAL D 487 -23.26 -1.59 35.97
CA VAL D 487 -23.25 -1.14 34.59
C VAL D 487 -22.88 -2.31 33.68
N GLY D 488 -23.60 -2.44 32.58
CA GLY D 488 -23.55 -3.60 31.73
C GLY D 488 -24.76 -4.48 31.85
N HIS D 489 -25.33 -4.59 33.05
CA HIS D 489 -26.63 -5.20 33.26
C HIS D 489 -27.76 -4.18 33.24
N GLN D 490 -27.43 -2.90 33.07
CA GLN D 490 -28.45 -1.87 32.94
C GLN D 490 -29.16 -1.99 31.60
N PRO D 491 -30.48 -1.81 31.55
CA PRO D 491 -31.19 -1.81 30.27
C PRO D 491 -30.94 -0.52 29.52
N TYR D 492 -30.43 -0.62 28.29
CA TYR D 492 -30.12 0.53 27.47
C TYR D 492 -31.08 0.59 26.30
N ARG D 493 -31.83 1.68 26.20
CA ARG D 493 -32.70 1.88 25.04
C ARG D 493 -31.87 2.18 23.81
N VAL D 494 -32.19 1.50 22.71
CA VAL D 494 -31.43 1.60 21.48
C VAL D 494 -32.39 1.95 20.35
N VAL D 495 -32.07 3.01 19.61
CA VAL D 495 -32.74 3.34 18.36
C VAL D 495 -31.71 3.38 17.25
N VAL D 496 -32.10 2.92 16.07
CA VAL D 496 -31.22 2.93 14.90
C VAL D 496 -31.90 3.73 13.80
N LEU D 497 -31.19 3.95 12.72
CA LEU D 497 -31.74 4.61 11.54
C LEU D 497 -31.41 3.80 10.30
N SER D 498 -32.22 3.98 9.26
CA SER D 498 -32.16 3.18 8.04
C SER D 498 -32.02 4.08 6.83
N PHE D 499 -31.02 4.97 6.87
CA PHE D 499 -30.71 5.85 5.75
C PHE D 499 -30.39 5.04 4.50
N GLU D 500 -30.93 5.48 3.38
CA GLU D 500 -30.47 5.05 2.06
C GLU D 500 -30.52 6.27 1.15
N LEU D 501 -29.39 6.59 0.53
CA LEU D 501 -29.16 7.92 -0.01
C LEU D 501 -29.86 8.09 -1.36
N LEU D 502 -29.48 9.16 -2.07
CA LEU D 502 -30.26 9.69 -3.19
C LEU D 502 -30.24 8.76 -4.40
N HIS D 503 -31.35 8.03 -4.60
CA HIS D 503 -31.57 7.23 -5.79
C HIS D 503 -32.95 7.55 -6.34
N ALA D 504 -33.81 8.07 -5.48
CA ALA D 504 -35.21 8.34 -5.76
C ALA D 504 -35.52 9.79 -5.36
N PRO D 505 -36.67 10.33 -5.73
CA PRO D 505 -37.10 11.61 -5.14
C PRO D 505 -37.22 11.52 -3.64
N ALA D 506 -36.79 12.58 -2.95
CA ALA D 506 -36.76 12.60 -1.50
C ALA D 506 -38.09 13.10 -0.95
N THR D 507 -38.31 12.81 0.34
CA THR D 507 -39.55 13.23 0.97
C THR D 507 -39.32 13.86 2.35
N VAL D 508 -38.28 13.38 3.04
CA VAL D 508 -37.96 13.93 4.38
C VAL D 508 -37.19 15.22 4.14
N CYS D 509 -35.88 15.21 4.19
CA CYS D 509 -35.02 16.38 3.84
C CYS D 509 -34.86 17.32 5.04
N GLY D 510 -33.73 18.01 5.12
CA GLY D 510 -33.43 18.82 6.31
C GLY D 510 -33.93 20.23 6.19
N PRO D 511 -33.47 21.19 7.02
CA PRO D 511 -34.01 22.53 6.98
C PRO D 511 -33.61 23.31 5.71
N LYS D 512 -32.58 24.15 5.79
CA LYS D 512 -32.09 24.96 4.64
C LYS D 512 -33.18 25.95 4.20
N LYS D 513 -33.09 26.50 2.98
CA LYS D 513 -34.06 27.51 2.50
C LYS D 513 -34.07 27.51 1.00
N SER D 514 -35.11 28.02 0.37
CA SER D 514 -35.23 27.98 -1.10
C SER D 514 -34.90 29.35 -1.68
N THR D 515 -34.14 29.42 -2.77
CA THR D 515 -33.74 30.76 -3.26
C THR D 515 -33.83 30.91 -4.77
N ASN D 516 -35.00 31.27 -5.28
CA ASN D 516 -35.15 31.57 -6.69
C ASN D 516 -34.62 30.51 -7.65
N LEU D 517 -34.44 30.89 -8.91
CA LEU D 517 -33.92 30.02 -9.96
C LEU D 517 -33.48 30.86 -11.16
N VAL D 518 -32.28 30.61 -11.66
CA VAL D 518 -31.76 31.34 -12.82
C VAL D 518 -31.36 30.32 -13.88
N LYS D 519 -31.32 30.76 -15.13
CA LYS D 519 -30.99 29.91 -16.26
C LYS D 519 -29.98 30.60 -17.17
N ASN D 520 -29.18 29.78 -17.86
CA ASN D 520 -28.14 30.24 -18.79
C ASN D 520 -27.13 31.16 -18.12
N LYS D 521 -26.72 30.79 -16.90
CA LYS D 521 -25.74 31.57 -16.17
C LYS D 521 -25.01 30.66 -15.20
N CYS D 522 -23.68 30.74 -15.17
CA CYS D 522 -22.86 29.86 -14.35
C CYS D 522 -23.05 30.16 -12.87
N VAL D 523 -23.76 29.29 -12.16
CA VAL D 523 -24.04 29.45 -10.75
C VAL D 523 -23.70 28.16 -10.02
N ASN D 524 -23.95 28.14 -8.72
CA ASN D 524 -23.74 26.96 -7.88
C ASN D 524 -25.11 26.45 -7.46
N PHE D 525 -25.30 25.16 -7.57
CA PHE D 525 -26.63 24.61 -7.31
C PHE D 525 -26.58 23.58 -6.20
N ASN D 526 -27.61 23.53 -5.38
CA ASN D 526 -27.71 22.48 -4.35
C ASN D 526 -29.12 21.92 -4.49
N PHE D 527 -29.40 21.28 -5.60
CA PHE D 527 -30.77 20.79 -5.82
C PHE D 527 -30.94 19.46 -5.11
N ASN D 528 -31.44 19.46 -3.89
CA ASN D 528 -31.70 18.23 -3.09
C ASN D 528 -30.46 17.54 -2.56
N GLY D 529 -29.33 18.22 -2.36
CA GLY D 529 -28.07 17.56 -1.94
C GLY D 529 -27.01 17.35 -3.03
N LEU D 530 -27.32 17.55 -4.30
CA LEU D 530 -26.33 17.46 -5.38
C LEU D 530 -25.68 18.82 -5.57
N LYS D 531 -24.41 19.01 -5.25
CA LYS D 531 -23.68 20.24 -5.52
C LYS D 531 -22.99 20.15 -6.89
N GLY D 532 -22.48 21.28 -7.33
CA GLY D 532 -21.79 21.34 -8.60
C GLY D 532 -21.57 22.78 -9.05
N THR D 533 -21.26 22.93 -10.33
CA THR D 533 -21.03 24.23 -10.93
C THR D 533 -21.32 24.14 -12.41
N GLY D 534 -22.26 24.94 -12.90
CA GLY D 534 -22.60 24.92 -14.30
C GLY D 534 -23.81 25.79 -14.58
N VAL D 535 -24.30 25.68 -15.81
CA VAL D 535 -25.47 26.41 -16.27
C VAL D 535 -26.64 25.45 -16.35
N LEU D 536 -27.85 25.98 -16.22
CA LEU D 536 -29.07 25.18 -16.23
C LEU D 536 -29.94 25.65 -17.39
N THR D 537 -29.94 24.89 -18.48
CA THR D 537 -30.73 25.21 -19.65
C THR D 537 -32.08 24.50 -19.56
N GLU D 538 -32.84 24.54 -20.65
CA GLU D 538 -34.14 23.87 -20.73
C GLU D 538 -34.00 22.61 -21.58
N SER D 539 -34.40 21.48 -21.02
CA SER D 539 -34.24 20.18 -21.66
C SER D 539 -35.55 19.73 -22.30
N ASN D 540 -35.47 18.64 -23.05
CA ASN D 540 -36.63 18.07 -23.73
C ASN D 540 -36.81 16.58 -23.50
N LYS D 541 -35.94 15.94 -22.73
CA LYS D 541 -36.08 14.52 -22.45
C LYS D 541 -37.27 14.27 -21.53
N LYS D 542 -38.00 13.20 -21.79
CA LYS D 542 -39.21 12.87 -21.05
C LYS D 542 -38.89 11.83 -19.98
N PHE D 543 -38.90 12.26 -18.73
CA PHE D 543 -38.66 11.35 -17.62
C PHE D 543 -39.86 10.44 -17.37
N LEU D 544 -39.57 9.21 -16.97
CA LEU D 544 -40.59 8.34 -16.43
C LEU D 544 -41.00 8.83 -15.05
N PRO D 545 -42.23 8.53 -14.61
CA PRO D 545 -42.69 9.06 -13.31
C PRO D 545 -41.90 8.59 -12.11
N PHE D 546 -41.21 7.45 -12.20
CA PHE D 546 -40.40 6.95 -11.09
C PHE D 546 -38.92 7.24 -11.24
N GLN D 547 -38.51 7.98 -12.28
CA GLN D 547 -37.12 8.32 -12.52
C GLN D 547 -36.93 9.82 -12.41
N GLN D 548 -35.98 10.24 -11.57
CA GLN D 548 -35.68 11.66 -11.41
C GLN D 548 -34.26 12.01 -11.86
N PHE D 549 -33.25 11.35 -11.32
CA PHE D 549 -31.86 11.75 -11.54
C PHE D 549 -31.32 11.03 -12.77
N GLY D 550 -31.16 11.77 -13.87
CA GLY D 550 -30.57 11.21 -15.06
C GLY D 550 -29.07 11.04 -14.92
N ARG D 551 -28.50 10.25 -15.84
CA ARG D 551 -27.07 9.95 -15.81
C ARG D 551 -26.55 9.89 -17.24
N ASP D 552 -25.31 9.45 -17.37
CA ASP D 552 -24.66 9.32 -18.67
C ASP D 552 -23.66 8.17 -18.60
N ILE D 553 -22.74 8.13 -19.57
CA ILE D 553 -21.77 7.04 -19.62
C ILE D 553 -20.69 7.22 -18.55
N ALA D 554 -20.40 8.45 -18.14
CA ALA D 554 -19.31 8.73 -17.23
C ALA D 554 -19.74 8.77 -15.77
N ASP D 555 -20.96 8.32 -15.46
CA ASP D 555 -21.51 8.26 -14.10
C ASP D 555 -21.54 9.64 -13.44
N THR D 556 -21.85 10.67 -14.22
CA THR D 556 -22.04 12.03 -13.73
C THR D 556 -23.44 12.48 -14.06
N THR D 557 -24.17 13.00 -13.07
CA THR D 557 -25.54 13.43 -13.30
C THR D 557 -25.57 14.66 -14.20
N ASP D 558 -26.52 14.66 -15.16
CA ASP D 558 -26.62 15.77 -16.09
C ASP D 558 -28.08 16.14 -16.39
N ALA D 559 -29.03 15.54 -15.68
CA ALA D 559 -30.44 15.87 -15.90
C ALA D 559 -31.15 15.75 -14.55
N VAL D 560 -31.68 16.86 -14.06
CA VAL D 560 -32.31 16.89 -12.74
C VAL D 560 -33.70 17.48 -12.87
N ARG D 561 -34.53 17.19 -11.86
CA ARG D 561 -35.89 17.69 -11.78
C ARG D 561 -35.98 18.69 -10.63
N ASP D 562 -36.43 19.90 -10.95
CA ASP D 562 -36.42 20.96 -9.91
C ASP D 562 -37.34 20.48 -8.85
N PRO D 563 -36.96 20.38 -7.59
CA PRO D 563 -37.85 19.80 -6.65
C PRO D 563 -39.17 20.58 -6.59
N GLN D 564 -39.16 21.92 -6.58
CA GLN D 564 -40.42 22.70 -6.38
C GLN D 564 -41.41 22.58 -7.53
N THR D 565 -40.98 22.70 -8.78
CA THR D 565 -41.96 22.67 -9.90
C THR D 565 -41.77 21.34 -10.63
N LEU D 566 -42.21 21.19 -11.87
CA LEU D 566 -41.94 19.94 -12.56
C LEU D 566 -41.07 20.14 -13.80
N GLU D 567 -40.29 21.22 -13.83
CA GLU D 567 -39.43 21.49 -14.97
C GLU D 567 -38.27 20.49 -15.02
N ILE D 568 -37.85 20.18 -16.24
CA ILE D 568 -36.73 19.26 -16.48
C ILE D 568 -35.60 20.08 -17.08
N LEU D 569 -34.45 20.08 -16.40
CA LEU D 569 -33.31 20.89 -16.78
C LEU D 569 -32.15 20.01 -17.24
N ASP D 570 -31.07 20.66 -17.63
CA ASP D 570 -29.83 19.98 -18.00
C ASP D 570 -28.65 20.70 -17.37
N ILE D 571 -27.61 19.94 -17.02
CA ILE D 571 -26.44 20.48 -16.37
C ILE D 571 -25.25 20.31 -17.31
N THR D 572 -24.65 21.43 -17.71
CA THR D 572 -23.45 21.43 -18.53
C THR D 572 -22.42 22.36 -17.91
N PRO D 573 -21.14 22.00 -17.98
CA PRO D 573 -20.11 22.81 -17.32
C PRO D 573 -19.88 24.14 -18.01
N CYS D 574 -19.31 25.07 -17.26
CA CYS D 574 -18.97 26.38 -17.79
C CYS D 574 -17.83 26.27 -18.80
N SER D 575 -17.61 27.36 -19.52
CA SER D 575 -16.56 27.37 -20.56
C SER D 575 -15.20 27.10 -19.94
N PHE D 576 -14.28 26.62 -20.76
CA PHE D 576 -12.91 26.35 -20.30
C PHE D 576 -12.12 26.04 -21.54
N GLY D 577 -10.89 26.52 -21.64
CA GLY D 577 -10.00 26.24 -22.76
C GLY D 577 -8.58 26.57 -22.38
N GLY D 578 -7.67 26.33 -23.34
CA GLY D 578 -6.26 26.58 -23.10
C GLY D 578 -5.85 28.01 -23.41
N VAL D 579 -4.67 28.37 -22.92
CA VAL D 579 -4.09 29.69 -23.13
C VAL D 579 -2.64 29.52 -23.56
N SER D 580 -2.26 30.15 -24.68
CA SER D 580 -0.90 30.15 -25.15
C SER D 580 -0.43 31.60 -25.33
N VAL D 581 0.87 31.80 -25.28
CA VAL D 581 1.46 33.13 -25.38
C VAL D 581 2.39 33.15 -26.59
N ILE D 582 2.10 34.04 -27.53
CA ILE D 582 2.92 34.21 -28.73
C ILE D 582 3.84 35.40 -28.49
N THR D 583 5.13 35.15 -28.36
CA THR D 583 6.07 36.20 -28.04
C THR D 583 7.32 36.09 -28.92
N PRO D 584 7.97 37.22 -29.21
CA PRO D 584 9.35 37.16 -29.70
C PRO D 584 10.31 37.07 -28.52
N GLY D 585 11.61 37.19 -28.78
CA GLY D 585 12.58 37.04 -27.71
C GLY D 585 12.49 38.15 -26.69
N THR D 586 13.08 37.89 -25.52
CA THR D 586 13.07 38.88 -24.44
C THR D 586 13.87 40.11 -24.82
N ASN D 587 15.01 39.92 -25.48
CA ASN D 587 15.88 41.02 -25.84
C ASN D 587 15.53 41.64 -27.19
N THR D 588 14.39 41.28 -27.77
CA THR D 588 13.88 41.93 -28.98
C THR D 588 12.75 42.90 -28.68
N SER D 589 11.71 42.44 -27.99
CA SER D 589 10.60 43.30 -27.60
C SER D 589 9.98 42.72 -26.33
N ASN D 590 8.84 43.29 -25.93
CA ASN D 590 8.13 42.84 -24.74
C ASN D 590 6.64 42.62 -24.97
N GLN D 591 6.15 42.85 -26.19
CA GLN D 591 4.74 42.63 -26.47
C GLN D 591 4.47 41.16 -26.75
N VAL D 592 3.24 40.73 -26.46
CA VAL D 592 2.85 39.34 -26.57
C VAL D 592 1.50 39.27 -27.28
N ALA D 593 0.97 38.04 -27.39
CA ALA D 593 -0.38 37.83 -27.91
C ALA D 593 -0.92 36.56 -27.26
N VAL D 594 -1.99 36.71 -26.49
CA VAL D 594 -2.59 35.57 -25.81
C VAL D 594 -3.53 34.86 -26.78
N LEU D 595 -3.30 33.57 -26.97
CA LEU D 595 -4.15 32.74 -27.82
C LEU D 595 -5.11 31.95 -26.94
N TYR D 596 -6.40 32.10 -27.21
CA TYR D 596 -7.44 31.35 -26.49
C TYR D 596 -7.82 30.15 -27.34
N GLN D 597 -7.23 29.00 -27.04
CA GLN D 597 -7.45 27.81 -27.84
C GLN D 597 -8.84 27.24 -27.62
N GLY D 598 -9.50 26.87 -28.72
CA GLY D 598 -10.75 26.14 -28.67
C GLY D 598 -11.92 26.88 -28.06
N VAL D 599 -12.13 28.13 -28.47
CA VAL D 599 -13.30 28.89 -28.04
C VAL D 599 -13.69 29.85 -29.15
N ASN D 600 -14.99 30.05 -29.32
CA ASN D 600 -15.52 31.03 -30.27
C ASN D 600 -15.75 32.32 -29.50
N CYS D 601 -14.92 33.33 -29.76
CA CYS D 601 -14.92 34.55 -28.96
C CYS D 601 -16.04 35.48 -29.41
N THR D 602 -17.24 35.15 -28.94
CA THR D 602 -18.38 36.05 -28.95
C THR D 602 -18.82 36.42 -27.54
N GLU D 603 -18.31 35.74 -26.52
CA GLU D 603 -18.63 36.02 -25.13
C GLU D 603 -17.41 36.28 -24.25
N VAL D 604 -16.29 35.60 -24.51
CA VAL D 604 -15.03 35.87 -23.81
C VAL D 604 -14.40 37.24 -24.15
N PRO D 605 -14.62 37.91 -25.30
CA PRO D 605 -14.09 39.28 -25.43
C PRO D 605 -14.72 40.29 -24.48
N VAL D 606 -15.87 39.98 -23.87
CA VAL D 606 -16.40 40.84 -22.82
C VAL D 606 -15.47 40.82 -21.62
N ALA D 607 -15.10 39.62 -21.15
CA ALA D 607 -14.01 39.37 -20.22
C ALA D 607 -14.18 40.04 -18.86
N ILE D 608 -14.05 41.38 -18.83
CA ILE D 608 -13.93 42.10 -17.57
C ILE D 608 -15.27 42.12 -16.84
N HIS D 609 -15.25 41.67 -15.59
CA HIS D 609 -16.43 41.65 -14.73
C HIS D 609 -15.92 41.61 -13.29
N ALA D 610 -16.81 41.30 -12.35
CA ALA D 610 -16.43 41.17 -10.94
C ALA D 610 -15.85 39.78 -10.73
N ASP D 611 -14.57 39.63 -11.12
CA ASP D 611 -13.78 38.41 -10.98
C ASP D 611 -14.46 37.22 -11.69
N GLN D 612 -14.36 37.26 -13.03
CA GLN D 612 -14.89 36.18 -13.91
C GLN D 612 -13.71 35.37 -14.46
N LEU D 613 -13.14 35.72 -15.61
CA LEU D 613 -12.07 34.85 -16.18
C LEU D 613 -11.01 34.73 -15.10
N THR D 614 -10.48 33.53 -14.84
CA THR D 614 -9.53 33.32 -13.70
C THR D 614 -8.20 34.06 -13.90
N PRO D 615 -7.52 34.07 -15.08
CA PRO D 615 -6.30 34.88 -15.26
C PRO D 615 -6.54 36.36 -14.97
N THR D 616 -5.49 37.03 -14.52
CA THR D 616 -5.57 38.40 -14.05
C THR D 616 -5.30 39.42 -15.15
N TRP D 617 -4.76 39.01 -16.28
CA TRP D 617 -4.33 39.92 -17.35
C TRP D 617 -5.40 40.07 -18.42
N ARG D 618 -6.67 40.11 -18.02
CA ARG D 618 -7.81 40.23 -18.91
C ARG D 618 -7.96 41.61 -19.55
N VAL D 619 -6.97 42.50 -19.42
CA VAL D 619 -7.08 43.84 -19.98
C VAL D 619 -6.93 43.84 -21.50
N TYR D 620 -6.41 42.77 -22.09
CA TYR D 620 -6.18 42.72 -23.53
C TYR D 620 -7.47 42.72 -24.33
N SER D 621 -8.59 42.31 -23.74
CA SER D 621 -9.86 42.28 -24.46
C SER D 621 -10.31 43.66 -24.88
N THR D 622 -9.97 44.68 -24.09
CA THR D 622 -10.20 46.07 -24.44
C THR D 622 -9.02 46.69 -25.20
N GLY D 623 -8.02 45.89 -25.51
CA GLY D 623 -6.83 46.39 -26.19
C GLY D 623 -6.90 46.30 -27.70
N SER D 624 -5.99 45.53 -28.30
CA SER D 624 -5.90 45.47 -29.75
C SER D 624 -7.04 44.66 -30.34
N ASN D 625 -7.21 44.82 -31.65
CA ASN D 625 -8.32 44.17 -32.34
C ASN D 625 -8.09 42.66 -32.44
N VAL D 626 -9.16 41.90 -32.24
CA VAL D 626 -9.07 40.45 -32.27
C VAL D 626 -9.18 39.95 -33.71
N PHE D 627 -8.77 38.71 -33.93
CA PHE D 627 -8.86 38.08 -35.24
C PHE D 627 -9.14 36.60 -35.02
N GLN D 628 -10.16 36.08 -35.70
CA GLN D 628 -10.58 34.71 -35.51
C GLN D 628 -9.93 33.77 -36.51
N THR D 629 -9.33 32.69 -36.01
CA THR D 629 -8.83 31.63 -36.86
C THR D 629 -9.56 30.33 -36.52
N ARG D 630 -9.13 29.22 -37.10
CA ARG D 630 -9.85 27.96 -36.93
C ARG D 630 -9.55 27.27 -35.59
N ALA D 631 -8.55 27.74 -34.84
CA ALA D 631 -8.17 27.13 -33.58
C ALA D 631 -8.50 28.00 -32.38
N GLY D 632 -9.34 29.01 -32.55
CA GLY D 632 -9.65 29.95 -31.49
C GLY D 632 -8.96 31.28 -31.71
N CYS D 633 -9.66 32.38 -31.47
CA CYS D 633 -9.13 33.69 -31.82
C CYS D 633 -8.04 34.12 -30.86
N LEU D 634 -7.05 34.83 -31.39
CA LEU D 634 -5.94 35.36 -30.63
C LEU D 634 -6.12 36.85 -30.41
N ILE D 635 -5.79 37.32 -29.22
CA ILE D 635 -5.99 38.71 -28.82
C ILE D 635 -4.61 39.36 -28.68
N GLY D 636 -4.35 40.36 -29.51
CA GLY D 636 -3.09 41.07 -29.43
C GLY D 636 -2.33 41.09 -30.74
N ALA D 637 -2.96 40.65 -31.82
CA ALA D 637 -2.33 40.65 -33.13
C ALA D 637 -3.33 41.09 -34.18
N GLU D 638 -2.82 41.63 -35.28
CA GLU D 638 -3.64 42.03 -36.42
C GLU D 638 -3.28 41.17 -37.63
N TYR D 639 -4.28 40.95 -38.49
CA TYR D 639 -4.18 39.99 -39.58
C TYR D 639 -3.87 40.74 -40.88
N VAL D 640 -2.60 40.68 -41.30
CA VAL D 640 -2.24 41.10 -42.65
C VAL D 640 -2.56 39.93 -43.57
N ASN D 641 -2.59 40.18 -44.89
CA ASN D 641 -2.96 39.15 -45.83
C ASN D 641 -1.90 38.80 -46.84
N ASN D 642 -0.84 39.59 -46.99
CA ASN D 642 0.27 39.20 -47.84
C ASN D 642 1.06 38.06 -47.20
N SER D 643 1.76 37.30 -48.04
CA SER D 643 2.36 36.06 -47.58
C SER D 643 3.77 36.29 -47.04
N TYR D 644 4.18 35.41 -46.12
CA TYR D 644 5.53 35.39 -45.57
C TYR D 644 5.89 33.96 -45.22
N GLU D 645 7.18 33.72 -45.04
CA GLU D 645 7.64 32.45 -44.52
C GLU D 645 7.22 32.30 -43.06
N CYS D 646 6.91 31.08 -42.65
CA CYS D 646 6.44 30.85 -41.29
C CYS D 646 7.59 30.98 -40.30
N ASP D 647 7.38 31.78 -39.26
CA ASP D 647 8.34 31.97 -38.18
C ASP D 647 7.92 31.32 -36.88
N ILE D 648 6.68 31.49 -36.47
CA ILE D 648 6.12 30.82 -35.29
C ILE D 648 4.77 30.20 -35.65
N PRO D 649 4.61 28.89 -35.51
CA PRO D 649 3.33 28.27 -35.86
C PRO D 649 2.26 28.54 -34.83
N ILE D 650 1.01 28.59 -35.29
CA ILE D 650 -0.15 28.78 -34.43
C ILE D 650 -1.15 27.63 -34.60
N GLY D 651 -1.54 27.35 -35.82
CA GLY D 651 -2.46 26.27 -36.10
C GLY D 651 -3.34 26.60 -37.29
N ALA D 652 -3.73 25.55 -38.02
CA ALA D 652 -4.56 25.64 -39.23
C ALA D 652 -3.95 26.57 -40.26
N GLY D 653 -2.64 26.48 -40.42
CA GLY D 653 -1.93 27.26 -41.43
C GLY D 653 -1.88 28.75 -41.20
N ILE D 654 -1.73 29.17 -39.95
CA ILE D 654 -1.54 30.57 -39.60
C ILE D 654 -0.21 30.66 -38.85
N CYS D 655 0.69 31.51 -39.33
CA CYS D 655 1.99 31.70 -38.69
C CYS D 655 2.20 33.18 -38.43
N ALA D 656 2.59 33.50 -37.20
CA ALA D 656 2.82 34.88 -36.80
C ALA D 656 4.28 35.25 -37.00
N SER D 657 4.61 36.50 -36.71
CA SER D 657 5.98 37.01 -36.84
C SER D 657 6.07 38.32 -36.06
N TYR D 658 7.21 39.00 -36.17
CA TYR D 658 7.46 40.28 -35.53
C TYR D 658 7.87 41.26 -36.62
N GLN D 659 6.88 41.99 -37.15
CA GLN D 659 7.15 42.90 -38.26
C GLN D 659 7.73 44.21 -37.76
N THR D 660 8.78 44.68 -38.44
CA THR D 660 9.43 45.94 -38.09
C THR D 660 9.38 46.92 -39.26
N SER D 673 7.04 51.77 -33.05
CA SER D 673 5.75 51.66 -33.71
C SER D 673 5.61 50.34 -34.45
N GLN D 674 6.16 49.28 -33.88
CA GLN D 674 6.13 47.95 -34.47
C GLN D 674 5.38 46.99 -33.56
N SER D 675 4.45 46.24 -34.14
CA SER D 675 3.66 45.26 -33.42
C SER D 675 3.64 43.95 -34.21
N ILE D 676 3.37 42.86 -33.50
CA ILE D 676 3.39 41.55 -34.13
C ILE D 676 2.15 41.36 -34.99
N ILE D 677 2.28 40.54 -36.04
CA ILE D 677 1.23 40.33 -37.02
C ILE D 677 1.04 38.85 -37.22
N ALA D 678 -0.12 38.49 -37.77
CA ALA D 678 -0.45 37.12 -38.13
C ALA D 678 -0.88 37.08 -39.59
N TYR D 679 -0.43 36.06 -40.32
CA TYR D 679 -0.67 35.99 -41.75
C TYR D 679 -0.99 34.54 -42.13
N THR D 680 -0.94 34.26 -43.42
CA THR D 680 -1.18 32.92 -43.94
C THR D 680 0.15 32.34 -44.40
N MET D 681 0.31 31.03 -44.19
CA MET D 681 1.56 30.36 -44.52
C MET D 681 1.82 30.37 -46.03
N SER D 682 3.07 30.60 -46.40
CA SER D 682 3.50 30.53 -47.78
C SER D 682 4.43 29.34 -47.94
N LEU D 683 4.07 28.43 -48.84
CA LEU D 683 4.85 27.19 -48.97
C LEU D 683 6.14 27.40 -49.72
N GLY D 684 6.21 28.44 -50.56
CA GLY D 684 7.43 28.71 -51.30
C GLY D 684 7.13 29.50 -52.54
N ALA D 685 8.21 29.89 -53.22
CA ALA D 685 8.08 30.68 -54.44
C ALA D 685 7.55 29.82 -55.58
N GLU D 686 6.55 30.32 -56.29
CA GLU D 686 5.95 29.57 -57.38
C GLU D 686 6.89 29.53 -58.57
N ASN D 687 7.06 28.33 -59.13
CA ASN D 687 7.90 28.12 -60.29
C ASN D 687 7.09 27.39 -61.36
N SER D 688 7.49 27.59 -62.61
CA SER D 688 6.81 26.96 -63.74
C SER D 688 7.87 26.57 -64.77
N VAL D 689 8.09 25.27 -64.94
CA VAL D 689 9.05 24.80 -65.93
C VAL D 689 8.40 24.84 -67.29
N ALA D 690 9.08 25.44 -68.26
CA ALA D 690 8.55 25.62 -69.61
C ALA D 690 8.61 24.27 -70.34
N TYR D 691 7.62 23.43 -70.05
CA TYR D 691 7.56 22.12 -70.67
C TYR D 691 7.20 22.24 -72.15
N SER D 692 7.83 21.39 -72.95
CA SER D 692 7.49 21.23 -74.36
C SER D 692 7.78 19.79 -74.74
N ASN D 693 7.84 19.52 -76.03
CA ASN D 693 8.20 18.20 -76.52
C ASN D 693 9.48 18.18 -77.34
N ASN D 694 10.25 19.28 -77.37
CA ASN D 694 11.54 19.28 -78.03
C ASN D 694 12.56 20.11 -77.26
N SER D 695 12.42 20.20 -75.94
CA SER D 695 13.27 21.07 -75.13
C SER D 695 14.03 20.24 -74.10
N ILE D 696 15.35 20.34 -74.12
CA ILE D 696 16.22 19.70 -73.14
C ILE D 696 17.22 20.72 -72.63
N ALA D 697 17.37 20.79 -71.31
CA ALA D 697 18.39 21.62 -70.68
C ALA D 697 19.45 20.74 -70.05
N ILE D 698 20.70 20.91 -70.45
CA ILE D 698 21.84 20.19 -69.89
C ILE D 698 22.67 21.18 -69.10
N PRO D 699 23.02 20.90 -67.84
CA PRO D 699 23.90 21.80 -67.11
C PRO D 699 25.32 21.79 -67.67
N THR D 700 25.99 22.93 -67.52
CA THR D 700 27.32 23.12 -68.09
C THR D 700 28.40 23.32 -67.04
N ASN D 701 28.07 23.15 -65.75
CA ASN D 701 29.03 23.38 -64.68
C ASN D 701 28.54 22.63 -63.45
N PHE D 702 29.42 22.51 -62.45
CA PHE D 702 29.10 21.79 -61.24
C PHE D 702 29.64 22.54 -60.03
N THR D 703 29.01 22.29 -58.88
CA THR D 703 29.50 22.76 -57.60
C THR D 703 29.58 21.58 -56.65
N ILE D 704 30.51 21.66 -55.70
CA ILE D 704 30.74 20.60 -54.73
C ILE D 704 30.38 21.17 -53.36
N SER D 705 29.43 20.53 -52.68
CA SER D 705 28.96 20.97 -51.38
C SER D 705 29.41 20.02 -50.29
N VAL D 706 29.31 20.48 -49.05
CA VAL D 706 29.59 19.67 -47.87
C VAL D 706 28.40 19.80 -46.93
N THR D 707 27.71 18.69 -46.67
CA THR D 707 26.54 18.68 -45.81
C THR D 707 26.88 17.93 -44.53
N THR D 708 26.34 18.38 -43.40
CA THR D 708 26.72 17.80 -42.12
C THR D 708 25.49 17.21 -41.46
N GLU D 709 25.54 15.92 -41.13
CA GLU D 709 24.46 15.23 -40.43
C GLU D 709 24.95 14.83 -39.04
N ILE D 710 24.09 14.99 -38.04
CA ILE D 710 24.42 14.72 -36.65
C ILE D 710 23.48 13.64 -36.13
N LEU D 711 24.04 12.55 -35.63
CA LEU D 711 23.24 11.42 -35.16
C LEU D 711 23.69 10.96 -33.78
N PRO D 712 22.78 10.86 -32.81
CA PRO D 712 23.14 10.25 -31.52
C PRO D 712 23.41 8.77 -31.66
N VAL D 713 24.31 8.26 -30.81
CA VAL D 713 24.67 6.84 -30.87
C VAL D 713 24.39 6.18 -29.52
N SER D 714 24.47 6.93 -28.43
CA SER D 714 24.28 6.34 -27.11
C SER D 714 23.94 7.42 -26.10
N MET D 715 23.35 7.00 -24.98
CA MET D 715 23.09 7.88 -23.86
C MET D 715 24.00 7.51 -22.69
N THR D 716 23.75 8.17 -21.55
CA THR D 716 24.52 7.90 -20.36
C THR D 716 23.98 6.68 -19.62
N LYS D 717 24.88 5.83 -19.13
CA LYS D 717 24.49 4.69 -18.32
C LYS D 717 24.09 5.14 -16.92
N THR D 718 23.16 4.40 -16.32
CA THR D 718 22.66 4.74 -15.00
C THR D 718 22.26 3.46 -14.27
N SER D 719 22.61 3.39 -12.98
CA SER D 719 22.17 2.29 -12.13
C SER D 719 21.37 2.87 -10.97
N VAL D 720 20.62 2.01 -10.29
CA VAL D 720 19.72 2.42 -9.22
C VAL D 720 19.92 1.51 -8.02
N ASP D 721 19.72 2.08 -6.83
CA ASP D 721 19.66 1.32 -5.59
C ASP D 721 18.24 1.43 -5.05
N CYS D 722 17.51 0.31 -5.08
CA CYS D 722 16.09 0.36 -4.75
C CYS D 722 15.87 0.61 -3.27
N THR D 723 16.76 0.09 -2.42
CA THR D 723 16.57 0.25 -0.97
C THR D 723 17.04 1.62 -0.49
N MET D 724 18.17 2.11 -0.98
CA MET D 724 18.70 3.38 -0.42
C MET D 724 17.92 4.56 -0.97
N TYR D 725 17.34 4.44 -2.17
CA TYR D 725 16.54 5.55 -2.67
C TYR D 725 15.22 5.68 -1.93
N ILE D 726 14.59 4.55 -1.60
CA ILE D 726 13.24 4.57 -1.04
C ILE D 726 13.29 4.80 0.47
N CYS D 727 13.99 3.95 1.19
CA CYS D 727 14.06 3.98 2.65
C CYS D 727 15.51 3.96 3.11
N GLY D 728 16.34 4.82 2.52
CA GLY D 728 17.75 4.82 2.84
C GLY D 728 18.03 5.33 4.25
N ASP D 729 19.10 4.80 4.84
CA ASP D 729 19.52 5.20 6.21
C ASP D 729 18.43 4.87 7.22
N SER D 730 17.74 3.75 7.00
CA SER D 730 16.66 3.37 7.91
C SER D 730 16.42 1.88 7.74
N THR D 731 16.91 1.08 8.69
CA THR D 731 16.68 -0.36 8.63
C THR D 731 15.25 -0.72 8.97
N GLU D 732 14.52 0.18 9.64
CA GLU D 732 13.13 -0.05 9.98
C GLU D 732 12.19 0.22 8.82
N CYS D 733 12.67 0.83 7.74
CA CYS D 733 11.89 1.02 6.53
C CYS D 733 12.26 0.03 5.43
N SER D 734 13.45 -0.58 5.51
CA SER D 734 13.90 -1.48 4.46
C SER D 734 13.16 -2.81 4.49
N ASN D 735 12.76 -3.26 5.69
CA ASN D 735 12.09 -4.56 5.81
C ASN D 735 10.68 -4.53 5.24
N LEU D 736 10.09 -3.35 5.06
CA LEU D 736 8.77 -3.28 4.43
C LEU D 736 8.86 -3.57 2.93
N LEU D 737 10.04 -3.39 2.33
CA LEU D 737 10.17 -3.62 0.90
C LEU D 737 10.24 -5.11 0.58
N LEU D 738 10.70 -5.94 1.52
CA LEU D 738 10.83 -7.37 1.25
C LEU D 738 9.47 -8.03 1.10
N GLN D 739 8.46 -7.52 1.81
CA GLN D 739 7.13 -8.09 1.71
C GLN D 739 6.32 -7.48 0.57
N TYR D 740 6.90 -6.57 -0.21
CA TYR D 740 6.30 -6.12 -1.46
C TYR D 740 6.67 -7.01 -2.64
N GLY D 741 7.46 -8.05 -2.42
CA GLY D 741 7.83 -8.95 -3.49
C GLY D 741 9.21 -8.67 -4.06
N SER D 742 9.44 -9.05 -5.31
CA SER D 742 10.72 -8.87 -5.97
C SER D 742 10.71 -7.65 -6.89
N PHE D 743 10.02 -6.55 -6.59
CA PHE D 743 9.97 -5.47 -7.61
C PHE D 743 11.36 -4.88 -7.85
N CYS D 744 12.13 -4.76 -6.80
CA CYS D 744 13.46 -4.14 -6.96
C CYS D 744 14.32 -5.01 -7.88
N THR D 745 14.22 -6.33 -7.81
CA THR D 745 15.10 -7.11 -8.70
C THR D 745 14.75 -6.80 -10.16
N GLN D 746 13.47 -6.74 -10.49
CA GLN D 746 13.07 -6.43 -11.86
C GLN D 746 13.58 -5.05 -12.24
N LEU D 747 13.45 -4.07 -11.35
CA LEU D 747 13.94 -2.74 -11.79
C LEU D 747 15.45 -2.84 -12.07
N LYS D 748 16.25 -3.46 -11.21
CA LYS D 748 17.69 -3.45 -11.51
C LYS D 748 17.98 -4.19 -12.81
N ARG D 749 17.31 -5.32 -13.05
CA ARG D 749 17.64 -6.08 -14.27
C ARG D 749 17.31 -5.21 -15.48
N ALA D 750 16.18 -4.54 -15.44
CA ALA D 750 15.81 -3.71 -16.60
C ALA D 750 16.87 -2.65 -16.79
N LEU D 751 17.30 -1.99 -15.72
CA LEU D 751 18.26 -0.89 -15.94
C LEU D 751 19.60 -1.43 -16.42
N THR D 752 20.05 -2.60 -15.98
CA THR D 752 21.31 -3.13 -16.55
C THR D 752 21.10 -3.45 -18.02
N GLY D 753 19.97 -4.02 -18.40
CA GLY D 753 19.84 -4.30 -19.83
C GLY D 753 19.96 -3.06 -20.69
N ILE D 754 19.46 -1.91 -20.25
CA ILE D 754 19.68 -0.67 -21.06
C ILE D 754 21.18 -0.44 -21.11
N ALA D 755 21.88 -0.63 -20.01
CA ALA D 755 23.31 -0.28 -20.04
C ALA D 755 24.08 -1.19 -20.98
N VAL D 756 24.07 -2.49 -20.74
CA VAL D 756 24.88 -3.38 -21.55
C VAL D 756 24.62 -3.12 -23.03
N GLU D 757 23.50 -2.47 -23.36
CA GLU D 757 23.21 -2.18 -24.76
C GLU D 757 23.98 -0.95 -25.25
N GLN D 758 24.30 -0.01 -24.36
CA GLN D 758 25.07 1.15 -24.77
C GLN D 758 26.51 0.79 -25.10
N ASP D 759 27.01 -0.31 -24.53
CA ASP D 759 28.34 -0.78 -24.87
C ASP D 759 28.37 -1.36 -26.28
N LYS D 760 27.32 -2.11 -26.65
CA LYS D 760 27.28 -2.72 -27.97
C LYS D 760 26.74 -1.79 -29.04
N ASN D 761 26.32 -0.57 -28.69
CA ASN D 761 25.97 0.42 -29.70
C ASN D 761 27.18 1.16 -30.24
N THR D 762 28.38 0.86 -29.73
CA THR D 762 29.59 1.52 -30.20
C THR D 762 30.50 0.58 -30.99
N GLN D 763 30.58 -0.69 -30.63
CA GLN D 763 31.38 -1.64 -31.39
C GLN D 763 30.80 -1.94 -32.76
N GLU D 764 29.56 -1.57 -33.03
CA GLU D 764 28.97 -1.77 -34.35
C GLU D 764 28.87 -0.50 -35.17
N VAL D 765 29.29 0.64 -34.64
CA VAL D 765 29.30 1.90 -35.36
C VAL D 765 30.71 2.34 -35.70
N PHE D 766 31.63 2.27 -34.73
CA PHE D 766 33.01 2.69 -34.94
C PHE D 766 33.96 1.55 -35.26
N ALA D 767 33.66 0.33 -34.80
CA ALA D 767 34.59 -0.79 -34.88
C ALA D 767 34.26 -1.72 -36.03
N GLN D 768 33.83 -1.18 -37.18
CA GLN D 768 33.57 -2.00 -38.34
C GLN D 768 34.83 -2.62 -38.94
N VAL D 769 36.00 -2.05 -38.65
CA VAL D 769 37.27 -2.62 -39.07
C VAL D 769 38.06 -2.99 -37.83
N LYS D 770 39.03 -3.88 -38.01
CA LYS D 770 39.88 -4.33 -36.91
C LYS D 770 41.33 -3.92 -37.05
N GLN D 771 41.86 -3.82 -38.27
CA GLN D 771 43.18 -3.29 -38.49
C GLN D 771 43.19 -1.80 -38.20
N ILE D 772 44.10 -1.36 -37.32
CA ILE D 772 44.20 0.04 -36.95
C ILE D 772 45.24 0.68 -37.86
N TYR D 773 44.76 1.40 -38.88
CA TYR D 773 45.64 1.96 -39.89
C TYR D 773 46.29 3.24 -39.41
N LYS D 774 47.37 3.62 -40.08
CA LYS D 774 48.16 4.78 -39.71
C LYS D 774 48.28 5.72 -40.90
N THR D 775 48.13 7.02 -40.64
CA THR D 775 48.25 8.01 -41.69
C THR D 775 49.71 8.11 -42.15
N PRO D 776 49.94 8.34 -43.45
CA PRO D 776 51.32 8.51 -43.92
C PRO D 776 51.88 9.84 -43.44
N PRO D 777 53.21 9.93 -43.27
CA PRO D 777 53.81 11.24 -42.94
C PRO D 777 53.63 12.28 -44.01
N ILE D 778 53.57 11.88 -45.28
CA ILE D 778 53.40 12.84 -46.37
C ILE D 778 51.93 13.22 -46.48
N LYS D 779 51.67 14.53 -46.45
CA LYS D 779 50.31 15.05 -46.43
C LYS D 779 49.99 15.85 -47.70
N TYR D 780 50.46 15.38 -48.85
CA TYR D 780 50.17 16.00 -50.15
C TYR D 780 49.36 15.01 -50.97
N PHE D 781 48.04 15.11 -50.88
CA PHE D 781 47.14 14.22 -51.60
C PHE D 781 46.62 14.87 -52.88
N GLY D 782 47.54 15.17 -53.79
CA GLY D 782 47.18 15.69 -55.10
C GLY D 782 46.52 17.05 -55.10
N GLY D 783 46.93 17.93 -54.19
CA GLY D 783 46.34 19.25 -54.07
C GLY D 783 45.20 19.36 -53.10
N PHE D 784 44.58 18.24 -52.73
CA PHE D 784 43.52 18.25 -51.73
C PHE D 784 44.12 18.55 -50.36
N ASN D 785 43.36 19.27 -49.54
CA ASN D 785 43.81 19.67 -48.22
C ASN D 785 43.01 18.91 -47.17
N PHE D 786 43.71 18.20 -46.30
CA PHE D 786 43.06 17.36 -45.29
C PHE D 786 43.49 17.71 -43.87
N SER D 787 44.11 18.87 -43.66
CA SER D 787 44.64 19.20 -42.34
C SER D 787 43.54 19.46 -41.33
N GLN D 788 42.34 19.82 -41.79
CA GLN D 788 41.24 20.06 -40.88
C GLN D 788 40.69 18.77 -40.30
N ILE D 789 40.62 17.70 -41.10
CA ILE D 789 39.93 16.48 -40.69
C ILE D 789 40.92 15.48 -40.11
N LEU D 790 42.18 15.54 -40.52
CA LEU D 790 43.17 14.59 -40.02
C LEU D 790 43.73 15.06 -38.70
N PRO D 791 43.96 14.16 -37.73
CA PRO D 791 44.48 14.59 -36.43
C PRO D 791 45.91 15.13 -36.53
N ASP D 792 46.19 16.14 -35.71
CA ASP D 792 47.51 16.77 -35.66
C ASP D 792 48.18 16.43 -34.34
N PRO D 793 49.35 15.79 -34.35
CA PRO D 793 49.96 15.34 -33.09
C PRO D 793 50.66 16.42 -32.30
N SER D 794 50.49 17.71 -32.64
CA SER D 794 51.11 18.77 -31.85
C SER D 794 50.45 18.89 -30.49
N LYS D 795 49.12 18.94 -30.46
CA LYS D 795 48.38 18.98 -29.21
C LYS D 795 48.42 17.62 -28.52
N PRO D 796 48.37 17.59 -27.18
CA PRO D 796 48.43 16.30 -26.46
C PRO D 796 47.26 15.37 -26.76
N SER D 797 46.07 15.91 -27.01
CA SER D 797 44.91 15.09 -27.35
C SER D 797 44.85 14.92 -28.86
N LYS D 798 44.98 13.67 -29.32
CA LYS D 798 45.06 13.39 -30.76
C LYS D 798 43.67 13.51 -31.38
N ARG D 799 43.23 14.75 -31.54
CA ARG D 799 41.94 15.07 -32.14
C ARG D 799 42.15 16.10 -33.25
N SER D 800 41.30 16.04 -34.27
CA SER D 800 41.41 16.93 -35.40
C SER D 800 41.00 18.35 -35.01
N PRO D 801 41.29 19.29 -35.90
CA PRO D 801 40.97 20.69 -35.62
C PRO D 801 39.45 20.91 -35.68
N ILE D 802 38.77 20.21 -36.61
CA ILE D 802 37.31 20.23 -36.64
C ILE D 802 36.75 19.58 -35.38
N GLU D 803 37.33 18.43 -35.00
CA GLU D 803 36.80 17.65 -33.89
C GLU D 803 37.03 18.36 -32.56
N ASP D 804 38.09 19.16 -32.47
CA ASP D 804 38.32 19.93 -31.25
C ASP D 804 37.28 21.04 -31.08
N LEU D 805 36.91 21.69 -32.18
CA LEU D 805 35.84 22.69 -32.14
C LEU D 805 34.50 22.05 -31.81
N LEU D 806 34.25 20.86 -32.36
CA LEU D 806 33.00 20.16 -32.13
C LEU D 806 32.89 19.66 -30.70
N PHE D 807 34.00 19.22 -30.12
CA PHE D 807 33.98 18.71 -28.75
C PHE D 807 33.77 19.82 -27.74
N ASN D 808 34.22 21.03 -28.06
CA ASN D 808 34.12 22.15 -27.12
C ASN D 808 32.70 22.72 -27.06
N LYS D 809 32.00 22.75 -28.20
CA LYS D 809 30.71 23.44 -28.28
C LYS D 809 29.57 22.68 -27.61
N VAL D 810 29.76 21.42 -27.27
CA VAL D 810 28.73 20.62 -26.61
C VAL D 810 29.01 20.60 -25.12
N THR D 811 28.07 21.09 -24.33
CA THR D 811 28.20 21.12 -22.88
C THR D 811 27.84 19.76 -22.29
N LEU D 812 28.41 19.48 -21.12
CA LEU D 812 28.13 18.24 -20.41
C LEU D 812 27.64 18.53 -19.00
N LEU D 833 34.05 19.30 -13.32
CA LEU D 833 33.38 19.79 -12.11
C LEU D 833 32.00 19.16 -12.00
N ILE D 834 31.41 18.79 -13.15
CA ILE D 834 30.10 18.17 -13.17
C ILE D 834 30.16 16.66 -12.95
N CYS D 835 31.35 16.07 -13.02
CA CYS D 835 31.51 14.63 -12.84
C CYS D 835 32.05 14.25 -11.46
N ALA D 836 31.74 15.02 -10.43
CA ALA D 836 32.20 14.75 -9.07
C ALA D 836 31.12 14.95 -8.03
N GLN D 837 29.93 15.39 -8.42
CA GLN D 837 28.85 15.66 -7.48
C GLN D 837 27.57 14.92 -7.86
N LYS D 838 27.72 13.69 -8.37
CA LYS D 838 26.57 12.92 -8.84
C LYS D 838 26.47 11.60 -8.08
N PHE D 839 26.57 11.65 -6.76
CA PHE D 839 26.54 10.46 -5.91
C PHE D 839 25.48 10.60 -4.83
N LYS D 840 24.27 10.96 -5.24
CA LYS D 840 23.15 11.16 -4.30
C LYS D 840 22.31 9.91 -4.11
N GLY D 841 22.76 8.75 -4.61
CA GLY D 841 21.99 7.53 -4.52
C GLY D 841 21.81 6.88 -5.87
N LEU D 842 22.31 7.53 -6.92
CA LEU D 842 22.18 7.06 -8.30
C LEU D 842 23.53 7.23 -8.98
N THR D 843 24.26 6.13 -9.15
CA THR D 843 25.57 6.18 -9.77
C THR D 843 25.44 6.37 -11.27
N VAL D 844 26.54 6.82 -11.88
CA VAL D 844 26.66 6.95 -13.33
C VAL D 844 27.88 6.15 -13.75
N LEU D 845 27.66 5.00 -14.36
CA LEU D 845 28.77 4.14 -14.77
C LEU D 845 29.47 4.74 -15.98
N PRO D 846 30.80 4.62 -16.04
CA PRO D 846 31.54 5.16 -17.18
C PRO D 846 31.40 4.26 -18.39
N PRO D 847 31.52 4.81 -19.61
CA PRO D 847 31.50 3.96 -20.80
C PRO D 847 32.75 3.11 -20.89
N LEU D 848 32.62 1.96 -21.54
CA LEU D 848 33.74 1.03 -21.65
C LEU D 848 34.85 1.62 -22.52
N LEU D 849 34.50 2.12 -23.70
CA LEU D 849 35.46 2.73 -24.61
C LEU D 849 35.64 4.18 -24.20
N THR D 850 36.89 4.58 -23.95
CA THR D 850 37.14 5.95 -23.53
C THR D 850 37.11 6.90 -24.73
N ASP D 851 37.40 8.18 -24.45
CA ASP D 851 37.36 9.18 -25.51
C ASP D 851 38.65 9.19 -26.30
N GLU D 852 39.63 8.38 -25.90
CA GLU D 852 40.88 8.31 -26.63
C GLU D 852 41.06 7.00 -27.39
N MET D 853 40.18 6.03 -27.19
CA MET D 853 40.14 4.86 -28.06
C MET D 853 39.13 5.03 -29.17
N ILE D 854 38.07 5.81 -28.93
CA ILE D 854 37.15 6.19 -29.99
C ILE D 854 37.86 7.05 -31.01
N ALA D 855 38.71 7.97 -30.56
CA ALA D 855 39.48 8.82 -31.45
C ALA D 855 40.55 8.06 -32.24
N GLN D 856 40.84 6.82 -31.88
CA GLN D 856 41.77 6.01 -32.66
C GLN D 856 41.06 5.26 -33.80
N TYR D 857 39.83 4.82 -33.57
CA TYR D 857 39.03 4.23 -34.65
C TYR D 857 38.74 5.25 -35.73
N THR D 858 38.41 6.48 -35.35
CA THR D 858 38.14 7.53 -36.33
C THR D 858 39.39 7.86 -37.14
N SER D 859 40.56 7.77 -36.53
CA SER D 859 41.80 7.93 -37.30
C SER D 859 42.02 6.77 -38.25
N ALA D 860 41.48 5.59 -37.93
CA ALA D 860 41.64 4.44 -38.81
C ALA D 860 40.70 4.52 -40.00
N LEU D 861 39.48 5.04 -39.81
CA LEU D 861 38.53 5.14 -40.90
C LEU D 861 38.91 6.22 -41.89
N LEU D 862 39.72 7.19 -41.47
CA LEU D 862 40.16 8.24 -42.39
C LEU D 862 41.49 7.92 -43.04
N ALA D 863 42.27 6.99 -42.51
CA ALA D 863 43.54 6.61 -43.11
C ALA D 863 43.39 5.48 -44.11
N GLY D 864 42.19 4.95 -44.29
CA GLY D 864 41.95 3.90 -45.26
C GLY D 864 41.10 4.39 -46.40
N THR D 865 40.32 5.45 -46.17
CA THR D 865 39.47 6.03 -47.19
C THR D 865 40.21 7.03 -48.07
N ILE D 866 41.42 7.42 -47.70
CA ILE D 866 42.21 8.34 -48.50
C ILE D 866 43.46 7.72 -49.08
N THR D 867 43.79 6.48 -48.70
CA THR D 867 44.90 5.76 -49.30
C THR D 867 44.52 4.44 -49.93
N SER D 868 43.34 3.89 -49.66
CA SER D 868 42.91 2.62 -50.23
C SER D 868 41.55 2.69 -50.89
N GLY D 869 40.63 3.49 -50.37
CA GLY D 869 39.31 3.65 -50.96
C GLY D 869 38.27 2.82 -50.23
N TRP D 870 37.45 2.10 -50.98
CA TRP D 870 36.45 1.22 -50.40
C TRP D 870 36.93 -0.22 -50.26
N THR D 871 38.11 -0.54 -50.76
CA THR D 871 38.58 -1.92 -50.76
C THR D 871 39.03 -2.39 -49.39
N PHE D 872 39.22 -1.48 -48.44
CA PHE D 872 39.66 -1.91 -47.13
C PHE D 872 38.53 -2.43 -46.26
N GLY D 873 37.29 -2.34 -46.72
CA GLY D 873 36.15 -2.88 -46.01
C GLY D 873 35.64 -4.20 -46.53
N ALA D 874 36.20 -4.71 -47.62
CA ALA D 874 35.75 -5.96 -48.23
C ALA D 874 36.95 -6.82 -48.65
N GLY D 875 37.93 -6.93 -47.77
CA GLY D 875 39.10 -7.74 -48.06
C GLY D 875 40.36 -7.02 -47.61
N PRO D 876 41.48 -7.48 -48.16
CA PRO D 876 42.76 -6.86 -47.87
C PRO D 876 42.82 -5.46 -48.49
N ALA D 877 43.37 -4.52 -47.73
CA ALA D 877 43.44 -3.14 -48.19
C ALA D 877 44.48 -2.99 -49.30
N LEU D 878 44.10 -2.34 -50.39
CA LEU D 878 44.95 -2.16 -51.56
C LEU D 878 45.20 -0.68 -51.76
N GLN D 879 46.48 -0.31 -51.83
CA GLN D 879 46.86 1.09 -51.95
C GLN D 879 46.53 1.64 -53.35
N ILE D 880 46.18 2.91 -53.39
CA ILE D 880 45.82 3.61 -54.63
C ILE D 880 45.99 5.11 -54.39
N PRO D 881 46.50 5.88 -55.35
CA PRO D 881 46.61 7.33 -55.16
C PRO D 881 45.24 7.99 -55.02
N PHE D 882 45.21 9.08 -54.25
CA PHE D 882 43.94 9.76 -54.01
C PHE D 882 43.48 10.57 -55.21
N PRO D 883 44.41 11.03 -56.06
CA PRO D 883 44.02 11.78 -57.25
C PRO D 883 43.36 10.88 -58.27
N MET D 884 43.57 9.57 -58.17
CA MET D 884 42.98 8.60 -59.07
C MET D 884 41.69 8.02 -58.51
N GLN D 885 41.54 8.02 -57.19
CA GLN D 885 40.34 7.45 -56.55
C GLN D 885 39.09 8.23 -56.91
N MET D 886 39.19 9.56 -56.99
CA MET D 886 38.03 10.37 -57.36
C MET D 886 37.60 10.12 -58.80
N ALA D 887 38.51 9.66 -59.66
CA ALA D 887 38.12 9.30 -61.01
C ALA D 887 37.26 8.05 -61.01
N TYR D 888 37.37 7.21 -59.99
CA TYR D 888 36.42 6.12 -59.79
C TYR D 888 35.13 6.60 -59.15
N ARG D 889 35.14 7.81 -58.57
CA ARG D 889 33.94 8.31 -57.91
C ARG D 889 33.05 9.10 -58.85
N PHE D 890 33.64 9.80 -59.82
CA PHE D 890 32.83 10.41 -60.87
C PHE D 890 32.22 9.35 -61.77
N ASN D 891 32.91 8.22 -61.92
CA ASN D 891 32.42 7.18 -62.83
C ASN D 891 31.21 6.44 -62.26
N GLY D 892 30.90 6.62 -60.98
CA GLY D 892 29.77 6.01 -60.35
C GLY D 892 28.52 6.85 -60.28
N ILE D 893 28.53 8.04 -60.87
CA ILE D 893 27.33 8.89 -60.90
C ILE D 893 26.81 9.14 -62.30
N GLY D 894 27.53 8.74 -63.34
CA GLY D 894 27.04 8.91 -64.70
C GLY D 894 28.02 9.61 -65.62
N VAL D 895 28.73 10.58 -65.09
CA VAL D 895 29.70 11.36 -65.86
C VAL D 895 30.96 10.53 -66.03
N THR D 896 31.66 10.73 -67.14
CA THR D 896 32.92 10.03 -67.37
C THR D 896 34.03 10.65 -66.52
N GLN D 897 35.26 10.17 -66.74
CA GLN D 897 36.41 10.61 -65.97
C GLN D 897 37.23 11.66 -66.69
N ASN D 898 36.75 12.20 -67.81
CA ASN D 898 37.41 13.33 -68.44
C ASN D 898 37.32 14.58 -67.61
N VAL D 899 36.29 14.66 -66.74
CA VAL D 899 36.04 15.88 -65.98
C VAL D 899 37.13 16.13 -64.95
N LEU D 900 37.50 15.09 -64.21
CA LEU D 900 38.42 15.26 -63.10
C LEU D 900 39.83 15.60 -63.56
N TYR D 901 40.35 14.86 -64.53
CA TYR D 901 41.75 15.04 -64.93
C TYR D 901 41.94 16.33 -65.71
N GLU D 902 40.91 16.78 -66.43
CA GLU D 902 41.02 18.06 -67.13
C GLU D 902 40.72 19.25 -66.23
N ASN D 903 40.20 19.01 -65.02
CA ASN D 903 39.89 20.10 -64.10
C ASN D 903 40.33 19.74 -62.68
N GLN D 904 41.54 19.20 -62.55
CA GLN D 904 42.03 18.77 -61.24
C GLN D 904 42.28 19.94 -60.31
N LYS D 905 42.80 21.05 -60.86
CA LYS D 905 43.12 22.20 -60.02
C LYS D 905 41.85 22.90 -59.51
N LEU D 906 40.83 22.99 -60.36
CA LEU D 906 39.58 23.62 -59.96
C LEU D 906 38.82 22.76 -58.96
N ILE D 907 38.86 21.43 -59.15
CA ILE D 907 38.19 20.52 -58.23
C ILE D 907 38.86 20.56 -56.86
N ALA D 908 40.19 20.54 -56.83
CA ALA D 908 40.92 20.53 -55.57
C ALA D 908 40.73 21.84 -54.81
N ASN D 909 40.72 22.96 -55.52
CA ASN D 909 40.57 24.25 -54.85
C ASN D 909 39.14 24.46 -54.34
N GLN D 910 38.15 23.91 -55.06
CA GLN D 910 36.76 24.12 -54.66
C GLN D 910 36.40 23.27 -53.46
N PHE D 911 36.98 22.07 -53.36
CA PHE D 911 36.83 21.29 -52.14
C PHE D 911 37.62 21.92 -50.98
N ASN D 912 38.77 22.51 -51.29
CA ASN D 912 39.58 23.15 -50.26
C ASN D 912 38.86 24.36 -49.68
N SER D 913 38.17 25.14 -50.51
CA SER D 913 37.42 26.28 -50.00
C SER D 913 36.14 25.85 -49.30
N ALA D 914 35.60 24.68 -49.66
CA ALA D 914 34.37 24.21 -49.04
C ALA D 914 34.58 23.80 -47.59
N ILE D 915 35.75 23.25 -47.28
CA ILE D 915 36.03 22.84 -45.91
C ILE D 915 36.37 24.04 -45.03
N GLY D 916 36.71 25.19 -45.63
CA GLY D 916 36.98 26.38 -44.83
C GLY D 916 35.75 26.93 -44.16
N LYS D 917 34.61 26.92 -44.86
CA LYS D 917 33.39 27.52 -44.34
C LYS D 917 32.62 26.59 -43.42
N ILE D 918 33.08 25.36 -43.22
CA ILE D 918 32.34 24.44 -42.35
C ILE D 918 32.71 24.68 -40.89
N GLN D 919 33.82 25.36 -40.62
CA GLN D 919 34.18 25.64 -39.24
C GLN D 919 33.27 26.70 -38.65
N ASP D 920 32.87 27.68 -39.46
CA ASP D 920 32.05 28.78 -38.96
C ASP D 920 30.61 28.35 -38.76
N SER D 921 30.12 27.42 -39.59
CA SER D 921 28.71 27.04 -39.55
C SER D 921 28.37 26.27 -38.27
N LEU D 922 29.30 25.45 -37.78
CA LEU D 922 29.07 24.73 -36.53
C LEU D 922 29.24 25.64 -35.32
N SER D 923 29.86 26.81 -35.51
CA SER D 923 30.07 27.76 -34.43
C SER D 923 29.32 29.07 -34.64
N SER D 924 28.45 29.14 -35.66
CA SER D 924 27.69 30.37 -35.89
C SER D 924 26.62 30.56 -34.83
N THR D 925 25.98 29.47 -34.41
CA THR D 925 24.86 29.55 -33.47
C THR D 925 24.82 28.27 -32.66
N PRO D 926 24.05 28.32 -31.56
CA PRO D 926 23.97 27.19 -30.65
C PRO D 926 22.94 26.15 -31.10
N SER D 927 22.22 26.39 -32.19
CA SER D 927 21.22 25.45 -32.68
C SER D 927 21.77 24.48 -33.71
N ALA D 928 23.06 24.53 -34.01
CA ALA D 928 23.64 23.58 -34.95
C ALA D 928 23.76 22.19 -34.34
N LEU D 929 24.16 22.12 -33.08
CA LEU D 929 24.32 20.85 -32.36
C LEU D 929 23.14 20.55 -31.46
N GLY D 930 21.92 20.91 -31.88
CA GLY D 930 20.76 20.71 -31.04
C GLY D 930 20.36 19.25 -30.92
N LYS D 931 20.79 18.42 -31.86
CA LYS D 931 20.43 17.00 -31.80
C LYS D 931 21.18 16.28 -30.69
N LEU D 932 22.48 16.54 -30.57
CA LEU D 932 23.25 15.96 -29.47
C LEU D 932 22.97 16.68 -28.16
N GLN D 933 22.62 17.95 -28.21
CA GLN D 933 22.28 18.69 -27.00
C GLN D 933 21.00 18.16 -26.37
N ASP D 934 20.04 17.73 -27.20
CA ASP D 934 18.79 17.19 -26.68
C ASP D 934 19.00 15.85 -26.00
N VAL D 935 20.07 15.13 -26.33
CA VAL D 935 20.36 13.87 -25.66
C VAL D 935 20.80 14.11 -24.23
N VAL D 936 21.68 15.08 -24.02
CA VAL D 936 22.22 15.28 -22.68
C VAL D 936 21.26 16.08 -21.79
N ASN D 937 20.40 16.93 -22.38
CA ASN D 937 19.44 17.65 -21.56
C ASN D 937 18.27 16.77 -21.15
N HIS D 938 17.91 15.79 -21.98
CA HIS D 938 16.84 14.87 -21.60
C HIS D 938 17.23 14.03 -20.40
N ASN D 939 18.48 13.56 -20.36
CA ASN D 939 18.92 12.71 -19.27
C ASN D 939 19.15 13.53 -17.99
N ALA D 940 19.65 14.75 -18.14
CA ALA D 940 19.90 15.58 -16.97
C ALA D 940 18.61 16.07 -16.34
N GLN D 941 17.59 16.34 -17.15
CA GLN D 941 16.30 16.75 -16.60
C GLN D 941 15.56 15.57 -15.99
N ALA D 942 15.73 14.37 -16.55
CA ALA D 942 15.07 13.19 -16.00
C ALA D 942 15.61 12.85 -14.62
N LEU D 943 16.92 13.01 -14.42
CA LEU D 943 17.52 12.74 -13.11
C LEU D 943 17.09 13.79 -12.09
N ASN D 944 16.89 15.03 -12.52
CA ASN D 944 16.57 16.10 -11.58
C ASN D 944 15.15 15.98 -11.05
N THR D 945 14.21 15.53 -11.88
CA THR D 945 12.84 15.35 -11.41
C THR D 945 12.71 14.14 -10.50
N LEU D 946 13.63 13.18 -10.61
CA LEU D 946 13.59 12.02 -9.73
C LEU D 946 14.07 12.39 -8.32
N VAL D 947 15.13 13.18 -8.22
CA VAL D 947 15.65 13.59 -6.93
C VAL D 947 14.71 14.58 -6.26
N LYS D 948 14.15 15.51 -7.02
CA LYS D 948 13.28 16.53 -6.44
C LYS D 948 11.95 15.96 -6.00
N GLN D 949 11.57 14.79 -6.50
CA GLN D 949 10.31 14.16 -6.10
C GLN D 949 10.41 13.50 -4.73
N LEU D 950 11.60 13.44 -4.14
CA LEU D 950 11.75 12.86 -2.81
C LEU D 950 11.13 13.72 -1.72
N SER D 951 10.98 15.03 -1.97
CA SER D 951 10.49 15.95 -0.95
C SER D 951 8.99 16.12 -0.97
N SER D 952 8.27 15.42 -1.85
CA SER D 952 6.83 15.52 -1.91
C SER D 952 6.18 14.70 -0.80
N LYS D 953 5.09 15.23 -0.26
CA LYS D 953 4.42 14.58 0.86
C LYS D 953 3.63 13.34 0.44
N PHE D 954 3.09 13.34 -0.79
CA PHE D 954 2.22 12.28 -1.31
C PHE D 954 1.02 12.03 -0.42
N GLY D 955 0.47 13.08 0.17
CA GLY D 955 -0.67 12.95 1.07
C GLY D 955 -0.33 12.58 2.49
N ALA D 956 0.94 12.38 2.81
CA ALA D 956 1.34 12.06 4.17
C ALA D 956 1.57 13.32 4.97
N ILE D 957 1.91 13.16 6.25
CA ILE D 957 2.11 14.30 7.14
C ILE D 957 3.39 15.05 6.77
N SER D 958 4.48 14.31 6.53
CA SER D 958 5.75 14.94 6.22
C SER D 958 6.55 14.02 5.29
N SER D 959 7.47 14.63 4.55
CA SER D 959 8.31 13.93 3.60
C SER D 959 9.62 13.43 4.20
N VAL D 960 9.88 13.75 5.46
CA VAL D 960 11.07 13.24 6.14
C VAL D 960 10.74 11.93 6.84
N LEU D 961 11.60 10.94 6.65
CA LEU D 961 11.26 9.58 7.06
C LEU D 961 11.39 9.40 8.57
N ASN D 962 12.41 10.00 9.18
CA ASN D 962 12.70 9.74 10.58
C ASN D 962 11.71 10.43 11.51
N ASP D 963 11.20 11.60 11.10
CA ASP D 963 10.33 12.38 11.98
C ASP D 963 8.95 11.76 12.14
N ILE D 964 8.56 10.85 11.25
CA ILE D 964 7.28 10.15 11.41
C ILE D 964 7.34 9.23 12.61
N PHE D 965 8.42 8.46 12.73
CA PHE D 965 8.55 7.53 13.85
C PHE D 965 8.91 8.25 15.15
N SER D 966 9.61 9.39 15.04
CA SER D 966 10.04 10.10 16.23
C SER D 966 8.90 10.87 16.89
N ARG D 967 7.80 11.11 16.18
CA ARG D 967 6.66 11.81 16.75
C ARG D 967 5.41 10.95 16.84
N LEU D 968 5.16 10.09 15.86
CA LEU D 968 3.93 9.32 15.76
C LEU D 968 4.22 7.86 16.10
N ASP D 969 3.27 7.22 16.78
CA ASP D 969 3.48 5.91 17.37
C ASP D 969 3.48 4.83 16.30
N PRO D 970 3.92 3.63 16.70
CA PRO D 970 4.15 2.53 15.77
C PRO D 970 2.90 1.71 15.48
N PRO D 971 1.79 1.96 16.17
CA PRO D 971 0.60 1.13 15.97
C PRO D 971 -0.05 1.42 14.63
N GLU D 972 0.03 2.67 14.16
CA GLU D 972 -0.61 3.06 12.92
C GLU D 972 0.31 3.84 11.98
N ALA D 973 1.62 3.80 12.20
CA ALA D 973 2.55 4.43 11.27
C ALA D 973 2.69 3.64 9.98
N GLU D 974 2.21 2.40 9.94
CA GLU D 974 2.31 1.58 8.73
C GLU D 974 1.47 2.16 7.60
N VAL D 975 0.27 2.63 7.92
CA VAL D 975 -0.58 3.21 6.87
C VAL D 975 -0.12 4.62 6.55
N GLN D 976 0.61 5.26 7.46
CA GLN D 976 1.15 6.58 7.17
C GLN D 976 2.38 6.49 6.28
N ILE D 977 3.17 5.42 6.43
CA ILE D 977 4.38 5.28 5.64
C ILE D 977 4.12 4.52 4.34
N ASP D 978 3.00 3.83 4.21
CA ASP D 978 2.68 3.18 2.95
C ASP D 978 2.26 4.20 1.90
N ARG D 979 1.75 5.35 2.34
CA ARG D 979 1.37 6.40 1.41
C ARG D 979 2.60 7.08 0.82
N LEU D 980 3.73 7.01 1.52
CA LEU D 980 4.97 7.60 1.04
C LEU D 980 5.82 6.62 0.23
N ILE D 981 5.79 5.34 0.60
CA ILE D 981 6.57 4.35 -0.13
C ILE D 981 5.97 4.11 -1.51
N THR D 982 4.64 4.01 -1.60
CA THR D 982 3.99 3.74 -2.87
C THR D 982 4.16 4.89 -3.84
N GLY D 983 4.23 6.12 -3.32
CA GLY D 983 4.52 7.26 -4.19
C GLY D 983 5.94 7.24 -4.73
N ARG D 984 6.90 6.85 -3.90
CA ARG D 984 8.29 6.81 -4.33
C ARG D 984 8.55 5.60 -5.23
N LEU D 985 7.86 4.49 -4.97
CA LEU D 985 8.00 3.32 -5.82
C LEU D 985 7.38 3.54 -7.19
N GLN D 986 6.33 4.37 -7.26
CA GLN D 986 5.74 4.69 -8.56
C GLN D 986 6.64 5.63 -9.35
N SER D 987 7.44 6.44 -8.65
CA SER D 987 8.30 7.40 -9.34
C SER D 987 9.49 6.70 -10.00
N LEU D 988 9.94 5.58 -9.42
CA LEU D 988 11.02 4.82 -10.05
C LEU D 988 10.51 4.07 -11.29
N GLN D 989 9.30 3.53 -11.22
CA GLN D 989 8.75 2.82 -12.37
C GLN D 989 8.45 3.76 -13.52
N THR D 990 8.11 5.01 -13.22
CA THR D 990 7.97 6.01 -14.27
C THR D 990 9.32 6.33 -14.89
N TYR D 991 10.38 6.41 -14.07
CA TYR D 991 11.70 6.74 -14.59
C TYR D 991 12.28 5.59 -15.41
N VAL D 992 12.11 4.35 -14.93
CA VAL D 992 12.73 3.22 -15.61
C VAL D 992 11.96 2.86 -16.88
N THR D 993 10.68 3.26 -16.97
CA THR D 993 9.94 3.02 -18.20
C THR D 993 10.36 3.99 -19.29
N GLN D 994 10.53 5.27 -18.94
CA GLN D 994 10.89 6.27 -19.93
C GLN D 994 12.30 6.07 -20.46
N GLN D 995 13.17 5.43 -19.70
CA GLN D 995 14.49 5.08 -20.24
C GLN D 995 14.35 3.95 -21.26
N LEU D 996 13.38 3.06 -21.07
CA LEU D 996 13.16 1.99 -22.05
C LEU D 996 12.61 2.54 -23.35
N ILE D 997 11.77 3.58 -23.28
CA ILE D 997 11.27 4.21 -24.48
C ILE D 997 12.38 4.96 -25.20
N ARG D 998 13.25 5.65 -24.44
CA ARG D 998 14.31 6.44 -25.05
C ARG D 998 15.40 5.55 -25.61
N ALA D 999 15.62 4.38 -25.03
CA ALA D 999 16.64 3.46 -25.55
C ALA D 999 16.25 2.90 -26.90
N ALA D 1000 14.94 2.75 -27.16
CA ALA D 1000 14.50 2.30 -28.47
C ALA D 1000 14.63 3.41 -29.51
N GLU D 1001 14.57 4.67 -29.08
CA GLU D 1001 14.79 5.78 -30.01
C GLU D 1001 16.25 5.88 -30.42
N ILE D 1002 17.17 5.65 -29.47
CA ILE D 1002 18.59 5.67 -29.79
C ILE D 1002 18.97 4.46 -30.63
N ARG D 1003 18.41 3.29 -30.32
CA ARG D 1003 18.72 2.08 -31.07
C ARG D 1003 18.25 2.16 -32.51
N ALA D 1004 17.18 2.92 -32.76
CA ALA D 1004 16.75 3.14 -34.14
C ALA D 1004 17.64 4.17 -34.83
N SER D 1005 18.45 4.89 -34.06
CA SER D 1005 19.40 5.84 -34.63
C SER D 1005 20.85 5.37 -34.49
N ALA D 1006 21.12 4.42 -33.59
CA ALA D 1006 22.42 3.79 -33.56
C ALA D 1006 22.57 2.72 -34.63
N ASN D 1007 21.46 2.28 -35.22
CA ASN D 1007 21.51 1.39 -36.38
C ASN D 1007 21.44 2.15 -37.69
N LEU D 1008 20.97 3.40 -37.68
CA LEU D 1008 21.07 4.25 -38.86
C LEU D 1008 22.49 4.80 -39.03
N ALA D 1009 23.19 5.07 -37.94
CA ALA D 1009 24.59 5.44 -38.03
C ALA D 1009 25.49 4.25 -38.32
N ALA D 1010 25.13 3.06 -37.83
CA ALA D 1010 25.86 1.85 -38.18
C ALA D 1010 25.66 1.48 -39.64
N THR D 1011 24.54 1.86 -40.23
CA THR D 1011 24.30 1.66 -41.66
C THR D 1011 25.04 2.70 -42.49
N LYS D 1012 24.92 3.98 -42.14
CA LYS D 1012 25.57 5.05 -42.91
C LYS D 1012 27.09 4.96 -42.87
N MET D 1013 27.65 4.24 -41.90
CA MET D 1013 29.07 3.95 -41.88
C MET D 1013 29.48 2.93 -42.94
N SER D 1014 28.51 2.23 -43.53
CA SER D 1014 28.81 1.15 -44.47
C SER D 1014 28.63 1.52 -45.93
N GLU D 1015 27.54 2.20 -46.31
CA GLU D 1015 27.39 2.60 -47.70
C GLU D 1015 28.03 3.94 -48.00
N CYS D 1016 27.82 4.95 -47.15
CA CYS D 1016 28.35 6.27 -47.44
C CYS D 1016 29.87 6.31 -47.27
N VAL D 1017 30.39 5.67 -46.24
CA VAL D 1017 31.82 5.79 -45.94
C VAL D 1017 32.63 4.81 -46.77
N LEU D 1018 32.17 3.56 -46.86
CA LEU D 1018 32.91 2.50 -47.54
C LEU D 1018 32.42 2.25 -48.95
N GLY D 1019 32.03 3.31 -49.65
CA GLY D 1019 31.59 3.18 -51.02
C GLY D 1019 30.72 4.36 -51.40
N GLN D 1020 29.98 4.19 -52.49
CA GLN D 1020 28.95 5.14 -52.90
C GLN D 1020 27.60 4.48 -52.79
N SER D 1021 26.68 5.12 -52.08
CA SER D 1021 25.30 4.66 -51.99
C SER D 1021 24.53 5.26 -53.16
N LYS D 1022 23.88 4.39 -53.95
CA LYS D 1022 23.08 4.84 -55.06
C LYS D 1022 21.66 5.21 -54.65
N ARG D 1023 21.33 5.06 -53.38
CA ARG D 1023 20.04 5.49 -52.86
C ARG D 1023 20.02 7.02 -52.82
N VAL D 1024 19.15 7.63 -53.64
CA VAL D 1024 19.14 9.08 -53.79
C VAL D 1024 18.61 9.72 -52.52
N ASP D 1025 19.26 10.83 -52.11
CA ASP D 1025 18.96 11.58 -50.89
C ASP D 1025 19.09 10.69 -49.64
N PHE D 1026 20.21 9.97 -49.57
CA PHE D 1026 20.57 9.20 -48.38
C PHE D 1026 21.85 9.70 -47.74
N CYS D 1027 22.93 9.80 -48.50
CA CYS D 1027 24.21 10.30 -48.01
C CYS D 1027 24.48 11.72 -48.50
N GLY D 1028 23.44 12.54 -48.58
CA GLY D 1028 23.60 13.92 -49.00
C GLY D 1028 22.61 14.36 -50.05
N LYS D 1029 22.47 15.67 -50.24
CA LYS D 1029 21.52 16.23 -51.19
C LYS D 1029 22.20 16.35 -52.55
N GLY D 1030 22.02 15.35 -53.40
CA GLY D 1030 22.60 15.31 -54.72
C GLY D 1030 23.26 13.97 -54.96
N TYR D 1031 24.21 13.96 -55.89
CA TYR D 1031 24.96 12.75 -56.21
C TYR D 1031 26.10 12.60 -55.22
N HIS D 1032 26.11 11.48 -54.51
CA HIS D 1032 27.07 11.27 -53.43
C HIS D 1032 28.46 10.95 -53.97
N LEU D 1033 29.48 11.45 -53.27
CA LEU D 1033 30.87 11.20 -53.66
C LEU D 1033 31.64 10.42 -52.60
N MET D 1034 31.67 10.89 -51.36
CA MET D 1034 32.40 10.20 -50.30
C MET D 1034 31.85 10.69 -48.96
N SER D 1035 32.51 10.30 -47.87
CA SER D 1035 32.13 10.76 -46.55
C SER D 1035 33.32 10.64 -45.61
N PHE D 1036 33.27 11.42 -44.53
CA PHE D 1036 34.30 11.41 -43.50
C PHE D 1036 33.65 11.39 -42.13
N PRO D 1037 33.82 10.32 -41.35
CA PRO D 1037 33.24 10.29 -40.01
C PRO D 1037 34.07 11.08 -39.01
N GLN D 1038 33.39 11.82 -38.14
CA GLN D 1038 34.04 12.53 -37.06
C GLN D 1038 33.28 12.26 -35.78
N SER D 1039 34.03 12.01 -34.70
CA SER D 1039 33.40 11.66 -33.43
C SER D 1039 32.84 12.90 -32.75
N ALA D 1040 32.00 12.66 -31.75
CA ALA D 1040 31.31 13.72 -31.03
C ALA D 1040 30.87 13.17 -29.69
N PRO D 1041 30.59 14.04 -28.70
CA PRO D 1041 30.09 13.54 -27.42
C PRO D 1041 28.74 12.86 -27.52
N HIS D 1042 28.72 11.54 -27.25
CA HIS D 1042 27.52 10.71 -27.31
C HIS D 1042 26.87 10.74 -28.69
N GLY D 1043 27.70 10.72 -29.73
CA GLY D 1043 27.18 10.73 -31.08
C GLY D 1043 28.29 10.73 -32.09
N VAL D 1044 27.89 10.78 -33.36
CA VAL D 1044 28.81 10.82 -34.49
C VAL D 1044 28.32 11.92 -35.44
N VAL D 1045 29.26 12.50 -36.17
CA VAL D 1045 28.98 13.59 -37.09
C VAL D 1045 29.64 13.26 -38.43
N PHE D 1046 28.85 13.27 -39.50
CA PHE D 1046 29.34 12.94 -40.83
C PHE D 1046 29.60 14.21 -41.63
N LEU D 1047 30.51 14.12 -42.59
CA LEU D 1047 30.84 15.21 -43.51
C LEU D 1047 30.68 14.69 -44.94
N HIS D 1048 29.47 14.75 -45.46
CA HIS D 1048 29.21 14.24 -46.80
C HIS D 1048 29.73 15.21 -47.85
N VAL D 1049 30.40 14.67 -48.86
CA VAL D 1049 30.84 15.44 -50.02
C VAL D 1049 29.93 15.10 -51.18
N THR D 1050 29.29 16.09 -51.77
CA THR D 1050 28.19 15.87 -52.69
C THR D 1050 28.38 16.69 -53.96
N TYR D 1051 28.13 16.05 -55.09
CA TYR D 1051 28.16 16.69 -56.41
C TYR D 1051 26.80 17.33 -56.67
N VAL D 1052 26.82 18.57 -57.14
CA VAL D 1052 25.59 19.31 -57.45
C VAL D 1052 25.77 20.03 -58.79
N PRO D 1053 24.86 19.86 -59.76
CA PRO D 1053 25.01 20.57 -61.03
C PRO D 1053 24.69 22.05 -60.90
N ALA D 1054 25.50 22.86 -61.59
CA ALA D 1054 25.36 24.31 -61.58
C ALA D 1054 24.45 24.74 -62.73
N GLN D 1055 24.51 26.02 -63.10
CA GLN D 1055 23.60 26.64 -64.07
C GLN D 1055 23.59 25.89 -65.40
N GLU D 1056 22.49 26.02 -66.13
CA GLU D 1056 22.16 25.16 -67.24
C GLU D 1056 22.01 25.96 -68.54
N LYS D 1057 21.65 25.25 -69.60
CA LYS D 1057 21.44 25.84 -70.92
C LYS D 1057 20.55 24.89 -71.72
N ASN D 1058 19.53 25.44 -72.35
CA ASN D 1058 18.51 24.66 -73.04
C ASN D 1058 18.85 24.45 -74.51
N PHE D 1059 18.36 23.34 -75.06
CA PHE D 1059 18.65 22.98 -76.45
C PHE D 1059 17.40 22.36 -77.08
N THR D 1060 17.55 21.92 -78.32
CA THR D 1060 16.51 21.26 -79.07
C THR D 1060 16.92 19.81 -79.31
N THR D 1061 15.95 18.89 -79.25
CA THR D 1061 16.23 17.47 -79.23
C THR D 1061 15.37 16.72 -80.25
N ALA D 1062 15.68 15.44 -80.41
CA ALA D 1062 14.93 14.48 -81.21
C ALA D 1062 15.33 13.07 -80.77
N PRO D 1063 14.39 12.15 -80.59
CA PRO D 1063 14.71 10.89 -79.90
C PRO D 1063 15.46 9.88 -80.75
N ALA D 1064 15.63 10.12 -82.04
CA ALA D 1064 16.27 9.13 -82.91
C ALA D 1064 16.86 9.84 -84.11
N ILE D 1065 17.67 9.12 -84.88
CA ILE D 1065 18.27 9.65 -86.10
C ILE D 1065 18.05 8.64 -87.21
N CYS D 1066 17.50 9.09 -88.33
CA CYS D 1066 17.41 8.27 -89.53
C CYS D 1066 18.32 8.87 -90.60
N HIS D 1067 19.23 8.05 -91.12
CA HIS D 1067 20.16 8.50 -92.14
C HIS D 1067 20.03 7.74 -93.45
N ASP D 1068 19.99 6.42 -93.40
CA ASP D 1068 19.90 5.57 -94.58
C ASP D 1068 18.65 4.70 -94.56
N GLY D 1069 17.55 5.28 -94.10
CA GLY D 1069 16.31 4.54 -93.97
C GLY D 1069 16.20 3.69 -92.71
N LYS D 1070 17.21 3.73 -91.84
CA LYS D 1070 17.21 2.96 -90.60
C LYS D 1070 17.38 3.91 -89.43
N ALA D 1071 16.63 3.67 -88.36
CA ALA D 1071 16.73 4.52 -87.18
C ALA D 1071 18.04 4.25 -86.43
N HIS D 1072 18.58 5.30 -85.81
CA HIS D 1072 19.78 5.20 -85.00
C HIS D 1072 19.50 5.76 -83.62
N PHE D 1073 19.88 5.00 -82.60
CA PHE D 1073 19.65 5.37 -81.22
C PHE D 1073 20.99 5.56 -80.51
N PRO D 1074 21.11 6.56 -79.64
CA PRO D 1074 22.40 6.82 -79.00
C PRO D 1074 22.76 5.76 -77.98
N ARG D 1075 24.06 5.50 -77.82
CA ARG D 1075 24.51 4.53 -76.84
C ARG D 1075 24.39 5.07 -75.42
N GLU D 1076 24.75 6.33 -75.22
CA GLU D 1076 24.55 6.99 -73.93
C GLU D 1076 24.29 8.46 -74.16
N GLY D 1077 23.27 8.99 -73.50
CA GLY D 1077 22.79 10.34 -73.75
C GLY D 1077 21.65 10.32 -74.74
N VAL D 1078 21.37 11.50 -75.29
CA VAL D 1078 20.40 11.62 -76.37
C VAL D 1078 20.79 12.87 -77.17
N PHE D 1079 20.40 12.86 -78.44
CA PHE D 1079 20.86 13.87 -79.40
C PHE D 1079 20.32 15.25 -79.06
N VAL D 1080 21.18 16.25 -79.16
CA VAL D 1080 20.81 17.65 -78.97
C VAL D 1080 21.33 18.45 -80.15
N SER D 1081 20.85 19.68 -80.25
CA SER D 1081 21.33 20.59 -81.28
C SER D 1081 21.12 22.03 -80.83
N ASN D 1082 21.80 22.95 -81.51
CA ASN D 1082 21.63 24.38 -81.29
C ASN D 1082 21.02 25.08 -82.50
N GLY D 1083 20.45 24.31 -83.44
CA GLY D 1083 19.79 24.91 -84.58
C GLY D 1083 20.38 24.53 -85.92
N THR D 1084 21.70 24.45 -86.01
CA THR D 1084 22.37 24.17 -87.28
C THR D 1084 22.65 22.69 -87.46
N HIS D 1085 23.44 22.10 -86.55
CA HIS D 1085 23.82 20.70 -86.66
C HIS D 1085 23.82 20.06 -85.29
N TRP D 1086 23.67 18.74 -85.28
CA TRP D 1086 23.34 17.98 -84.08
C TRP D 1086 24.58 17.45 -83.38
N PHE D 1087 24.39 17.06 -82.11
CA PHE D 1087 25.46 16.51 -81.28
C PHE D 1087 24.88 15.52 -80.30
N VAL D 1088 25.73 14.61 -79.82
CA VAL D 1088 25.40 13.68 -78.75
C VAL D 1088 26.19 14.08 -77.51
N THR D 1089 25.52 14.05 -76.36
CA THR D 1089 26.05 14.69 -75.16
C THR D 1089 25.83 13.75 -73.97
N GLN D 1090 26.71 13.87 -72.98
CA GLN D 1090 26.53 13.21 -71.69
C GLN D 1090 25.28 13.74 -71.00
N ARG D 1091 24.85 13.04 -69.96
CA ARG D 1091 23.62 13.40 -69.26
C ARG D 1091 23.82 14.48 -68.19
N ASN D 1092 25.03 14.64 -67.65
CA ASN D 1092 25.22 15.58 -66.54
C ASN D 1092 26.33 16.57 -66.80
N PHE D 1093 26.77 16.73 -68.04
CA PHE D 1093 27.82 17.69 -68.38
C PHE D 1093 27.75 17.94 -69.88
N TYR D 1094 27.67 19.21 -70.27
CA TYR D 1094 27.56 19.56 -71.68
C TYR D 1094 28.91 19.38 -72.36
N GLU D 1095 29.12 18.20 -72.96
CA GLU D 1095 30.32 17.91 -73.76
C GLU D 1095 29.85 17.39 -75.10
N PRO D 1096 29.70 18.27 -76.09
CA PRO D 1096 29.19 17.82 -77.39
C PRO D 1096 30.21 16.98 -78.14
N GLN D 1097 29.69 16.01 -78.89
CA GLN D 1097 30.51 15.12 -79.70
C GLN D 1097 29.82 14.89 -81.03
N ILE D 1098 30.61 14.60 -82.06
CA ILE D 1098 30.06 14.36 -83.39
C ILE D 1098 29.36 13.00 -83.41
N ILE D 1099 28.36 12.87 -84.28
CA ILE D 1099 27.59 11.63 -84.36
C ILE D 1099 28.37 10.62 -85.19
N THR D 1100 28.65 9.46 -84.60
CA THR D 1100 29.50 8.46 -85.22
C THR D 1100 28.90 7.09 -84.92
N THR D 1101 29.21 6.10 -85.76
CA THR D 1101 28.73 4.73 -85.56
C THR D 1101 29.22 4.13 -84.25
N ASP D 1102 30.35 4.62 -83.70
CA ASP D 1102 30.92 4.05 -82.48
C ASP D 1102 30.01 4.25 -81.28
N ASN D 1103 29.17 5.29 -81.27
CA ASN D 1103 28.26 5.53 -80.17
C ASN D 1103 26.79 5.58 -80.59
N THR D 1104 26.45 4.98 -81.73
CA THR D 1104 25.08 4.83 -82.18
C THR D 1104 24.85 3.40 -82.63
N PHE D 1105 23.70 2.83 -82.25
CA PHE D 1105 23.32 1.50 -82.69
C PHE D 1105 21.99 1.55 -83.43
N VAL D 1106 21.86 0.69 -84.44
CA VAL D 1106 20.73 0.69 -85.35
C VAL D 1106 19.68 -0.30 -84.85
N SER D 1107 18.41 0.08 -84.97
CA SER D 1107 17.30 -0.80 -84.59
C SER D 1107 16.12 -0.49 -85.51
N GLY D 1108 15.99 -1.24 -86.60
CA GLY D 1108 14.84 -1.13 -87.48
C GLY D 1108 14.87 0.10 -88.37
N ASN D 1109 13.80 0.26 -89.12
CA ASN D 1109 13.65 1.36 -90.07
C ASN D 1109 12.92 2.55 -89.46
N CYS D 1110 13.09 3.71 -90.09
CA CYS D 1110 12.71 4.99 -89.49
C CYS D 1110 11.33 5.46 -89.95
N ASP D 1111 10.32 4.60 -89.72
CA ASP D 1111 8.94 5.03 -89.91
C ASP D 1111 8.01 4.43 -88.87
N VAL D 1112 8.53 4.20 -87.65
CA VAL D 1112 7.77 3.53 -86.60
C VAL D 1112 7.66 4.36 -85.34
N VAL D 1113 8.40 5.46 -85.22
CA VAL D 1113 8.36 6.32 -84.05
C VAL D 1113 8.15 7.76 -84.52
N ILE D 1114 7.48 8.54 -83.68
CA ILE D 1114 7.01 9.87 -84.09
C ILE D 1114 8.16 10.86 -84.24
N GLY D 1115 9.23 10.70 -83.45
CA GLY D 1115 10.30 11.68 -83.51
C GLY D 1115 11.49 11.26 -84.34
N ILE D 1116 11.53 11.75 -85.59
CA ILE D 1116 12.62 11.48 -86.52
C ILE D 1116 13.06 12.79 -87.16
N VAL D 1117 14.36 13.04 -87.18
CA VAL D 1117 14.93 14.16 -87.91
C VAL D 1117 15.98 13.64 -88.88
N ASN D 1118 16.35 14.48 -89.83
CA ASN D 1118 17.24 14.12 -90.92
C ASN D 1118 18.56 14.84 -90.77
N ASN D 1119 19.65 14.08 -90.75
CA ASN D 1119 21.01 14.60 -90.82
C ASN D 1119 21.91 13.44 -91.24
N THR D 1120 23.22 13.65 -91.14
CA THR D 1120 24.15 12.59 -91.49
C THR D 1120 24.76 11.97 -90.23
N VAL D 1121 25.09 10.69 -90.35
CA VAL D 1121 25.78 9.95 -89.30
C VAL D 1121 27.10 9.46 -89.89
N TYR D 1122 28.13 9.42 -89.05
CA TYR D 1122 29.47 9.08 -89.49
C TYR D 1122 29.84 7.67 -89.05
N ASP D 1123 30.88 7.16 -89.67
CA ASP D 1123 31.46 5.85 -89.42
C ASP D 1123 32.96 6.01 -89.28
N PRO D 1124 33.60 5.22 -88.40
CA PRO D 1124 35.05 5.37 -88.20
C PRO D 1124 35.92 4.81 -89.32
N LEU D 1125 35.36 4.48 -90.49
CA LEU D 1125 36.18 3.97 -91.58
C LEU D 1125 36.48 5.00 -92.65
N GLN D 1126 35.58 5.96 -92.90
CA GLN D 1126 35.93 7.04 -93.82
C GLN D 1126 37.02 8.00 -93.31
N PRO D 1127 37.31 8.13 -92.00
CA PRO D 1127 38.61 8.72 -91.65
C PRO D 1127 39.79 7.90 -92.13
N GLU D 1128 39.60 6.61 -92.41
CA GLU D 1128 40.68 5.77 -92.92
C GLU D 1128 40.53 5.52 -94.42
N LEU D 1129 39.33 5.12 -94.88
CA LEU D 1129 39.20 4.64 -96.25
C LEU D 1129 39.32 5.78 -97.26
N ASP D 1130 38.97 7.00 -96.86
CA ASP D 1130 39.18 8.15 -97.75
C ASP D 1130 40.68 8.40 -97.96
N SER D 1131 41.49 8.06 -96.96
CA SER D 1131 42.94 8.07 -97.14
C SER D 1131 43.47 6.74 -97.65
N PHE D 1132 42.60 5.74 -97.83
CA PHE D 1132 43.00 4.43 -98.32
C PHE D 1132 42.41 4.08 -99.67
N LYS D 1133 41.09 4.12 -99.82
CA LYS D 1133 40.46 3.75 -101.08
C LYS D 1133 40.75 4.77 -102.18
N GLU D 1134 40.72 6.06 -101.83
CA GLU D 1134 41.09 7.09 -102.79
C GLU D 1134 42.58 7.01 -103.12
N GLU D 1135 43.39 6.64 -102.13
CA GLU D 1135 44.81 6.41 -102.38
C GLU D 1135 45.00 5.18 -103.27
N LEU D 1136 44.18 4.16 -103.08
CA LEU D 1136 44.28 2.96 -103.92
C LEU D 1136 43.72 3.22 -105.32
N ASP D 1137 42.67 4.06 -105.42
CA ASP D 1137 42.04 4.29 -106.71
C ASP D 1137 42.88 5.19 -107.59
N LYS D 1138 43.56 6.18 -107.00
CA LYS D 1138 44.33 7.14 -107.78
C LYS D 1138 45.57 6.50 -108.41
N TYR D 1139 46.24 5.61 -107.67
CA TYR D 1139 47.48 5.02 -108.16
C TYR D 1139 47.25 3.99 -109.26
N PHE D 1140 46.02 3.52 -109.44
CA PHE D 1140 45.70 2.55 -110.48
C PHE D 1140 45.21 3.20 -111.77
N LYS D 1141 45.12 4.53 -111.82
CA LYS D 1141 44.65 5.20 -113.03
C LYS D 1141 45.75 5.53 -114.02
N ASN D 1142 47.02 5.46 -113.62
CA ASN D 1142 48.11 5.80 -114.51
C ASN D 1142 48.48 4.67 -115.46
N HIS D 1143 47.96 3.46 -115.24
CA HIS D 1143 48.19 2.34 -116.14
C HIS D 1143 47.16 2.28 -117.26
N THR D 1144 45.99 2.88 -117.08
CA THR D 1144 44.98 2.88 -118.13
C THR D 1144 45.24 3.96 -119.17
N SER D 1145 46.03 4.98 -118.81
CA SER D 1145 46.33 6.06 -119.75
C SER D 1145 47.15 5.61 -120.95
N PRO D 1146 48.23 4.79 -120.83
CA PRO D 1146 48.84 4.43 -122.12
C PRO D 1146 48.19 3.20 -122.73
N GLN E 1 26.06 -36.23 42.66
CA GLN E 1 24.92 -35.36 42.41
C GLN E 1 24.94 -34.12 43.31
N CYS E 2 26.13 -33.73 43.75
CA CYS E 2 26.25 -32.61 44.67
C CYS E 2 27.59 -31.92 44.42
N VAL E 3 28.06 -31.16 45.42
CA VAL E 3 29.32 -30.40 45.36
C VAL E 3 30.48 -31.31 45.00
N ASN E 4 31.42 -30.79 44.21
CA ASN E 4 32.46 -31.60 43.57
C ASN E 4 33.44 -32.13 44.60
N LEU E 5 34.14 -33.20 44.21
CA LEU E 5 35.21 -33.78 45.00
C LEU E 5 36.59 -33.36 44.50
N THR E 6 36.72 -32.12 44.03
CA THR E 6 37.92 -31.54 43.38
C THR E 6 38.24 -32.40 42.16
N THR E 7 39.52 -32.76 41.96
CA THR E 7 40.09 -33.57 40.87
C THR E 7 39.51 -33.26 39.49
N ARG E 8 39.22 -31.99 39.23
CA ARG E 8 38.62 -31.54 37.98
C ARG E 8 39.70 -30.82 37.17
N THR E 9 40.40 -31.58 36.34
CA THR E 9 41.43 -30.99 35.48
C THR E 9 40.79 -30.24 34.32
N GLN E 10 41.54 -29.30 33.75
CA GLN E 10 41.05 -28.45 32.68
C GLN E 10 41.73 -28.86 31.37
N LEU E 11 40.99 -29.54 30.52
CA LEU E 11 41.51 -29.94 29.21
C LEU E 11 41.50 -28.74 28.26
N PRO E 12 42.49 -28.60 27.39
CA PRO E 12 42.45 -27.55 26.37
C PRO E 12 41.47 -27.90 25.27
N PRO E 13 40.43 -27.08 25.06
CA PRO E 13 39.43 -27.41 24.05
C PRO E 13 39.92 -27.15 22.63
N ALA E 14 40.24 -28.22 21.92
CA ALA E 14 40.64 -28.10 20.52
C ALA E 14 39.45 -27.72 19.66
N TYR E 15 39.69 -26.91 18.64
CA TYR E 15 38.64 -26.36 17.80
C TYR E 15 38.76 -26.92 16.39
N THR E 16 37.63 -27.36 15.84
CA THR E 16 37.57 -27.93 14.50
C THR E 16 36.41 -27.27 13.75
N ASN E 17 36.61 -27.03 12.46
CA ASN E 17 35.60 -26.38 11.63
C ASN E 17 34.54 -27.39 11.19
N SER E 18 33.29 -27.11 11.53
CA SER E 18 32.16 -27.91 11.07
C SER E 18 31.87 -27.54 9.62
N PHE E 19 32.20 -28.43 8.70
CA PHE E 19 32.14 -28.14 7.27
C PHE E 19 30.74 -27.87 6.74
N THR E 20 29.87 -28.88 6.76
CA THR E 20 28.52 -28.74 6.21
C THR E 20 27.47 -29.38 7.12
N ARG E 21 27.68 -29.36 8.43
CA ARG E 21 26.77 -29.99 9.36
C ARG E 21 25.84 -28.94 9.98
N GLY E 22 24.73 -29.41 10.54
CA GLY E 22 23.79 -28.55 11.22
C GLY E 22 22.65 -28.00 10.39
N VAL E 23 22.33 -28.63 9.25
CA VAL E 23 21.25 -28.19 8.38
C VAL E 23 20.09 -29.17 8.51
N TYR E 24 18.88 -28.63 8.63
CA TYR E 24 17.70 -29.44 8.91
C TYR E 24 16.57 -29.01 7.98
N TYR E 25 15.38 -29.55 8.23
CA TYR E 25 14.19 -29.18 7.47
C TYR E 25 13.47 -28.06 8.20
N PRO E 26 13.36 -26.86 7.61
CA PRO E 26 12.73 -25.76 8.36
C PRO E 26 11.22 -25.83 8.40
N ASP E 27 10.59 -26.54 7.46
CA ASP E 27 9.15 -26.59 7.38
C ASP E 27 8.71 -28.00 7.02
N LYS E 28 7.49 -28.34 7.45
CA LYS E 28 6.92 -29.67 7.22
C LYS E 28 6.10 -29.66 5.93
N VAL E 29 6.73 -29.20 4.86
CA VAL E 29 6.07 -29.11 3.55
C VAL E 29 6.90 -29.93 2.58
N PHE E 30 6.28 -30.34 1.48
CA PHE E 30 6.91 -31.22 0.51
C PHE E 30 7.01 -30.52 -0.84
N ARG E 31 8.24 -30.26 -1.28
CA ARG E 31 8.50 -29.65 -2.57
C ARG E 31 9.42 -30.55 -3.37
N SER E 32 9.13 -30.71 -4.66
CA SER E 32 9.83 -31.67 -5.51
C SER E 32 10.66 -30.94 -6.55
N SER E 33 11.98 -31.19 -6.52
CA SER E 33 12.94 -30.75 -7.55
C SER E 33 12.93 -29.23 -7.73
N VAL E 34 13.22 -28.53 -6.63
CA VAL E 34 13.23 -27.08 -6.60
C VAL E 34 14.57 -26.59 -6.05
N LEU E 35 14.69 -25.28 -5.90
CA LEU E 35 15.87 -24.64 -5.33
C LEU E 35 15.36 -23.48 -4.48
N HIS E 36 15.20 -23.72 -3.18
CA HIS E 36 14.49 -22.78 -2.32
C HIS E 36 15.46 -22.06 -1.39
N SER E 37 15.37 -20.73 -1.36
CA SER E 37 16.20 -19.92 -0.48
C SER E 37 15.39 -19.53 0.76
N THR E 38 16.02 -19.63 1.93
CA THR E 38 15.30 -19.40 3.18
C THR E 38 16.16 -18.60 4.15
N GLN E 39 15.48 -17.88 5.04
CA GLN E 39 16.11 -17.10 6.10
C GLN E 39 15.76 -17.73 7.45
N ASP E 40 16.74 -18.33 8.12
CA ASP E 40 16.45 -19.07 9.34
C ASP E 40 17.74 -19.20 10.15
N LEU E 41 17.63 -19.89 11.29
CA LEU E 41 18.78 -20.11 12.16
C LEU E 41 19.58 -21.31 11.66
N PHE E 42 20.89 -21.12 11.50
CA PHE E 42 21.75 -22.17 10.97
C PHE E 42 23.14 -22.03 11.56
N LEU E 43 23.90 -23.11 11.46
CA LEU E 43 25.34 -23.04 11.68
C LEU E 43 26.01 -22.37 10.50
N PRO E 44 26.89 -21.39 10.70
CA PRO E 44 27.72 -20.92 9.61
C PRO E 44 28.66 -22.02 9.13
N PHE E 45 28.90 -22.05 7.81
CA PHE E 45 29.82 -23.03 7.25
C PHE E 45 31.24 -22.73 7.70
N PHE E 46 31.99 -23.80 7.98
CA PHE E 46 33.39 -23.75 8.42
C PHE E 46 33.56 -22.90 9.67
N SER E 47 32.60 -23.01 10.59
CA SER E 47 32.69 -22.37 11.89
C SER E 47 33.26 -23.34 12.91
N ASN E 48 34.05 -22.81 13.84
CA ASN E 48 34.73 -23.64 14.82
C ASN E 48 33.77 -24.12 15.89
N VAL E 49 33.95 -25.37 16.31
CA VAL E 49 33.10 -26.04 17.28
C VAL E 49 33.92 -26.25 18.54
N THR E 50 33.23 -26.42 19.68
CA THR E 50 33.91 -26.66 20.95
C THR E 50 33.85 -28.14 21.28
N TRP E 51 35.02 -28.77 21.45
CA TRP E 51 35.14 -30.21 21.57
C TRP E 51 35.41 -30.57 23.03
N PHE E 52 34.51 -31.38 23.61
CA PHE E 52 34.69 -31.93 24.95
C PHE E 52 34.79 -33.45 24.84
N HIS E 53 35.89 -34.01 25.32
CA HIS E 53 36.12 -35.45 25.26
C HIS E 53 36.50 -35.97 26.64
N VAL E 54 36.06 -37.18 26.94
CA VAL E 54 36.37 -37.87 28.19
C VAL E 54 37.15 -39.13 27.84
N ILE E 55 38.34 -39.25 28.42
CA ILE E 55 39.19 -40.42 28.17
C ILE E 55 39.64 -41.02 29.50
N LYS E 62 39.93 -40.16 36.16
CA LYS E 62 40.32 -38.82 36.57
C LYS E 62 39.82 -37.78 35.57
N ARG E 63 38.88 -38.19 34.72
CA ARG E 63 38.34 -37.33 33.68
C ARG E 63 36.92 -36.91 34.06
N PHE E 64 36.74 -35.62 34.38
CA PHE E 64 35.45 -35.08 34.79
C PHE E 64 35.21 -33.81 33.99
N ASP E 65 34.60 -33.94 32.82
CA ASP E 65 34.28 -32.81 31.95
C ASP E 65 32.77 -32.64 31.96
N ASN E 66 32.26 -31.93 32.97
CA ASN E 66 30.83 -31.62 33.07
C ASN E 66 30.65 -30.16 33.42
N PRO E 67 30.83 -29.25 32.45
CA PRO E 67 30.59 -27.83 32.70
C PRO E 67 29.17 -27.41 32.33
N VAL E 68 28.86 -26.16 32.63
CA VAL E 68 27.61 -25.54 32.22
C VAL E 68 27.94 -24.51 31.14
N LEU E 69 27.10 -24.46 30.10
CA LEU E 69 27.38 -23.62 28.95
C LEU E 69 26.21 -22.70 28.66
N PRO E 70 26.47 -21.46 28.24
CA PRO E 70 25.37 -20.54 27.94
C PRO E 70 24.59 -20.97 26.71
N PHE E 71 23.29 -20.66 26.73
CA PHE E 71 22.37 -21.00 25.66
C PHE E 71 21.97 -19.73 24.93
N ASN E 72 22.08 -19.74 23.60
CA ASN E 72 21.77 -18.57 22.80
C ASN E 72 21.34 -18.97 21.40
N ASP E 73 20.05 -18.73 21.10
CA ASP E 73 19.46 -18.92 19.77
C ASP E 73 19.62 -20.36 19.28
N GLY E 74 19.33 -21.31 20.16
CA GLY E 74 19.48 -22.71 19.85
C GLY E 74 20.92 -23.17 19.98
N VAL E 75 21.11 -24.48 19.84
CA VAL E 75 22.43 -25.07 19.99
C VAL E 75 22.50 -26.34 19.14
N TYR E 76 23.69 -26.61 18.62
CA TYR E 76 23.97 -27.82 17.86
C TYR E 76 24.90 -28.71 18.68
N PHE E 77 24.48 -29.95 18.89
CA PHE E 77 25.23 -30.94 19.65
C PHE E 77 25.52 -32.13 18.74
N ALA E 78 26.76 -32.61 18.79
CA ALA E 78 27.14 -33.80 18.05
C ALA E 78 27.93 -34.71 18.98
N SER E 79 27.88 -36.01 18.71
CA SER E 79 28.60 -36.94 19.57
C SER E 79 29.00 -38.18 18.79
N ILE E 80 30.24 -38.63 19.00
CA ILE E 80 30.69 -39.93 18.54
C ILE E 80 30.59 -40.90 19.71
N GLU E 81 29.91 -42.03 19.49
CA GLU E 81 29.52 -42.85 20.62
C GLU E 81 29.31 -44.29 20.16
N LYS E 82 29.78 -45.23 20.99
CA LYS E 82 29.55 -46.65 20.78
C LYS E 82 29.00 -47.37 22.00
N SER E 83 29.44 -47.02 23.21
CA SER E 83 29.01 -47.70 24.43
C SER E 83 27.83 -47.05 25.11
N ASN E 84 27.24 -46.01 24.51
CA ASN E 84 26.02 -45.35 24.99
C ASN E 84 26.19 -44.80 26.40
N ILE E 85 27.08 -43.82 26.52
CA ILE E 85 27.41 -43.25 27.82
C ILE E 85 26.42 -42.14 28.21
N ILE E 86 26.08 -41.25 27.26
CA ILE E 86 25.25 -40.10 27.57
C ILE E 86 23.81 -40.57 27.80
N ARG E 87 23.25 -40.19 28.95
CA ARG E 87 21.90 -40.61 29.34
C ARG E 87 20.86 -39.52 29.18
N GLY E 88 21.26 -38.29 28.88
CA GLY E 88 20.30 -37.24 28.62
C GLY E 88 20.86 -35.88 29.00
N TRP E 89 19.97 -34.90 28.97
CA TRP E 89 20.30 -33.50 29.26
C TRP E 89 19.41 -33.01 30.40
N ILE E 90 20.04 -32.59 31.49
CA ILE E 90 19.34 -32.07 32.66
C ILE E 90 19.86 -30.67 32.93
N PHE E 91 19.01 -29.66 32.74
CA PHE E 91 19.45 -28.30 32.96
C PHE E 91 18.25 -27.39 33.19
N GLY E 92 18.51 -26.29 33.90
CA GLY E 92 17.50 -25.28 34.11
C GLY E 92 18.01 -23.89 33.78
N THR E 93 17.55 -22.89 34.52
CA THR E 93 18.08 -21.54 34.34
C THR E 93 18.50 -20.93 35.67
N THR E 94 17.85 -21.34 36.77
CA THR E 94 18.18 -20.86 38.11
C THR E 94 18.38 -21.99 39.11
N LEU E 95 17.59 -23.07 39.01
CA LEU E 95 17.56 -24.17 39.98
C LEU E 95 17.32 -23.65 41.40
N ASP E 96 16.35 -22.74 41.52
CA ASP E 96 15.98 -22.13 42.79
C ASP E 96 14.59 -22.59 43.24
N SER E 97 14.15 -23.74 42.73
CA SER E 97 12.84 -24.34 43.01
C SER E 97 11.68 -23.41 42.62
N LYS E 98 11.90 -22.54 41.64
CA LYS E 98 10.87 -21.65 41.11
C LYS E 98 10.73 -21.74 39.61
N THR E 99 11.82 -21.99 38.90
CA THR E 99 11.81 -22.15 37.44
C THR E 99 11.91 -23.63 37.11
N GLN E 100 11.01 -24.11 36.27
CA GLN E 100 10.94 -25.54 35.96
C GLN E 100 12.12 -25.93 35.08
N SER E 101 13.06 -26.68 35.65
CA SER E 101 14.18 -27.19 34.87
C SER E 101 13.72 -28.28 33.92
N LEU E 102 14.37 -28.35 32.76
CA LEU E 102 14.09 -29.34 31.75
C LEU E 102 15.04 -30.52 31.91
N LEU E 103 14.46 -31.72 32.00
CA LEU E 103 15.19 -32.97 32.24
C LEU E 103 14.73 -33.97 31.19
N ILE E 104 15.52 -34.15 30.14
CA ILE E 104 15.21 -35.11 29.09
C ILE E 104 16.17 -36.29 29.26
N VAL E 105 15.65 -37.43 29.71
CA VAL E 105 16.50 -38.55 30.10
C VAL E 105 15.95 -39.85 29.52
N ASN E 106 16.82 -40.63 28.88
CA ASN E 106 16.53 -42.01 28.52
C ASN E 106 17.53 -42.95 29.18
N ASN E 107 17.03 -43.92 29.95
CA ASN E 107 17.90 -44.81 30.71
C ASN E 107 17.81 -46.26 30.27
N ALA E 108 16.62 -46.88 30.29
CA ALA E 108 16.47 -48.27 29.85
C ALA E 108 15.56 -48.38 28.64
N THR E 109 14.29 -47.99 28.78
CA THR E 109 13.38 -47.84 27.65
C THR E 109 12.50 -46.62 27.84
N ASN E 110 12.70 -45.86 28.91
CA ASN E 110 11.92 -44.67 29.18
C ASN E 110 12.52 -43.51 28.41
N VAL E 111 11.67 -42.53 28.10
CA VAL E 111 12.12 -41.19 27.68
C VAL E 111 11.31 -40.22 28.54
N VAL E 112 11.88 -39.80 29.66
CA VAL E 112 11.18 -38.91 30.58
C VAL E 112 11.52 -37.47 30.23
N ILE E 113 10.48 -36.66 30.09
CA ILE E 113 10.59 -35.23 29.82
C ILE E 113 10.02 -34.51 31.02
N LYS E 114 10.88 -34.19 31.99
CA LYS E 114 10.45 -33.58 33.24
C LYS E 114 10.70 -32.08 33.15
N VAL E 115 9.64 -31.31 32.98
CA VAL E 115 9.70 -29.86 33.09
C VAL E 115 9.25 -29.55 34.52
N CYS E 116 10.21 -29.55 35.44
CA CYS E 116 9.88 -29.52 36.86
C CYS E 116 11.06 -29.00 37.65
N GLU E 117 10.79 -28.58 38.88
CA GLU E 117 11.81 -28.17 39.83
C GLU E 117 12.20 -29.36 40.68
N PHE E 118 13.51 -29.62 40.77
CA PHE E 118 14.03 -30.72 41.58
C PHE E 118 15.11 -30.18 42.50
N GLN E 119 15.10 -30.68 43.75
CA GLN E 119 16.06 -30.23 44.75
C GLN E 119 17.45 -30.75 44.39
N PHE E 120 18.45 -29.87 44.48
CA PHE E 120 19.81 -30.18 44.06
C PHE E 120 20.78 -29.30 44.81
N CYS E 121 22.05 -29.67 44.75
CA CYS E 121 23.14 -28.83 45.24
C CYS E 121 23.47 -27.77 44.17
N ASN E 122 24.64 -27.13 44.31
CA ASN E 122 25.05 -26.09 43.38
C ASN E 122 25.22 -26.64 41.95
N ASP E 123 26.16 -27.58 41.79
CA ASP E 123 26.44 -28.17 40.48
C ASP E 123 26.49 -29.69 40.61
N PRO E 124 25.32 -30.39 40.53
CA PRO E 124 25.26 -31.86 40.65
C PRO E 124 25.62 -32.65 39.39
N PHE E 125 25.99 -33.92 39.54
CA PHE E 125 26.30 -34.77 38.35
C PHE E 125 26.10 -36.26 38.69
N LEU E 126 25.85 -37.09 37.67
CA LEU E 126 25.76 -38.56 37.90
C LEU E 126 27.00 -39.20 37.26
N ASP E 127 28.09 -39.36 38.03
CA ASP E 127 29.36 -39.90 37.45
C ASP E 127 29.30 -41.43 37.34
N HIS E 128 30.27 -42.01 36.62
CA HIS E 128 30.31 -43.49 36.44
C HIS E 128 30.69 -44.16 37.76
N LYS E 129 30.59 -45.49 37.85
CA LYS E 129 30.85 -46.17 39.14
C LYS E 129 31.39 -47.59 38.92
N ASN E 130 32.24 -48.07 39.84
CA ASN E 130 32.76 -49.47 39.78
C ASN E 130 33.49 -49.65 38.45
N ASN E 131 34.33 -48.69 38.08
CA ASN E 131 35.13 -48.76 36.81
C ASN E 131 34.23 -48.76 35.57
N LYS E 132 34.67 -49.44 34.51
CA LYS E 132 33.87 -49.53 33.26
C LYS E 132 32.57 -50.23 33.61
N SER E 133 32.64 -51.21 34.51
CA SER E 133 31.41 -51.98 34.86
C SER E 133 30.33 -50.99 35.27
N TRP E 134 29.13 -51.13 34.73
CA TRP E 134 28.09 -50.13 35.02
C TRP E 134 27.21 -50.62 36.16
N MET E 135 27.20 -49.88 37.26
CA MET E 135 26.36 -50.24 38.42
C MET E 135 25.58 -48.97 38.75
N GLU E 136 24.46 -49.10 39.46
CA GLU E 136 23.65 -47.90 39.71
C GLU E 136 24.59 -46.87 40.36
N SER E 137 24.58 -45.64 39.86
CA SER E 137 25.50 -44.60 40.40
C SER E 137 24.67 -43.37 40.75
N GLU E 138 23.96 -43.41 41.89
CA GLU E 138 23.05 -42.31 42.27
C GLU E 138 22.10 -42.04 41.11
N PHE E 139 21.04 -42.86 40.94
CA PHE E 139 20.16 -42.55 39.83
C PHE E 139 18.93 -41.77 40.26
N ARG E 140 18.70 -41.62 41.56
CA ARG E 140 17.61 -40.78 42.07
C ARG E 140 18.04 -39.31 42.04
N VAL E 141 17.92 -38.72 40.85
CA VAL E 141 18.12 -37.28 40.71
C VAL E 141 17.02 -36.51 41.43
N TYR E 142 15.80 -37.05 41.42
CA TYR E 142 14.68 -36.33 42.00
C TYR E 142 14.50 -36.68 43.47
N SER E 143 14.20 -35.67 44.28
CA SER E 143 13.88 -35.86 45.69
C SER E 143 12.44 -35.52 46.01
N SER E 144 11.94 -34.38 45.53
CA SER E 144 10.55 -34.00 45.71
C SER E 144 10.04 -33.33 44.45
N ALA E 145 8.83 -33.67 44.05
CA ALA E 145 8.19 -33.10 42.86
C ALA E 145 7.23 -32.00 43.32
N ASN E 146 7.61 -30.75 43.07
CA ASN E 146 6.81 -29.62 43.56
C ASN E 146 5.81 -29.13 42.52
N ASN E 147 6.31 -28.67 41.37
CA ASN E 147 5.46 -28.18 40.28
C ASN E 147 5.93 -28.83 38.99
N CYS E 148 5.45 -30.05 38.73
CA CYS E 148 5.72 -30.78 37.50
C CYS E 148 4.49 -30.62 36.60
N THR E 149 4.42 -29.48 35.90
CA THR E 149 3.25 -29.20 35.09
C THR E 149 3.22 -30.01 33.79
N PHE E 150 4.35 -30.54 33.35
CA PHE E 150 4.41 -31.29 32.11
C PHE E 150 5.13 -32.62 32.31
N GLU E 151 4.57 -33.65 31.70
CA GLU E 151 5.19 -34.97 31.66
C GLU E 151 5.02 -35.55 30.27
N TYR E 152 5.96 -36.40 29.87
CA TYR E 152 5.90 -37.05 28.56
C TYR E 152 6.78 -38.29 28.59
N VAL E 153 6.20 -39.43 28.25
CA VAL E 153 6.92 -40.70 28.15
C VAL E 153 6.63 -41.29 26.77
N SER E 154 7.68 -41.66 26.05
CA SER E 154 7.53 -42.21 24.71
C SER E 154 8.52 -43.34 24.50
N GLN E 155 8.64 -43.78 23.25
CA GLN E 155 9.54 -44.87 22.90
C GLN E 155 11.00 -44.41 23.01
N PRO E 156 11.91 -45.32 23.34
CA PRO E 156 13.32 -44.94 23.47
C PRO E 156 13.94 -44.62 22.11
N PHE E 157 15.07 -43.91 22.17
CA PHE E 157 15.78 -43.53 20.95
C PHE E 157 16.53 -44.72 20.36
N LEU E 158 17.36 -44.43 19.37
CA LEU E 158 18.08 -45.49 18.65
C LEU E 158 19.50 -45.59 19.19
N MET E 159 19.67 -46.32 20.29
CA MET E 159 20.99 -46.72 20.77
C MET E 159 21.26 -48.16 20.35
N ASP E 160 22.37 -48.71 20.85
CA ASP E 160 22.74 -50.09 20.64
C ASP E 160 22.88 -50.80 21.98
N LEU E 161 23.13 -52.11 21.90
CA LEU E 161 23.26 -52.94 23.10
C LEU E 161 24.71 -52.97 23.54
N GLU E 162 24.97 -52.46 24.75
CA GLU E 162 26.31 -52.36 25.37
C GLU E 162 27.21 -51.55 24.43
N GLY E 163 28.43 -51.98 24.20
CA GLY E 163 29.34 -51.26 23.32
C GLY E 163 30.77 -51.37 23.83
N LYS E 164 31.58 -50.38 23.50
CA LYS E 164 32.98 -50.36 23.88
C LYS E 164 33.46 -48.91 23.93
N GLN E 165 34.60 -48.71 24.59
CA GLN E 165 35.22 -47.39 24.71
C GLN E 165 36.09 -47.07 23.49
N GLY E 166 35.49 -47.16 22.31
CA GLY E 166 36.22 -46.95 21.07
C GLY E 166 35.42 -47.52 19.92
N ASN E 167 35.91 -47.21 18.71
CA ASN E 167 35.26 -47.56 17.45
C ASN E 167 33.82 -47.07 17.44
N PHE E 168 33.68 -45.74 17.52
CA PHE E 168 32.38 -45.10 17.67
C PHE E 168 31.60 -45.21 16.36
N LYS E 169 30.74 -46.22 16.30
CA LYS E 169 29.90 -46.43 15.13
C LYS E 169 28.69 -45.49 15.11
N ASN E 170 28.42 -44.77 16.18
CA ASN E 170 27.24 -43.93 16.28
C ASN E 170 27.64 -42.47 16.19
N LEU E 171 27.18 -41.78 15.13
CA LEU E 171 27.17 -40.33 15.07
C LEU E 171 25.78 -39.84 15.42
N ARG E 172 25.66 -39.14 16.54
CA ARG E 172 24.37 -38.60 16.99
C ARG E 172 24.43 -37.08 16.88
N GLU E 173 23.53 -36.51 16.09
CA GLU E 173 23.45 -35.06 15.95
C GLU E 173 22.07 -34.60 16.39
N PHE E 174 22.06 -33.54 17.21
CA PHE E 174 20.84 -32.96 17.74
C PHE E 174 20.95 -31.45 17.57
N VAL E 175 19.81 -30.82 17.25
CA VAL E 175 19.72 -29.36 17.33
C VAL E 175 18.52 -29.00 18.18
N PHE E 176 18.74 -28.05 19.10
CA PHE E 176 17.75 -27.61 20.07
C PHE E 176 17.43 -26.15 19.78
N LYS E 177 16.15 -25.77 19.86
CA LYS E 177 15.83 -24.35 19.86
C LYS E 177 14.55 -24.12 20.62
N ASN E 178 14.36 -22.86 21.06
CA ASN E 178 13.18 -22.48 21.83
C ASN E 178 12.66 -21.17 21.24
N ILE E 179 11.63 -21.27 20.39
CA ILE E 179 11.07 -20.10 19.72
C ILE E 179 9.54 -20.18 19.80
N ASP E 180 8.92 -19.02 19.99
CA ASP E 180 7.47 -18.84 20.04
C ASP E 180 6.83 -19.69 21.14
N GLY E 181 7.55 -19.86 22.24
CA GLY E 181 7.06 -20.68 23.33
C GLY E 181 7.09 -22.17 23.06
N TYR E 182 7.79 -22.59 22.00
CA TYR E 182 7.88 -23.99 21.63
C TYR E 182 9.34 -24.42 21.63
N PHE E 183 9.62 -25.59 22.19
CA PHE E 183 10.95 -26.17 22.21
C PHE E 183 11.02 -27.18 21.06
N LYS E 184 11.66 -26.79 19.96
CA LYS E 184 11.89 -27.69 18.85
C LYS E 184 13.12 -28.52 19.15
N ILE E 185 13.01 -29.84 19.00
CA ILE E 185 14.17 -30.71 19.03
C ILE E 185 14.18 -31.59 17.78
N TYR E 186 15.30 -31.54 17.05
CA TYR E 186 15.53 -32.27 15.81
C TYR E 186 16.76 -33.14 16.01
N SER E 187 16.80 -34.31 15.37
CA SER E 187 18.00 -35.14 15.46
C SER E 187 18.21 -35.97 14.21
N LYS E 188 19.37 -36.62 14.17
CA LYS E 188 19.79 -37.47 13.07
C LYS E 188 20.87 -38.41 13.57
N HIS E 189 20.69 -39.71 13.32
CA HIS E 189 21.64 -40.73 13.76
C HIS E 189 22.24 -41.41 12.54
N THR E 190 23.57 -41.55 12.55
CA THR E 190 24.27 -42.27 11.51
C THR E 190 24.95 -43.49 12.13
N PRO E 191 24.67 -44.69 11.63
CA PRO E 191 25.27 -45.90 12.18
C PRO E 191 26.53 -46.32 11.42
N ILE E 192 27.19 -47.36 11.98
CA ILE E 192 28.40 -48.04 11.51
C ILE E 192 29.43 -47.12 10.85
N ILE E 193 29.98 -46.18 11.61
CA ILE E 193 31.16 -45.43 11.21
C ILE E 193 32.38 -46.06 11.84
N VAL E 194 33.33 -46.46 11.01
CA VAL E 194 34.51 -47.18 11.45
C VAL E 194 35.60 -46.21 11.93
N ARG E 195 35.57 -44.96 11.46
CA ARG E 195 36.64 -43.99 11.66
C ARG E 195 36.76 -43.63 13.15
N GLU E 196 37.80 -44.18 13.78
CA GLU E 196 38.07 -43.89 15.18
C GLU E 196 38.65 -42.49 15.41
N PRO E 197 39.84 -42.11 14.86
CA PRO E 197 40.54 -40.93 15.45
C PRO E 197 39.96 -39.57 15.07
N GLU E 198 38.90 -39.20 15.79
CA GLU E 198 38.19 -37.90 15.67
C GLU E 198 37.72 -37.77 14.22
N ASP E 199 38.12 -36.71 13.50
CA ASP E 199 37.88 -36.54 12.06
C ASP E 199 36.37 -36.56 11.74
N LEU E 200 35.70 -35.50 12.21
CA LEU E 200 34.31 -35.20 11.90
C LEU E 200 34.06 -35.32 10.39
N PRO E 201 33.17 -36.22 9.97
CA PRO E 201 33.10 -36.57 8.55
C PRO E 201 32.55 -35.44 7.70
N GLN E 202 33.04 -35.37 6.47
CA GLN E 202 32.59 -34.38 5.50
C GLN E 202 31.36 -34.92 4.77
N GLY E 203 30.93 -34.21 3.74
CA GLY E 203 29.78 -34.64 2.99
C GLY E 203 28.54 -33.82 3.30
N PHE E 204 27.42 -34.52 3.45
CA PHE E 204 26.13 -33.90 3.70
C PHE E 204 25.20 -34.88 4.40
N SER E 205 24.40 -34.37 5.33
CA SER E 205 23.40 -35.16 6.03
C SER E 205 22.31 -34.23 6.55
N ALA E 206 21.08 -34.45 6.10
CA ALA E 206 19.95 -33.68 6.58
C ALA E 206 19.53 -34.15 7.97
N LEU E 207 18.72 -33.34 8.63
CA LEU E 207 18.24 -33.62 9.98
C LEU E 207 16.72 -33.60 10.00
N GLU E 208 16.12 -34.78 10.15
CA GLU E 208 14.67 -34.96 10.23
C GLU E 208 14.13 -34.44 11.56
N PRO E 209 12.91 -33.93 11.61
CA PRO E 209 12.35 -33.46 12.87
C PRO E 209 11.92 -34.60 13.77
N LEU E 210 12.01 -34.37 15.08
CA LEU E 210 11.55 -35.35 16.05
C LEU E 210 10.35 -34.86 16.86
N VAL E 211 10.44 -33.77 17.61
CA VAL E 211 9.26 -33.36 18.38
C VAL E 211 9.34 -31.89 18.78
N ASP E 212 8.19 -31.22 18.73
CA ASP E 212 7.98 -29.88 19.26
C ASP E 212 7.38 -30.03 20.65
N LEU E 213 7.81 -29.18 21.58
CA LEU E 213 7.35 -29.25 22.96
C LEU E 213 6.64 -27.96 23.34
N PRO E 214 5.39 -28.00 23.78
CA PRO E 214 4.69 -26.78 24.22
C PRO E 214 4.98 -26.42 25.68
N ILE E 215 6.12 -25.78 25.89
CA ILE E 215 6.60 -25.46 27.23
C ILE E 215 6.52 -23.97 27.51
N GLY E 216 7.17 -23.15 26.69
CA GLY E 216 7.16 -21.71 26.88
C GLY E 216 7.88 -21.20 28.11
N ILE E 217 9.08 -21.73 28.38
CA ILE E 217 9.92 -21.24 29.46
C ILE E 217 11.21 -20.68 28.87
N ASN E 218 12.00 -20.05 29.73
CA ASN E 218 13.25 -19.43 29.32
C ASN E 218 14.43 -20.28 29.80
N ILE E 219 15.35 -20.57 28.89
CA ILE E 219 16.57 -21.30 29.20
C ILE E 219 17.75 -20.49 28.68
N THR E 220 18.72 -20.22 29.56
CA THR E 220 19.95 -19.54 29.16
C THR E 220 21.21 -20.33 29.46
N ARG E 221 21.11 -21.46 30.18
CA ARG E 221 22.26 -22.30 30.45
C ARG E 221 21.86 -23.76 30.27
N PHE E 222 22.80 -24.58 29.80
CA PHE E 222 22.52 -25.99 29.63
C PHE E 222 23.72 -26.79 30.12
N GLN E 223 23.44 -28.01 30.57
CA GLN E 223 24.47 -28.90 31.13
C GLN E 223 24.11 -30.33 30.81
N THR E 224 24.98 -31.01 30.06
CA THR E 224 24.73 -32.40 29.70
C THR E 224 25.11 -33.33 30.84
N LEU E 225 24.51 -34.52 30.83
CA LEU E 225 24.82 -35.56 31.81
C LEU E 225 25.17 -36.85 31.09
N LEU E 226 26.02 -37.65 31.73
CA LEU E 226 26.50 -38.90 31.15
C LEU E 226 26.54 -39.95 32.24
N ALA E 227 26.97 -41.15 31.87
CA ALA E 227 27.06 -42.26 32.81
C ALA E 227 28.24 -42.06 33.78
N SER E 238 36.60 -46.90 46.01
CA SER E 238 35.14 -46.89 45.99
C SER E 238 34.62 -45.84 45.03
N SER E 239 34.28 -44.66 45.56
CA SER E 239 33.80 -43.56 44.73
C SER E 239 34.88 -42.99 43.83
N SER E 240 36.14 -43.04 44.27
CA SER E 240 37.27 -42.56 43.49
C SER E 240 38.12 -43.74 43.04
N GLY E 241 38.37 -43.82 41.75
CA GLY E 241 39.16 -44.91 41.19
C GLY E 241 38.33 -45.84 40.33
N TRP E 242 38.40 -45.66 39.02
CA TRP E 242 37.63 -46.45 38.07
C TRP E 242 38.24 -46.27 36.69
N THR E 243 37.87 -47.16 35.77
CA THR E 243 38.36 -47.09 34.40
C THR E 243 37.64 -45.95 33.67
N ALA E 244 38.41 -44.96 33.24
CA ALA E 244 37.84 -43.78 32.59
C ALA E 244 37.38 -44.16 31.18
N GLY E 245 36.08 -43.98 30.91
CA GLY E 245 35.55 -44.29 29.61
C GLY E 245 35.98 -43.30 28.56
N ALA E 246 35.85 -43.72 27.30
CA ALA E 246 36.24 -42.92 26.15
C ALA E 246 34.99 -42.50 25.39
N ALA E 247 34.81 -41.18 25.23
CA ALA E 247 33.71 -40.62 24.47
C ALA E 247 34.11 -39.20 24.07
N ALA E 248 33.39 -38.66 23.07
CA ALA E 248 33.68 -37.32 22.61
C ALA E 248 32.43 -36.69 22.02
N TYR E 249 32.26 -35.40 22.27
CA TYR E 249 31.11 -34.66 21.79
C TYR E 249 31.53 -33.22 21.48
N TYR E 250 30.69 -32.55 20.71
CA TYR E 250 30.98 -31.23 20.16
C TYR E 250 29.75 -30.35 20.32
N VAL E 251 29.98 -29.07 20.62
CA VAL E 251 28.91 -28.12 20.86
C VAL E 251 29.17 -26.83 20.06
N GLY E 252 28.13 -26.33 19.41
CA GLY E 252 28.26 -25.12 18.61
C GLY E 252 27.00 -24.28 18.69
N TYR E 253 27.16 -23.00 18.37
CA TYR E 253 26.07 -22.03 18.46
C TYR E 253 25.59 -21.64 17.07
N LEU E 254 24.30 -21.31 16.98
CA LEU E 254 23.63 -21.00 15.72
C LEU E 254 23.47 -19.50 15.55
N GLN E 255 23.35 -19.09 14.29
CA GLN E 255 23.23 -17.69 13.92
C GLN E 255 22.10 -17.53 12.89
N PRO E 256 21.43 -16.38 12.88
CA PRO E 256 20.38 -16.14 11.87
C PRO E 256 21.00 -15.80 10.51
N ARG E 257 20.94 -16.76 9.59
CA ARG E 257 21.52 -16.57 8.26
C ARG E 257 20.49 -16.84 7.18
N THR E 258 20.94 -16.84 5.92
CA THR E 258 20.13 -17.27 4.80
C THR E 258 20.87 -18.35 4.03
N PHE E 259 20.15 -19.39 3.66
CA PHE E 259 20.71 -20.56 2.98
C PHE E 259 19.93 -20.82 1.72
N LEU E 260 20.50 -21.64 0.84
CA LEU E 260 19.80 -22.11 -0.34
C LEU E 260 19.83 -23.64 -0.33
N LEU E 261 18.65 -24.25 -0.45
CA LEU E 261 18.46 -25.68 -0.25
C LEU E 261 18.02 -26.31 -1.56
N LYS E 262 18.60 -27.46 -1.89
CA LYS E 262 18.29 -28.21 -3.09
C LYS E 262 17.49 -29.45 -2.72
N TYR E 263 16.29 -29.57 -3.28
CA TYR E 263 15.42 -30.72 -3.04
C TYR E 263 15.49 -31.67 -4.21
N ASN E 264 15.66 -32.95 -3.92
CA ASN E 264 15.66 -33.98 -4.96
C ASN E 264 14.22 -34.35 -5.31
N GLU E 265 14.05 -35.42 -6.08
CA GLU E 265 12.70 -35.85 -6.46
C GLU E 265 11.91 -36.44 -5.30
N ASN E 266 12.60 -36.86 -4.23
CA ASN E 266 11.95 -37.44 -3.07
C ASN E 266 11.71 -36.45 -1.95
N GLY E 267 12.06 -35.17 -2.15
CA GLY E 267 11.87 -34.18 -1.12
C GLY E 267 12.89 -34.22 0.01
N THR E 268 14.09 -34.70 -0.27
CA THR E 268 15.16 -34.76 0.71
C THR E 268 16.20 -33.70 0.39
N ILE E 269 16.69 -33.03 1.44
CA ILE E 269 17.71 -31.99 1.25
C ILE E 269 19.04 -32.68 0.94
N THR E 270 19.43 -32.63 -0.33
CA THR E 270 20.66 -33.27 -0.78
C THR E 270 21.84 -32.31 -0.91
N ASP E 271 21.59 -31.01 -0.92
CA ASP E 271 22.66 -30.02 -1.00
C ASP E 271 22.18 -28.70 -0.43
N ALA E 272 23.10 -27.96 0.16
CA ALA E 272 22.81 -26.64 0.70
C ALA E 272 24.02 -25.76 0.52
N VAL E 273 23.80 -24.51 0.11
CA VAL E 273 24.87 -23.56 -0.10
C VAL E 273 24.59 -22.31 0.73
N ASP E 274 25.62 -21.82 1.42
CA ASP E 274 25.53 -20.57 2.15
C ASP E 274 25.48 -19.40 1.18
N CYS E 275 25.01 -18.27 1.68
CA CYS E 275 24.78 -17.10 0.84
C CYS E 275 25.73 -15.95 1.17
N ALA E 276 26.34 -15.95 2.35
CA ALA E 276 27.21 -14.85 2.77
C ALA E 276 28.52 -15.38 3.35
N LEU E 277 29.13 -16.35 2.67
CA LEU E 277 30.42 -16.87 3.09
C LEU E 277 31.57 -16.20 2.34
N ASP E 278 31.59 -16.35 1.03
CA ASP E 278 32.54 -15.70 0.13
C ASP E 278 31.76 -15.18 -1.05
N PRO E 279 32.31 -14.22 -1.81
CA PRO E 279 31.56 -13.66 -2.94
C PRO E 279 31.17 -14.67 -4.01
N LEU E 280 31.86 -15.81 -4.12
CA LEU E 280 31.39 -16.87 -5.01
C LEU E 280 30.06 -17.43 -4.51
N SER E 281 29.93 -17.61 -3.19
CA SER E 281 28.63 -18.01 -2.66
C SER E 281 27.59 -16.91 -2.83
N GLU E 282 28.01 -15.64 -2.82
CA GLU E 282 27.07 -14.55 -3.03
C GLU E 282 26.54 -14.54 -4.46
N THR E 283 27.41 -14.75 -5.45
CA THR E 283 26.94 -14.80 -6.83
C THR E 283 26.26 -16.12 -7.15
N LYS E 284 26.45 -17.15 -6.32
CA LYS E 284 25.62 -18.34 -6.43
C LYS E 284 24.23 -18.09 -5.86
N CYS E 285 24.16 -17.33 -4.78
CA CYS E 285 22.90 -17.08 -4.08
C CYS E 285 22.03 -16.06 -4.80
N THR E 286 22.63 -15.09 -5.49
CA THR E 286 21.84 -14.06 -6.14
C THR E 286 21.22 -14.50 -7.45
N LEU E 287 21.53 -15.71 -7.93
CA LEU E 287 20.97 -16.22 -9.18
C LEU E 287 20.04 -17.40 -8.97
N LYS E 288 19.92 -17.90 -7.73
CA LYS E 288 19.16 -19.11 -7.40
C LYS E 288 19.60 -20.30 -8.24
N SER E 289 20.92 -20.49 -8.30
CA SER E 289 21.50 -21.59 -9.05
C SER E 289 22.80 -21.99 -8.38
N PHE E 290 23.28 -23.19 -8.73
CA PHE E 290 24.51 -23.71 -8.16
C PHE E 290 25.72 -23.47 -9.04
N THR E 291 25.53 -23.25 -10.34
CA THR E 291 26.63 -23.01 -11.27
C THR E 291 26.52 -21.60 -11.82
N VAL E 292 27.67 -20.95 -12.02
CA VAL E 292 27.74 -19.62 -12.59
C VAL E 292 28.70 -19.64 -13.76
N GLU E 293 28.40 -18.88 -14.80
CA GLU E 293 29.20 -18.88 -16.01
C GLU E 293 30.24 -17.77 -15.96
N LYS E 294 31.07 -17.70 -17.00
CA LYS E 294 32.11 -16.70 -17.06
C LYS E 294 31.52 -15.34 -17.39
N GLY E 295 31.58 -14.43 -16.43
CA GLY E 295 31.05 -13.09 -16.61
C GLY E 295 31.05 -12.33 -15.32
N ILE E 296 30.80 -11.04 -15.43
CA ILE E 296 30.73 -10.15 -14.28
C ILE E 296 29.29 -10.10 -13.77
N TYR E 297 29.11 -10.40 -12.49
CA TYR E 297 27.79 -10.43 -11.87
C TYR E 297 27.74 -9.41 -10.74
N GLN E 298 26.56 -8.86 -10.54
CA GLN E 298 26.36 -7.86 -9.48
C GLN E 298 25.79 -8.53 -8.24
N THR E 299 26.21 -8.04 -7.09
CA THR E 299 25.84 -8.60 -5.80
C THR E 299 25.41 -7.45 -4.90
N SER E 300 25.35 -7.70 -3.60
CA SER E 300 24.90 -6.69 -2.64
C SER E 300 25.82 -5.47 -2.63
N ASN E 301 25.28 -4.32 -2.28
CA ASN E 301 26.07 -3.06 -2.32
C ASN E 301 26.68 -2.70 -0.97
N PHE E 302 27.96 -2.29 -0.97
CA PHE E 302 28.66 -1.94 0.28
C PHE E 302 28.30 -0.51 0.71
N ARG E 303 28.54 -0.17 1.97
CA ARG E 303 28.28 1.21 2.46
C ARG E 303 29.04 1.42 3.78
N VAL E 304 29.53 2.64 4.02
CA VAL E 304 30.31 2.92 5.27
C VAL E 304 29.35 3.44 6.34
N GLN E 305 29.45 2.91 7.56
CA GLN E 305 28.54 3.33 8.66
C GLN E 305 29.24 4.34 9.54
N PRO E 306 28.55 5.41 10.00
CA PRO E 306 29.19 6.44 10.79
C PRO E 306 29.54 6.05 12.24
N THR E 307 30.58 6.66 12.80
CA THR E 307 31.05 6.30 14.16
C THR E 307 30.44 7.27 15.19
N GLU E 308 31.21 8.16 15.83
CA GLU E 308 30.61 9.02 16.89
C GLU E 308 29.48 9.76 16.19
N SER E 309 28.27 9.78 16.75
CA SER E 309 27.19 10.39 15.93
C SER E 309 26.28 11.36 16.67
N ILE E 310 25.88 12.44 15.99
CA ILE E 310 24.94 13.47 16.52
C ILE E 310 24.46 14.25 15.26
N VAL E 311 23.89 15.44 15.43
CA VAL E 311 23.30 16.24 14.32
C VAL E 311 23.52 17.69 14.76
N ARG E 312 23.57 18.73 13.92
CA ARG E 312 24.03 20.09 14.38
C ARG E 312 23.03 21.24 14.46
N PHE E 313 22.34 21.42 15.59
CA PHE E 313 21.50 22.65 15.79
C PHE E 313 22.00 23.39 17.06
N PRO E 314 21.89 22.88 18.32
CA PRO E 314 22.46 23.54 19.52
C PRO E 314 23.83 24.24 19.38
N ASN E 315 23.85 25.55 19.62
CA ASN E 315 25.07 26.38 19.44
C ASN E 315 25.12 27.37 20.60
N ILE E 316 24.13 27.34 21.47
CA ILE E 316 24.03 28.34 22.57
C ILE E 316 25.27 28.44 23.46
N THR E 317 25.40 29.55 24.19
CA THR E 317 26.49 29.79 25.17
C THR E 317 26.00 31.04 25.91
N ASN E 318 24.71 31.13 26.25
CA ASN E 318 24.06 32.33 26.74
C ASN E 318 24.09 32.39 28.28
N LEU E 319 24.30 33.60 28.79
CA LEU E 319 24.23 33.85 30.21
C LEU E 319 22.78 33.78 30.70
N CYS E 320 22.62 33.46 31.98
CA CYS E 320 21.30 33.29 32.58
C CYS E 320 21.33 33.85 34.00
N PRO E 321 20.92 35.10 34.20
CA PRO E 321 20.98 35.71 35.54
C PRO E 321 19.84 35.19 36.42
N PHE E 322 20.21 34.52 37.51
CA PHE E 322 19.25 33.99 38.47
C PHE E 322 19.87 34.00 39.85
N ASP E 323 19.29 33.22 40.77
CA ASP E 323 19.68 33.09 42.18
C ASP E 323 19.53 34.42 42.93
N GLU E 324 18.76 35.35 42.36
CA GLU E 324 18.41 36.55 43.09
C GLU E 324 16.90 36.60 43.35
N VAL E 325 16.12 36.00 42.46
CA VAL E 325 14.70 35.82 42.73
C VAL E 325 14.48 34.60 43.60
N PHE E 326 15.52 33.77 43.77
CA PHE E 326 15.46 32.56 44.56
C PHE E 326 16.13 32.66 45.92
N ASN E 327 17.14 33.53 46.05
CA ASN E 327 17.91 33.69 47.29
C ASN E 327 17.94 35.14 47.72
N ALA E 328 16.79 35.81 47.69
CA ALA E 328 16.73 37.21 48.06
C ALA E 328 16.68 37.38 49.58
N THR E 329 16.81 38.63 50.02
CA THR E 329 16.66 38.98 51.43
C THR E 329 15.24 39.44 51.74
N ARG E 330 14.67 40.29 50.90
CA ARG E 330 13.30 40.75 51.05
C ARG E 330 12.40 39.91 50.16
N PHE E 331 11.32 39.38 50.73
CA PHE E 331 10.38 38.54 50.00
C PHE E 331 8.96 39.02 50.23
N ALA E 332 8.06 38.59 49.36
CA ALA E 332 6.68 39.05 49.42
C ALA E 332 5.92 38.39 50.56
N SER E 333 4.81 39.01 50.94
CA SER E 333 3.95 38.48 51.99
C SER E 333 3.02 37.42 51.42
N VAL E 334 2.03 37.00 52.20
CA VAL E 334 1.13 35.93 51.77
C VAL E 334 0.24 36.40 50.61
N TYR E 335 -0.41 37.55 50.77
CA TYR E 335 -1.30 38.06 49.75
C TYR E 335 -0.60 38.97 48.75
N ALA E 336 0.65 39.34 48.99
CA ALA E 336 1.40 40.23 48.11
C ALA E 336 2.25 39.45 47.11
N TRP E 337 1.84 38.23 46.77
CA TRP E 337 2.59 37.40 45.83
C TRP E 337 2.55 38.00 44.43
N ASN E 338 3.73 38.21 43.85
CA ASN E 338 3.86 38.86 42.57
C ASN E 338 4.23 37.87 41.47
N ARG E 339 4.00 38.27 40.22
CA ARG E 339 4.19 37.41 39.06
C ARG E 339 5.37 37.89 38.24
N LYS E 340 6.25 36.97 37.88
CA LYS E 340 7.36 37.25 36.96
C LYS E 340 7.26 36.24 35.83
N ARG E 341 6.73 36.67 34.68
CA ARG E 341 6.66 35.79 33.51
C ARG E 341 8.06 35.70 32.93
N ILE E 342 8.78 34.64 33.33
CA ILE E 342 10.21 34.52 33.05
C ILE E 342 10.38 34.04 31.60
N SER E 343 10.96 34.89 30.76
CA SER E 343 11.31 34.58 29.39
C SER E 343 12.67 35.15 29.03
N ASN E 344 13.65 34.98 29.92
CA ASN E 344 14.92 35.68 29.76
C ASN E 344 16.00 34.77 29.17
N CYS E 345 16.16 33.57 29.72
CA CYS E 345 17.33 32.76 29.40
C CYS E 345 16.96 31.29 29.63
N VAL E 346 18.00 30.44 29.74
CA VAL E 346 17.84 28.99 29.85
C VAL E 346 17.02 28.60 31.06
N ALA E 347 17.31 29.19 32.23
CA ALA E 347 16.61 28.97 33.49
C ALA E 347 16.63 27.49 33.88
N ASP E 348 17.84 27.00 34.14
CA ASP E 348 18.04 25.61 34.53
C ASP E 348 17.46 25.33 35.90
N TYR E 349 16.35 24.58 35.95
CA TYR E 349 15.68 24.25 37.20
C TYR E 349 16.20 22.98 37.84
N SER E 350 17.20 22.33 37.24
CA SER E 350 17.73 21.08 37.77
C SER E 350 18.92 21.27 38.69
N VAL E 351 19.69 22.34 38.52
CA VAL E 351 20.86 22.59 39.38
C VAL E 351 20.36 23.40 40.57
N LEU E 352 19.76 22.67 41.52
CA LEU E 352 19.28 23.25 42.77
C LEU E 352 19.65 22.41 43.98
N TYR E 353 20.77 21.70 43.95
CA TYR E 353 21.13 20.84 45.07
C TYR E 353 22.19 21.47 45.98
N ASN E 354 22.50 22.75 45.81
CA ASN E 354 23.42 23.42 46.73
C ASN E 354 22.81 23.55 48.12
N LEU E 355 21.51 23.82 48.20
CA LEU E 355 20.81 23.92 49.47
C LEU E 355 20.22 22.56 49.82
N ALA E 356 20.68 21.99 50.93
CA ALA E 356 20.22 20.65 51.33
C ALA E 356 18.73 20.57 51.69
N PRO E 357 18.15 21.43 52.58
CA PRO E 357 16.77 21.15 53.02
C PRO E 357 15.71 21.62 52.01
N PHE E 358 15.72 21.02 50.82
CA PHE E 358 14.64 21.18 49.86
C PHE E 358 13.67 20.01 49.99
N PHE E 359 12.88 20.07 51.06
CA PHE E 359 11.98 18.98 51.41
C PHE E 359 10.81 18.87 50.43
N THR E 360 10.33 19.99 49.91
CA THR E 360 9.27 19.97 48.90
C THR E 360 9.93 19.98 47.53
N PHE E 361 9.89 18.84 46.85
CA PHE E 361 10.52 18.69 45.55
C PHE E 361 9.62 17.95 44.57
N LYS E 362 8.45 17.50 45.00
CA LYS E 362 7.55 16.76 44.13
C LYS E 362 6.98 17.66 43.04
N CYS E 363 6.91 17.14 41.82
CA CYS E 363 6.29 17.85 40.72
C CYS E 363 5.39 16.90 39.94
N TYR E 364 4.26 17.43 39.47
CA TYR E 364 3.15 16.62 38.97
C TYR E 364 3.14 16.53 37.46
N GLY E 365 3.07 17.68 36.78
CA GLY E 365 2.98 17.68 35.32
C GLY E 365 4.25 17.18 34.66
N VAL E 366 5.41 17.51 35.23
CA VAL E 366 6.69 17.10 34.68
C VAL E 366 7.53 16.51 35.81
N SER E 367 8.48 15.66 35.42
CA SER E 367 9.41 15.06 36.37
C SER E 367 10.68 15.89 36.42
N PRO E 368 11.37 15.96 37.56
CA PRO E 368 12.62 16.74 37.62
C PRO E 368 13.74 16.15 36.77
N THR E 369 13.71 14.85 36.49
CA THR E 369 14.72 14.24 35.63
C THR E 369 14.58 14.71 34.19
N LYS E 370 13.35 14.81 33.69
CA LYS E 370 13.06 15.31 32.35
C LYS E 370 12.52 16.72 32.38
N LEU E 371 13.05 17.57 33.25
CA LEU E 371 12.55 18.93 33.38
C LEU E 371 13.23 19.87 32.37
N ASN E 372 14.55 19.95 32.41
CA ASN E 372 15.28 20.91 31.56
C ASN E 372 15.71 20.29 30.23
N ASP E 373 14.76 19.67 29.53
CA ASP E 373 15.03 19.20 28.17
C ASP E 373 13.97 19.67 27.18
N LEU E 374 12.70 19.71 27.59
CA LEU E 374 11.63 20.21 26.73
C LEU E 374 11.56 21.74 26.88
N CYS E 375 10.67 22.37 26.13
CA CYS E 375 10.58 23.83 26.12
C CYS E 375 9.22 24.27 26.66
N PHE E 376 9.26 25.18 27.63
CA PHE E 376 8.08 25.82 28.18
C PHE E 376 7.93 27.20 27.56
N THR E 377 6.81 27.87 27.84
CA THR E 377 6.45 29.07 27.11
C THR E 377 6.49 30.33 27.97
N ASN E 378 5.68 30.40 29.02
CA ASN E 378 5.44 31.64 29.74
C ASN E 378 5.40 31.40 31.24
N VAL E 379 6.44 30.72 31.76
CA VAL E 379 6.50 30.28 33.16
C VAL E 379 6.37 31.46 34.11
N TYR E 380 5.69 31.24 35.24
CA TYR E 380 5.40 32.30 36.20
C TYR E 380 6.20 32.05 37.46
N ALA E 381 6.94 33.07 37.90
CA ALA E 381 7.68 33.02 39.15
C ALA E 381 6.87 33.74 40.23
N ASP E 382 6.19 32.98 41.06
CA ASP E 382 5.38 33.52 42.15
C ASP E 382 6.00 33.11 43.47
N SER E 383 6.29 34.09 44.31
CA SER E 383 6.98 33.85 45.58
C SER E 383 6.19 34.48 46.73
N PHE E 384 6.10 33.75 47.84
CA PHE E 384 5.44 34.23 49.04
C PHE E 384 6.02 33.50 50.23
N VAL E 385 5.89 34.10 51.40
CA VAL E 385 6.42 33.55 52.65
C VAL E 385 5.25 33.11 53.52
N ILE E 386 5.20 31.81 53.81
CA ILE E 386 4.16 31.21 54.63
C ILE E 386 4.82 30.34 55.70
N ARG E 387 4.00 29.69 56.52
CA ARG E 387 4.50 28.77 57.52
C ARG E 387 4.76 27.40 56.90
N GLY E 388 5.46 26.55 57.66
CA GLY E 388 5.76 25.22 57.17
C GLY E 388 4.57 24.30 57.15
N ASP E 389 3.54 24.59 57.96
CA ASP E 389 2.35 23.75 57.98
C ASP E 389 1.50 23.95 56.74
N GLU E 390 1.54 25.15 56.15
CA GLU E 390 0.75 25.45 54.97
C GLU E 390 1.39 24.94 53.68
N VAL E 391 2.61 24.40 53.75
CA VAL E 391 3.27 23.88 52.55
C VAL E 391 2.57 22.64 52.04
N ARG E 392 2.05 21.81 52.95
CA ARG E 392 1.41 20.56 52.54
C ARG E 392 0.07 20.77 51.85
N GLN E 393 -0.54 21.94 51.99
CA GLN E 393 -1.84 22.22 51.38
C GLN E 393 -1.73 23.09 50.13
N ILE E 394 -0.52 23.36 49.64
CA ILE E 394 -0.37 24.07 48.37
C ILE E 394 -0.85 23.22 47.20
N ALA E 395 -0.76 21.90 47.32
CA ALA E 395 -1.17 20.99 46.24
C ALA E 395 -2.67 21.12 45.98
N PRO E 396 -3.09 20.99 44.72
CA PRO E 396 -4.52 21.15 44.40
C PRO E 396 -5.36 20.05 45.02
N GLY E 397 -6.61 20.39 45.32
CA GLY E 397 -7.52 19.49 46.00
C GLY E 397 -7.48 19.57 47.51
N GLN E 398 -6.59 20.38 48.08
CA GLN E 398 -6.47 20.52 49.51
C GLN E 398 -7.40 21.64 50.02
N THR E 399 -7.64 21.63 51.33
CA THR E 399 -8.49 22.61 51.97
C THR E 399 -7.78 23.19 53.19
N GLY E 400 -8.09 24.44 53.50
CA GLY E 400 -7.48 25.11 54.64
C GLY E 400 -7.88 26.57 54.67
N ASN E 401 -7.23 27.30 55.58
CA ASN E 401 -7.50 28.74 55.69
C ASN E 401 -6.82 29.55 54.60
N ILE E 402 -5.82 28.98 53.93
CA ILE E 402 -5.12 29.70 52.86
C ILE E 402 -5.55 29.22 51.48
N ALA E 403 -6.23 28.08 51.38
CA ALA E 403 -6.64 27.52 50.10
C ALA E 403 -8.01 28.02 49.66
N ASP E 404 -8.64 28.92 50.41
CA ASP E 404 -9.96 29.44 50.06
C ASP E 404 -10.08 30.94 50.12
N TYR E 405 -9.21 31.64 50.86
CA TYR E 405 -9.36 33.07 51.08
C TYR E 405 -8.15 33.90 50.71
N ASN E 406 -6.99 33.29 50.49
CA ASN E 406 -5.78 34.02 50.14
C ASN E 406 -5.28 33.70 48.74
N TYR E 407 -5.02 32.42 48.45
CA TYR E 407 -4.45 32.03 47.17
C TYR E 407 -4.70 30.54 46.96
N LYS E 408 -5.40 30.21 45.88
CA LYS E 408 -5.77 28.83 45.60
C LYS E 408 -5.33 28.46 44.19
N LEU E 409 -5.08 27.16 43.99
CA LEU E 409 -4.58 26.60 42.74
C LEU E 409 -5.70 25.90 41.98
N PRO E 410 -5.67 25.92 40.65
CA PRO E 410 -6.66 25.17 39.88
C PRO E 410 -6.44 23.66 39.97
N ASP E 411 -7.49 22.92 39.64
CA ASP E 411 -7.39 21.46 39.65
C ASP E 411 -6.55 20.96 38.48
N ASP E 412 -6.43 21.74 37.42
CA ASP E 412 -5.60 21.43 36.27
C ASP E 412 -4.26 22.16 36.33
N PHE E 413 -3.71 22.32 37.54
CA PHE E 413 -2.51 23.11 37.73
C PHE E 413 -1.29 22.44 37.09
N THR E 414 -0.55 23.21 36.31
CA THR E 414 0.71 22.76 35.73
C THR E 414 1.85 23.46 36.45
N GLY E 415 2.79 22.67 36.95
CA GLY E 415 3.90 23.19 37.73
C GLY E 415 3.96 22.59 39.11
N CYS E 416 4.89 23.10 39.91
CA CYS E 416 5.10 22.60 41.26
C CYS E 416 5.68 23.72 42.12
N VAL E 417 5.94 23.39 43.39
CA VAL E 417 6.32 24.37 44.40
C VAL E 417 7.60 23.90 45.08
N ILE E 418 8.47 24.85 45.41
CA ILE E 418 9.73 24.60 46.10
C ILE E 418 9.71 25.38 47.41
N ALA E 419 9.99 24.69 48.51
CA ALA E 419 10.01 25.31 49.83
C ALA E 419 11.22 24.85 50.61
N TRP E 420 11.66 25.68 51.56
CA TRP E 420 12.79 25.37 52.41
C TRP E 420 12.69 26.17 53.69
N ASN E 421 13.48 25.74 54.69
CA ASN E 421 13.47 26.39 56.00
C ASN E 421 14.13 27.76 55.92
N SER E 422 13.52 28.74 56.58
CA SER E 422 14.09 30.10 56.59
C SER E 422 13.96 30.69 58.00
N ASN E 423 13.84 29.83 59.01
CA ASN E 423 13.60 30.35 60.37
C ASN E 423 14.79 31.20 60.85
N LYS E 424 16.02 30.70 60.71
CA LYS E 424 17.15 31.49 61.26
C LYS E 424 17.22 32.81 60.48
N LEU E 425 17.08 32.71 59.16
CA LEU E 425 17.17 33.91 58.30
C LEU E 425 15.98 34.86 58.53
N ASP E 426 14.76 34.33 58.65
CA ASP E 426 13.55 35.21 58.70
C ASP E 426 12.99 35.37 60.12
N SER E 427 13.67 34.89 61.16
CA SER E 427 13.03 35.08 62.48
C SER E 427 13.91 35.88 63.44
N LYS E 428 13.43 37.05 63.88
CA LYS E 428 14.13 37.81 64.91
C LYS E 428 13.59 37.42 66.27
N VAL E 429 14.39 37.69 67.32
CA VAL E 429 14.00 37.34 68.68
C VAL E 429 12.80 38.17 69.13
N SER E 430 12.68 39.40 68.64
CA SER E 430 11.53 40.22 68.93
C SER E 430 10.34 39.98 68.04
N GLY E 431 10.45 39.07 67.08
CA GLY E 431 9.41 38.79 66.14
C GLY E 431 9.51 39.64 64.88
N ASN E 432 8.97 39.09 63.79
CA ASN E 432 8.94 39.78 62.49
C ASN E 432 7.49 39.91 62.09
N TYR E 433 6.84 40.99 62.52
CA TYR E 433 5.43 41.21 62.24
C TYR E 433 5.24 42.05 60.97
N ASN E 434 5.86 41.60 59.89
CA ASN E 434 5.75 42.24 58.59
C ASN E 434 5.11 41.37 57.53
N TYR E 435 5.12 40.06 57.69
CA TYR E 435 4.45 39.14 56.79
C TYR E 435 3.06 38.84 57.37
N LEU E 436 2.02 39.19 56.62
CA LEU E 436 0.66 39.13 57.13
C LEU E 436 -0.26 38.51 56.08
N TYR E 437 -1.35 37.93 56.57
CA TYR E 437 -2.31 37.22 55.74
C TYR E 437 -3.73 37.62 56.15
N ARG E 438 -4.68 37.37 55.25
CA ARG E 438 -6.08 37.71 55.45
C ARG E 438 -6.89 36.46 55.66
N LEU E 439 -7.76 36.46 56.68
CA LEU E 439 -8.61 35.33 56.98
C LEU E 439 -10.08 35.59 56.71
N PHE E 440 -10.52 36.85 56.73
CA PHE E 440 -11.91 37.22 56.54
C PHE E 440 -12.13 37.85 55.18
N ARG E 441 -13.16 37.39 54.48
CA ARG E 441 -13.55 37.97 53.20
C ARG E 441 -15.02 37.69 52.97
N LYS E 442 -15.61 38.47 52.06
CA LYS E 442 -17.03 38.31 51.73
C LYS E 442 -17.31 36.95 51.11
N SER E 443 -16.45 36.51 50.19
CA SER E 443 -16.67 35.25 49.49
C SER E 443 -15.32 34.71 49.05
N ASN E 444 -15.31 33.42 48.69
CA ASN E 444 -14.09 32.78 48.22
C ASN E 444 -13.71 33.34 46.84
N LEU E 445 -12.41 33.56 46.66
CA LEU E 445 -11.88 34.17 45.45
C LEU E 445 -11.63 33.13 44.38
N LYS E 446 -11.42 33.61 43.16
CA LYS E 446 -11.00 32.77 42.06
C LYS E 446 -9.51 32.45 42.17
N PRO E 447 -9.07 31.34 41.57
CA PRO E 447 -7.62 31.08 41.51
C PRO E 447 -6.90 32.14 40.69
N PHE E 448 -5.64 32.39 41.06
CA PHE E 448 -4.80 33.45 40.49
C PHE E 448 -5.47 34.83 40.60
N GLU E 449 -5.73 35.22 41.85
CA GLU E 449 -6.37 36.50 42.14
C GLU E 449 -5.73 37.09 43.39
N ARG E 450 -5.59 38.42 43.38
CA ARG E 450 -4.99 39.15 44.49
C ARG E 450 -6.02 40.02 45.17
N ASP E 451 -6.00 40.01 46.50
CA ASP E 451 -6.84 40.89 47.31
C ASP E 451 -5.99 41.88 48.10
N ILE E 452 -6.37 43.15 48.04
CA ILE E 452 -5.56 44.23 48.61
C ILE E 452 -6.38 45.01 49.62
N SER E 453 -7.71 44.97 49.46
CA SER E 453 -8.60 45.81 50.27
C SER E 453 -8.59 45.38 51.73
N THR E 454 -8.49 46.35 52.63
CA THR E 454 -8.45 46.12 54.07
C THR E 454 -9.69 46.64 54.78
N GLU E 455 -10.84 46.57 54.12
CA GLU E 455 -12.09 47.01 54.73
C GLU E 455 -12.47 46.10 55.88
N ILE E 456 -13.19 46.66 56.86
CA ILE E 456 -13.53 45.92 58.07
C ILE E 456 -14.60 44.88 57.75
N TYR E 457 -14.35 43.65 58.18
CA TYR E 457 -15.25 42.54 57.88
C TYR E 457 -16.55 42.67 58.66
N GLN E 458 -17.67 42.50 57.97
CA GLN E 458 -18.99 42.54 58.61
C GLN E 458 -19.46 41.11 58.88
N ALA E 459 -18.89 40.52 59.94
CA ALA E 459 -19.24 39.15 60.31
C ALA E 459 -20.66 39.07 60.84
N GLY E 460 -21.08 40.03 61.65
CA GLY E 460 -22.42 40.05 62.19
C GLY E 460 -23.37 40.93 61.38
N ASN E 461 -24.64 40.87 61.76
CA ASN E 461 -25.68 41.66 61.10
C ASN E 461 -25.92 42.98 61.80
N LYS E 462 -24.85 43.75 61.99
CA LYS E 462 -24.92 45.08 62.60
C LYS E 462 -24.18 46.08 61.74
N PRO E 463 -24.77 47.25 61.49
CA PRO E 463 -24.14 48.23 60.59
C PRO E 463 -22.98 48.95 61.26
N CYS E 464 -21.77 48.69 60.76
CA CYS E 464 -20.57 49.41 61.19
C CYS E 464 -19.74 49.76 59.96
N ASN E 465 -19.16 50.96 59.99
CA ASN E 465 -18.32 51.43 58.89
C ASN E 465 -17.07 52.08 59.46
N GLY E 466 -15.91 51.53 59.08
CA GLY E 466 -14.64 52.09 59.52
C GLY E 466 -14.23 51.65 60.91
N VAL E 467 -14.99 52.05 61.92
CA VAL E 467 -14.66 51.74 63.30
C VAL E 467 -14.99 50.29 63.58
N ALA E 468 -14.04 49.57 64.17
CA ALA E 468 -14.19 48.16 64.52
C ALA E 468 -14.91 48.03 65.86
N GLY E 469 -14.94 46.82 66.39
CA GLY E 469 -15.60 46.56 67.66
C GLY E 469 -16.30 45.22 67.69
N PHE E 470 -17.59 45.22 68.04
CA PHE E 470 -18.36 43.98 68.05
C PHE E 470 -18.80 43.61 66.65
N ASN E 471 -18.49 42.38 66.23
CA ASN E 471 -18.82 41.80 64.94
C ASN E 471 -18.27 42.61 63.77
N CYS E 472 -17.16 43.33 64.01
CA CYS E 472 -16.46 44.10 62.99
C CYS E 472 -14.97 43.85 63.20
N TYR E 473 -14.43 42.87 62.47
CA TYR E 473 -13.08 42.37 62.72
C TYR E 473 -12.15 42.76 61.59
N PHE E 474 -10.87 42.88 61.93
CA PHE E 474 -9.83 43.21 60.97
C PHE E 474 -9.45 41.94 60.20
N PRO E 475 -9.56 41.92 58.87
CA PRO E 475 -9.25 40.67 58.14
C PRO E 475 -7.77 40.34 58.10
N LEU E 476 -6.92 41.35 57.90
CA LEU E 476 -5.49 41.12 57.80
C LEU E 476 -4.91 40.78 59.17
N ARG E 477 -4.23 39.65 59.26
CA ARG E 477 -3.63 39.18 60.50
C ARG E 477 -2.13 39.02 60.31
N SER E 478 -1.35 39.62 61.19
CA SER E 478 0.10 39.52 61.13
C SER E 478 0.57 38.22 61.77
N TYR E 479 1.55 37.58 61.14
CA TYR E 479 2.10 36.35 61.68
C TYR E 479 2.97 36.64 62.90
N SER E 480 2.98 35.71 63.84
CA SER E 480 3.81 35.78 65.04
C SER E 480 4.92 34.74 64.86
N PHE E 481 6.02 35.17 64.25
CA PHE E 481 7.14 34.30 63.93
C PHE E 481 8.27 34.50 64.94
N ARG E 482 8.74 33.39 65.51
CA ARG E 482 9.83 33.38 66.46
C ARG E 482 10.81 32.28 66.08
N PRO E 483 12.11 32.46 66.36
CA PRO E 483 13.08 31.40 66.02
C PRO E 483 12.94 30.16 66.88
N THR E 484 12.30 30.24 68.03
CA THR E 484 12.12 29.10 68.92
C THR E 484 10.89 28.27 68.57
N TYR E 485 10.12 28.66 67.56
CA TYR E 485 8.96 27.90 67.16
C TYR E 485 9.37 26.59 66.48
N GLY E 486 8.49 25.60 66.57
CA GLY E 486 8.79 24.27 66.05
C GLY E 486 8.63 24.19 64.54
N VAL E 487 8.77 22.96 64.05
CA VAL E 487 8.65 22.70 62.62
C VAL E 487 7.21 22.90 62.18
N GLY E 488 7.02 23.67 61.11
CA GLY E 488 5.71 24.01 60.63
C GLY E 488 5.21 25.37 61.07
N HIS E 489 5.79 25.94 62.12
CA HIS E 489 5.43 27.27 62.57
C HIS E 489 6.47 28.32 62.19
N GLN E 490 7.66 27.90 61.74
CA GLN E 490 8.69 28.84 61.35
C GLN E 490 8.34 29.49 60.02
N PRO E 491 8.85 30.69 59.76
CA PRO E 491 8.67 31.31 58.44
C PRO E 491 9.43 30.53 57.37
N TYR E 492 8.71 30.10 56.35
CA TYR E 492 9.28 29.33 55.24
C TYR E 492 9.09 30.10 53.95
N ARG E 493 10.20 30.40 53.27
CA ARG E 493 10.13 31.04 51.97
C ARG E 493 9.69 30.02 50.93
N VAL E 494 8.68 30.39 50.13
CA VAL E 494 8.02 29.46 49.23
C VAL E 494 7.99 30.07 47.83
N VAL E 495 8.45 29.30 46.84
CA VAL E 495 8.42 29.69 45.44
C VAL E 495 7.68 28.62 44.65
N VAL E 496 6.81 29.05 43.75
CA VAL E 496 5.98 28.14 42.96
C VAL E 496 6.10 28.54 41.48
N LEU E 497 6.03 27.55 40.60
CA LEU E 497 6.15 27.73 39.17
C LEU E 497 4.87 27.29 38.48
N SER E 498 4.55 27.97 37.38
CA SER E 498 3.38 27.64 36.55
C SER E 498 3.82 27.75 35.09
N PHE E 499 4.11 26.60 34.48
CA PHE E 499 4.69 26.59 33.14
C PHE E 499 3.67 27.04 32.08
N GLU E 500 2.46 26.47 32.12
CA GLU E 500 1.31 26.90 31.32
C GLU E 500 1.60 26.83 29.82
N LEU E 501 1.80 25.59 29.35
CA LEU E 501 2.13 25.33 27.95
C LEU E 501 0.90 25.53 27.07
N LEU E 502 0.56 26.80 26.83
CA LEU E 502 -0.59 27.16 26.01
C LEU E 502 -0.33 28.50 25.35
N HIS E 503 -1.25 28.87 24.44
CA HIS E 503 -1.35 30.19 23.83
C HIS E 503 -0.10 30.55 23.02
N ALA E 504 0.84 31.27 23.63
CA ALA E 504 1.99 31.87 22.97
C ALA E 504 2.99 30.82 22.51
N PRO E 505 3.81 31.15 21.51
CA PRO E 505 4.94 30.28 21.18
C PRO E 505 5.94 30.19 22.33
N ALA E 506 6.61 29.04 22.43
CA ALA E 506 7.52 28.79 23.53
C ALA E 506 8.73 29.72 23.47
N THR E 507 9.09 30.27 24.63
CA THR E 507 10.18 31.23 24.71
C THR E 507 11.32 30.82 25.63
N VAL E 508 11.03 30.18 26.76
CA VAL E 508 12.03 29.91 27.79
C VAL E 508 12.37 28.42 27.82
N CYS E 509 13.62 28.11 27.44
CA CYS E 509 14.27 26.80 27.54
C CYS E 509 15.72 26.89 27.09
N GLY E 510 16.52 25.88 27.44
CA GLY E 510 17.82 25.72 26.84
C GLY E 510 18.48 24.41 27.22
N PRO E 511 18.91 23.64 26.20
CA PRO E 511 19.71 22.44 26.48
C PRO E 511 21.13 22.78 26.92
N LYS E 512 21.80 23.62 26.13
CA LYS E 512 23.18 24.05 26.33
C LYS E 512 24.14 22.87 26.44
N LYS E 513 24.29 22.12 25.35
CA LYS E 513 25.27 21.05 25.30
C LYS E 513 26.39 21.49 24.36
N SER E 514 27.49 20.74 24.37
CA SER E 514 28.66 21.08 23.57
C SER E 514 29.40 19.80 23.19
N THR E 515 30.20 19.89 22.14
CA THR E 515 30.93 18.76 21.60
C THR E 515 32.30 19.32 21.16
N ASN E 516 33.08 18.56 20.41
CA ASN E 516 34.45 18.89 20.03
C ASN E 516 34.50 19.21 18.54
N LEU E 517 35.72 19.35 18.00
CA LEU E 517 35.94 19.66 16.59
C LEU E 517 37.03 18.75 16.03
N VAL E 518 36.62 17.75 15.25
CA VAL E 518 37.54 16.81 14.60
C VAL E 518 37.27 16.89 13.10
N LYS E 519 38.14 17.61 12.38
CA LYS E 519 37.95 17.84 10.95
C LYS E 519 38.13 16.56 10.15
N ASN E 520 37.28 16.38 9.14
CA ASN E 520 37.42 15.35 8.10
C ASN E 520 37.44 13.94 8.68
N LYS E 521 36.34 13.58 9.33
CA LYS E 521 36.14 12.23 9.84
C LYS E 521 34.72 11.80 9.55
N CYS E 522 34.53 10.50 9.27
CA CYS E 522 33.20 9.98 8.97
C CYS E 522 32.39 9.76 10.22
N VAL E 523 32.15 10.84 10.97
CA VAL E 523 31.38 10.81 12.21
C VAL E 523 30.36 11.94 12.14
N ASN E 524 29.57 12.07 13.21
CA ASN E 524 28.47 13.02 13.21
C ASN E 524 28.43 13.89 14.46
N PHE E 525 29.54 14.12 15.17
CA PHE E 525 29.46 14.83 16.48
C PHE E 525 29.05 16.26 16.22
N ASN E 526 27.86 16.67 16.66
CA ASN E 526 27.51 18.04 16.23
C ASN E 526 26.79 18.90 17.29
N PHE E 527 27.44 19.23 18.40
CA PHE E 527 26.80 20.16 19.35
C PHE E 527 25.41 19.63 19.68
N ASN E 528 25.22 18.30 19.73
CA ASN E 528 23.91 17.74 20.13
C ASN E 528 22.79 18.47 19.38
N GLY E 529 22.70 18.40 18.04
CA GLY E 529 21.75 19.27 17.33
C GLY E 529 20.63 18.72 16.46
N LEU E 530 20.19 19.53 15.48
CA LEU E 530 19.08 19.18 14.54
C LEU E 530 19.47 18.06 13.57
N LYS E 531 18.54 17.20 13.16
CA LYS E 531 18.84 15.99 12.36
C LYS E 531 19.75 16.21 11.14
N GLY E 532 20.44 15.14 10.73
CA GLY E 532 21.32 15.25 9.57
C GLY E 532 22.71 14.70 9.82
N THR E 533 23.16 13.77 8.98
CA THR E 533 24.45 13.11 9.13
C THR E 533 25.36 13.46 7.95
N GLY E 534 26.53 12.84 7.94
CA GLY E 534 27.51 13.05 6.90
C GLY E 534 28.90 13.16 7.50
N VAL E 535 29.76 13.94 6.83
CA VAL E 535 31.07 14.29 7.36
C VAL E 535 31.17 15.80 7.42
N LEU E 536 32.14 16.29 8.19
CA LEU E 536 32.30 17.72 8.42
C LEU E 536 33.68 18.16 7.95
N THR E 537 33.71 19.13 7.05
CA THR E 537 34.97 19.66 6.52
C THR E 537 35.01 21.17 6.62
N GLU E 538 36.01 21.79 5.99
CA GLU E 538 36.17 23.24 5.97
C GLU E 538 35.75 23.78 4.61
N SER E 539 34.84 24.76 4.62
CA SER E 539 34.33 25.38 3.41
C SER E 539 34.58 26.87 3.45
N ASN E 540 34.95 27.44 2.32
CA ASN E 540 35.35 28.84 2.23
C ASN E 540 34.27 29.76 1.68
N LYS E 541 33.03 29.29 1.58
CA LYS E 541 31.95 30.14 1.09
C LYS E 541 31.58 31.18 2.14
N LYS E 542 31.01 32.28 1.67
CA LYS E 542 30.75 33.46 2.49
C LYS E 542 29.26 33.58 2.79
N PHE E 543 28.94 33.92 4.03
CA PHE E 543 27.58 34.15 4.48
C PHE E 543 27.43 35.61 4.93
N LEU E 544 26.23 36.15 4.76
CA LEU E 544 25.79 37.37 5.43
C LEU E 544 25.52 37.03 6.90
N PRO E 545 25.52 38.05 7.81
CA PRO E 545 25.39 37.76 9.24
C PRO E 545 24.13 37.00 9.66
N PHE E 546 23.03 37.16 8.93
CA PHE E 546 21.79 36.47 9.27
C PHE E 546 21.60 35.15 8.54
N GLN E 547 22.61 34.71 7.79
CA GLN E 547 22.51 33.43 7.08
C GLN E 547 22.77 32.28 8.04
N GLN E 548 22.06 31.17 7.85
CA GLN E 548 22.28 29.99 8.69
C GLN E 548 22.71 28.77 7.89
N PHE E 549 21.94 28.34 6.89
CA PHE E 549 22.16 27.05 6.25
C PHE E 549 22.56 27.24 4.79
N GLY E 550 22.67 26.12 4.08
CA GLY E 550 22.94 26.13 2.66
C GLY E 550 22.09 25.10 1.95
N ARG E 551 21.92 25.30 0.65
CA ARG E 551 21.11 24.41 -0.18
C ARG E 551 21.78 24.25 -1.54
N ASP E 552 21.08 23.57 -2.44
CA ASP E 552 21.56 23.33 -3.80
C ASP E 552 20.34 23.26 -4.72
N ILE E 553 20.55 22.73 -5.93
CA ILE E 553 19.46 22.53 -6.87
C ILE E 553 18.45 21.53 -6.34
N ALA E 554 18.95 20.42 -5.79
CA ALA E 554 18.08 19.34 -5.33
C ALA E 554 17.50 19.57 -3.94
N ASP E 555 17.71 20.76 -3.37
CA ASP E 555 17.23 21.14 -2.04
C ASP E 555 17.75 20.17 -0.97
N THR E 556 19.06 20.09 -0.88
CA THR E 556 19.74 19.25 0.10
C THR E 556 20.63 20.12 0.97
N THR E 557 20.76 19.73 2.24
CA THR E 557 21.60 20.47 3.17
C THR E 557 23.07 20.32 2.79
N ASP E 558 23.70 21.45 2.47
CA ASP E 558 25.05 21.44 1.94
C ASP E 558 26.08 22.15 2.80
N ALA E 559 25.72 23.24 3.46
CA ALA E 559 26.68 23.96 4.29
C ALA E 559 25.96 24.45 5.54
N VAL E 560 26.50 24.11 6.71
CA VAL E 560 25.91 24.46 8.00
C VAL E 560 26.87 25.40 8.70
N ARG E 561 26.36 26.56 9.12
CA ARG E 561 27.17 27.50 9.89
C ARG E 561 27.47 26.91 11.26
N ASP E 562 28.76 26.95 11.57
CA ASP E 562 29.26 26.41 12.85
C ASP E 562 28.46 27.09 13.93
N PRO E 563 27.83 26.34 14.82
CA PRO E 563 27.00 26.99 15.77
C PRO E 563 27.79 27.97 16.65
N GLN E 564 28.96 27.58 17.13
CA GLN E 564 29.70 28.42 18.11
C GLN E 564 30.47 29.49 17.38
N THR E 565 31.66 29.15 16.89
CA THR E 565 32.35 30.14 16.07
C THR E 565 31.58 30.39 14.80
N LEU E 566 32.01 31.40 14.05
CA LEU E 566 31.35 31.78 12.81
C LEU E 566 31.95 31.07 11.60
N GLU E 567 32.58 29.92 11.79
CA GLU E 567 33.14 29.16 10.69
C GLU E 567 32.03 28.55 9.85
N ILE E 568 32.30 28.35 8.57
CA ILE E 568 31.35 27.76 7.65
C ILE E 568 31.79 26.34 7.34
N LEU E 569 30.98 25.37 7.74
CA LEU E 569 31.31 23.96 7.58
C LEU E 569 30.82 23.48 6.21
N ASP E 570 30.94 22.18 5.97
CA ASP E 570 30.49 21.59 4.72
C ASP E 570 30.11 20.14 4.99
N ILE E 571 29.08 19.66 4.29
CA ILE E 571 28.60 18.30 4.45
C ILE E 571 28.55 17.64 3.09
N THR E 572 29.27 16.54 2.93
CA THR E 572 29.21 15.69 1.75
C THR E 572 28.90 14.27 2.19
N PRO E 573 28.13 13.52 1.40
CA PRO E 573 27.69 12.19 1.85
C PRO E 573 28.83 11.20 1.97
N CYS E 574 28.62 10.21 2.83
CA CYS E 574 29.61 9.16 3.05
C CYS E 574 29.71 8.25 1.82
N SER E 575 30.79 7.47 1.82
CA SER E 575 31.08 6.58 0.67
C SER E 575 29.99 5.54 0.50
N PHE E 576 29.69 5.23 -0.74
CA PHE E 576 28.75 4.15 -1.03
C PHE E 576 28.97 3.70 -2.47
N GLY E 577 28.51 2.50 -2.77
CA GLY E 577 28.65 1.98 -4.11
C GLY E 577 28.19 0.55 -4.20
N GLY E 578 28.39 -0.02 -5.39
CA GLY E 578 28.05 -1.40 -5.65
C GLY E 578 29.27 -2.31 -5.56
N VAL E 579 28.99 -3.61 -5.61
CA VAL E 579 30.02 -4.64 -5.57
C VAL E 579 29.75 -5.62 -6.70
N SER E 580 30.75 -5.84 -7.55
CA SER E 580 30.62 -6.75 -8.68
C SER E 580 31.78 -7.73 -8.65
N VAL E 581 31.48 -9.02 -8.77
CA VAL E 581 32.50 -10.06 -8.80
C VAL E 581 33.00 -10.23 -10.23
N ILE E 582 34.26 -10.62 -10.36
CA ILE E 582 34.87 -10.88 -11.66
C ILE E 582 35.39 -12.31 -11.61
N THR E 583 34.64 -13.23 -12.18
CA THR E 583 34.97 -14.64 -12.04
C THR E 583 34.99 -15.34 -13.39
N PRO E 584 35.79 -16.39 -13.52
CA PRO E 584 35.57 -17.35 -14.62
C PRO E 584 34.45 -18.31 -14.24
N GLY E 585 34.23 -19.34 -15.05
CA GLY E 585 33.16 -20.27 -14.79
C GLY E 585 33.42 -21.12 -13.55
N THR E 586 32.35 -21.82 -13.13
CA THR E 586 32.48 -22.72 -11.99
C THR E 586 33.40 -23.89 -12.30
N ASN E 587 33.32 -24.41 -13.53
CA ASN E 587 34.16 -25.54 -13.92
C ASN E 587 35.62 -25.16 -14.03
N THR E 588 35.92 -23.93 -14.47
CA THR E 588 37.31 -23.55 -14.70
C THR E 588 38.07 -23.38 -13.40
N SER E 589 37.52 -22.65 -12.44
CA SER E 589 38.21 -22.37 -11.19
C SER E 589 37.19 -21.90 -10.16
N ASN E 590 37.70 -21.50 -8.99
CA ASN E 590 36.87 -20.94 -7.92
C ASN E 590 37.38 -19.60 -7.42
N GLN E 591 38.49 -19.09 -7.96
CA GLN E 591 39.01 -17.80 -7.53
C GLN E 591 38.14 -16.68 -8.08
N VAL E 592 37.90 -15.67 -7.24
CA VAL E 592 37.07 -14.53 -7.62
C VAL E 592 37.83 -13.24 -7.34
N ALA E 593 37.41 -12.19 -8.04
CA ALA E 593 37.96 -10.84 -7.87
C ALA E 593 36.81 -9.89 -7.66
N VAL E 594 36.89 -9.06 -6.62
CA VAL E 594 35.79 -8.19 -6.23
C VAL E 594 36.11 -6.76 -6.68
N LEU E 595 35.16 -6.14 -7.37
CA LEU E 595 35.28 -4.76 -7.84
C LEU E 595 34.36 -3.87 -7.03
N TYR E 596 34.89 -2.74 -6.57
CA TYR E 596 34.11 -1.71 -5.89
C TYR E 596 33.85 -0.58 -6.86
N GLN E 597 32.58 -0.29 -7.14
CA GLN E 597 32.20 0.60 -8.22
C GLN E 597 32.38 2.05 -7.78
N GLY E 598 33.41 2.71 -8.31
CA GLY E 598 33.57 4.14 -8.18
C GLY E 598 33.76 4.69 -6.78
N VAL E 599 34.66 4.09 -6.01
CA VAL E 599 34.96 4.57 -4.68
C VAL E 599 36.48 4.67 -4.56
N ASN E 600 36.93 5.56 -3.67
CA ASN E 600 38.37 5.72 -3.43
C ASN E 600 38.92 4.45 -2.80
N CYS E 601 40.12 4.07 -3.23
CA CYS E 601 40.71 2.81 -2.79
C CYS E 601 41.57 2.98 -1.54
N THR E 602 41.85 4.20 -1.12
CA THR E 602 42.63 4.43 0.10
C THR E 602 41.78 4.36 1.37
N GLU E 603 40.46 4.28 1.25
CA GLU E 603 39.60 4.18 2.41
C GLU E 603 39.08 2.77 2.65
N VAL E 604 39.06 1.92 1.60
CA VAL E 604 38.60 0.55 1.79
C VAL E 604 39.43 -0.29 2.77
N PRO E 605 40.78 -0.23 2.81
CA PRO E 605 41.45 -1.09 3.80
C PRO E 605 41.38 -0.55 5.23
N VAL E 606 40.85 0.65 5.42
CA VAL E 606 40.70 1.27 6.73
C VAL E 606 39.29 1.10 7.27
N ALA E 607 38.29 1.31 6.42
CA ALA E 607 36.89 1.24 6.86
C ALA E 607 36.43 -0.17 7.18
N ILE E 608 37.18 -1.19 6.76
CA ILE E 608 36.87 -2.56 7.14
C ILE E 608 37.14 -2.77 8.62
N HIS E 609 36.19 -3.41 9.30
CA HIS E 609 36.30 -3.68 10.73
C HIS E 609 35.32 -4.80 11.07
N ALA E 610 35.52 -5.40 12.24
CA ALA E 610 34.63 -6.45 12.70
C ALA E 610 33.30 -5.85 13.13
N ASP E 611 32.22 -6.32 12.49
CA ASP E 611 30.84 -5.88 12.77
C ASP E 611 30.68 -4.37 12.61
N GLN E 612 31.26 -3.81 11.55
CA GLN E 612 31.09 -2.39 11.25
C GLN E 612 30.63 -2.19 9.82
N LEU E 613 31.29 -2.85 8.83
CA LEU E 613 30.97 -2.71 7.37
C LEU E 613 30.00 -3.81 6.95
N THR E 614 28.89 -3.46 6.28
CA THR E 614 27.83 -4.47 6.03
C THR E 614 28.39 -5.75 5.38
N PRO E 615 29.10 -5.75 4.21
CA PRO E 615 29.72 -6.97 3.69
C PRO E 615 30.60 -7.65 4.73
N THR E 616 30.63 -8.99 4.67
CA THR E 616 31.26 -9.78 5.70
C THR E 616 32.67 -10.24 5.33
N TRP E 617 32.98 -10.33 4.05
CA TRP E 617 34.29 -10.81 3.62
C TRP E 617 35.36 -9.75 3.88
N ARG E 618 36.44 -10.17 4.52
CA ARG E 618 37.54 -9.28 4.87
C ARG E 618 38.91 -9.88 4.59
N VAL E 619 39.01 -11.19 4.35
CA VAL E 619 40.30 -11.81 4.06
C VAL E 619 40.80 -11.38 2.68
N TYR E 620 39.90 -11.13 1.74
CA TYR E 620 40.31 -10.68 0.41
C TYR E 620 40.87 -9.26 0.45
N SER E 621 40.30 -8.41 1.31
CA SER E 621 40.75 -7.03 1.44
C SER E 621 42.19 -6.96 1.93
N THR E 622 42.54 -7.81 2.89
CA THR E 622 43.94 -8.02 3.26
C THR E 622 44.55 -9.17 2.49
N GLY E 623 44.40 -9.13 1.16
CA GLY E 623 44.81 -10.23 0.30
C GLY E 623 45.83 -9.85 -0.75
N SER E 624 45.44 -9.96 -2.01
CA SER E 624 46.35 -9.74 -3.13
C SER E 624 46.48 -8.24 -3.43
N ASN E 625 47.09 -7.92 -4.56
CA ASN E 625 47.32 -6.53 -4.94
C ASN E 625 46.02 -5.83 -5.31
N VAL E 626 46.08 -4.51 -5.29
CA VAL E 626 44.97 -3.66 -5.71
C VAL E 626 45.41 -2.89 -6.95
N PHE E 627 44.45 -2.37 -7.69
CA PHE E 627 44.71 -1.64 -8.93
C PHE E 627 43.65 -0.55 -9.06
N GLN E 628 44.04 0.69 -8.80
CA GLN E 628 43.10 1.80 -8.83
C GLN E 628 42.73 2.14 -10.26
N THR E 629 41.50 1.83 -10.64
CA THR E 629 40.99 2.10 -11.97
C THR E 629 40.26 3.44 -11.97
N ARG E 630 39.62 3.77 -13.09
CA ARG E 630 38.76 4.94 -13.14
C ARG E 630 37.34 4.65 -12.69
N ALA E 631 37.01 3.38 -12.45
CA ALA E 631 35.69 2.98 -11.95
C ALA E 631 35.75 2.41 -10.55
N GLY E 632 36.79 2.74 -9.79
CA GLY E 632 37.03 2.14 -8.50
C GLY E 632 37.98 0.97 -8.59
N CYS E 633 38.68 0.72 -7.49
CA CYS E 633 39.75 -0.28 -7.49
C CYS E 633 39.18 -1.68 -7.27
N LEU E 634 39.70 -2.64 -8.00
CA LEU E 634 39.31 -4.04 -7.89
C LEU E 634 40.38 -4.82 -7.14
N ILE E 635 39.93 -5.75 -6.32
CA ILE E 635 40.81 -6.49 -5.41
C ILE E 635 40.87 -7.93 -5.90
N GLY E 636 42.08 -8.41 -6.17
CA GLY E 636 42.27 -9.80 -6.55
C GLY E 636 42.91 -9.99 -7.91
N ALA E 637 43.50 -8.95 -8.47
CA ALA E 637 44.16 -9.07 -9.75
C ALA E 637 45.30 -8.06 -9.84
N GLU E 638 46.27 -8.38 -10.70
CA GLU E 638 47.43 -7.52 -10.92
C GLU E 638 47.39 -6.98 -12.33
N TYR E 639 47.78 -5.71 -12.49
CA TYR E 639 47.68 -5.03 -13.78
C TYR E 639 48.96 -5.27 -14.57
N VAL E 640 48.88 -6.14 -15.58
CA VAL E 640 49.99 -6.34 -16.49
C VAL E 640 50.00 -5.25 -17.55
N ASN E 641 51.14 -5.09 -18.22
CA ASN E 641 51.34 -4.03 -19.20
C ASN E 641 51.56 -4.59 -20.60
N ASN E 642 50.78 -5.59 -20.99
CA ASN E 642 50.67 -6.03 -22.37
C ASN E 642 49.20 -6.18 -22.71
N SER E 643 48.85 -5.95 -23.97
CA SER E 643 47.47 -5.83 -24.39
C SER E 643 47.04 -7.06 -25.18
N TYR E 644 45.92 -7.66 -24.77
CA TYR E 644 45.27 -8.73 -25.51
C TYR E 644 43.86 -8.30 -25.86
N GLU E 645 43.25 -9.01 -26.82
CA GLU E 645 41.83 -8.84 -27.07
C GLU E 645 41.05 -9.39 -25.88
N CYS E 646 40.27 -8.54 -25.23
CA CYS E 646 39.77 -8.85 -23.91
C CYS E 646 38.42 -9.56 -23.95
N ASP E 647 38.17 -10.35 -22.91
CA ASP E 647 36.99 -11.21 -22.82
C ASP E 647 35.88 -10.59 -21.98
N ILE E 648 36.16 -10.33 -20.71
CA ILE E 648 35.18 -9.77 -19.78
C ILE E 648 35.43 -8.27 -19.67
N PRO E 649 34.39 -7.44 -19.69
CA PRO E 649 34.61 -5.99 -19.57
C PRO E 649 34.70 -5.55 -18.13
N ILE E 650 35.44 -4.46 -17.91
CA ILE E 650 35.58 -3.89 -16.58
C ILE E 650 35.09 -2.45 -16.61
N GLY E 651 35.70 -1.61 -17.44
CA GLY E 651 35.32 -0.22 -17.54
C GLY E 651 36.50 0.68 -17.82
N ALA E 652 36.26 1.72 -18.62
CA ALA E 652 37.24 2.74 -18.97
C ALA E 652 38.51 2.15 -19.61
N GLY E 653 38.34 1.13 -20.45
CA GLY E 653 39.43 0.52 -21.16
C GLY E 653 40.03 -0.72 -20.52
N ILE E 654 39.76 -0.94 -19.24
CA ILE E 654 40.29 -2.10 -18.54
C ILE E 654 39.47 -3.33 -18.88
N CYS E 655 40.14 -4.47 -19.00
CA CYS E 655 39.46 -5.75 -19.19
C CYS E 655 40.21 -6.81 -18.39
N ALA E 656 39.46 -7.63 -17.66
CA ALA E 656 40.06 -8.75 -16.93
C ALA E 656 40.10 -9.99 -17.82
N SER E 657 40.64 -11.07 -17.28
CA SER E 657 40.74 -12.35 -18.00
C SER E 657 41.08 -13.44 -16.99
N TYR E 658 41.37 -14.63 -17.53
CA TYR E 658 41.88 -15.76 -16.76
C TYR E 658 43.02 -16.37 -17.56
N GLN E 659 44.23 -16.31 -17.00
CA GLN E 659 45.43 -16.59 -17.77
C GLN E 659 46.41 -17.36 -16.91
N THR E 660 47.26 -18.15 -17.56
CA THR E 660 48.34 -18.87 -16.90
C THR E 660 49.35 -17.92 -16.26
N SER E 673 50.40 -19.93 -10.56
CA SER E 673 49.99 -20.55 -11.82
C SER E 673 48.90 -19.73 -12.49
N GLN E 674 47.65 -20.09 -12.24
CA GLN E 674 46.50 -19.42 -12.83
C GLN E 674 45.88 -18.47 -11.82
N SER E 675 45.74 -17.20 -12.21
CA SER E 675 45.15 -16.19 -11.34
C SER E 675 44.48 -15.15 -12.22
N ILE E 676 43.58 -14.38 -11.61
CA ILE E 676 42.86 -13.32 -12.30
C ILE E 676 43.82 -12.17 -12.57
N ILE E 677 43.81 -11.67 -13.80
CA ILE E 677 44.62 -10.53 -14.18
C ILE E 677 43.74 -9.51 -14.90
N ALA E 678 44.21 -8.26 -14.92
CA ALA E 678 43.53 -7.18 -15.63
C ALA E 678 44.55 -6.43 -16.47
N TYR E 679 44.11 -5.88 -17.59
CA TYR E 679 45.02 -5.21 -18.52
C TYR E 679 44.26 -4.13 -19.28
N THR E 680 44.86 -3.67 -20.37
CA THR E 680 44.25 -2.70 -21.27
C THR E 680 43.89 -3.41 -22.57
N MET E 681 42.65 -3.26 -23.01
CA MET E 681 42.19 -3.93 -24.21
C MET E 681 42.89 -3.37 -25.44
N SER E 682 43.10 -4.24 -26.42
CA SER E 682 43.81 -3.90 -27.65
C SER E 682 42.80 -3.74 -28.78
N LEU E 683 42.85 -2.60 -29.47
CA LEU E 683 41.91 -2.35 -30.54
C LEU E 683 42.21 -3.17 -31.79
N GLY E 684 43.42 -3.67 -31.93
CA GLY E 684 43.78 -4.48 -33.07
C GLY E 684 45.27 -4.38 -33.36
N ALA E 685 45.66 -4.96 -34.47
CA ALA E 685 47.05 -4.97 -34.92
C ALA E 685 47.26 -3.82 -35.89
N GLU E 686 48.29 -3.01 -35.64
CA GLU E 686 48.58 -1.88 -36.51
C GLU E 686 49.10 -2.36 -37.86
N ASN E 687 48.59 -1.76 -38.93
CA ASN E 687 48.97 -2.15 -40.29
C ASN E 687 49.05 -0.87 -41.12
N SER E 688 50.25 -0.32 -41.22
CA SER E 688 50.47 0.86 -42.04
C SER E 688 50.43 0.50 -43.52
N VAL E 689 49.85 1.40 -44.32
CA VAL E 689 49.71 1.21 -45.75
C VAL E 689 50.65 2.18 -46.46
N ALA E 690 51.51 1.65 -47.33
CA ALA E 690 52.49 2.45 -48.04
C ALA E 690 51.79 3.22 -49.15
N TYR E 691 51.39 4.44 -48.84
CA TYR E 691 50.78 5.30 -49.86
C TYR E 691 51.85 5.80 -50.83
N SER E 692 51.51 5.80 -52.11
CA SER E 692 52.41 6.32 -53.13
C SER E 692 51.56 6.77 -54.31
N ASN E 693 51.89 7.94 -54.85
CA ASN E 693 51.08 8.53 -55.91
C ASN E 693 51.32 7.92 -57.28
N ASN E 694 52.15 6.89 -57.39
CA ASN E 694 52.35 6.22 -58.66
C ASN E 694 52.42 4.70 -58.49
N SER E 695 51.69 4.15 -57.53
CA SER E 695 51.71 2.71 -57.29
C SER E 695 50.33 2.21 -56.91
N ILE E 696 49.92 1.09 -57.49
CA ILE E 696 48.64 0.47 -57.20
C ILE E 696 48.87 -1.03 -57.04
N ALA E 697 48.00 -1.67 -56.27
CA ALA E 697 48.06 -3.10 -56.01
C ALA E 697 46.82 -3.77 -56.59
N ILE E 698 47.01 -4.78 -57.41
CA ILE E 698 45.94 -5.54 -58.04
C ILE E 698 45.99 -6.97 -57.50
N PRO E 699 44.92 -7.46 -56.87
CA PRO E 699 44.91 -8.85 -56.42
C PRO E 699 44.89 -9.82 -57.58
N THR E 700 45.49 -11.00 -57.38
CA THR E 700 45.66 -12.00 -58.42
C THR E 700 44.91 -13.30 -58.16
N ASN E 701 44.14 -13.37 -57.07
CA ASN E 701 43.46 -14.60 -56.69
C ASN E 701 42.32 -14.23 -55.75
N PHE E 702 41.48 -15.21 -55.44
CA PHE E 702 40.30 -14.95 -54.64
C PHE E 702 39.92 -16.19 -53.84
N THR E 703 39.09 -15.98 -52.82
CA THR E 703 38.50 -17.06 -52.05
C THR E 703 37.00 -16.78 -51.91
N ILE E 704 36.25 -17.85 -51.66
CA ILE E 704 34.80 -17.75 -51.49
C ILE E 704 34.47 -18.19 -50.06
N SER E 705 33.81 -17.31 -49.32
CA SER E 705 33.50 -17.53 -47.91
C SER E 705 32.01 -17.74 -47.72
N VAL E 706 31.64 -18.30 -46.57
CA VAL E 706 30.25 -18.46 -46.17
C VAL E 706 30.13 -17.95 -44.75
N THR E 707 29.34 -16.88 -44.56
CA THR E 707 29.10 -16.31 -43.26
C THR E 707 27.61 -16.36 -42.94
N THR E 708 27.27 -16.76 -41.72
CA THR E 708 25.90 -16.93 -41.31
C THR E 708 25.55 -15.95 -40.20
N GLU E 709 24.39 -15.31 -40.32
CA GLU E 709 23.84 -14.49 -39.25
C GLU E 709 22.45 -14.97 -38.90
N ILE E 710 22.08 -14.82 -37.63
CA ILE E 710 20.85 -15.37 -37.08
C ILE E 710 19.95 -14.22 -36.67
N LEU E 711 18.74 -14.19 -37.21
CA LEU E 711 17.80 -13.11 -36.94
C LEU E 711 16.52 -13.68 -36.34
N PRO E 712 16.04 -13.15 -35.23
CA PRO E 712 14.72 -13.54 -34.72
C PRO E 712 13.62 -13.04 -35.64
N VAL E 713 12.50 -13.76 -35.64
CA VAL E 713 11.36 -13.42 -36.48
C VAL E 713 10.13 -13.19 -35.62
N SER E 714 9.83 -14.12 -34.72
CA SER E 714 8.65 -14.02 -33.90
C SER E 714 8.92 -14.66 -32.55
N MET E 715 8.13 -14.27 -31.55
CA MET E 715 8.21 -14.84 -30.23
C MET E 715 6.90 -15.54 -29.90
N THR E 716 6.86 -16.22 -28.76
CA THR E 716 5.72 -17.05 -28.41
C THR E 716 4.52 -16.20 -28.00
N LYS E 717 3.34 -16.64 -28.40
CA LYS E 717 2.11 -15.95 -28.03
C LYS E 717 1.79 -16.19 -26.56
N THR E 718 0.91 -15.35 -26.02
CA THR E 718 0.47 -15.47 -24.63
C THR E 718 -0.88 -14.79 -24.49
N SER E 719 -1.83 -15.52 -23.89
CA SER E 719 -3.14 -14.96 -23.58
C SER E 719 -3.41 -15.13 -22.10
N VAL E 720 -3.85 -14.05 -21.46
CA VAL E 720 -4.06 -14.01 -20.02
C VAL E 720 -5.53 -13.69 -19.75
N ASP E 721 -6.15 -14.49 -18.88
CA ASP E 721 -7.54 -14.30 -18.48
C ASP E 721 -7.63 -13.32 -17.32
N CYS E 722 -8.83 -12.77 -17.14
CA CYS E 722 -9.02 -11.69 -16.16
C CYS E 722 -9.07 -12.24 -14.74
N THR E 723 -10.05 -13.09 -14.46
CA THR E 723 -10.41 -13.36 -13.08
C THR E 723 -9.64 -14.53 -12.47
N MET E 724 -9.19 -15.48 -13.28
CA MET E 724 -8.53 -16.69 -12.72
C MET E 724 -7.13 -16.35 -12.18
N TYR E 725 -6.46 -15.38 -12.77
CA TYR E 725 -5.16 -14.99 -12.23
C TYR E 725 -5.29 -14.22 -10.92
N ILE E 726 -6.31 -13.36 -10.82
CA ILE E 726 -6.44 -12.48 -9.66
C ILE E 726 -7.26 -13.14 -8.57
N CYS E 727 -8.46 -13.60 -8.92
CA CYS E 727 -9.40 -14.15 -7.94
C CYS E 727 -9.85 -15.54 -8.34
N GLY E 728 -8.91 -16.42 -8.67
CA GLY E 728 -9.29 -17.75 -9.12
C GLY E 728 -9.89 -18.57 -8.00
N ASP E 729 -10.91 -19.36 -8.38
CA ASP E 729 -11.59 -20.31 -7.45
C ASP E 729 -12.39 -19.59 -6.38
N SER E 730 -12.79 -18.36 -6.62
CA SER E 730 -13.49 -17.55 -5.63
C SER E 730 -14.68 -16.87 -6.28
N THR E 731 -15.71 -16.61 -5.49
CA THR E 731 -16.93 -15.97 -5.96
C THR E 731 -17.08 -14.54 -5.48
N GLU E 732 -16.72 -14.26 -4.22
CA GLU E 732 -16.82 -12.90 -3.71
C GLU E 732 -15.77 -11.99 -4.34
N CYS E 733 -14.60 -12.54 -4.69
CA CYS E 733 -13.58 -11.73 -5.35
C CYS E 733 -13.94 -11.46 -6.81
N SER E 734 -14.85 -12.24 -7.39
CA SER E 734 -15.27 -11.96 -8.77
C SER E 734 -16.20 -10.75 -8.82
N ASN E 735 -16.91 -10.48 -7.73
CA ASN E 735 -17.80 -9.32 -7.70
C ASN E 735 -17.02 -8.03 -7.55
N LEU E 736 -15.92 -8.06 -6.79
CA LEU E 736 -15.11 -6.86 -6.61
C LEU E 736 -14.33 -6.52 -7.88
N LEU E 737 -14.03 -7.51 -8.70
CA LEU E 737 -13.43 -7.26 -10.00
C LEU E 737 -14.40 -6.58 -10.97
N LEU E 738 -15.71 -6.80 -10.77
CA LEU E 738 -16.69 -6.28 -11.71
C LEU E 738 -16.81 -4.76 -11.62
N GLN E 739 -16.68 -4.21 -10.40
CA GLN E 739 -16.83 -2.76 -10.24
C GLN E 739 -15.64 -1.98 -10.78
N TYR E 740 -14.52 -2.63 -11.08
CA TYR E 740 -13.42 -1.95 -11.76
C TYR E 740 -13.67 -1.92 -13.27
N GLY E 741 -14.42 -2.90 -13.78
CA GLY E 741 -14.90 -2.87 -15.13
C GLY E 741 -13.87 -3.10 -16.22
N SER E 742 -13.57 -2.05 -16.98
CA SER E 742 -12.76 -2.18 -18.18
C SER E 742 -11.27 -2.06 -17.93
N PHE E 743 -10.66 -2.44 -16.83
CA PHE E 743 -9.16 -2.36 -16.87
C PHE E 743 -8.71 -3.62 -17.59
N CYS E 744 -9.35 -4.69 -17.19
CA CYS E 744 -8.97 -6.00 -17.72
C CYS E 744 -9.36 -6.14 -19.18
N THR E 745 -10.44 -5.52 -19.63
CA THR E 745 -10.71 -5.64 -21.08
C THR E 745 -9.54 -5.02 -21.87
N GLN E 746 -9.02 -3.88 -21.45
CA GLN E 746 -7.87 -3.24 -22.12
C GLN E 746 -6.67 -4.18 -22.08
N LEU E 747 -6.38 -4.80 -20.92
CA LEU E 747 -5.18 -5.69 -20.95
C LEU E 747 -5.42 -6.84 -21.93
N LYS E 748 -6.60 -7.41 -21.93
CA LYS E 748 -6.77 -8.55 -22.85
C LYS E 748 -6.64 -8.10 -24.29
N ARG E 749 -7.20 -6.95 -24.65
CA ARG E 749 -6.99 -6.49 -26.04
C ARG E 749 -5.50 -6.25 -26.33
N ALA E 750 -4.73 -5.68 -25.43
CA ALA E 750 -3.30 -5.52 -25.74
C ALA E 750 -2.65 -6.87 -25.97
N LEU E 751 -2.93 -7.87 -25.12
CA LEU E 751 -2.20 -9.14 -25.38
C LEU E 751 -2.67 -9.76 -26.70
N THR E 752 -3.95 -9.64 -27.03
CA THR E 752 -4.42 -10.15 -28.33
C THR E 752 -3.75 -9.44 -29.48
N GLY E 753 -3.53 -8.15 -29.39
CA GLY E 753 -2.81 -7.40 -30.43
C GLY E 753 -1.36 -7.82 -30.55
N ILE E 754 -0.66 -8.05 -29.44
CA ILE E 754 0.74 -8.55 -29.59
C ILE E 754 0.66 -9.91 -30.27
N ALA E 755 -0.36 -10.74 -30.01
CA ALA E 755 -0.36 -12.03 -30.71
C ALA E 755 -0.64 -11.93 -32.20
N VAL E 756 -1.72 -11.32 -32.63
CA VAL E 756 -2.13 -11.32 -34.03
C VAL E 756 -0.94 -11.07 -34.95
N GLU E 757 -0.11 -10.08 -34.60
CA GLU E 757 0.99 -9.72 -35.50
C GLU E 757 2.15 -10.69 -35.43
N GLN E 758 2.15 -11.64 -34.50
CA GLN E 758 3.15 -12.70 -34.53
C GLN E 758 2.98 -13.58 -35.75
N ASP E 759 1.75 -13.72 -36.24
CA ASP E 759 1.49 -14.44 -37.47
C ASP E 759 1.65 -13.57 -38.71
N LYS E 760 1.69 -12.24 -38.54
CA LYS E 760 1.97 -11.37 -39.67
C LYS E 760 3.46 -11.37 -40.00
N ASN E 761 4.31 -11.46 -38.98
CA ASN E 761 5.76 -11.47 -39.21
C ASN E 761 6.20 -12.73 -39.92
N THR E 762 5.61 -13.87 -39.57
CA THR E 762 5.97 -15.12 -40.22
C THR E 762 5.45 -15.18 -41.64
N GLN E 763 4.32 -14.53 -41.91
CA GLN E 763 3.77 -14.51 -43.27
C GLN E 763 4.58 -13.58 -44.17
N GLU E 764 5.04 -12.45 -43.65
CA GLU E 764 5.75 -11.47 -44.48
C GLU E 764 7.12 -11.99 -44.89
N VAL E 765 7.77 -12.78 -44.04
CA VAL E 765 9.11 -13.24 -44.34
C VAL E 765 9.07 -14.41 -45.31
N PHE E 766 8.46 -15.52 -44.90
CA PHE E 766 8.51 -16.76 -45.65
C PHE E 766 7.58 -16.80 -46.86
N ALA E 767 6.42 -16.16 -46.80
CA ALA E 767 5.35 -16.38 -47.76
C ALA E 767 5.23 -15.27 -48.80
N GLN E 768 6.36 -14.76 -49.29
CA GLN E 768 6.33 -13.78 -50.36
C GLN E 768 6.29 -14.40 -51.74
N VAL E 769 6.28 -15.74 -51.84
CA VAL E 769 6.12 -16.44 -53.09
C VAL E 769 4.70 -17.00 -53.15
N LYS E 770 4.13 -17.06 -54.36
CA LYS E 770 2.73 -17.42 -54.51
C LYS E 770 2.51 -18.90 -54.81
N GLN E 771 3.43 -19.55 -55.53
CA GLN E 771 3.35 -20.99 -55.76
C GLN E 771 4.37 -21.69 -54.87
N ILE E 772 4.40 -23.01 -54.97
CA ILE E 772 5.41 -23.83 -54.30
C ILE E 772 6.12 -24.64 -55.36
N TYR E 773 7.44 -24.48 -55.44
CA TYR E 773 8.25 -25.16 -56.42
C TYR E 773 8.87 -26.42 -55.82
N LYS E 774 9.32 -27.32 -56.69
CA LYS E 774 9.96 -28.55 -56.25
C LYS E 774 11.21 -28.79 -57.10
N THR E 775 12.18 -29.47 -56.50
CA THR E 775 13.45 -29.70 -57.16
C THR E 775 13.34 -30.85 -58.15
N PRO E 776 14.13 -30.84 -59.22
CA PRO E 776 14.21 -31.99 -60.11
C PRO E 776 14.84 -33.19 -59.41
N PRO E 777 14.54 -34.41 -59.85
CA PRO E 777 15.15 -35.60 -59.21
C PRO E 777 16.66 -35.64 -59.29
N ILE E 778 17.25 -35.12 -60.36
CA ILE E 778 18.70 -35.17 -60.52
C ILE E 778 19.33 -33.98 -59.80
N LYS E 779 20.33 -34.26 -58.98
CA LYS E 779 20.98 -33.26 -58.14
C LYS E 779 22.35 -32.87 -58.69
N TYR E 780 22.52 -32.91 -60.01
CA TYR E 780 23.78 -32.52 -60.65
C TYR E 780 23.65 -31.08 -61.10
N PHE E 781 23.98 -30.15 -60.19
CA PHE E 781 23.86 -28.72 -60.47
C PHE E 781 25.24 -28.18 -60.86
N GLY E 782 25.75 -28.67 -61.99
CA GLY E 782 27.00 -28.18 -62.52
C GLY E 782 28.23 -28.71 -61.81
N GLY E 783 28.04 -29.61 -60.85
CA GLY E 783 29.14 -30.16 -60.10
C GLY E 783 29.21 -29.64 -58.68
N PHE E 784 28.07 -29.23 -58.13
CA PHE E 784 28.01 -28.68 -56.78
C PHE E 784 27.42 -29.69 -55.81
N ASN E 785 27.73 -29.49 -54.54
CA ASN E 785 27.23 -30.31 -53.43
C ASN E 785 26.17 -29.53 -52.65
N PHE E 786 24.94 -29.65 -53.12
CA PHE E 786 23.79 -28.98 -52.50
C PHE E 786 23.05 -29.85 -51.51
N SER E 787 23.53 -31.07 -51.24
CA SER E 787 22.77 -32.01 -50.41
C SER E 787 22.71 -31.59 -48.96
N GLN E 788 23.59 -30.69 -48.51
CA GLN E 788 23.58 -30.25 -47.12
C GLN E 788 22.41 -29.33 -46.82
N ILE E 789 21.92 -28.58 -47.80
CA ILE E 789 20.87 -27.60 -47.56
C ILE E 789 19.50 -28.04 -48.08
N LEU E 790 19.45 -28.94 -49.08
CA LEU E 790 18.16 -29.40 -49.59
C LEU E 790 17.57 -30.44 -48.65
N PRO E 791 16.23 -30.52 -48.57
CA PRO E 791 15.61 -31.53 -47.71
C PRO E 791 15.87 -32.94 -48.21
N ASP E 792 15.93 -33.88 -47.26
CA ASP E 792 16.17 -35.29 -47.56
C ASP E 792 14.90 -36.07 -47.30
N PRO E 793 14.34 -36.77 -48.30
CA PRO E 793 13.12 -37.55 -48.06
C PRO E 793 13.35 -38.78 -47.18
N SER E 794 14.60 -39.16 -46.91
CA SER E 794 14.86 -40.32 -46.07
C SER E 794 14.48 -40.07 -44.62
N LYS E 795 14.53 -38.82 -44.17
CA LYS E 795 14.14 -38.50 -42.81
C LYS E 795 12.62 -38.63 -42.64
N PRO E 796 12.15 -38.93 -41.43
CA PRO E 796 10.69 -38.94 -41.20
C PRO E 796 10.02 -37.60 -41.45
N SER E 797 10.71 -36.49 -41.17
CA SER E 797 10.23 -35.16 -41.50
C SER E 797 11.04 -34.62 -42.66
N LYS E 798 10.36 -33.97 -43.61
CA LYS E 798 11.06 -33.43 -44.77
C LYS E 798 11.86 -32.20 -44.35
N ARG E 799 13.05 -32.44 -43.79
CA ARG E 799 13.87 -31.40 -43.21
C ARG E 799 15.33 -31.69 -43.55
N SER E 800 16.10 -30.65 -43.84
CA SER E 800 17.44 -30.81 -44.37
C SER E 800 18.42 -31.19 -43.27
N PRO E 801 19.68 -31.39 -43.66
CA PRO E 801 20.70 -31.83 -42.72
C PRO E 801 21.11 -30.71 -41.78
N ILE E 802 21.35 -29.51 -42.30
CA ILE E 802 21.75 -28.39 -41.46
C ILE E 802 20.61 -27.98 -40.54
N GLU E 803 19.37 -28.05 -41.05
CA GLU E 803 18.20 -27.68 -40.25
C GLU E 803 18.01 -28.61 -39.05
N ASP E 804 18.52 -29.83 -39.12
CA ASP E 804 18.43 -30.75 -37.98
C ASP E 804 19.27 -30.28 -36.81
N LEU E 805 20.49 -29.81 -37.08
CA LEU E 805 21.37 -29.37 -36.00
C LEU E 805 20.89 -28.06 -35.39
N LEU E 806 20.22 -27.22 -36.18
CA LEU E 806 19.63 -26.00 -35.64
C LEU E 806 18.48 -26.32 -34.71
N PHE E 807 17.74 -27.41 -34.99
CA PHE E 807 16.60 -27.75 -34.16
C PHE E 807 17.05 -28.39 -32.85
N ASN E 808 18.21 -29.04 -32.84
CA ASN E 808 18.69 -29.70 -31.63
C ASN E 808 19.50 -28.77 -30.74
N LYS E 809 20.09 -27.72 -31.31
CA LYS E 809 20.90 -26.79 -30.52
C LYS E 809 20.02 -25.92 -29.63
N VAL E 810 18.91 -25.42 -30.16
CA VAL E 810 18.00 -24.60 -29.38
C VAL E 810 17.05 -25.51 -28.62
N THR E 811 17.03 -25.37 -27.30
CA THR E 811 16.20 -26.20 -26.43
C THR E 811 15.41 -25.29 -25.50
N LEU E 812 14.09 -25.51 -25.44
CA LEU E 812 13.22 -24.72 -24.58
C LEU E 812 13.24 -25.25 -23.16
N LEU E 833 7.18 -30.43 -16.67
CA LEU E 833 6.61 -29.33 -15.90
C LEU E 833 6.84 -27.99 -16.59
N ILE E 834 6.36 -27.89 -17.84
CA ILE E 834 6.47 -26.65 -18.59
C ILE E 834 5.13 -25.94 -18.75
N CYS E 835 4.01 -26.64 -18.53
CA CYS E 835 2.69 -26.03 -18.56
C CYS E 835 1.78 -26.46 -17.43
N ALA E 836 2.15 -27.48 -16.65
CA ALA E 836 1.33 -27.91 -15.53
C ALA E 836 1.32 -26.91 -14.39
N GLN E 837 2.32 -26.03 -14.32
CA GLN E 837 2.36 -24.96 -13.34
C GLN E 837 1.59 -23.73 -13.81
N LYS E 838 1.02 -23.77 -15.00
CA LYS E 838 0.29 -22.64 -15.60
C LYS E 838 -1.21 -22.82 -15.51
N PHE E 839 -1.70 -23.31 -14.37
CA PHE E 839 -3.14 -23.36 -14.12
C PHE E 839 -3.74 -21.99 -13.86
N LYS E 840 -2.92 -20.95 -13.75
CA LYS E 840 -3.38 -19.59 -13.48
C LYS E 840 -3.80 -18.85 -14.75
N GLY E 841 -4.13 -19.56 -15.82
CA GLY E 841 -4.65 -18.96 -17.02
C GLY E 841 -3.61 -18.46 -18.00
N LEU E 842 -2.33 -18.54 -17.66
CA LEU E 842 -1.27 -18.07 -18.54
C LEU E 842 -0.99 -19.16 -19.58
N THR E 843 -1.87 -19.25 -20.56
CA THR E 843 -1.76 -20.24 -21.61
C THR E 843 -0.86 -19.74 -22.73
N VAL E 844 -0.36 -20.69 -23.53
CA VAL E 844 0.51 -20.39 -24.66
C VAL E 844 -0.17 -20.95 -25.90
N LEU E 845 -0.74 -20.08 -26.72
CA LEU E 845 -1.43 -20.53 -27.92
C LEU E 845 -0.42 -21.01 -28.97
N PRO E 846 -0.76 -22.05 -29.72
CA PRO E 846 0.13 -22.52 -30.78
C PRO E 846 0.12 -21.57 -31.96
N PRO E 847 1.24 -21.44 -32.68
CA PRO E 847 1.26 -20.58 -33.86
C PRO E 847 0.43 -21.18 -34.99
N LEU E 848 -0.03 -20.30 -35.89
CA LEU E 848 -0.90 -20.74 -36.98
C LEU E 848 -0.15 -21.63 -37.96
N LEU E 849 1.04 -21.21 -38.38
CA LEU E 849 1.86 -22.04 -39.25
C LEU E 849 2.64 -23.04 -38.43
N THR E 850 2.58 -24.31 -38.83
CA THR E 850 3.32 -25.36 -38.14
C THR E 850 4.76 -25.39 -38.61
N ASP E 851 5.55 -26.25 -37.98
CA ASP E 851 6.96 -26.37 -38.34
C ASP E 851 7.19 -27.21 -39.58
N GLU E 852 6.14 -27.79 -40.16
CA GLU E 852 6.25 -28.47 -41.44
C GLU E 852 5.98 -27.52 -42.61
N MET E 853 4.96 -26.68 -42.50
CA MET E 853 4.67 -25.75 -43.59
C MET E 853 5.74 -24.67 -43.68
N ILE E 854 6.35 -24.31 -42.55
CA ILE E 854 7.50 -23.41 -42.57
C ILE E 854 8.65 -24.08 -43.30
N ALA E 855 8.86 -25.37 -43.04
CA ALA E 855 9.86 -26.14 -43.77
C ALA E 855 9.47 -26.40 -45.22
N GLN E 856 8.22 -26.12 -45.61
CA GLN E 856 7.82 -26.25 -47.00
C GLN E 856 8.08 -24.97 -47.78
N TYR E 857 7.90 -23.81 -47.13
CA TYR E 857 8.22 -22.54 -47.76
C TYR E 857 9.71 -22.42 -48.02
N THR E 858 10.53 -22.68 -47.01
CA THR E 858 11.97 -22.56 -47.18
C THR E 858 12.57 -23.66 -48.04
N SER E 859 11.80 -24.71 -48.35
CA SER E 859 12.21 -25.69 -49.35
C SER E 859 11.73 -25.32 -50.74
N ALA E 860 10.90 -24.28 -50.87
CA ALA E 860 10.46 -23.79 -52.17
C ALA E 860 11.27 -22.60 -52.64
N LEU E 861 11.81 -21.81 -51.72
CA LEU E 861 12.75 -20.75 -52.10
C LEU E 861 14.04 -21.35 -52.63
N LEU E 862 14.49 -22.46 -52.03
CA LEU E 862 15.69 -23.13 -52.50
C LEU E 862 15.49 -23.88 -53.81
N ALA E 863 14.24 -24.14 -54.19
CA ALA E 863 13.95 -24.81 -55.45
C ALA E 863 13.73 -23.85 -56.60
N GLY E 864 13.73 -22.55 -56.34
CA GLY E 864 13.57 -21.57 -57.39
C GLY E 864 14.81 -20.72 -57.56
N THR E 865 15.55 -20.52 -56.48
CA THR E 865 16.81 -19.79 -56.55
C THR E 865 17.93 -20.63 -57.16
N ILE E 866 17.71 -21.92 -57.36
CA ILE E 866 18.68 -22.80 -57.99
C ILE E 866 18.38 -22.99 -59.47
N THR E 867 17.13 -23.29 -59.80
CA THR E 867 16.73 -23.49 -61.19
C THR E 867 16.45 -22.18 -61.90
N SER E 868 15.61 -21.33 -61.34
CA SER E 868 15.22 -20.09 -62.01
C SER E 868 16.12 -18.91 -61.68
N GLY E 869 16.63 -18.83 -60.45
CA GLY E 869 17.52 -17.73 -60.09
C GLY E 869 16.82 -16.64 -59.30
N TRP E 870 16.71 -15.46 -59.87
CA TRP E 870 15.97 -14.36 -59.27
C TRP E 870 14.75 -13.95 -60.08
N THR E 871 14.56 -14.54 -61.26
CA THR E 871 13.45 -14.16 -62.12
C THR E 871 12.10 -14.61 -61.58
N PHE E 872 12.07 -15.54 -60.64
CA PHE E 872 10.80 -15.96 -60.06
C PHE E 872 10.33 -15.02 -58.97
N GLY E 873 11.14 -14.05 -58.56
CA GLY E 873 10.71 -13.04 -57.63
C GLY E 873 10.15 -11.80 -58.26
N ALA E 874 10.17 -11.71 -59.59
CA ALA E 874 9.68 -10.54 -60.31
C ALA E 874 8.91 -10.96 -61.55
N GLY E 875 8.06 -11.97 -61.44
CA GLY E 875 7.24 -12.40 -62.55
C GLY E 875 7.26 -13.91 -62.68
N PRO E 876 6.99 -14.39 -63.90
CA PRO E 876 6.97 -15.82 -64.15
C PRO E 876 8.38 -16.40 -64.09
N ALA E 877 8.50 -17.61 -63.55
CA ALA E 877 9.80 -18.24 -63.38
C ALA E 877 10.35 -18.71 -64.71
N LEU E 878 11.62 -18.40 -64.98
CA LEU E 878 12.28 -18.76 -66.23
C LEU E 878 13.50 -19.62 -65.91
N GLN E 879 13.64 -20.73 -66.64
CA GLN E 879 14.70 -21.68 -66.36
C GLN E 879 16.05 -21.20 -66.87
N ILE E 880 17.11 -21.62 -66.18
CA ILE E 880 18.49 -21.27 -66.50
C ILE E 880 19.40 -22.28 -65.81
N PRO E 881 20.39 -22.85 -66.50
CA PRO E 881 21.30 -23.80 -65.83
C PRO E 881 22.15 -23.12 -64.78
N PHE E 882 22.46 -23.86 -63.70
CA PHE E 882 23.13 -23.26 -62.56
C PHE E 882 24.59 -22.95 -62.87
N PRO E 883 25.18 -23.65 -63.84
CA PRO E 883 26.54 -23.32 -64.25
C PRO E 883 26.60 -21.99 -64.99
N MET E 884 25.45 -21.42 -65.36
CA MET E 884 25.38 -20.17 -66.08
C MET E 884 24.73 -19.05 -65.28
N GLN E 885 23.88 -19.38 -64.31
CA GLN E 885 23.38 -18.36 -63.37
C GLN E 885 24.52 -17.79 -62.55
N MET E 886 25.48 -18.64 -62.16
CA MET E 886 26.59 -18.18 -61.34
C MET E 886 27.51 -17.22 -62.11
N ALA E 887 27.52 -17.31 -63.44
CA ALA E 887 28.28 -16.36 -64.24
C ALA E 887 27.58 -15.03 -64.41
N TYR E 888 26.30 -14.95 -64.04
CA TYR E 888 25.61 -13.66 -63.98
C TYR E 888 25.86 -12.92 -62.69
N ARG E 889 26.19 -13.62 -61.60
CA ARG E 889 26.49 -12.95 -60.35
C ARG E 889 27.87 -12.32 -60.35
N PHE E 890 28.81 -12.89 -61.10
CA PHE E 890 30.12 -12.24 -61.25
C PHE E 890 30.02 -10.97 -62.07
N ASN E 891 29.10 -10.93 -63.04
CA ASN E 891 28.98 -9.78 -63.91
C ASN E 891 28.41 -8.57 -63.17
N GLY E 892 27.75 -8.79 -62.03
CA GLY E 892 27.28 -7.73 -61.16
C GLY E 892 28.24 -7.37 -60.04
N ILE E 893 29.48 -7.83 -60.12
CA ILE E 893 30.50 -7.51 -59.13
C ILE E 893 31.55 -6.57 -59.70
N GLY E 894 32.05 -6.86 -60.90
CA GLY E 894 33.06 -6.05 -61.51
C GLY E 894 34.05 -6.87 -62.31
N VAL E 895 33.98 -8.19 -62.16
CA VAL E 895 34.82 -9.12 -62.89
C VAL E 895 34.00 -9.72 -64.02
N THR E 896 34.67 -10.09 -65.11
CA THR E 896 33.96 -10.52 -66.30
C THR E 896 33.53 -11.98 -66.17
N GLN E 897 33.04 -12.54 -67.29
CA GLN E 897 32.55 -13.92 -67.26
C GLN E 897 33.69 -14.91 -67.27
N ASN E 898 34.82 -14.55 -67.88
CA ASN E 898 35.87 -15.53 -68.15
C ASN E 898 36.62 -15.97 -66.91
N VAL E 899 36.37 -15.33 -65.76
CA VAL E 899 37.00 -15.79 -64.53
C VAL E 899 36.32 -17.06 -64.02
N LEU E 900 35.09 -17.33 -64.46
CA LEU E 900 34.36 -18.50 -63.97
C LEU E 900 34.47 -19.69 -64.91
N TYR E 901 34.19 -19.49 -66.19
CA TYR E 901 34.16 -20.61 -67.13
C TYR E 901 35.56 -21.17 -67.36
N GLU E 902 36.57 -20.30 -67.35
CA GLU E 902 37.94 -20.78 -67.50
C GLU E 902 38.51 -21.35 -66.20
N ASN E 903 37.81 -21.20 -65.08
CA ASN E 903 38.32 -21.64 -63.80
C ASN E 903 37.23 -22.32 -63.01
N GLN E 904 36.45 -23.18 -63.66
CA GLN E 904 35.25 -23.73 -63.04
C GLN E 904 35.57 -24.75 -61.95
N LYS E 905 36.62 -25.55 -62.13
CA LYS E 905 36.84 -26.71 -61.27
C LYS E 905 37.17 -26.31 -59.84
N LEU E 906 38.14 -25.41 -59.66
CA LEU E 906 38.54 -25.04 -58.31
C LEU E 906 37.55 -24.07 -57.67
N ILE E 907 36.84 -23.29 -58.48
CA ILE E 907 35.78 -22.44 -57.93
C ILE E 907 34.65 -23.29 -57.39
N ALA E 908 34.29 -24.34 -58.13
CA ALA E 908 33.30 -25.30 -57.63
C ALA E 908 33.80 -26.02 -56.39
N ASN E 909 35.07 -26.41 -56.38
CA ASN E 909 35.61 -27.19 -55.27
C ASN E 909 35.79 -26.36 -54.01
N GLN E 910 35.97 -25.04 -54.15
CA GLN E 910 36.03 -24.18 -52.97
C GLN E 910 34.67 -24.04 -52.31
N PHE E 911 33.61 -24.06 -53.11
CA PHE E 911 32.26 -23.93 -52.56
C PHE E 911 31.87 -25.18 -51.77
N ASN E 912 32.31 -26.36 -52.22
CA ASN E 912 31.96 -27.59 -51.52
C ASN E 912 32.61 -27.66 -50.15
N SER E 913 33.88 -27.24 -50.06
CA SER E 913 34.58 -27.30 -48.78
C SER E 913 34.09 -26.22 -47.82
N ALA E 914 33.52 -25.13 -48.35
CA ALA E 914 33.04 -24.06 -47.49
C ALA E 914 31.79 -24.47 -46.72
N ILE E 915 30.90 -25.23 -47.38
CA ILE E 915 29.66 -25.66 -46.73
C ILE E 915 29.94 -26.66 -45.63
N GLY E 916 30.91 -27.55 -45.84
CA GLY E 916 31.21 -28.56 -44.84
C GLY E 916 31.83 -27.99 -43.58
N LYS E 917 32.49 -26.82 -43.71
CA LYS E 917 33.01 -26.15 -42.53
C LYS E 917 31.91 -25.49 -41.72
N ILE E 918 30.80 -25.11 -42.38
CA ILE E 918 29.64 -24.56 -41.68
C ILE E 918 29.00 -25.64 -40.82
N GLN E 919 29.06 -26.90 -41.27
CA GLN E 919 28.50 -28.02 -40.52
C GLN E 919 29.17 -28.18 -39.17
N ASP E 920 30.50 -28.05 -39.13
CA ASP E 920 31.23 -28.18 -37.87
C ASP E 920 31.09 -26.94 -37.00
N SER E 921 31.03 -25.75 -37.62
CA SER E 921 31.01 -24.52 -36.85
C SER E 921 29.69 -24.34 -36.11
N LEU E 922 28.59 -24.82 -36.70
CA LEU E 922 27.29 -24.74 -36.02
C LEU E 922 27.23 -25.73 -34.85
N SER E 923 28.06 -26.77 -34.89
CA SER E 923 28.08 -27.78 -33.84
C SER E 923 29.18 -27.54 -32.82
N SER E 924 29.81 -26.36 -32.81
CA SER E 924 30.90 -26.12 -31.88
C SER E 924 30.38 -25.91 -30.46
N THR E 925 29.57 -24.90 -30.25
CA THR E 925 29.06 -24.57 -28.92
C THR E 925 27.75 -23.79 -29.07
N PRO E 926 27.30 -23.18 -27.99
CA PRO E 926 26.07 -22.39 -27.98
C PRO E 926 26.33 -20.92 -28.29
N SER E 927 27.56 -20.56 -28.66
CA SER E 927 27.86 -19.16 -28.97
C SER E 927 27.28 -18.74 -30.31
N ALA E 928 26.99 -19.70 -31.19
CA ALA E 928 26.46 -19.35 -32.50
C ALA E 928 24.99 -18.95 -32.41
N LEU E 929 24.20 -19.66 -31.60
CA LEU E 929 22.77 -19.43 -31.48
C LEU E 929 22.40 -18.54 -30.31
N GLY E 930 23.26 -17.59 -29.95
CA GLY E 930 22.98 -16.74 -28.81
C GLY E 930 21.88 -15.73 -29.09
N LYS E 931 21.68 -15.37 -30.36
CA LYS E 931 20.65 -14.39 -30.69
C LYS E 931 19.26 -14.99 -30.67
N LEU E 932 19.13 -16.32 -30.73
CA LEU E 932 17.84 -16.98 -30.71
C LEU E 932 17.47 -17.49 -29.34
N GLN E 933 18.44 -17.99 -28.58
CA GLN E 933 18.14 -18.49 -27.24
C GLN E 933 17.77 -17.37 -26.28
N ASP E 934 18.16 -16.12 -26.58
CA ASP E 934 17.75 -15.01 -25.74
C ASP E 934 16.27 -14.67 -25.96
N VAL E 935 15.72 -15.04 -27.12
CA VAL E 935 14.30 -14.81 -27.35
C VAL E 935 13.45 -15.72 -26.46
N VAL E 936 13.79 -17.01 -26.41
CA VAL E 936 12.97 -17.97 -25.67
C VAL E 936 13.23 -17.87 -24.18
N ASN E 937 14.43 -17.47 -23.78
CA ASN E 937 14.76 -17.40 -22.36
C ASN E 937 14.14 -16.19 -21.70
N HIS E 938 14.09 -15.05 -22.42
CA HIS E 938 13.51 -13.84 -21.85
C HIS E 938 12.02 -13.99 -21.61
N ASN E 939 11.32 -14.62 -22.54
CA ASN E 939 9.88 -14.79 -22.39
C ASN E 939 9.54 -15.81 -21.32
N ALA E 940 10.29 -16.92 -21.26
CA ALA E 940 9.99 -17.96 -20.29
C ALA E 940 10.33 -17.52 -18.87
N GLN E 941 11.36 -16.71 -18.71
CA GLN E 941 11.73 -16.23 -17.37
C GLN E 941 10.74 -15.17 -16.90
N ALA E 942 10.19 -14.39 -17.82
CA ALA E 942 9.23 -13.35 -17.44
C ALA E 942 7.94 -13.95 -16.92
N LEU E 943 7.56 -15.13 -17.41
CA LEU E 943 6.40 -15.83 -16.86
C LEU E 943 6.64 -16.28 -15.42
N ASN E 944 7.87 -16.74 -15.12
CA ASN E 944 8.16 -17.22 -13.78
C ASN E 944 8.13 -16.08 -12.76
N THR E 945 8.60 -14.90 -13.15
CA THR E 945 8.47 -13.75 -12.27
C THR E 945 7.01 -13.31 -12.14
N LEU E 946 6.20 -13.58 -13.16
CA LEU E 946 4.77 -13.27 -13.06
C LEU E 946 4.05 -14.25 -12.16
N VAL E 947 4.41 -15.54 -12.23
CA VAL E 947 3.72 -16.55 -11.44
C VAL E 947 4.04 -16.40 -9.96
N LYS E 948 5.32 -16.21 -9.62
CA LYS E 948 5.71 -16.16 -8.22
C LYS E 948 5.39 -14.82 -7.57
N GLN E 949 4.83 -13.87 -8.30
CA GLN E 949 4.37 -12.62 -7.69
C GLN E 949 3.09 -12.81 -6.90
N LEU E 950 2.43 -13.96 -7.03
CA LEU E 950 1.19 -14.21 -6.30
C LEU E 950 1.45 -14.43 -4.82
N SER E 951 2.63 -14.94 -4.47
CA SER E 951 2.92 -15.29 -3.09
C SER E 951 3.19 -14.07 -2.21
N SER E 952 3.44 -12.91 -2.82
CA SER E 952 3.75 -11.72 -2.03
C SER E 952 2.47 -11.08 -1.51
N LYS E 953 2.57 -10.53 -0.29
CA LYS E 953 1.40 -9.99 0.40
C LYS E 953 0.97 -8.63 -0.12
N PHE E 954 1.89 -7.86 -0.71
CA PHE E 954 1.61 -6.54 -1.30
C PHE E 954 1.03 -5.56 -0.29
N GLY E 955 1.52 -5.59 0.95
CA GLY E 955 1.05 -4.70 1.99
C GLY E 955 -0.17 -5.19 2.75
N ALA E 956 -0.76 -6.32 2.36
CA ALA E 956 -1.89 -6.88 3.09
C ALA E 956 -1.40 -7.69 4.28
N ILE E 957 -2.31 -8.45 4.88
CA ILE E 957 -1.96 -9.23 6.06
C ILE E 957 -1.62 -10.67 5.68
N SER E 958 -2.07 -11.11 4.50
CA SER E 958 -1.81 -12.47 4.05
C SER E 958 -1.93 -12.52 2.53
N SER E 959 -1.35 -13.57 1.96
CA SER E 959 -1.36 -13.77 0.52
C SER E 959 -2.45 -14.73 0.04
N VAL E 960 -3.26 -15.26 0.95
CA VAL E 960 -4.32 -16.20 0.61
C VAL E 960 -5.66 -15.54 0.90
N LEU E 961 -6.62 -15.74 -0.01
CA LEU E 961 -7.89 -15.03 0.09
C LEU E 961 -8.79 -15.61 1.18
N ASN E 962 -8.64 -16.90 1.50
CA ASN E 962 -9.55 -17.54 2.45
C ASN E 962 -9.29 -17.06 3.87
N ASP E 963 -8.04 -16.72 4.19
CA ASP E 963 -7.73 -16.24 5.52
C ASP E 963 -8.13 -14.78 5.71
N ILE E 964 -8.38 -14.05 4.62
CA ILE E 964 -8.83 -12.66 4.73
C ILE E 964 -10.24 -12.61 5.31
N PHE E 965 -11.11 -13.53 4.87
CA PHE E 965 -12.49 -13.56 5.35
C PHE E 965 -12.68 -14.41 6.59
N SER E 966 -11.63 -14.60 7.40
CA SER E 966 -11.73 -15.46 8.58
C SER E 966 -11.44 -14.76 9.89
N ARG E 967 -10.41 -13.91 9.96
CA ARG E 967 -9.93 -13.39 11.23
C ARG E 967 -10.03 -11.88 11.35
N LEU E 968 -10.98 -11.26 10.66
CA LEU E 968 -11.17 -9.81 10.77
C LEU E 968 -12.62 -9.47 10.48
N ASP E 969 -12.99 -8.24 10.85
CA ASP E 969 -14.38 -7.80 10.77
C ASP E 969 -14.83 -7.66 9.32
N PRO E 970 -16.14 -7.83 9.12
CA PRO E 970 -16.69 -7.81 7.76
C PRO E 970 -16.72 -6.40 7.18
N PRO E 971 -16.62 -5.37 8.01
CA PRO E 971 -16.63 -4.00 7.51
C PRO E 971 -15.25 -3.62 6.97
N GLU E 972 -14.20 -4.30 7.45
CA GLU E 972 -12.85 -4.04 6.99
C GLU E 972 -12.41 -4.95 5.85
N ALA E 973 -13.17 -6.01 5.59
CA ALA E 973 -12.75 -7.01 4.60
C ALA E 973 -12.84 -6.46 3.18
N GLU E 974 -13.67 -5.45 2.95
CA GLU E 974 -13.78 -4.87 1.62
C GLU E 974 -12.52 -4.09 1.26
N VAL E 975 -12.04 -3.26 2.20
CA VAL E 975 -10.89 -2.41 1.88
C VAL E 975 -9.58 -3.17 2.01
N GLN E 976 -9.57 -4.26 2.78
CA GLN E 976 -8.33 -5.01 2.96
C GLN E 976 -7.99 -5.84 1.72
N ILE E 977 -9.01 -6.48 1.12
CA ILE E 977 -8.76 -7.28 -0.06
C ILE E 977 -8.69 -6.39 -1.30
N ASP E 978 -9.17 -5.15 -1.20
CA ASP E 978 -9.09 -4.25 -2.33
C ASP E 978 -7.68 -3.73 -2.55
N ARG E 979 -6.84 -3.76 -1.51
CA ARG E 979 -5.44 -3.43 -1.69
C ARG E 979 -4.73 -4.49 -2.51
N LEU E 980 -5.12 -5.75 -2.35
CA LEU E 980 -4.41 -6.85 -3.00
C LEU E 980 -4.76 -6.93 -4.49
N ILE E 981 -6.02 -6.67 -4.85
CA ILE E 981 -6.43 -6.78 -6.25
C ILE E 981 -5.83 -5.65 -7.07
N THR E 982 -5.64 -4.46 -6.48
CA THR E 982 -4.98 -3.37 -7.18
C THR E 982 -3.50 -3.69 -7.40
N GLY E 983 -2.86 -4.32 -6.41
CA GLY E 983 -1.46 -4.66 -6.56
C GLY E 983 -1.22 -5.73 -7.61
N ARG E 984 -2.08 -6.75 -7.65
CA ARG E 984 -1.94 -7.79 -8.67
C ARG E 984 -2.27 -7.25 -10.05
N LEU E 985 -3.21 -6.30 -10.14
CA LEU E 985 -3.48 -5.66 -11.40
C LEU E 985 -2.34 -4.74 -11.81
N GLN E 986 -1.64 -4.16 -10.82
CA GLN E 986 -0.46 -3.37 -11.13
C GLN E 986 0.68 -4.24 -11.63
N SER E 987 0.86 -5.42 -11.03
CA SER E 987 1.91 -6.33 -11.48
C SER E 987 1.57 -6.95 -12.83
N LEU E 988 0.28 -7.10 -13.13
CA LEU E 988 -0.11 -7.54 -14.47
C LEU E 988 0.05 -6.41 -15.48
N GLN E 989 -0.07 -5.16 -15.05
CA GLN E 989 0.16 -4.04 -15.95
C GLN E 989 1.64 -3.86 -16.24
N THR E 990 2.51 -4.29 -15.32
CA THR E 990 3.94 -4.19 -15.57
C THR E 990 4.41 -5.25 -16.56
N TYR E 991 3.79 -6.43 -16.53
CA TYR E 991 4.19 -7.50 -17.42
C TYR E 991 3.81 -7.22 -18.87
N VAL E 992 2.63 -6.64 -19.09
CA VAL E 992 2.18 -6.38 -20.46
C VAL E 992 3.00 -5.27 -21.10
N THR E 993 3.33 -4.22 -20.34
CA THR E 993 4.05 -3.08 -20.91
C THR E 993 5.51 -3.41 -21.19
N GLN E 994 6.02 -4.54 -20.70
CA GLN E 994 7.32 -5.02 -21.15
C GLN E 994 7.20 -5.80 -22.45
N GLN E 995 6.03 -6.40 -22.71
CA GLN E 995 5.84 -7.14 -23.96
C GLN E 995 5.63 -6.19 -25.13
N LEU E 996 5.07 -5.00 -24.89
CA LEU E 996 4.92 -4.03 -25.97
C LEU E 996 6.29 -3.52 -26.43
N ILE E 997 7.24 -3.39 -25.51
CA ILE E 997 8.59 -3.02 -25.89
C ILE E 997 9.27 -4.16 -26.64
N ARG E 998 9.08 -5.39 -26.16
CA ARG E 998 9.75 -6.53 -26.78
C ARG E 998 9.16 -6.84 -28.15
N ALA E 999 7.87 -6.57 -28.34
CA ALA E 999 7.27 -6.77 -29.65
C ALA E 999 7.68 -5.71 -30.66
N ALA E 1000 8.27 -4.60 -30.21
CA ALA E 1000 8.76 -3.59 -31.13
C ALA E 1000 10.15 -3.92 -31.67
N GLU E 1001 11.04 -4.44 -30.82
CA GLU E 1001 12.37 -4.83 -31.29
C GLU E 1001 12.36 -6.10 -32.12
N ILE E 1002 11.39 -6.99 -31.90
CA ILE E 1002 11.23 -8.15 -32.77
C ILE E 1002 10.69 -7.72 -34.13
N ARG E 1003 9.69 -6.82 -34.14
CA ARG E 1003 9.16 -6.31 -35.40
C ARG E 1003 10.19 -5.47 -36.14
N ALA E 1004 11.10 -4.83 -35.42
CA ALA E 1004 12.20 -4.15 -36.08
C ALA E 1004 13.17 -5.13 -36.71
N SER E 1005 13.24 -6.36 -36.20
CA SER E 1005 14.06 -7.41 -36.77
C SER E 1005 13.31 -8.29 -37.76
N ALA E 1006 11.99 -8.42 -37.60
CA ALA E 1006 11.20 -9.14 -38.58
C ALA E 1006 11.01 -8.33 -39.86
N ASN E 1007 11.05 -7.01 -39.76
CA ASN E 1007 11.05 -6.16 -40.94
C ASN E 1007 12.43 -6.03 -41.56
N LEU E 1008 13.49 -6.45 -40.86
CA LEU E 1008 14.83 -6.50 -41.42
C LEU E 1008 15.08 -7.82 -42.13
N ALA E 1009 14.56 -8.93 -41.58
CA ALA E 1009 14.66 -10.21 -42.26
C ALA E 1009 13.77 -10.27 -43.49
N ALA E 1010 12.66 -9.54 -43.49
CA ALA E 1010 11.84 -9.41 -44.69
C ALA E 1010 12.57 -8.67 -45.80
N THR E 1011 13.33 -7.63 -45.45
CA THR E 1011 14.15 -6.92 -46.42
C THR E 1011 15.36 -7.75 -46.87
N LYS E 1012 16.00 -8.47 -45.94
CA LYS E 1012 17.15 -9.28 -46.28
C LYS E 1012 16.80 -10.49 -47.13
N MET E 1013 15.52 -10.82 -47.26
CA MET E 1013 15.09 -11.97 -48.04
C MET E 1013 14.36 -11.54 -49.30
N SER E 1014 14.07 -10.24 -49.44
CA SER E 1014 13.58 -9.70 -50.69
C SER E 1014 14.64 -9.00 -51.50
N GLU E 1015 15.85 -8.83 -50.97
CA GLU E 1015 16.89 -8.08 -51.65
C GLU E 1015 18.20 -8.83 -51.77
N CYS E 1016 18.35 -9.96 -51.11
CA CYS E 1016 19.61 -10.69 -51.11
C CYS E 1016 19.48 -12.08 -51.73
N VAL E 1017 18.44 -12.83 -51.40
CA VAL E 1017 18.22 -14.13 -52.00
C VAL E 1017 17.36 -14.05 -53.26
N LEU E 1018 16.43 -13.09 -53.35
CA LEU E 1018 15.64 -12.87 -54.55
C LEU E 1018 16.33 -11.94 -55.54
N GLY E 1019 17.61 -11.66 -55.34
CA GLY E 1019 18.35 -10.80 -56.25
C GLY E 1019 19.70 -10.42 -55.68
N GLN E 1020 20.68 -10.16 -56.55
CA GLN E 1020 22.01 -9.80 -56.08
C GLN E 1020 22.01 -8.36 -55.56
N SER E 1021 22.58 -8.16 -54.38
CA SER E 1021 22.51 -6.89 -53.68
C SER E 1021 23.84 -6.12 -53.81
N LYS E 1022 23.72 -4.84 -54.14
CA LYS E 1022 24.87 -3.96 -54.30
C LYS E 1022 25.16 -3.12 -53.07
N ARG E 1023 24.41 -3.30 -51.98
CA ARG E 1023 24.68 -2.55 -50.76
C ARG E 1023 25.91 -3.12 -50.07
N VAL E 1024 26.79 -2.22 -49.61
CA VAL E 1024 28.05 -2.64 -49.00
C VAL E 1024 27.79 -3.08 -47.57
N ASP E 1025 28.28 -4.26 -47.21
CA ASP E 1025 28.23 -4.82 -45.85
C ASP E 1025 26.80 -4.96 -45.34
N PHE E 1026 25.85 -5.21 -46.25
CA PHE E 1026 24.48 -5.51 -45.87
C PHE E 1026 24.18 -7.00 -45.88
N CYS E 1027 24.71 -7.72 -46.87
CA CYS E 1027 24.51 -9.16 -46.97
C CYS E 1027 25.66 -9.95 -46.36
N GLY E 1028 26.88 -9.73 -46.85
CA GLY E 1028 28.03 -10.44 -46.32
C GLY E 1028 29.26 -9.57 -46.30
N LYS E 1029 30.27 -10.01 -45.56
CA LYS E 1029 31.54 -9.30 -45.47
C LYS E 1029 32.33 -9.56 -46.75
N GLY E 1030 32.10 -8.73 -47.75
CA GLY E 1030 32.74 -8.84 -49.04
C GLY E 1030 31.76 -8.52 -50.13
N TYR E 1031 32.12 -8.91 -51.36
CA TYR E 1031 31.24 -8.73 -52.50
C TYR E 1031 30.22 -9.86 -52.54
N HIS E 1032 28.94 -9.51 -52.36
CA HIS E 1032 27.89 -10.51 -52.24
C HIS E 1032 27.61 -11.17 -53.57
N LEU E 1033 27.35 -12.48 -53.52
CA LEU E 1033 26.99 -13.25 -54.71
C LEU E 1033 25.54 -13.71 -54.70
N MET E 1034 25.13 -14.45 -53.67
CA MET E 1034 23.78 -15.01 -53.55
C MET E 1034 23.66 -15.61 -52.15
N SER E 1035 22.47 -16.10 -51.81
CA SER E 1035 22.23 -16.51 -50.43
C SER E 1035 21.19 -17.62 -50.35
N PHE E 1036 21.09 -18.21 -49.17
CA PHE E 1036 20.14 -19.29 -48.89
C PHE E 1036 19.39 -18.96 -47.61
N PRO E 1037 18.08 -19.15 -47.55
CA PRO E 1037 17.38 -19.11 -46.27
C PRO E 1037 17.26 -20.49 -45.66
N GLN E 1038 17.35 -20.54 -44.34
CA GLN E 1038 17.12 -21.77 -43.59
C GLN E 1038 16.22 -21.45 -42.40
N SER E 1039 15.39 -22.41 -42.04
CA SER E 1039 14.43 -22.25 -40.96
C SER E 1039 15.10 -22.57 -39.64
N ALA E 1040 14.69 -21.85 -38.60
CA ALA E 1040 15.19 -22.03 -37.24
C ALA E 1040 14.04 -21.86 -36.28
N PRO E 1041 14.13 -22.40 -35.07
CA PRO E 1041 13.06 -22.21 -34.08
C PRO E 1041 12.93 -20.74 -33.70
N HIS E 1042 11.78 -20.16 -34.06
CA HIS E 1042 11.43 -18.75 -33.79
C HIS E 1042 12.42 -17.79 -34.42
N GLY E 1043 12.91 -18.12 -35.60
CA GLY E 1043 13.85 -17.25 -36.28
C GLY E 1043 14.19 -17.80 -37.64
N VAL E 1044 15.13 -17.11 -38.30
CA VAL E 1044 15.59 -17.50 -39.63
C VAL E 1044 17.11 -17.39 -39.66
N VAL E 1045 17.75 -18.26 -40.43
CA VAL E 1045 19.20 -18.32 -40.53
C VAL E 1045 19.59 -18.24 -41.99
N PHE E 1046 20.48 -17.31 -42.33
CA PHE E 1046 20.92 -17.09 -43.69
C PHE E 1046 22.33 -17.65 -43.89
N LEU E 1047 22.65 -18.00 -45.13
CA LEU E 1047 23.95 -18.54 -45.51
C LEU E 1047 24.45 -17.78 -46.73
N HIS E 1048 25.11 -16.65 -46.51
CA HIS E 1048 25.57 -15.81 -47.61
C HIS E 1048 26.91 -16.31 -48.13
N VAL E 1049 27.03 -16.41 -49.45
CA VAL E 1049 28.31 -16.69 -50.10
C VAL E 1049 28.84 -15.39 -50.66
N THR E 1050 30.13 -15.14 -50.47
CA THR E 1050 30.75 -13.86 -50.80
C THR E 1050 31.94 -14.09 -51.73
N TYR E 1051 32.71 -13.03 -51.97
CA TYR E 1051 33.85 -13.07 -52.87
C TYR E 1051 34.92 -12.17 -52.27
N VAL E 1052 35.98 -12.76 -51.72
CA VAL E 1052 37.03 -12.03 -51.03
C VAL E 1052 38.32 -12.19 -51.82
N PRO E 1053 38.99 -11.09 -52.20
CA PRO E 1053 40.25 -11.22 -52.94
C PRO E 1053 41.36 -11.78 -52.07
N ALA E 1054 42.22 -12.58 -52.70
CA ALA E 1054 43.38 -13.19 -52.06
C ALA E 1054 44.60 -12.29 -52.26
N GLN E 1055 45.80 -12.86 -52.09
CA GLN E 1055 47.07 -12.14 -52.10
C GLN E 1055 47.24 -11.28 -53.35
N GLU E 1056 47.99 -10.20 -53.19
CA GLU E 1056 48.09 -9.13 -54.18
C GLU E 1056 49.54 -8.91 -54.60
N LYS E 1057 49.75 -7.89 -55.42
CA LYS E 1057 51.08 -7.56 -55.93
C LYS E 1057 51.09 -6.09 -56.32
N ASN E 1058 52.11 -5.36 -55.90
CA ASN E 1058 52.23 -3.94 -56.19
C ASN E 1058 52.60 -3.71 -57.66
N PHE E 1059 52.27 -2.53 -58.15
CA PHE E 1059 52.54 -2.16 -59.54
C PHE E 1059 52.80 -0.67 -59.62
N THR E 1060 52.79 -0.14 -60.84
CA THR E 1060 53.00 1.29 -61.09
C THR E 1060 51.93 1.78 -62.07
N THR E 1061 51.24 2.86 -61.71
CA THR E 1061 50.07 3.32 -62.44
C THR E 1061 50.27 4.76 -62.93
N ALA E 1062 49.50 5.11 -63.96
CA ALA E 1062 49.51 6.44 -64.56
C ALA E 1062 48.14 6.71 -65.17
N PRO E 1063 47.57 7.90 -64.96
CA PRO E 1063 46.18 8.15 -65.39
C PRO E 1063 45.92 8.03 -66.88
N ALA E 1064 46.88 8.39 -67.73
CA ALA E 1064 46.63 8.41 -69.16
C ALA E 1064 47.95 8.27 -69.89
N ILE E 1065 47.86 7.99 -71.19
CA ILE E 1065 49.01 7.94 -72.09
C ILE E 1065 48.71 8.78 -73.31
N CYS E 1066 49.62 9.67 -73.67
CA CYS E 1066 49.51 10.52 -74.85
C CYS E 1066 50.31 9.91 -75.99
N HIS E 1067 49.65 9.67 -77.13
CA HIS E 1067 50.32 9.08 -78.28
C HIS E 1067 50.42 10.04 -79.47
N ASP E 1068 49.28 10.45 -80.03
CA ASP E 1068 49.28 11.40 -81.14
C ASP E 1068 48.93 12.81 -80.65
N GLY E 1069 49.69 13.30 -79.68
CA GLY E 1069 49.41 14.60 -79.11
C GLY E 1069 48.10 14.69 -78.36
N LYS E 1070 47.52 13.56 -77.96
CA LYS E 1070 46.21 13.53 -77.32
C LYS E 1070 46.19 12.41 -76.30
N ALA E 1071 45.46 12.63 -75.21
CA ALA E 1071 45.45 11.70 -74.09
C ALA E 1071 44.66 10.44 -74.46
N HIS E 1072 44.75 9.44 -73.59
CA HIS E 1072 43.99 8.20 -73.76
C HIS E 1072 43.58 7.69 -72.40
N PHE E 1073 42.28 7.63 -72.16
CA PHE E 1073 41.77 7.20 -70.87
C PHE E 1073 41.23 5.77 -71.00
N PRO E 1074 41.30 4.96 -69.95
CA PRO E 1074 40.75 3.59 -70.04
C PRO E 1074 39.23 3.61 -70.12
N ARG E 1075 38.67 2.72 -70.93
CA ARG E 1075 37.22 2.59 -71.01
C ARG E 1075 36.67 2.01 -69.70
N GLU E 1076 37.08 0.78 -69.37
CA GLU E 1076 36.76 0.16 -68.09
C GLU E 1076 38.01 -0.60 -67.65
N GLY E 1077 38.86 0.07 -66.87
CA GLY E 1077 40.09 -0.55 -66.41
C GLY E 1077 41.01 0.49 -65.83
N VAL E 1078 42.21 0.02 -65.46
CA VAL E 1078 43.24 0.86 -64.88
C VAL E 1078 44.57 0.50 -65.54
N PHE E 1079 45.39 1.52 -65.81
CA PHE E 1079 46.67 1.28 -66.47
C PHE E 1079 47.69 0.80 -65.45
N VAL E 1080 48.32 -0.33 -65.74
CA VAL E 1080 49.24 -0.99 -64.81
C VAL E 1080 50.49 -1.39 -65.58
N SER E 1081 51.65 -1.02 -65.04
CA SER E 1081 52.93 -1.37 -65.65
C SER E 1081 53.74 -2.23 -64.70
N ASN E 1082 54.40 -3.25 -65.25
CA ASN E 1082 55.28 -4.10 -64.47
C ASN E 1082 56.74 -3.69 -64.55
N GLY E 1083 57.05 -2.61 -65.26
CA GLY E 1083 58.42 -2.11 -65.29
C GLY E 1083 58.92 -1.73 -66.67
N THR E 1084 58.47 -2.44 -67.70
CA THR E 1084 58.93 -2.18 -69.06
C THR E 1084 57.82 -2.16 -70.10
N HIS E 1085 56.61 -2.62 -69.76
CA HIS E 1085 55.47 -2.56 -70.66
C HIS E 1085 54.25 -2.08 -69.90
N TRP E 1086 53.33 -1.47 -70.62
CA TRP E 1086 52.13 -0.88 -70.03
C TRP E 1086 50.91 -1.71 -70.37
N PHE E 1087 50.14 -2.08 -69.35
CA PHE E 1087 48.98 -2.94 -69.50
C PHE E 1087 47.77 -2.28 -68.85
N VAL E 1088 46.58 -2.68 -69.31
CA VAL E 1088 45.32 -2.31 -68.68
C VAL E 1088 44.64 -3.58 -68.18
N THR E 1089 44.23 -3.57 -66.91
CA THR E 1089 43.63 -4.76 -66.31
C THR E 1089 42.26 -4.43 -65.73
N GLN E 1090 41.69 -5.38 -65.00
CA GLN E 1090 40.47 -5.17 -64.26
C GLN E 1090 40.79 -4.66 -62.86
N ARG E 1091 39.74 -4.30 -62.13
CA ARG E 1091 39.96 -3.73 -60.79
C ARG E 1091 39.88 -4.76 -59.68
N ASN E 1092 39.55 -6.01 -59.97
CA ASN E 1092 39.39 -7.03 -58.94
C ASN E 1092 40.05 -8.36 -59.28
N PHE E 1093 40.69 -8.46 -60.44
CA PHE E 1093 41.37 -9.69 -60.83
C PHE E 1093 42.44 -9.32 -61.84
N TYR E 1094 43.67 -9.70 -61.56
CA TYR E 1094 44.78 -9.34 -62.44
C TYR E 1094 44.70 -10.14 -63.73
N GLU E 1095 44.51 -9.44 -64.84
CA GLU E 1095 44.48 -10.04 -66.17
C GLU E 1095 44.91 -9.00 -67.19
N PRO E 1096 46.18 -9.00 -67.59
CA PRO E 1096 46.67 -7.92 -68.46
C PRO E 1096 46.17 -8.05 -69.88
N GLN E 1097 46.09 -6.90 -70.55
CA GLN E 1097 45.76 -6.84 -71.97
C GLN E 1097 46.62 -5.77 -72.61
N ILE E 1098 46.88 -5.92 -73.91
CA ILE E 1098 47.64 -4.91 -74.63
C ILE E 1098 46.74 -3.71 -74.92
N ILE E 1099 47.34 -2.52 -74.97
CA ILE E 1099 46.58 -1.29 -75.12
C ILE E 1099 46.19 -1.11 -76.58
N THR E 1100 44.88 -0.99 -76.83
CA THR E 1100 44.35 -0.87 -78.18
C THR E 1100 43.19 0.11 -78.11
N THR E 1101 42.86 0.71 -79.24
CA THR E 1101 41.79 1.72 -79.31
C THR E 1101 40.42 1.17 -78.93
N ASP E 1102 40.24 -0.16 -78.98
CA ASP E 1102 38.99 -0.77 -78.51
C ASP E 1102 38.86 -0.74 -77.00
N ASN E 1103 39.92 -0.40 -76.27
CA ASN E 1103 39.86 -0.31 -74.82
C ASN E 1103 40.09 1.10 -74.29
N THR E 1104 40.38 2.07 -75.16
CA THR E 1104 40.69 3.43 -74.74
C THR E 1104 39.88 4.42 -75.55
N PHE E 1105 39.52 5.54 -74.92
CA PHE E 1105 38.84 6.63 -75.61
C PHE E 1105 39.57 7.93 -75.39
N VAL E 1106 39.67 8.73 -76.45
CA VAL E 1106 40.49 9.94 -76.48
C VAL E 1106 39.63 11.14 -76.06
N SER E 1107 40.24 12.07 -75.32
CA SER E 1107 39.54 13.28 -74.90
C SER E 1107 40.58 14.37 -74.64
N GLY E 1108 40.74 15.28 -75.59
CA GLY E 1108 41.60 16.43 -75.41
C GLY E 1108 43.07 16.12 -75.66
N ASN E 1109 43.90 17.13 -75.41
CA ASN E 1109 45.34 17.03 -75.62
C ASN E 1109 46.00 16.37 -74.41
N CYS E 1110 47.33 16.41 -74.35
CA CYS E 1110 48.08 15.74 -73.30
C CYS E 1110 49.02 16.72 -72.60
N ASP E 1111 48.51 17.86 -72.19
CA ASP E 1111 49.24 18.77 -71.32
C ASP E 1111 48.46 19.28 -70.12
N VAL E 1112 47.12 19.28 -70.17
CA VAL E 1112 46.32 19.72 -69.02
C VAL E 1112 46.40 18.70 -67.89
N VAL E 1113 46.38 17.41 -68.22
CA VAL E 1113 46.42 16.37 -67.20
C VAL E 1113 47.81 16.29 -66.58
N ILE E 1114 47.85 16.14 -65.26
CA ILE E 1114 49.09 16.07 -64.50
C ILE E 1114 49.39 14.61 -64.21
N GLY E 1115 50.56 14.14 -64.62
CA GLY E 1115 50.95 12.77 -64.40
C GLY E 1115 50.84 11.85 -65.60
N ILE E 1116 50.59 12.40 -66.79
CA ILE E 1116 50.51 11.57 -67.99
C ILE E 1116 51.91 11.11 -68.38
N VAL E 1117 52.03 9.85 -68.80
CA VAL E 1117 53.31 9.27 -69.18
C VAL E 1117 53.27 8.93 -70.66
N ASN E 1118 54.46 8.77 -71.24
CA ASN E 1118 54.56 8.52 -72.67
C ASN E 1118 54.78 7.05 -72.96
N ASN E 1119 53.99 6.52 -73.88
CA ASN E 1119 54.08 5.14 -74.35
C ASN E 1119 53.42 5.09 -75.72
N THR E 1120 53.12 3.89 -76.20
CA THR E 1120 52.50 3.72 -77.50
C THR E 1120 51.17 3.00 -77.36
N VAL E 1121 50.27 3.29 -78.31
CA VAL E 1121 48.96 2.65 -78.39
C VAL E 1121 48.82 2.08 -79.79
N TYR E 1122 48.55 0.78 -79.88
CA TYR E 1122 48.45 0.10 -81.16
C TYR E 1122 47.01 0.07 -81.67
N ASP E 1123 46.88 -0.12 -82.98
CA ASP E 1123 45.60 -0.20 -83.65
C ASP E 1123 45.52 -1.49 -84.44
N PRO E 1124 44.35 -2.12 -84.50
CA PRO E 1124 44.18 -3.37 -85.27
C PRO E 1124 43.64 -3.19 -86.67
N LEU E 1125 43.42 -1.96 -87.14
CA LEU E 1125 42.87 -1.73 -88.47
C LEU E 1125 43.97 -1.58 -89.52
N GLN E 1126 45.10 -0.98 -89.15
CA GLN E 1126 46.24 -0.91 -90.06
C GLN E 1126 46.83 -2.27 -90.44
N PRO E 1127 47.02 -3.25 -89.54
CA PRO E 1127 47.55 -4.55 -90.00
C PRO E 1127 46.59 -5.36 -90.87
N GLU E 1128 45.33 -4.93 -91.02
CA GLU E 1128 44.41 -5.62 -91.92
C GLU E 1128 44.88 -5.49 -93.37
N LEU E 1129 45.36 -4.32 -93.76
CA LEU E 1129 45.87 -4.10 -95.11
C LEU E 1129 47.37 -4.36 -95.22
N ASP E 1130 48.03 -4.72 -94.12
CA ASP E 1130 49.47 -4.96 -94.17
C ASP E 1130 49.80 -6.27 -94.87
N SER E 1131 48.84 -7.19 -94.93
CA SER E 1131 49.05 -8.47 -95.59
C SER E 1131 48.87 -8.39 -97.11
N PHE E 1132 48.47 -7.23 -97.63
CA PHE E 1132 48.31 -7.05 -99.07
C PHE E 1132 49.48 -6.35 -99.73
N LYS E 1133 50.31 -5.65 -98.95
CA LYS E 1133 51.42 -4.89 -99.53
C LYS E 1133 52.52 -5.81 -100.03
N GLU E 1134 52.90 -6.81 -99.22
CA GLU E 1134 53.97 -7.72 -99.61
C GLU E 1134 53.50 -8.71 -100.67
N GLU E 1135 52.20 -8.98 -100.70
CA GLU E 1135 51.65 -9.88 -101.72
C GLU E 1135 51.74 -9.26 -103.11
N LEU E 1136 51.49 -7.95 -103.20
CA LEU E 1136 51.55 -7.25 -104.48
C LEU E 1136 52.95 -6.76 -104.81
N ASP E 1137 53.92 -6.92 -103.91
CA ASP E 1137 55.27 -6.43 -104.18
C ASP E 1137 56.00 -7.33 -105.18
N LYS E 1138 55.61 -8.60 -105.27
CA LYS E 1138 56.26 -9.51 -106.20
C LYS E 1138 55.96 -9.15 -107.64
N TYR E 1139 54.73 -8.69 -107.91
CA TYR E 1139 54.36 -8.28 -109.25
C TYR E 1139 55.05 -7.00 -109.69
N PHE E 1140 55.45 -6.15 -108.74
CA PHE E 1140 56.16 -4.92 -109.09
C PHE E 1140 57.57 -5.22 -109.60
N LYS E 1141 58.24 -6.19 -108.98
CA LYS E 1141 59.62 -6.49 -109.34
C LYS E 1141 59.72 -7.25 -110.67
N ASN E 1142 58.64 -7.90 -111.10
CA ASN E 1142 58.68 -8.71 -112.32
C ASN E 1142 58.56 -7.88 -113.59
N HIS E 1143 58.20 -6.61 -113.49
CA HIS E 1143 58.01 -5.76 -114.66
C HIS E 1143 58.91 -4.53 -114.69
N THR E 1144 59.46 -4.09 -113.55
CA THR E 1144 60.33 -2.92 -113.56
C THR E 1144 61.71 -3.25 -114.10
N SER E 1145 62.14 -4.52 -113.97
CA SER E 1145 63.47 -4.91 -114.44
C SER E 1145 63.64 -4.83 -115.95
N PRO E 1146 62.70 -5.30 -116.81
CA PRO E 1146 63.02 -5.05 -118.22
C PRO E 1146 62.56 -3.69 -118.71
N VAL F 1 -47.56 7.24 62.46
CA VAL F 1 -46.78 8.25 61.76
C VAL F 1 -45.34 8.20 62.24
N GLN F 2 -44.93 7.04 62.74
CA GLN F 2 -43.59 6.86 63.28
C GLN F 2 -43.22 5.39 63.19
N LEU F 3 -41.93 5.12 63.36
CA LEU F 3 -41.38 3.77 63.33
C LEU F 3 -40.51 3.55 64.55
N VAL F 4 -40.72 2.44 65.26
CA VAL F 4 -39.90 2.07 66.40
C VAL F 4 -39.32 0.68 66.15
N GLN F 5 -38.17 0.42 66.75
CA GLN F 5 -37.40 -0.79 66.49
C GLN F 5 -37.79 -1.89 67.48
N SER F 6 -37.00 -2.95 67.50
CA SER F 6 -37.15 -4.06 68.45
C SER F 6 -35.87 -4.22 69.24
N GLY F 7 -35.95 -4.95 70.35
CA GLY F 7 -34.84 -5.15 71.25
C GLY F 7 -34.04 -6.39 70.89
N ALA F 8 -32.74 -6.32 71.08
CA ALA F 8 -31.84 -7.43 70.79
C ALA F 8 -30.62 -7.33 71.70
N GLU F 9 -29.69 -8.27 71.56
CA GLU F 9 -28.49 -8.29 72.38
C GLU F 9 -27.37 -8.93 71.58
N VAL F 10 -26.26 -9.24 72.26
CA VAL F 10 -25.13 -9.88 71.61
C VAL F 10 -25.47 -11.34 71.30
N LYS F 11 -25.01 -11.82 70.15
CA LYS F 11 -25.26 -13.19 69.72
C LYS F 11 -23.94 -13.84 69.32
N LYS F 12 -23.97 -15.16 69.20
CA LYS F 12 -22.78 -15.90 68.80
C LYS F 12 -22.49 -15.66 67.32
N PRO F 13 -21.21 -15.57 66.93
CA PRO F 13 -20.88 -15.43 65.51
C PRO F 13 -21.24 -16.67 64.72
N GLY F 14 -21.50 -16.47 63.44
CA GLY F 14 -21.92 -17.56 62.57
C GLY F 14 -23.29 -18.11 62.92
N ALA F 15 -24.24 -17.25 63.24
CA ALA F 15 -25.59 -17.66 63.59
C ALA F 15 -26.57 -16.74 62.87
N SER F 16 -27.84 -16.85 63.22
CA SER F 16 -28.90 -16.05 62.62
C SER F 16 -29.48 -15.10 63.66
N VAL F 17 -29.55 -13.82 63.31
CA VAL F 17 -30.07 -12.79 64.20
C VAL F 17 -31.29 -12.17 63.55
N LYS F 18 -32.41 -12.18 64.26
CA LYS F 18 -33.66 -11.63 63.76
C LYS F 18 -33.77 -10.17 64.13
N VAL F 19 -34.04 -9.32 63.15
CA VAL F 19 -34.20 -7.88 63.37
C VAL F 19 -35.47 -7.41 62.66
N SER F 20 -36.20 -6.51 63.32
CA SER F 20 -37.48 -6.04 62.81
C SER F 20 -37.79 -4.67 63.38
N CYS F 21 -38.63 -3.92 62.66
CA CYS F 21 -39.25 -2.70 63.14
C CYS F 21 -40.67 -2.63 62.60
N LYS F 22 -41.55 -1.95 63.33
CA LYS F 22 -42.93 -1.84 62.88
C LYS F 22 -43.06 -0.75 61.82
N ALA F 23 -44.28 -0.58 61.33
CA ALA F 23 -44.61 0.47 60.38
C ALA F 23 -46.06 0.88 60.57
N SER F 24 -46.28 2.20 60.64
CA SER F 24 -47.61 2.75 60.83
C SER F 24 -47.62 4.17 60.31
N GLY F 25 -48.83 4.70 60.11
CA GLY F 25 -48.96 6.05 59.60
C GLY F 25 -49.87 6.17 58.39
N TYR F 26 -49.29 6.50 57.24
CA TYR F 26 -50.05 6.73 56.02
C TYR F 26 -50.38 5.41 55.35
N THR F 27 -50.84 5.49 54.09
CA THR F 27 -51.11 4.31 53.30
C THR F 27 -49.80 3.57 53.00
N PHE F 28 -49.92 2.27 52.71
CA PHE F 28 -48.78 1.38 52.71
C PHE F 28 -48.33 0.91 51.34
N SER F 29 -49.26 0.79 50.39
CA SER F 29 -48.97 0.20 49.10
C SER F 29 -48.15 1.09 48.18
N SER F 30 -48.08 2.40 48.45
CA SER F 30 -47.41 3.34 47.54
C SER F 30 -46.32 4.12 48.25
N TYR F 31 -45.55 3.46 49.11
CA TYR F 31 -44.37 4.07 49.73
C TYR F 31 -43.29 3.02 49.91
N TYR F 32 -42.17 3.21 49.23
CA TYR F 32 -41.03 2.31 49.34
C TYR F 32 -40.38 2.42 50.71
N ILE F 33 -39.70 1.34 51.12
CA ILE F 33 -39.10 1.25 52.44
C ILE F 33 -37.59 1.02 52.28
N HIS F 34 -36.80 1.88 52.90
CA HIS F 34 -35.35 1.75 52.89
C HIS F 34 -34.87 1.21 54.23
N TRP F 35 -33.86 0.35 54.19
CA TRP F 35 -33.10 -0.01 55.38
C TRP F 35 -31.64 0.32 55.12
N VAL F 36 -30.96 0.84 56.13
CA VAL F 36 -29.58 1.30 56.03
C VAL F 36 -28.82 0.95 57.31
N ARG F 37 -27.58 0.49 57.16
CA ARG F 37 -26.73 0.13 58.29
C ARG F 37 -25.68 1.23 58.49
N GLN F 38 -25.41 1.55 59.76
CA GLN F 38 -24.41 2.55 60.12
C GLN F 38 -23.46 1.96 61.15
N ALA F 39 -22.16 2.08 60.88
CA ALA F 39 -21.12 1.63 61.80
C ALA F 39 -20.62 2.79 62.64
N PRO F 40 -20.34 2.57 63.93
CA PRO F 40 -19.84 3.67 64.76
C PRO F 40 -18.44 4.09 64.36
N GLY F 41 -18.20 5.40 64.36
CA GLY F 41 -16.91 5.94 63.98
C GLY F 41 -16.63 5.96 62.49
N GLN F 42 -17.62 5.69 61.66
CA GLN F 42 -17.42 5.68 60.21
C GLN F 42 -18.73 6.10 59.55
N GLY F 43 -18.76 5.97 58.23
CA GLY F 43 -19.94 6.31 57.46
C GLY F 43 -20.87 5.14 57.28
N PRO F 44 -22.17 5.40 57.12
CA PRO F 44 -23.14 4.33 56.95
C PRO F 44 -23.13 3.75 55.55
N GLU F 45 -23.53 2.48 55.47
CA GLU F 45 -23.63 1.78 54.20
C GLU F 45 -25.09 1.41 53.92
N TRP F 46 -25.50 1.61 52.67
CA TRP F 46 -26.89 1.39 52.27
C TRP F 46 -27.17 -0.11 52.21
N MET F 47 -28.29 -0.53 52.81
CA MET F 47 -28.58 -1.96 52.94
C MET F 47 -29.59 -2.46 51.91
N ALA F 48 -30.81 -1.92 51.89
CA ALA F 48 -31.84 -2.52 51.04
C ALA F 48 -32.96 -1.53 50.76
N ILE F 49 -33.67 -1.79 49.65
CA ILE F 49 -34.87 -1.08 49.26
C ILE F 49 -35.97 -2.09 48.95
N ILE F 50 -37.15 -1.87 49.53
CA ILE F 50 -38.23 -2.84 49.52
C ILE F 50 -39.51 -2.17 49.04
N ASN F 51 -40.20 -2.81 48.09
CA ASN F 51 -41.54 -2.41 47.65
C ASN F 51 -42.57 -3.25 48.40
N PRO F 52 -43.47 -2.64 49.17
CA PRO F 52 -44.54 -3.40 49.81
C PRO F 52 -45.58 -3.85 48.79
N GLY F 53 -46.51 -4.66 49.27
CA GLY F 53 -47.49 -5.26 48.38
C GLY F 53 -46.97 -6.58 47.83
N ASP F 54 -46.39 -6.54 46.63
CA ASP F 54 -45.73 -7.70 46.08
C ASP F 54 -44.43 -8.06 46.80
N GLY F 55 -43.93 -7.19 47.67
CA GLY F 55 -42.70 -7.46 48.40
C GLY F 55 -41.46 -7.51 47.54
N GLY F 56 -41.30 -6.56 46.63
CA GLY F 56 -40.11 -6.54 45.80
C GLY F 56 -38.87 -6.17 46.59
N ALA F 57 -37.77 -6.85 46.28
CA ALA F 57 -36.54 -6.71 47.06
C ALA F 57 -35.36 -6.47 46.13
N SER F 58 -34.37 -5.76 46.65
CA SER F 58 -33.11 -5.56 45.96
C SER F 58 -32.02 -5.33 47.01
N TYR F 59 -30.82 -5.81 46.69
CA TYR F 59 -29.73 -5.82 47.66
C TYR F 59 -28.44 -5.33 47.01
N ALA F 60 -27.53 -4.85 47.83
CA ALA F 60 -26.27 -4.31 47.35
C ALA F 60 -25.30 -5.45 47.01
N GLN F 61 -24.12 -5.05 46.50
CA GLN F 61 -23.12 -6.04 46.11
C GLN F 61 -22.54 -6.77 47.31
N LYS F 62 -22.24 -6.03 48.39
CA LYS F 62 -21.59 -6.62 49.55
C LYS F 62 -22.54 -7.46 50.40
N PHE F 63 -23.84 -7.42 50.13
CA PHE F 63 -24.82 -8.17 50.91
C PHE F 63 -25.76 -8.97 50.03
N GLN F 64 -25.35 -9.32 48.82
CA GLN F 64 -26.24 -10.03 47.91
C GLN F 64 -26.29 -11.51 48.27
N GLY F 65 -27.46 -11.95 48.73
CA GLY F 65 -27.65 -13.36 49.07
C GLY F 65 -27.31 -13.77 50.49
N ARG F 66 -26.35 -13.08 51.12
CA ARG F 66 -25.94 -13.45 52.47
C ARG F 66 -26.91 -12.93 53.53
N VAL F 67 -27.85 -12.07 53.15
CA VAL F 67 -28.86 -11.55 54.07
C VAL F 67 -30.23 -11.82 53.46
N THR F 68 -31.22 -12.09 54.31
CA THR F 68 -32.57 -12.42 53.87
C THR F 68 -33.56 -11.49 54.54
N LEU F 69 -34.46 -10.92 53.74
CA LEU F 69 -35.49 -10.01 54.21
C LEU F 69 -36.84 -10.59 53.85
N THR F 70 -37.84 -10.37 54.73
CA THR F 70 -39.21 -10.70 54.45
C THR F 70 -40.09 -9.52 54.83
N ARG F 71 -41.25 -9.44 54.18
CA ARG F 71 -42.16 -8.32 54.39
C ARG F 71 -43.59 -8.82 54.25
N ASP F 72 -44.52 -8.04 54.83
CA ASP F 72 -45.93 -8.35 54.77
C ASP F 72 -46.72 -7.04 54.90
N THR F 73 -48.01 -7.12 54.59
CA THR F 73 -48.88 -5.94 54.52
C THR F 73 -49.83 -5.83 55.69
N SER F 74 -50.59 -6.89 56.00
CA SER F 74 -51.63 -6.79 57.01
C SER F 74 -51.05 -6.65 58.41
N THR F 75 -50.08 -7.51 58.76
CA THR F 75 -49.42 -7.41 60.05
C THR F 75 -48.46 -6.24 60.12
N SER F 76 -47.93 -5.80 58.97
CA SER F 76 -47.02 -4.67 58.84
C SER F 76 -45.74 -4.89 59.66
N THR F 77 -45.03 -5.95 59.30
CA THR F 77 -43.74 -6.27 59.90
C THR F 77 -42.69 -6.38 58.79
N LEU F 78 -41.44 -6.09 59.15
CA LEU F 78 -40.35 -6.01 58.19
C LEU F 78 -39.13 -6.70 58.80
N TYR F 79 -38.86 -7.92 58.37
CA TYR F 79 -37.88 -8.77 59.01
C TYR F 79 -36.61 -8.85 58.17
N MET F 80 -35.45 -8.83 58.83
CA MET F 80 -34.26 -9.47 58.28
C MET F 80 -33.78 -10.56 59.23
N GLU F 81 -33.13 -11.57 58.65
CA GLU F 81 -32.55 -12.69 59.38
C GLU F 81 -31.08 -12.76 58.98
N LEU F 82 -30.23 -12.08 59.74
CA LEU F 82 -28.81 -12.01 59.44
C LEU F 82 -28.15 -13.37 59.67
N SER F 83 -27.23 -13.74 58.76
CA SER F 83 -26.47 -14.99 58.97
C SER F 83 -25.00 -14.69 58.72
N SER F 84 -24.11 -15.61 59.11
CA SER F 84 -22.68 -15.42 58.82
C SER F 84 -22.19 -14.10 59.43
N LEU F 85 -22.30 -13.97 60.74
CA LEU F 85 -21.90 -12.71 61.37
C LEU F 85 -20.40 -12.68 61.62
N ARG F 86 -19.77 -11.57 61.22
CA ARG F 86 -18.35 -11.33 61.45
C ARG F 86 -18.23 -10.26 62.53
N SER F 87 -16.99 -9.83 62.78
CA SER F 87 -16.78 -8.65 63.60
C SER F 87 -17.14 -7.38 62.84
N GLU F 88 -17.23 -7.48 61.51
CA GLU F 88 -17.71 -6.38 60.66
C GLU F 88 -19.21 -6.16 60.80
N ASP F 89 -19.95 -7.15 61.26
CA ASP F 89 -21.42 -7.09 61.36
C ASP F 89 -21.88 -6.57 62.71
N THR F 90 -21.08 -5.73 63.37
CA THR F 90 -21.44 -5.09 64.62
C THR F 90 -21.71 -3.63 64.33
N ALA F 91 -22.98 -3.27 64.17
CA ALA F 91 -23.38 -1.93 63.73
C ALA F 91 -24.84 -1.72 64.11
N VAL F 92 -25.40 -0.57 63.70
CA VAL F 92 -26.76 -0.20 64.04
C VAL F 92 -27.58 -0.10 62.75
N TYR F 93 -28.73 -0.77 62.74
CA TYR F 93 -29.62 -0.80 61.59
C TYR F 93 -30.74 0.22 61.75
N TYR F 94 -31.18 0.78 60.63
CA TYR F 94 -32.22 1.79 60.57
C TYR F 94 -33.21 1.43 59.48
N CYS F 95 -34.50 1.55 59.76
CA CYS F 95 -35.54 1.32 58.77
C CYS F 95 -36.21 2.64 58.42
N ALA F 96 -36.43 2.87 57.12
CA ALA F 96 -36.81 4.19 56.64
C ALA F 96 -38.07 4.18 55.77
N ARG F 97 -38.32 5.32 55.13
CA ARG F 97 -39.45 5.53 54.24
C ARG F 97 -38.95 6.37 53.07
N ALA F 98 -39.54 6.17 51.90
CA ALA F 98 -39.10 6.83 50.68
C ALA F 98 -40.21 7.72 50.12
N GLU F 99 -39.97 8.24 48.92
CA GLU F 99 -40.94 9.11 48.25
C GLU F 99 -42.22 8.36 47.93
N GLY F 100 -42.11 7.12 47.45
CA GLY F 100 -43.26 6.37 47.03
C GLY F 100 -43.24 6.06 45.54
N SER F 101 -43.16 4.78 45.21
CA SER F 101 -43.06 4.27 43.83
C SER F 101 -41.84 4.84 43.10
N SER F 102 -40.80 5.19 43.86
CA SER F 102 -39.57 5.73 43.30
C SER F 102 -38.47 5.59 44.34
N TRP F 103 -37.32 5.10 43.90
CA TRP F 103 -36.19 4.87 44.81
C TRP F 103 -35.13 5.97 44.72
N LEU F 104 -35.44 7.08 44.06
CA LEU F 104 -34.57 8.24 44.00
C LEU F 104 -35.25 9.41 44.69
N GLY F 105 -34.51 10.12 45.52
CA GLY F 105 -35.02 11.30 46.19
C GLY F 105 -34.61 11.32 47.65
N TRP F 106 -35.22 12.24 48.39
CA TRP F 106 -34.88 12.45 49.79
C TRP F 106 -35.36 11.27 50.64
N PHE F 107 -34.74 11.13 51.81
CA PHE F 107 -35.03 10.04 52.72
C PHE F 107 -35.88 10.54 53.88
N ASP F 108 -37.03 9.92 54.09
CA ASP F 108 -37.90 10.22 55.22
C ASP F 108 -37.24 9.75 56.50
N PRO F 109 -37.65 10.28 57.67
CA PRO F 109 -36.92 10.00 58.91
C PRO F 109 -36.87 8.52 59.29
N TRP F 110 -35.71 8.12 59.79
CA TRP F 110 -35.40 6.77 60.27
C TRP F 110 -35.95 6.52 61.67
N GLY F 111 -35.68 5.33 62.21
CA GLY F 111 -36.07 4.96 63.54
C GLY F 111 -35.00 5.24 64.56
N GLN F 112 -34.98 4.42 65.62
CA GLN F 112 -33.96 4.58 66.65
C GLN F 112 -32.80 3.60 66.45
N GLY F 113 -32.95 2.67 65.50
CA GLY F 113 -31.89 1.75 65.14
C GLY F 113 -31.81 0.57 66.09
N THR F 114 -31.16 -0.49 65.62
CA THR F 114 -30.88 -1.68 66.40
C THR F 114 -29.39 -1.95 66.37
N LEU F 115 -28.78 -2.07 67.55
CA LEU F 115 -27.36 -2.35 67.64
C LEU F 115 -27.14 -3.86 67.71
N VAL F 116 -26.21 -4.36 66.90
CA VAL F 116 -25.84 -5.77 66.89
C VAL F 116 -24.33 -5.88 67.01
N THR F 117 -23.88 -6.74 67.92
CA THR F 117 -22.47 -7.02 68.16
C THR F 117 -22.26 -8.53 68.22
N VAL F 118 -21.03 -8.95 67.98
CA VAL F 118 -20.68 -10.37 68.07
C VAL F 118 -19.70 -10.59 69.20
N VAL G 1 35.15 45.65 80.02
CA VAL G 1 35.27 44.53 79.09
C VAL G 1 34.93 43.23 79.80
N GLN G 2 34.34 43.34 80.99
CA GLN G 2 33.97 42.17 81.77
C GLN G 2 32.56 42.35 82.31
N LEU G 3 31.92 41.23 82.60
CA LEU G 3 30.55 41.21 83.11
C LEU G 3 30.57 40.85 84.59
N VAL G 4 29.89 41.66 85.40
CA VAL G 4 29.80 41.45 86.84
C VAL G 4 28.37 41.06 87.18
N GLN G 5 28.20 40.34 88.28
CA GLN G 5 26.90 39.80 88.66
C GLN G 5 26.43 40.40 89.98
N SER G 6 25.29 39.91 90.45
CA SER G 6 24.71 40.31 91.72
C SER G 6 24.73 39.13 92.68
N GLY G 7 24.14 39.31 93.86
CA GLY G 7 24.09 38.26 94.85
C GLY G 7 22.68 37.79 95.14
N ALA G 8 22.54 36.62 95.77
CA ALA G 8 21.24 36.07 96.10
C ALA G 8 21.37 35.17 97.32
N GLU G 9 20.23 34.92 97.96
CA GLU G 9 20.20 34.09 99.17
C GLU G 9 19.13 33.01 99.05
N VAL G 10 18.86 32.31 100.16
CA VAL G 10 17.85 31.27 100.16
C VAL G 10 16.47 31.89 100.08
N LYS G 11 15.66 31.41 99.14
CA LYS G 11 14.35 31.97 98.88
C LYS G 11 13.26 30.97 99.25
N LYS G 12 12.08 31.49 99.56
CA LYS G 12 10.94 30.64 99.88
C LYS G 12 10.45 29.90 98.63
N PRO G 13 9.94 28.69 98.78
CA PRO G 13 9.39 27.97 97.62
C PRO G 13 8.14 28.64 97.08
N GLY G 14 7.95 28.52 95.78
CA GLY G 14 6.80 29.12 95.11
C GLY G 14 6.80 30.64 95.12
N ALA G 15 7.94 31.25 94.88
CA ALA G 15 8.06 32.71 94.89
C ALA G 15 8.74 33.14 93.59
N SER G 16 9.05 34.43 93.50
CA SER G 16 9.68 35.02 92.33
C SER G 16 11.01 35.65 92.73
N VAL G 17 12.04 35.38 91.93
CA VAL G 17 13.38 35.94 92.16
C VAL G 17 13.72 36.87 91.02
N LYS G 18 14.59 37.83 91.30
CA LYS G 18 15.02 38.84 90.33
C LYS G 18 16.54 38.93 90.35
N VAL G 19 17.14 38.81 89.16
CA VAL G 19 18.59 38.90 88.99
C VAL G 19 18.89 39.98 87.96
N SER G 20 19.82 40.88 88.31
CA SER G 20 20.31 41.90 87.39
C SER G 20 21.83 41.88 87.43
N CYS G 21 22.46 41.72 86.27
CA CYS G 21 23.92 41.72 86.17
C CYS G 21 24.37 42.92 85.36
N LYS G 22 25.25 43.72 85.94
CA LYS G 22 25.79 44.88 85.24
C LYS G 22 26.80 44.45 84.18
N ALA G 23 26.79 45.14 83.05
CA ALA G 23 27.69 44.86 81.95
C ALA G 23 28.45 46.13 81.57
N SER G 24 29.77 46.01 81.45
CA SER G 24 30.63 47.12 81.05
C SER G 24 31.55 46.65 79.94
N GLY G 25 32.05 47.60 79.17
CA GLY G 25 32.89 47.25 78.03
C GLY G 25 32.25 47.56 76.70
N TYR G 26 31.79 46.52 76.01
CA TYR G 26 31.27 46.65 74.65
C TYR G 26 29.93 47.41 74.66
N THR G 27 29.37 47.56 73.46
CA THR G 27 28.14 48.33 73.29
C THR G 27 26.96 47.60 73.94
N PHE G 28 26.24 48.31 74.81
CA PHE G 28 25.13 47.70 75.52
C PHE G 28 23.90 47.52 74.63
N SER G 29 23.67 48.43 73.68
CA SER G 29 22.43 48.46 72.91
C SER G 29 22.50 47.67 71.61
N SER G 30 23.65 47.10 71.27
CA SER G 30 23.81 46.39 70.00
C SER G 30 24.45 45.02 70.22
N TYR G 31 24.11 44.36 71.32
CA TYR G 31 24.67 43.04 71.62
C TYR G 31 23.62 42.24 72.36
N TYR G 32 23.28 41.06 71.83
CA TYR G 32 22.34 40.16 72.49
C TYR G 32 22.96 39.60 73.77
N ILE G 33 22.11 39.20 74.71
CA ILE G 33 22.58 38.59 75.95
C ILE G 33 21.91 37.23 76.11
N HIS G 34 22.73 36.19 76.29
CA HIS G 34 22.24 34.85 76.57
C HIS G 34 22.19 34.61 78.07
N TRP G 35 21.05 34.10 78.55
CA TRP G 35 20.86 33.78 79.95
C TRP G 35 20.82 32.26 80.08
N VAL G 36 21.70 31.71 80.91
CA VAL G 36 21.76 30.26 81.14
C VAL G 36 21.79 30.02 82.64
N ARG G 37 21.54 28.79 83.04
CA ARG G 37 21.70 28.37 84.43
C ARG G 37 22.45 27.05 84.48
N GLN G 38 23.36 26.94 85.44
CA GLN G 38 24.21 25.76 85.60
C GLN G 38 23.87 25.10 86.93
N ALA G 39 23.50 23.82 86.89
CA ALA G 39 23.13 23.08 88.07
C ALA G 39 24.15 21.96 88.33
N PRO G 40 24.40 21.62 89.60
CA PRO G 40 25.28 20.48 89.89
C PRO G 40 24.67 19.17 89.41
N GLY G 41 25.52 18.30 88.87
CA GLY G 41 25.08 17.04 88.32
C GLY G 41 24.51 17.12 86.92
N GLN G 42 24.53 18.29 86.29
CA GLN G 42 23.99 18.45 84.94
C GLN G 42 24.74 19.58 84.25
N GLY G 43 24.41 19.81 82.99
CA GLY G 43 25.03 20.86 82.22
C GLY G 43 24.19 22.13 82.17
N PRO G 44 24.67 23.13 81.45
CA PRO G 44 23.91 24.38 81.32
C PRO G 44 22.95 24.37 80.15
N GLU G 45 21.79 24.99 80.38
CA GLU G 45 20.73 25.07 79.38
C GLU G 45 20.39 26.53 79.13
N TRP G 46 20.19 26.89 77.86
CA TRP G 46 19.75 28.23 77.52
C TRP G 46 18.29 28.43 77.94
N MET G 47 18.00 29.62 78.47
CA MET G 47 16.63 29.90 78.90
C MET G 47 16.11 31.28 78.54
N ALA G 48 16.94 32.24 78.11
CA ALA G 48 16.45 33.55 77.72
C ALA G 48 17.43 34.22 76.77
N ILE G 49 16.86 34.98 75.83
CA ILE G 49 17.63 35.81 74.90
C ILE G 49 17.20 37.26 75.11
N ILE G 50 18.18 38.15 75.25
CA ILE G 50 17.93 39.56 75.52
C ILE G 50 18.32 40.37 74.29
N ASN G 51 17.32 41.03 73.70
CA ASN G 51 17.53 42.06 72.70
C ASN G 51 17.42 43.40 73.40
N PRO G 52 18.48 44.22 73.42
CA PRO G 52 18.42 45.50 74.12
C PRO G 52 17.49 46.49 73.45
N GLY G 53 16.97 47.42 74.24
CA GLY G 53 16.04 48.41 73.75
C GLY G 53 14.60 48.04 73.98
N ASP G 54 13.94 47.50 72.96
CA ASP G 54 12.53 47.12 73.06
C ASP G 54 12.32 45.88 73.94
N GLY G 55 13.36 45.12 74.22
CA GLY G 55 13.24 43.92 75.02
C GLY G 55 12.45 42.81 74.37
N GLY G 56 12.56 42.66 73.05
CA GLY G 56 11.88 41.59 72.35
C GLY G 56 12.59 40.27 72.51
N ALA G 57 11.97 39.32 73.21
CA ALA G 57 12.58 38.05 73.56
C ALA G 57 11.77 36.90 73.00
N SER G 58 12.48 35.88 72.52
CA SER G 58 11.86 34.65 72.02
C SER G 58 12.30 33.50 72.91
N TYR G 59 11.51 33.21 73.94
CA TYR G 59 11.83 32.17 74.91
C TYR G 59 11.58 30.79 74.32
N ALA G 60 12.13 29.78 75.00
CA ALA G 60 11.89 28.40 74.61
C ALA G 60 10.50 27.94 75.02
N GLN G 61 10.17 26.71 74.65
CA GLN G 61 8.86 26.15 75.01
C GLN G 61 8.72 25.96 76.52
N LYS G 62 9.78 25.50 77.17
CA LYS G 62 9.73 25.29 78.61
C LYS G 62 10.00 26.57 79.41
N PHE G 63 10.40 27.65 78.75
CA PHE G 63 10.71 28.90 79.43
C PHE G 63 9.83 30.05 78.98
N GLN G 64 8.68 29.77 78.38
CA GLN G 64 7.78 30.81 77.92
C GLN G 64 6.75 31.14 78.99
N GLY G 65 6.60 32.43 79.27
CA GLY G 65 5.64 32.87 80.30
C GLY G 65 6.17 32.88 81.71
N ARG G 66 6.96 31.87 82.09
CA ARG G 66 7.53 31.79 83.42
C ARG G 66 8.69 32.74 83.63
N VAL G 67 9.24 33.32 82.55
CA VAL G 67 10.42 34.18 82.61
C VAL G 67 10.00 35.58 82.21
N THR G 68 10.29 36.56 83.06
CA THR G 68 10.06 37.97 82.77
C THR G 68 11.40 38.61 82.46
N LEU G 69 11.49 39.29 81.31
CA LEU G 69 12.76 39.81 80.81
C LEU G 69 12.62 41.29 80.51
N THR G 70 13.57 42.09 81.00
CA THR G 70 13.57 43.52 80.79
C THR G 70 14.96 43.99 80.41
N ARG G 71 15.05 44.75 79.33
CA ARG G 71 16.31 45.32 78.84
C ARG G 71 16.16 46.81 78.65
N ASP G 72 17.21 47.55 79.01
CA ASP G 72 17.21 49.00 78.88
C ASP G 72 18.61 49.46 78.47
N THR G 73 18.80 50.78 78.41
CA THR G 73 20.08 51.37 78.03
C THR G 73 20.56 52.41 79.03
N SER G 74 19.64 53.08 79.74
CA SER G 74 20.04 54.12 80.67
C SER G 74 20.63 53.52 81.94
N THR G 75 19.84 52.71 82.66
CA THR G 75 20.34 52.06 83.86
C THR G 75 21.34 50.95 83.51
N SER G 76 21.20 50.37 82.31
CA SER G 76 22.05 49.29 81.80
C SER G 76 22.06 48.08 82.74
N THR G 77 20.87 47.73 83.23
CA THR G 77 20.69 46.56 84.08
C THR G 77 19.70 45.61 83.38
N LEU G 78 20.13 44.37 83.18
CA LEU G 78 19.32 43.36 82.50
C LEU G 78 18.50 42.63 83.56
N TYR G 79 17.21 42.95 83.63
CA TYR G 79 16.34 42.40 84.66
C TYR G 79 15.80 41.04 84.20
N MET G 80 16.04 40.00 85.00
CA MET G 80 15.42 38.71 84.78
C MET G 80 14.63 38.34 86.02
N GLU G 81 13.43 37.81 85.82
CA GLU G 81 12.54 37.44 86.91
C GLU G 81 12.01 36.04 86.67
N LEU G 82 12.09 35.20 87.69
CA LEU G 82 11.64 33.82 87.63
C LEU G 82 10.54 33.59 88.65
N SER G 83 9.51 32.84 88.25
CA SER G 83 8.36 32.57 89.08
C SER G 83 8.28 31.09 89.40
N SER G 84 7.64 30.78 90.53
CA SER G 84 7.43 29.41 91.03
C SER G 84 8.77 28.69 91.23
N LEU G 85 9.59 29.26 92.12
CA LEU G 85 10.88 28.66 92.43
C LEU G 85 10.70 27.44 93.33
N ARG G 86 11.35 26.34 92.95
CA ARG G 86 11.32 25.10 93.71
C ARG G 86 12.74 24.67 94.02
N SER G 87 12.86 23.47 94.59
CA SER G 87 14.19 22.92 94.90
C SER G 87 14.92 22.46 93.65
N GLU G 88 14.23 22.29 92.53
CA GLU G 88 14.87 21.87 91.30
C GLU G 88 15.64 23.01 90.63
N ASP G 89 15.20 24.26 90.84
CA ASP G 89 15.77 25.42 90.16
C ASP G 89 16.93 26.06 90.91
N THR G 90 17.48 25.39 91.91
CA THR G 90 18.63 25.90 92.64
C THR G 90 19.87 25.74 91.77
N ALA G 91 20.38 26.86 91.24
CA ALA G 91 21.43 26.79 90.23
C ALA G 91 22.17 28.13 90.20
N VAL G 92 23.25 28.19 89.43
CA VAL G 92 24.03 29.40 89.25
C VAL G 92 23.66 29.99 87.90
N TYR G 93 23.06 31.17 87.90
CA TYR G 93 22.67 31.84 86.68
C TYR G 93 23.82 32.64 86.10
N TYR G 94 23.97 32.58 84.78
CA TYR G 94 25.02 33.28 84.05
C TYR G 94 24.37 34.11 82.94
N CYS G 95 24.84 35.34 82.78
CA CYS G 95 24.49 36.19 81.65
C CYS G 95 25.75 36.43 80.83
N ALA G 96 25.66 36.21 79.52
CA ALA G 96 26.81 36.32 78.65
C ALA G 96 26.46 37.15 77.40
N ARG G 97 27.49 37.76 76.83
CA ARG G 97 27.33 38.53 75.60
C ARG G 97 27.27 37.59 74.39
N ALA G 98 26.71 38.11 73.30
CA ALA G 98 26.53 37.32 72.09
C ALA G 98 27.13 38.04 70.89
N GLU G 99 26.80 37.57 69.68
CA GLU G 99 27.30 38.21 68.47
C GLU G 99 26.74 39.63 68.33
N GLY G 100 25.45 39.82 68.61
CA GLY G 100 24.82 41.10 68.42
C GLY G 100 23.98 41.15 67.17
N SER G 101 22.66 41.22 67.35
CA SER G 101 21.66 41.23 66.28
C SER G 101 21.72 39.98 65.39
N SER G 102 22.24 38.88 65.92
CA SER G 102 22.30 37.61 65.21
C SER G 102 22.47 36.50 66.24
N TRP G 103 21.57 35.53 66.22
CA TRP G 103 21.57 34.49 67.24
C TRP G 103 22.74 33.52 67.07
N LEU G 104 22.88 33.00 65.84
CA LEU G 104 23.93 31.99 65.59
C LEU G 104 25.33 32.60 65.69
N GLY G 105 26.27 31.88 66.29
CA GLY G 105 27.64 32.32 66.45
C GLY G 105 28.26 31.69 67.67
N TRP G 106 29.45 32.20 68.02
CA TRP G 106 30.18 31.70 69.17
C TRP G 106 29.64 32.32 70.46
N PHE G 107 30.24 31.96 71.58
CA PHE G 107 29.85 32.45 72.90
C PHE G 107 30.98 33.28 73.49
N ASP G 108 30.63 34.46 74.00
CA ASP G 108 31.57 35.27 74.75
C ASP G 108 31.84 34.64 76.11
N PRO G 109 32.97 34.98 76.75
CA PRO G 109 33.23 34.47 78.10
C PRO G 109 32.16 34.91 79.10
N TRP G 110 31.85 34.01 80.02
CA TRP G 110 30.74 34.19 80.95
C TRP G 110 31.19 34.94 82.20
N GLY G 111 30.23 35.36 83.00
CA GLY G 111 30.49 35.98 84.28
C GLY G 111 30.66 34.95 85.38
N GLN G 112 30.82 35.45 86.61
CA GLN G 112 30.97 34.55 87.75
C GLN G 112 29.65 33.88 88.14
N GLY G 113 28.52 34.44 87.74
CA GLY G 113 27.23 33.86 88.01
C GLY G 113 26.68 34.25 89.37
N THR G 114 25.38 34.06 89.52
CA THR G 114 24.68 34.32 90.78
C THR G 114 23.98 33.04 91.20
N LEU G 115 24.29 32.54 92.40
CA LEU G 115 23.72 31.30 92.87
C LEU G 115 22.39 31.56 93.56
N VAL G 116 21.34 30.85 93.13
CA VAL G 116 20.03 30.91 93.75
C VAL G 116 19.67 29.53 94.28
N THR G 117 19.24 29.49 95.54
CA THR G 117 18.82 28.26 96.20
C THR G 117 17.46 28.47 96.87
N VAL G 118 16.75 27.37 97.07
CA VAL G 118 15.44 27.43 97.71
C VAL G 118 15.43 26.51 98.93
N SER H 1 -17.96 6.42 43.30
CA SER H 1 -16.85 5.51 43.53
C SER H 1 -16.62 5.29 45.02
N VAL H 2 -15.81 6.17 45.62
CA VAL H 2 -15.49 6.07 47.04
C VAL H 2 -15.88 7.32 47.82
N LEU H 3 -16.04 8.47 47.16
CA LEU H 3 -16.52 9.72 47.76
C LEU H 3 -15.62 10.17 48.91
N THR H 4 -14.40 10.56 48.53
CA THR H 4 -13.42 11.06 49.49
C THR H 4 -13.93 12.30 50.21
N GLN H 5 -13.69 12.34 51.52
CA GLN H 5 -14.07 13.45 52.38
C GLN H 5 -12.89 13.83 53.27
N PRO H 6 -12.75 15.11 53.60
CA PRO H 6 -11.73 15.52 54.57
C PRO H 6 -11.97 14.90 55.93
N PRO H 7 -10.91 14.55 56.66
CA PRO H 7 -11.09 13.90 57.97
C PRO H 7 -11.72 14.80 59.01
N SER H 8 -11.58 16.12 58.89
CA SER H 8 -12.13 17.04 59.88
C SER H 8 -12.35 18.39 59.22
N ALA H 9 -13.13 19.24 59.90
CA ALA H 9 -13.42 20.59 59.43
C ALA H 9 -13.19 21.55 60.60
N SER H 10 -12.12 22.33 60.53
CA SER H 10 -11.80 23.26 61.61
C SER H 10 -12.73 24.47 61.56
N GLY H 11 -12.98 25.05 62.73
CA GLY H 11 -13.84 26.21 62.83
C GLY H 11 -13.81 26.82 64.20
N THR H 12 -14.24 28.07 64.27
CA THR H 12 -14.38 28.84 65.50
C THR H 12 -15.78 29.44 65.52
N PRO H 13 -16.33 29.71 66.71
CA PRO H 13 -17.68 30.27 66.78
C PRO H 13 -17.76 31.69 66.20
N GLY H 14 -18.58 31.83 65.15
CA GLY H 14 -18.86 33.13 64.57
C GLY H 14 -18.24 33.40 63.21
N GLN H 15 -18.08 32.38 62.37
CA GLN H 15 -17.42 32.52 61.08
C GLN H 15 -17.89 31.44 60.11
N ARG H 16 -17.37 31.52 58.88
CA ARG H 16 -17.83 30.73 57.76
C ARG H 16 -16.71 29.84 57.22
N VAL H 17 -16.98 28.54 57.12
CA VAL H 17 -16.09 27.59 56.46
C VAL H 17 -16.90 26.71 55.52
N THR H 18 -16.23 26.08 54.57
CA THR H 18 -16.86 25.21 53.59
C THR H 18 -16.40 23.78 53.79
N ILE H 19 -17.37 22.85 53.75
CA ILE H 19 -17.09 21.42 53.78
C ILE H 19 -17.55 20.81 52.47
N SER H 20 -16.70 19.97 51.87
CA SER H 20 -16.92 19.50 50.51
C SER H 20 -16.72 18.01 50.40
N CYS H 21 -17.48 17.39 49.50
CA CYS H 21 -17.27 16.01 49.08
C CYS H 21 -16.77 16.01 47.64
N SER H 22 -15.63 15.36 47.41
CA SER H 22 -15.07 15.19 46.08
C SER H 22 -15.32 13.76 45.62
N GLY H 23 -15.99 13.62 44.48
CA GLY H 23 -16.28 12.32 43.93
C GLY H 23 -15.73 12.12 42.53
N SER H 24 -15.96 10.95 41.95
CA SER H 24 -15.49 10.63 40.62
C SER H 24 -16.57 10.96 39.59
N SER H 25 -16.30 10.61 38.34
CA SER H 25 -17.25 10.86 37.27
C SER H 25 -18.47 9.96 37.40
N SER H 26 -19.60 10.47 36.91
CA SER H 26 -20.91 9.81 36.91
C SER H 26 -21.40 9.46 38.31
N ASN H 27 -20.97 10.20 39.33
CA ASN H 27 -21.46 10.02 40.70
C ASN H 27 -21.97 11.31 41.32
N ILE H 28 -21.33 12.44 41.01
CA ILE H 28 -21.73 13.73 41.54
C ILE H 28 -22.22 14.60 40.40
N GLY H 29 -21.53 14.51 39.26
CA GLY H 29 -21.94 15.31 38.11
C GLY H 29 -23.16 14.73 37.41
N SER H 30 -23.51 13.48 37.72
CA SER H 30 -24.66 12.84 37.09
C SER H 30 -25.93 13.02 37.94
N ASN H 31 -25.90 12.55 39.18
CA ASN H 31 -27.06 12.66 40.07
C ASN H 31 -26.80 13.68 41.16
N TYR H 32 -27.86 14.07 41.84
CA TYR H 32 -27.78 15.09 42.88
C TYR H 32 -27.13 14.51 44.14
N VAL H 33 -26.79 15.41 45.05
CA VAL H 33 -26.11 15.07 46.30
C VAL H 33 -27.05 15.33 47.46
N TYR H 34 -26.80 14.69 48.59
CA TYR H 34 -27.57 14.91 49.80
C TYR H 34 -26.65 15.12 50.99
N TRP H 35 -26.85 16.26 51.67
CA TRP H 35 -26.09 16.64 52.86
C TRP H 35 -26.83 16.17 54.10
N TYR H 36 -26.08 15.67 55.08
CA TYR H 36 -26.64 15.13 56.31
C TYR H 36 -25.76 15.54 57.49
N GLN H 37 -26.40 15.79 58.63
CA GLN H 37 -25.70 16.16 59.85
C GLN H 37 -26.13 15.23 60.98
N GLN H 38 -25.16 14.65 61.67
CA GLN H 38 -25.42 13.67 62.74
C GLN H 38 -25.14 14.33 64.08
N LEU H 39 -26.20 14.71 64.79
CA LEU H 39 -26.03 15.18 66.15
C LEU H 39 -25.77 14.00 67.08
N PRO H 40 -24.89 14.17 68.06
CA PRO H 40 -24.60 13.08 69.00
C PRO H 40 -25.82 12.68 69.82
N GLY H 41 -26.05 11.37 69.90
CA GLY H 41 -27.12 10.85 70.72
C GLY H 41 -28.50 10.94 70.11
N THR H 42 -28.59 11.44 68.88
CA THR H 42 -29.88 11.61 68.21
C THR H 42 -29.84 10.88 66.88
N ALA H 43 -31.02 10.53 66.37
CA ALA H 43 -31.13 10.02 65.02
C ALA H 43 -30.77 11.12 64.02
N PRO H 44 -30.19 10.76 62.87
CA PRO H 44 -29.84 11.77 61.87
C PRO H 44 -31.07 12.41 61.25
N LYS H 45 -30.90 13.63 60.75
CA LYS H 45 -32.00 14.44 60.27
C LYS H 45 -31.62 15.07 58.93
N LEU H 46 -32.58 15.09 58.01
CA LEU H 46 -32.39 15.75 56.72
C LEU H 46 -32.30 17.26 56.91
N LEU H 47 -31.46 17.89 56.08
CA LEU H 47 -31.30 19.34 56.14
C LEU H 47 -31.44 20.03 54.80
N ILE H 48 -31.20 19.34 53.68
CA ILE H 48 -31.29 19.95 52.37
C ILE H 48 -31.84 18.94 51.37
N TYR H 49 -32.54 19.46 50.37
CA TYR H 49 -32.90 18.73 49.16
C TYR H 49 -31.76 18.90 48.15
N ARG H 50 -32.02 18.64 46.87
CA ARG H 50 -31.14 19.11 45.82
C ARG H 50 -30.89 20.60 45.98
N ASN H 51 -29.62 21.00 45.92
CA ASN H 51 -29.17 22.26 46.51
C ASN H 51 -29.64 23.48 45.73
N ASN H 52 -30.94 23.72 45.72
CA ASN H 52 -31.52 24.91 45.12
C ASN H 52 -32.60 25.49 46.03
N GLN H 53 -33.00 24.73 47.04
CA GLN H 53 -34.09 25.13 47.92
C GLN H 53 -33.97 24.43 49.27
N ARG H 54 -34.70 24.96 50.24
CA ARG H 54 -34.73 24.36 51.57
C ARG H 54 -35.94 23.43 51.68
N PRO H 55 -35.79 22.24 52.30
CA PRO H 55 -36.89 21.27 52.35
C PRO H 55 -38.15 21.75 53.07
N SER H 56 -38.03 22.09 54.35
CA SER H 56 -39.16 22.64 55.09
C SER H 56 -38.91 24.06 55.55
N GLY H 57 -37.85 24.28 56.32
CA GLY H 57 -37.37 25.62 56.59
C GLY H 57 -36.18 25.62 57.52
N VAL H 58 -35.12 26.32 57.10
CA VAL H 58 -33.88 26.52 57.85
C VAL H 58 -33.50 27.97 57.54
N PRO H 59 -32.88 28.70 58.46
CA PRO H 59 -32.29 29.99 58.08
C PRO H 59 -31.23 29.80 57.00
N ASP H 60 -31.16 30.79 56.10
CA ASP H 60 -30.36 30.68 54.88
C ASP H 60 -28.87 30.89 55.11
N ARG H 61 -28.39 30.79 56.35
CA ARG H 61 -26.98 30.95 56.65
C ARG H 61 -26.14 29.79 56.13
N PHE H 62 -26.77 28.69 55.72
CA PHE H 62 -26.09 27.54 55.14
C PHE H 62 -26.39 27.51 53.65
N SER H 63 -25.35 27.38 52.83
CA SER H 63 -25.56 27.42 51.38
C SER H 63 -24.83 26.27 50.71
N GLY H 64 -25.55 25.52 49.87
CA GLY H 64 -24.96 24.39 49.18
C GLY H 64 -24.86 24.65 47.70
N SER H 65 -23.86 24.03 47.08
CA SER H 65 -23.60 24.22 45.65
C SER H 65 -22.83 23.01 45.13
N ARG H 66 -22.76 22.89 43.80
CA ARG H 66 -21.95 21.90 43.13
C ARG H 66 -20.91 22.58 42.25
N SER H 67 -19.77 21.91 42.08
CA SER H 67 -18.71 22.38 41.20
C SER H 67 -18.08 21.16 40.55
N GLY H 68 -18.37 20.96 39.27
CA GLY H 68 -17.82 19.85 38.50
C GLY H 68 -18.22 18.49 39.03
N THR H 69 -17.27 17.78 39.62
CA THR H 69 -17.51 16.48 40.23
C THR H 69 -17.53 16.53 41.75
N SER H 70 -17.64 17.72 42.34
CA SER H 70 -17.63 17.87 43.78
C SER H 70 -18.84 18.68 44.23
N ALA H 71 -19.18 18.54 45.51
CA ALA H 71 -20.25 19.30 46.12
C ALA H 71 -19.71 20.01 47.35
N SER H 72 -20.23 21.20 47.64
CA SER H 72 -19.73 22.01 48.73
C SER H 72 -20.89 22.61 49.52
N LEU H 73 -20.64 22.83 50.82
CA LEU H 73 -21.60 23.43 51.72
C LEU H 73 -20.86 24.45 52.57
N ALA H 74 -21.22 25.73 52.41
CA ALA H 74 -20.66 26.81 53.20
C ALA H 74 -21.56 27.08 54.39
N ILE H 75 -20.95 27.09 55.58
CA ILE H 75 -21.65 27.32 56.84
C ILE H 75 -21.08 28.56 57.49
N SER H 76 -21.96 29.38 58.06
CA SER H 76 -21.60 30.61 58.73
C SER H 76 -22.36 30.70 60.05
N GLY H 77 -21.93 31.63 60.90
CA GLY H 77 -22.53 31.80 62.22
C GLY H 77 -22.39 30.56 63.08
N LEU H 78 -21.17 30.02 63.14
CA LEU H 78 -20.92 28.75 63.80
C LEU H 78 -21.18 28.86 65.30
N ARG H 79 -21.80 27.84 65.87
CA ARG H 79 -22.10 27.75 67.28
C ARG H 79 -21.52 26.46 67.86
N SER H 80 -21.44 26.41 69.19
CA SER H 80 -20.99 25.19 69.86
C SER H 80 -22.04 24.09 69.82
N GLU H 81 -23.30 24.42 69.55
CA GLU H 81 -24.36 23.44 69.40
C GLU H 81 -24.25 22.66 68.08
N ASP H 82 -23.76 23.31 67.03
CA ASP H 82 -23.73 22.71 65.71
C ASP H 82 -22.50 21.86 65.45
N GLU H 83 -21.64 21.66 66.44
CA GLU H 83 -20.47 20.80 66.27
C GLU H 83 -20.89 19.36 66.13
N ALA H 84 -20.87 18.83 64.90
CA ALA H 84 -21.38 17.50 64.62
C ALA H 84 -20.58 16.91 63.47
N ASP H 85 -21.05 15.78 62.96
CA ASP H 85 -20.43 15.10 61.83
C ASP H 85 -21.28 15.28 60.58
N TYR H 86 -20.62 15.55 59.46
CA TYR H 86 -21.30 15.85 58.20
C TYR H 86 -21.06 14.71 57.22
N TYR H 87 -22.11 14.33 56.49
CA TYR H 87 -22.06 13.24 55.54
C TYR H 87 -22.71 13.67 54.24
N CYS H 88 -22.27 13.04 53.16
CA CYS H 88 -22.87 13.25 51.84
C CYS H 88 -23.23 11.90 51.22
N ALA H 89 -24.41 11.85 50.59
CA ALA H 89 -24.94 10.64 49.98
C ALA H 89 -25.24 10.89 48.51
N ALA H 90 -24.95 9.90 47.67
CA ALA H 90 -25.18 10.03 46.24
C ALA H 90 -25.38 8.65 45.61
N TRP H 91 -26.12 8.66 44.50
CA TRP H 91 -26.31 7.47 43.70
C TRP H 91 -25.10 7.24 42.81
N ASP H 92 -24.47 6.08 42.97
CA ASP H 92 -23.14 5.83 42.40
C ASP H 92 -23.20 5.46 40.92
N ASP H 93 -24.01 4.45 40.57
CA ASP H 93 -24.10 3.89 39.21
C ASP H 93 -22.74 3.43 38.69
N GLY H 94 -21.98 2.75 39.54
CA GLY H 94 -20.69 2.22 39.13
C GLY H 94 -20.79 0.78 38.67
N LEU H 95 -19.64 0.23 38.29
CA LEU H 95 -19.59 -1.13 37.80
C LEU H 95 -19.78 -2.12 38.95
N SER H 96 -20.64 -3.12 38.72
CA SER H 96 -20.95 -4.18 39.66
C SER H 96 -21.47 -3.62 41.00
N GLY H 97 -22.61 -2.93 40.91
CA GLY H 97 -23.20 -2.33 42.08
C GLY H 97 -23.47 -0.85 41.90
N SER H 98 -24.66 -0.39 42.27
CA SER H 98 -25.06 0.99 42.05
C SER H 98 -25.81 1.53 43.26
N GLY H 99 -25.33 1.23 44.46
CA GLY H 99 -26.05 1.57 45.67
C GLY H 99 -25.93 3.03 46.06
N TRP H 100 -26.65 3.39 47.12
CA TRP H 100 -26.60 4.73 47.69
C TRP H 100 -25.30 4.92 48.46
N VAL H 101 -24.24 5.33 47.78
CA VAL H 101 -22.94 5.40 48.44
C VAL H 101 -22.86 6.68 49.25
N PHE H 102 -22.05 6.63 50.30
CA PHE H 102 -21.84 7.76 51.20
C PHE H 102 -20.40 8.23 51.10
N GLY H 103 -20.11 9.32 51.81
CA GLY H 103 -18.78 9.88 51.84
C GLY H 103 -17.91 9.21 52.87
N GLY H 104 -16.89 9.94 53.31
CA GLY H 104 -15.99 9.44 54.32
C GLY H 104 -16.45 9.81 55.71
N GLY H 105 -15.69 10.68 56.37
CA GLY H 105 -16.09 11.17 57.68
C GLY H 105 -15.34 12.43 58.08
N THR H 106 -16.08 13.44 58.52
CA THR H 106 -15.49 14.70 58.95
C THR H 106 -16.02 15.07 60.34
N LYS H 107 -15.23 15.84 61.06
CA LYS H 107 -15.59 16.32 62.38
C LYS H 107 -15.47 17.84 62.40
N LEU H 108 -16.49 18.50 62.91
CA LEU H 108 -16.51 19.95 63.01
C LEU H 108 -15.95 20.35 64.36
N THR H 109 -14.93 21.21 64.36
CA THR H 109 -14.31 21.69 65.58
C THR H 109 -14.46 23.19 65.71
N SER I 1 18.28 17.04 70.01
CA SER I 1 17.90 15.77 70.59
C SER I 1 18.35 15.68 72.05
N VAL I 2 19.19 14.68 72.34
CA VAL I 2 19.68 14.47 73.69
C VAL I 2 21.20 14.67 73.81
N LEU I 3 21.97 14.38 72.75
CA LEU I 3 23.43 14.60 72.69
C LEU I 3 24.14 13.86 73.83
N THR I 4 24.06 12.54 73.77
CA THR I 4 24.66 11.70 74.79
C THR I 4 26.19 11.79 74.77
N GLN I 5 26.79 11.73 75.94
CA GLN I 5 28.23 11.74 76.13
C GLN I 5 28.60 10.67 77.15
N PRO I 6 29.76 10.03 77.00
CA PRO I 6 30.22 9.06 78.01
C PRO I 6 30.43 9.74 79.36
N PRO I 7 30.09 9.04 80.46
CA PRO I 7 30.20 9.67 81.79
C PRO I 7 31.62 10.02 82.20
N SER I 8 32.62 9.26 81.74
CA SER I 8 33.99 9.53 82.12
C SER I 8 34.91 9.13 80.98
N ALA I 9 36.11 9.72 80.99
CA ALA I 9 37.14 9.43 79.99
C ALA I 9 38.44 9.14 80.75
N SER I 10 38.63 7.88 81.11
CA SER I 10 39.83 7.48 81.84
C SER I 10 41.06 7.59 80.96
N GLY I 11 42.13 8.13 81.53
CA GLY I 11 43.36 8.32 80.78
C GLY I 11 44.51 8.65 81.70
N THR I 12 45.68 8.75 81.10
CA THR I 12 46.93 9.04 81.79
C THR I 12 47.60 10.25 81.15
N PRO I 13 48.39 11.01 81.91
CA PRO I 13 49.17 12.10 81.30
C PRO I 13 50.17 11.56 80.29
N GLY I 14 50.35 12.32 79.21
CA GLY I 14 51.19 11.89 78.11
C GLY I 14 50.51 10.98 77.11
N GLN I 15 49.22 10.71 77.29
CA GLN I 15 48.45 9.84 76.40
C GLN I 15 47.29 10.62 75.80
N ARG I 16 47.04 10.41 74.52
CA ARG I 16 45.94 11.08 73.82
C ARG I 16 44.63 10.37 74.12
N VAL I 17 43.61 11.14 74.47
CA VAL I 17 42.29 10.62 74.81
C VAL I 17 41.25 11.29 73.92
N THR I 18 40.33 10.49 73.40
CA THR I 18 39.30 10.97 72.48
C THR I 18 37.93 10.87 73.15
N ILE I 19 37.16 11.96 73.09
CA ILE I 19 35.79 12.01 73.59
C ILE I 19 34.86 12.20 72.40
N SER I 20 33.73 11.49 72.41
CA SER I 20 32.80 11.49 71.29
C SER I 20 31.41 11.89 71.78
N CYS I 21 30.79 12.82 71.07
CA CYS I 21 29.42 13.24 71.33
C CYS I 21 28.53 12.73 70.20
N SER I 22 27.52 11.95 70.56
CA SER I 22 26.61 11.35 69.58
C SER I 22 25.38 12.23 69.44
N GLY I 23 25.20 12.79 68.25
CA GLY I 23 24.07 13.63 67.94
C GLY I 23 22.98 12.88 67.20
N SER I 24 22.12 13.66 66.54
CA SER I 24 21.01 13.10 65.78
C SER I 24 20.90 13.86 64.46
N SER I 25 19.80 13.63 63.74
CA SER I 25 19.56 14.32 62.49
C SER I 25 19.28 15.80 62.73
N SER I 26 19.71 16.64 61.78
CA SER I 26 19.54 18.09 61.78
C SER I 26 20.16 18.77 62.99
N ASN I 27 21.21 18.18 63.55
CA ASN I 27 21.95 18.78 64.66
C ASN I 27 23.44 18.86 64.41
N ILE I 28 24.02 17.86 63.75
CA ILE I 28 25.45 17.81 63.50
C ILE I 28 25.70 17.87 62.00
N GLY I 29 24.73 17.40 61.22
CA GLY I 29 24.90 17.36 59.77
C GLY I 29 24.96 18.74 59.14
N SER I 30 24.08 19.64 59.56
CA SER I 30 24.01 20.99 59.01
C SER I 30 24.46 22.06 60.00
N ASN I 31 24.10 21.86 61.28
CA ASN I 31 24.42 22.87 62.33
C ASN I 31 25.88 22.74 62.76
N TYR I 32 26.54 23.87 62.99
CA TYR I 32 27.91 23.84 63.47
C TYR I 32 27.97 23.29 64.89
N VAL I 33 29.15 22.78 65.25
CA VAL I 33 29.36 22.13 66.54
C VAL I 33 30.42 22.90 67.31
N TYR I 34 30.23 23.03 68.61
CA TYR I 34 31.14 23.73 69.50
C TYR I 34 31.56 22.80 70.63
N TRP I 35 32.83 22.88 71.00
CA TRP I 35 33.37 22.15 72.16
C TRP I 35 33.72 23.16 73.24
N TYR I 36 33.12 22.98 74.42
CA TYR I 36 33.31 23.89 75.54
C TYR I 36 34.00 23.16 76.69
N GLN I 37 34.88 23.87 77.39
CA GLN I 37 35.58 23.32 78.54
C GLN I 37 35.08 24.02 79.81
N GLN I 38 34.59 23.24 80.76
CA GLN I 38 34.10 23.77 82.02
C GLN I 38 35.21 23.68 83.06
N LEU I 39 35.58 24.83 83.62
CA LEU I 39 36.68 24.89 84.57
C LEU I 39 36.14 24.93 85.99
N PRO I 40 36.82 24.27 86.95
CA PRO I 40 36.33 24.27 88.33
C PRO I 40 36.62 25.58 89.03
N GLY I 41 35.57 26.20 89.55
CA GLY I 41 35.69 27.41 90.36
C GLY I 41 35.71 28.71 89.59
N THR I 42 35.81 28.67 88.27
CA THR I 42 35.83 29.88 87.45
C THR I 42 34.73 29.77 86.41
N ALA I 43 34.57 30.84 85.62
CA ALA I 43 33.58 30.95 84.56
C ALA I 43 33.94 30.03 83.39
N PRO I 44 32.95 29.45 82.73
CA PRO I 44 33.23 28.68 81.51
C PRO I 44 33.73 29.60 80.39
N LYS I 45 34.55 29.03 79.51
CA LYS I 45 35.22 29.78 78.47
C LYS I 45 34.97 29.14 77.11
N LEU I 46 35.11 29.95 76.06
CA LEU I 46 35.03 29.46 74.68
C LEU I 46 36.29 28.67 74.39
N LEU I 47 36.21 27.34 74.53
CA LEU I 47 37.38 26.49 74.35
C LEU I 47 37.87 26.48 72.91
N ILE I 48 36.95 26.44 71.94
CA ILE I 48 37.34 26.36 70.54
C ILE I 48 36.24 26.98 69.70
N TYR I 49 36.61 27.43 68.49
CA TYR I 49 35.68 27.93 67.49
C TYR I 49 35.04 26.78 66.73
N ARG I 50 34.45 27.08 65.57
CA ARG I 50 34.16 26.06 64.58
C ARG I 50 35.42 25.29 64.25
N ASN I 51 35.25 24.01 63.86
CA ASN I 51 36.36 23.07 63.89
C ASN I 51 37.38 23.27 62.77
N ASN I 52 37.96 24.47 62.70
CA ASN I 52 39.09 24.74 61.82
C ASN I 52 40.21 25.47 62.57
N GLN I 53 39.84 26.35 63.50
CA GLN I 53 40.78 27.24 64.15
C GLN I 53 40.58 27.24 65.67
N ARG I 54 41.40 28.11 66.39
CA ARG I 54 41.55 28.42 67.80
C ARG I 54 40.83 29.72 68.16
N PRO I 55 40.28 29.82 69.39
CA PRO I 55 39.59 31.06 69.79
C PRO I 55 40.50 32.28 69.88
N SER I 56 41.51 32.23 70.72
CA SER I 56 42.49 33.30 70.82
C SER I 56 43.93 32.80 70.75
N GLY I 57 44.23 31.67 71.37
CA GLY I 57 45.53 31.05 71.27
C GLY I 57 45.63 29.74 72.03
N VAL I 58 46.09 28.70 71.36
CA VAL I 58 46.23 27.36 71.94
C VAL I 58 47.15 26.58 71.01
N PRO I 59 47.94 25.63 71.51
CA PRO I 59 48.64 24.71 70.60
C PRO I 59 47.65 23.86 69.81
N ASP I 60 48.08 23.44 68.63
CA ASP I 60 47.24 22.63 67.74
C ASP I 60 47.10 21.19 68.19
N ARG I 61 47.63 20.83 69.36
CA ARG I 61 47.43 19.49 69.91
C ARG I 61 45.97 19.23 70.25
N PHE I 62 45.23 20.28 70.59
CA PHE I 62 43.79 20.17 70.84
C PHE I 62 43.08 20.02 69.51
N SER I 63 42.60 18.80 69.22
CA SER I 63 41.97 18.52 67.94
C SER I 63 40.49 18.27 68.14
N GLY I 64 39.69 18.71 67.18
CA GLY I 64 38.25 18.50 67.24
C GLY I 64 37.64 18.58 65.86
N SER I 65 36.78 17.62 65.56
CA SER I 65 36.13 17.57 64.26
C SER I 65 34.84 16.78 64.35
N ARG I 66 33.93 17.05 63.41
CA ARG I 66 32.67 16.35 63.34
C ARG I 66 32.68 15.36 62.18
N SER I 67 31.86 14.32 62.28
CA SER I 67 31.76 13.29 61.26
C SER I 67 30.38 12.67 61.31
N GLY I 68 29.71 12.61 60.16
CA GLY I 68 28.38 12.05 60.08
C GLY I 68 27.40 12.89 60.88
N THR I 69 26.77 12.25 61.87
CA THR I 69 25.90 12.92 62.82
C THR I 69 26.50 12.94 64.23
N SER I 70 27.84 12.93 64.34
CA SER I 70 28.51 12.92 65.63
C SER I 70 29.69 13.88 65.59
N ALA I 71 30.26 14.13 66.76
CA ALA I 71 31.44 14.98 66.90
C ALA I 71 32.46 14.29 67.79
N SER I 72 33.72 14.70 67.65
CA SER I 72 34.78 14.10 68.43
C SER I 72 35.84 15.15 68.74
N LEU I 73 36.52 14.95 69.87
CA LEU I 73 37.58 15.83 70.34
C LEU I 73 38.70 14.98 70.89
N ALA I 74 39.88 15.09 70.28
CA ALA I 74 41.08 14.38 70.74
C ALA I 74 41.98 15.36 71.46
N ILE I 75 42.34 15.03 72.70
CA ILE I 75 43.17 15.87 73.55
C ILE I 75 44.39 15.06 73.96
N SER I 76 45.58 15.60 73.70
CA SER I 76 46.84 14.97 74.07
C SER I 76 47.65 15.93 74.91
N GLY I 77 48.74 15.42 75.48
CA GLY I 77 49.57 16.21 76.37
C GLY I 77 48.85 16.61 77.64
N LEU I 78 48.19 15.65 78.27
CA LEU I 78 47.40 15.94 79.47
C LEU I 78 48.30 16.31 80.64
N ARG I 79 47.96 17.41 81.30
CA ARG I 79 48.66 17.91 82.47
C ARG I 79 47.70 17.95 83.65
N SER I 80 48.18 18.51 84.77
CA SER I 80 47.32 18.70 85.94
C SER I 80 46.26 19.77 85.68
N GLU I 81 46.61 20.79 84.88
CA GLU I 81 45.65 21.84 84.55
C GLU I 81 44.59 21.33 83.58
N ASP I 82 44.92 20.33 82.76
CA ASP I 82 43.99 19.80 81.78
C ASP I 82 42.91 18.92 82.39
N GLU I 83 43.00 18.60 83.68
CA GLU I 83 41.99 17.79 84.36
C GLU I 83 40.72 18.61 84.52
N ALA I 84 39.76 18.41 83.63
CA ALA I 84 38.49 19.13 83.63
C ALA I 84 37.47 18.30 82.88
N ASP I 85 36.35 18.92 82.53
CA ASP I 85 35.30 18.26 81.76
C ASP I 85 34.86 19.14 80.60
N TYR I 86 34.25 18.49 79.60
CA TYR I 86 33.91 19.13 78.34
C TYR I 86 32.44 18.90 78.01
N TYR I 87 31.90 19.80 77.20
CA TYR I 87 30.52 19.73 76.73
C TYR I 87 30.48 19.99 75.23
N CYS I 88 29.45 19.45 74.58
CA CYS I 88 29.23 19.62 73.15
C CYS I 88 27.97 20.44 72.94
N ALA I 89 28.06 21.44 72.06
CA ALA I 89 26.95 22.34 71.78
C ALA I 89 26.64 22.30 70.28
N ALA I 90 25.36 22.29 69.95
CA ALA I 90 24.92 22.31 68.57
C ALA I 90 23.54 22.94 68.51
N TRP I 91 23.31 23.65 67.39
CA TRP I 91 21.97 24.24 67.20
C TRP I 91 20.97 23.08 67.10
N ASP I 92 19.76 23.29 67.60
CA ASP I 92 18.77 22.22 67.64
C ASP I 92 17.80 22.28 66.47
N ASP I 93 17.02 23.37 66.40
CA ASP I 93 15.97 23.50 65.35
C ASP I 93 15.01 22.31 65.51
N GLY I 94 14.65 21.98 66.76
CA GLY I 94 13.79 20.84 67.01
C GLY I 94 12.31 21.19 67.01
N LEU I 95 11.50 20.18 67.26
CA LEU I 95 10.06 20.35 67.32
C LEU I 95 9.65 20.93 68.66
N SER I 96 8.88 22.01 68.62
CA SER I 96 8.34 22.70 69.79
C SER I 96 9.45 23.14 70.75
N GLY I 97 10.28 24.04 70.25
CA GLY I 97 11.40 24.55 71.03
C GLY I 97 12.72 24.45 70.30
N SER I 98 13.40 25.58 70.12
CA SER I 98 14.65 25.66 69.38
C SER I 98 15.71 26.39 70.20
N GLY I 99 15.86 25.99 71.45
CA GLY I 99 16.86 26.59 72.32
C GLY I 99 18.26 26.06 72.06
N TRP I 100 19.01 25.81 73.13
CA TRP I 100 20.35 25.25 73.04
C TRP I 100 20.42 24.00 73.89
N VAL I 101 20.19 22.84 73.28
CA VAL I 101 20.37 21.56 73.93
C VAL I 101 21.84 21.19 73.83
N PHE I 102 22.52 21.15 74.98
CA PHE I 102 23.94 20.89 75.02
C PHE I 102 24.19 19.38 75.06
N GLY I 103 25.43 18.98 75.31
CA GLY I 103 25.78 17.59 75.41
C GLY I 103 25.49 17.01 76.78
N GLY I 104 26.14 15.88 77.06
CA GLY I 104 25.97 15.23 78.35
C GLY I 104 26.98 15.70 79.37
N GLY I 105 27.81 14.79 79.85
CA GLY I 105 28.85 15.14 80.81
C GLY I 105 29.92 14.08 80.92
N THR I 106 31.19 14.50 80.81
CA THR I 106 32.32 13.59 80.86
C THR I 106 33.16 13.87 82.10
N LYS I 107 34.15 13.02 82.31
CA LYS I 107 35.08 13.15 83.43
C LYS I 107 36.46 12.70 82.99
N LEU I 108 37.44 13.61 83.08
CA LEU I 108 38.81 13.33 82.67
C LEU I 108 39.68 13.17 83.91
N THR I 109 40.44 12.08 83.97
CA THR I 109 41.30 11.81 85.11
C THR I 109 42.75 12.23 84.81
#